data_1X1F
#
_entry.id   1X1F
#
_entity_poly.entity_id   1
_entity_poly.type   'polypeptide(L)'
_entity_poly.pdbx_seq_one_letter_code
;GSSGSSGQERLKITALPLYFEGFLLIKRSGYREYEHYWTELRGTTLFFYTDKKSIIYVDKLDIVDLTCLTEQNSTEKNCA
KFTLVLPKEEVQLKTENTESGEEWRGFILTVTELSVPQNVSLLPGQVIKLHEVLEREKKRRIESGPSSG
;
_entity_poly.pdbx_strand_id   A
#
# COMPACT_ATOMS: atom_id res chain seq x y z
N GLY A 1 -29.81 -6.83 6.50
CA GLY A 1 -31.04 -7.35 5.91
C GLY A 1 -30.96 -7.33 4.38
N SER A 2 -31.02 -6.12 3.83
CA SER A 2 -30.96 -5.95 2.40
C SER A 2 -30.98 -4.46 2.04
N SER A 3 -30.65 -4.17 0.80
CA SER A 3 -30.62 -2.80 0.32
C SER A 3 -31.30 -2.70 -1.04
N GLY A 4 -31.61 -1.47 -1.42
CA GLY A 4 -32.27 -1.23 -2.70
C GLY A 4 -31.83 0.10 -3.29
N SER A 5 -31.63 0.10 -4.61
CA SER A 5 -31.21 1.29 -5.31
C SER A 5 -31.30 1.08 -6.82
N SER A 6 -31.52 2.17 -7.54
CA SER A 6 -31.63 2.12 -8.98
C SER A 6 -30.59 3.04 -9.63
N GLY A 7 -29.49 2.45 -10.04
CA GLY A 7 -28.42 3.21 -10.66
C GLY A 7 -27.10 2.43 -10.61
N GLN A 8 -26.19 2.82 -11.49
CA GLN A 8 -24.88 2.18 -11.55
C GLN A 8 -23.80 3.15 -11.10
N GLU A 9 -22.99 2.69 -10.16
CA GLU A 9 -21.89 3.50 -9.63
C GLU A 9 -20.55 2.90 -10.01
N ARG A 10 -20.04 3.32 -11.17
CA ARG A 10 -18.76 2.83 -11.65
C ARG A 10 -17.93 3.99 -12.19
N LEU A 11 -17.15 4.58 -11.29
CA LEU A 11 -16.29 5.69 -11.65
C LEU A 11 -14.89 5.18 -11.95
N LYS A 12 -14.15 5.97 -12.71
CA LYS A 12 -12.79 5.60 -13.07
C LYS A 12 -11.80 6.41 -12.23
N ILE A 13 -12.03 7.72 -12.21
CA ILE A 13 -11.17 8.61 -11.45
C ILE A 13 -11.93 9.13 -10.23
N THR A 14 -11.27 9.08 -9.09
CA THR A 14 -11.87 9.53 -7.84
C THR A 14 -11.02 10.62 -7.20
N ALA A 15 -9.85 10.21 -6.73
CA ALA A 15 -8.93 11.14 -6.09
C ALA A 15 -7.49 10.72 -6.38
N LEU A 16 -7.16 9.52 -5.93
CA LEU A 16 -5.83 8.98 -6.13
C LEU A 16 -5.91 7.77 -7.07
N PRO A 17 -4.80 7.57 -7.84
CA PRO A 17 -4.74 6.45 -8.77
C PRO A 17 -4.53 5.12 -8.03
N LEU A 18 -5.32 4.14 -8.43
CA LEU A 18 -5.23 2.83 -7.82
C LEU A 18 -4.00 2.10 -8.35
N TYR A 19 -3.35 1.36 -7.46
CA TYR A 19 -2.16 0.62 -7.83
C TYR A 19 -2.33 -0.87 -7.52
N PHE A 20 -2.82 -1.15 -6.33
CA PHE A 20 -3.04 -2.52 -5.91
C PHE A 20 -4.27 -2.64 -5.01
N GLU A 21 -4.74 -3.87 -4.85
CA GLU A 21 -5.90 -4.12 -4.02
C GLU A 21 -5.91 -5.57 -3.55
N GLY A 22 -6.30 -5.75 -2.30
CA GLY A 22 -6.36 -7.09 -1.72
C GLY A 22 -6.52 -7.01 -0.20
N PHE A 23 -7.23 -7.99 0.34
CA PHE A 23 -7.47 -8.05 1.77
C PHE A 23 -6.14 -8.04 2.55
N LEU A 24 -5.89 -6.91 3.19
CA LEU A 24 -4.67 -6.76 3.97
C LEU A 24 -5.02 -6.74 5.46
N LEU A 25 -4.08 -7.22 6.26
CA LEU A 25 -4.26 -7.27 7.70
C LEU A 25 -3.43 -6.18 8.36
N ILE A 26 -4.12 -5.36 9.15
CA ILE A 26 -3.45 -4.26 9.84
C ILE A 26 -3.27 -4.63 11.31
N LYS A 27 -2.16 -4.18 11.87
CA LYS A 27 -1.86 -4.45 13.26
C LYS A 27 -1.08 -3.27 13.87
N ARG A 28 -1.57 -2.80 15.00
CA ARG A 28 -0.94 -1.67 15.67
C ARG A 28 -1.09 -1.81 17.19
N SER A 29 -0.11 -1.29 17.90
CA SER A 29 -0.12 -1.36 19.35
C SER A 29 -1.53 -1.12 19.88
N GLY A 30 -2.11 -2.17 20.45
CA GLY A 30 -3.45 -2.08 20.99
C GLY A 30 -4.37 -3.12 20.33
N TYR A 31 -4.21 -3.25 19.02
CA TYR A 31 -5.01 -4.18 18.26
C TYR A 31 -4.98 -5.57 18.89
N ARG A 32 -3.78 -6.08 19.05
CA ARG A 32 -3.59 -7.40 19.65
C ARG A 32 -3.73 -8.48 18.58
N GLU A 33 -4.77 -8.34 17.76
CA GLU A 33 -5.02 -9.30 16.70
C GLU A 33 -5.23 -8.58 15.37
N TYR A 34 -4.35 -8.87 14.42
CA TYR A 34 -4.43 -8.25 13.11
C TYR A 34 -5.88 -8.06 12.68
N GLU A 35 -6.17 -6.84 12.25
CA GLU A 35 -7.52 -6.51 11.81
C GLU A 35 -7.67 -6.79 10.31
N HIS A 36 -8.89 -7.13 9.92
CA HIS A 36 -9.18 -7.42 8.53
C HIS A 36 -9.92 -6.24 7.90
N TYR A 37 -9.47 -5.87 6.71
CA TYR A 37 -10.07 -4.76 6.00
C TYR A 37 -9.59 -4.70 4.55
N TRP A 38 -10.48 -4.29 3.67
CA TRP A 38 -10.15 -4.18 2.26
C TRP A 38 -9.22 -2.98 2.07
N THR A 39 -7.94 -3.27 2.12
CA THR A 39 -6.93 -2.22 1.97
C THR A 39 -6.71 -1.92 0.48
N GLU A 40 -6.56 -0.64 0.19
CA GLU A 40 -6.35 -0.20 -1.18
C GLU A 40 -5.11 0.70 -1.25
N LEU A 41 -4.24 0.38 -2.20
CA LEU A 41 -3.02 1.14 -2.39
C LEU A 41 -3.28 2.26 -3.40
N ARG A 42 -3.14 3.49 -2.92
CA ARG A 42 -3.36 4.65 -3.77
C ARG A 42 -2.29 5.71 -3.50
N GLY A 43 -1.64 6.14 -4.57
CA GLY A 43 -0.60 7.14 -4.47
C GLY A 43 0.45 6.73 -3.43
N THR A 44 0.24 7.21 -2.21
CA THR A 44 1.16 6.90 -1.12
C THR A 44 0.40 6.81 0.20
N THR A 45 -0.91 6.62 0.09
CA THR A 45 -1.76 6.52 1.26
C THR A 45 -2.56 5.21 1.22
N LEU A 46 -2.42 4.43 2.29
CA LEU A 46 -3.12 3.16 2.40
C LEU A 46 -4.55 3.41 2.87
N PHE A 47 -5.50 2.94 2.07
CA PHE A 47 -6.91 3.10 2.40
C PHE A 47 -7.54 1.76 2.76
N PHE A 48 -8.05 1.70 3.98
CA PHE A 48 -8.69 0.49 4.46
C PHE A 48 -10.21 0.58 4.34
N TYR A 49 -10.79 -0.46 3.76
CA TYR A 49 -12.23 -0.50 3.57
C TYR A 49 -12.82 -1.76 4.21
N THR A 50 -14.15 -1.85 4.14
CA THR A 50 -14.85 -2.99 4.70
C THR A 50 -15.44 -3.86 3.59
N ASP A 51 -15.79 -3.20 2.49
CA ASP A 51 -16.36 -3.89 1.34
C ASP A 51 -16.22 -3.01 0.10
N LYS A 52 -16.23 -3.67 -1.05
CA LYS A 52 -16.10 -2.96 -2.32
C LYS A 52 -17.24 -1.94 -2.44
N LYS A 53 -18.38 -2.32 -1.90
CA LYS A 53 -19.54 -1.44 -1.94
C LYS A 53 -19.22 -0.13 -1.23
N SER A 54 -18.64 -0.26 -0.05
CA SER A 54 -18.26 0.91 0.74
C SER A 54 -17.48 1.90 -0.13
N ILE A 55 -17.87 3.16 -0.03
CA ILE A 55 -17.21 4.20 -0.80
C ILE A 55 -16.21 4.93 0.09
N ILE A 56 -16.61 5.13 1.35
CA ILE A 56 -15.76 5.81 2.31
C ILE A 56 -15.00 4.77 3.13
N TYR A 57 -13.68 4.78 2.96
CA TYR A 57 -12.83 3.84 3.68
C TYR A 57 -13.01 3.99 5.19
N VAL A 58 -13.25 2.86 5.84
CA VAL A 58 -13.45 2.84 7.29
C VAL A 58 -12.29 3.60 7.95
N ASP A 59 -11.12 3.47 7.35
CA ASP A 59 -9.93 4.13 7.87
C ASP A 59 -8.82 4.07 6.83
N LYS A 60 -7.87 4.99 6.97
CA LYS A 60 -6.76 5.06 6.04
C LYS A 60 -5.47 5.29 6.83
N LEU A 61 -4.35 4.95 6.20
CA LEU A 61 -3.05 5.11 6.83
C LEU A 61 -2.19 6.04 5.98
N ASP A 62 -0.89 5.99 6.22
CA ASP A 62 0.05 6.82 5.49
C ASP A 62 1.46 6.24 5.62
N ILE A 63 2.10 6.07 4.48
CA ILE A 63 3.44 5.51 4.45
C ILE A 63 4.28 6.28 3.42
N VAL A 64 4.08 7.59 3.39
CA VAL A 64 4.80 8.45 2.47
C VAL A 64 6.13 8.85 3.10
N ASP A 65 6.12 8.99 4.42
CA ASP A 65 7.32 9.37 5.14
C ASP A 65 7.99 8.12 5.71
N LEU A 66 7.59 6.97 5.15
CA LEU A 66 8.15 5.70 5.59
C LEU A 66 9.66 5.85 5.80
N THR A 67 10.12 5.34 6.94
CA THR A 67 11.53 5.41 7.28
C THR A 67 12.25 4.18 6.74
N CYS A 68 11.51 3.09 6.63
CA CYS A 68 12.08 1.84 6.15
C CYS A 68 11.08 0.71 6.42
N LEU A 69 11.46 -0.48 6.02
CA LEU A 69 10.61 -1.65 6.23
C LEU A 69 11.44 -2.78 6.83
N THR A 70 10.93 -3.34 7.91
CA THR A 70 11.61 -4.43 8.59
C THR A 70 10.89 -5.75 8.33
N GLU A 71 11.60 -6.84 8.59
CA GLU A 71 11.04 -8.17 8.38
C GLU A 71 11.14 -8.98 9.66
N GLN A 72 10.15 -9.85 9.86
CA GLN A 72 10.10 -10.69 11.04
C GLN A 72 10.17 -12.16 10.64
N ASN A 73 11.23 -12.82 11.06
CA ASN A 73 11.43 -14.22 10.76
C ASN A 73 10.13 -14.99 11.03
N SER A 74 9.74 -14.97 12.30
CA SER A 74 8.53 -15.66 12.70
C SER A 74 8.51 -17.09 12.15
N THR A 75 9.09 -17.99 12.92
CA THR A 75 9.15 -19.38 12.51
C THR A 75 7.84 -20.10 12.83
N GLU A 76 6.99 -20.19 11.82
CA GLU A 76 5.71 -20.84 11.98
C GLU A 76 5.04 -21.04 10.62
N LYS A 77 4.82 -19.93 9.93
CA LYS A 77 4.19 -19.97 8.62
C LYS A 77 5.04 -19.17 7.64
N ASN A 78 5.16 -19.70 6.43
CA ASN A 78 5.93 -19.05 5.39
C ASN A 78 5.10 -17.93 4.77
N CYS A 79 5.13 -16.78 5.43
CA CYS A 79 4.37 -15.63 4.95
C CYS A 79 5.28 -14.39 5.05
N ALA A 80 4.77 -13.29 4.54
CA ALA A 80 5.51 -12.04 4.55
C ALA A 80 4.99 -11.16 5.70
N LYS A 81 5.88 -10.88 6.64
CA LYS A 81 5.52 -10.06 7.78
C LYS A 81 6.57 -8.95 7.96
N PHE A 82 6.14 -7.72 7.74
CA PHE A 82 7.02 -6.58 7.88
C PHE A 82 6.34 -5.45 8.65
N THR A 83 7.16 -4.61 9.25
CA THR A 83 6.66 -3.48 10.02
C THR A 83 6.96 -2.16 9.29
N LEU A 84 5.94 -1.31 9.25
CA LEU A 84 6.08 -0.02 8.60
C LEU A 84 6.71 0.98 9.58
N VAL A 85 7.98 1.28 9.35
CA VAL A 85 8.70 2.21 10.20
C VAL A 85 8.41 3.64 9.73
N LEU A 86 7.84 4.42 10.64
CA LEU A 86 7.51 5.80 10.33
C LEU A 86 8.22 6.73 11.33
N PRO A 87 8.39 8.00 10.92
CA PRO A 87 9.05 8.98 11.76
C PRO A 87 8.12 9.45 12.88
N LYS A 88 6.93 8.87 12.90
CA LYS A 88 5.95 9.21 13.92
C LYS A 88 5.69 7.99 14.79
N GLU A 89 5.24 6.91 14.15
CA GLU A 89 4.96 5.67 14.86
C GLU A 89 5.02 4.49 13.90
N GLU A 90 5.37 3.33 14.45
CA GLU A 90 5.47 2.12 13.66
C GLU A 90 4.12 1.40 13.62
N VAL A 91 3.92 0.64 12.56
CA VAL A 91 2.69 -0.10 12.39
C VAL A 91 3.00 -1.48 11.80
N GLN A 92 2.23 -2.47 12.23
CA GLN A 92 2.41 -3.83 11.76
C GLN A 92 1.51 -4.09 10.55
N LEU A 93 2.02 -4.94 9.65
CA LEU A 93 1.28 -5.28 8.45
C LEU A 93 1.44 -6.78 8.17
N LYS A 94 0.42 -7.34 7.56
CA LYS A 94 0.43 -8.75 7.23
C LYS A 94 -0.50 -9.00 6.03
N THR A 95 -0.23 -10.11 5.35
CA THR A 95 -1.03 -10.48 4.19
C THR A 95 -1.65 -11.87 4.38
N GLU A 96 -2.06 -12.46 3.27
CA GLU A 96 -2.67 -13.77 3.30
C GLU A 96 -1.62 -14.85 3.01
N ASN A 97 -0.77 -14.54 2.04
CA ASN A 97 0.28 -15.48 1.66
C ASN A 97 1.54 -14.69 1.28
N THR A 98 2.62 -15.42 1.08
CA THR A 98 3.89 -14.80 0.71
C THR A 98 3.73 -13.98 -0.56
N GLU A 99 2.90 -14.49 -1.47
CA GLU A 99 2.66 -13.82 -2.73
C GLU A 99 2.24 -12.37 -2.49
N SER A 100 1.04 -12.22 -1.94
CA SER A 100 0.50 -10.91 -1.65
C SER A 100 1.57 -10.04 -0.98
N GLY A 101 2.18 -10.60 0.04
CA GLY A 101 3.23 -9.90 0.77
C GLY A 101 4.21 -9.22 -0.19
N GLU A 102 4.98 -10.05 -0.87
CA GLU A 102 5.96 -9.55 -1.82
C GLU A 102 5.34 -8.46 -2.69
N GLU A 103 4.06 -8.62 -2.97
CA GLU A 103 3.35 -7.65 -3.80
C GLU A 103 3.28 -6.30 -3.08
N TRP A 104 2.64 -6.31 -1.92
CA TRP A 104 2.50 -5.10 -1.13
C TRP A 104 3.89 -4.53 -0.90
N ARG A 105 4.70 -5.29 -0.17
CA ARG A 105 6.06 -4.88 0.14
C ARG A 105 6.68 -4.15 -1.06
N GLY A 106 6.72 -4.87 -2.18
CA GLY A 106 7.27 -4.31 -3.40
C GLY A 106 6.54 -3.03 -3.81
N PHE A 107 5.24 -3.16 -3.97
CA PHE A 107 4.42 -2.02 -4.35
C PHE A 107 4.68 -0.82 -3.44
N ILE A 108 4.79 -1.11 -2.16
CA ILE A 108 5.05 -0.06 -1.18
C ILE A 108 6.43 0.53 -1.42
N LEU A 109 7.44 -0.32 -1.37
CA LEU A 109 8.81 0.10 -1.59
C LEU A 109 8.87 1.00 -2.82
N THR A 110 7.90 0.81 -3.71
CA THR A 110 7.83 1.60 -4.92
C THR A 110 7.18 2.95 -4.64
N VAL A 111 6.15 2.92 -3.82
CA VAL A 111 5.43 4.13 -3.46
C VAL A 111 6.04 4.73 -2.19
N THR A 112 7.33 4.47 -2.02
CA THR A 112 8.04 4.98 -0.87
C THR A 112 9.47 5.40 -1.25
N GLU A 113 10.14 4.50 -1.95
CA GLU A 113 11.50 4.75 -2.39
C GLU A 113 11.50 5.53 -3.71
N LEU A 114 10.32 5.66 -4.28
CA LEU A 114 10.17 6.37 -5.54
C LEU A 114 10.93 5.63 -6.64
N SER A 115 11.13 4.35 -6.40
CA SER A 115 11.84 3.51 -7.37
C SER A 115 11.19 2.13 -7.44
N VAL A 116 11.99 1.16 -7.88
CA VAL A 116 11.50 -0.21 -8.00
C VAL A 116 12.56 -1.16 -7.44
N PRO A 117 12.10 -2.04 -6.51
CA PRO A 117 12.99 -3.01 -5.89
C PRO A 117 13.32 -4.15 -6.86
N GLN A 118 14.61 -4.39 -7.01
CA GLN A 118 15.08 -5.44 -7.90
C GLN A 118 15.44 -6.69 -7.10
N ASN A 119 15.18 -6.61 -5.80
CA ASN A 119 15.47 -7.74 -4.92
C ASN A 119 14.15 -8.36 -4.44
N VAL A 120 13.34 -8.77 -5.41
CA VAL A 120 12.06 -9.37 -5.10
C VAL A 120 11.99 -10.76 -5.75
N SER A 121 10.82 -11.37 -5.65
CA SER A 121 10.61 -12.69 -6.22
C SER A 121 9.44 -12.65 -7.20
N LEU A 122 8.85 -11.47 -7.34
CA LEU A 122 7.73 -11.29 -8.24
C LEU A 122 8.13 -11.73 -9.65
N LEU A 123 7.20 -11.56 -10.57
CA LEU A 123 7.44 -11.94 -11.95
C LEU A 123 7.56 -10.67 -12.82
N PRO A 124 7.72 -10.90 -14.14
CA PRO A 124 7.84 -9.79 -15.08
C PRO A 124 6.49 -9.11 -15.31
N GLY A 125 5.43 -9.86 -15.01
CA GLY A 125 4.08 -9.34 -15.18
C GLY A 125 3.63 -8.56 -13.95
N GLN A 126 4.32 -8.81 -12.84
CA GLN A 126 4.00 -8.13 -11.59
C GLN A 126 4.91 -6.91 -11.41
N VAL A 127 6.18 -7.11 -11.73
CA VAL A 127 7.15 -6.03 -11.61
C VAL A 127 6.64 -4.80 -12.35
N ILE A 128 6.16 -5.03 -13.56
CA ILE A 128 5.65 -3.96 -14.39
C ILE A 128 4.84 -2.99 -13.51
N LYS A 129 3.93 -3.56 -12.76
CA LYS A 129 3.09 -2.77 -11.87
C LYS A 129 3.95 -1.79 -11.09
N LEU A 130 4.97 -2.33 -10.43
CA LEU A 130 5.88 -1.51 -9.64
C LEU A 130 6.38 -0.35 -10.51
N HIS A 131 6.74 -0.67 -11.74
CA HIS A 131 7.22 0.33 -12.67
C HIS A 131 6.12 1.36 -12.94
N GLU A 132 4.96 0.84 -13.32
CA GLU A 132 3.83 1.70 -13.62
C GLU A 132 3.46 2.54 -12.39
N VAL A 133 3.18 1.84 -11.30
CA VAL A 133 2.82 2.49 -10.06
C VAL A 133 3.79 3.65 -9.79
N LEU A 134 5.07 3.35 -10.00
CA LEU A 134 6.11 4.34 -9.79
C LEU A 134 5.83 5.57 -10.66
N GLU A 135 5.98 5.39 -11.96
CA GLU A 135 5.74 6.46 -12.90
C GLU A 135 4.44 7.20 -12.55
N ARG A 136 3.50 6.43 -12.02
CA ARG A 136 2.21 7.00 -11.64
C ARG A 136 2.39 8.04 -10.53
N GLU A 137 3.10 7.63 -9.48
CA GLU A 137 3.35 8.52 -8.36
C GLU A 137 4.36 9.59 -8.74
N LYS A 138 5.19 9.27 -9.72
CA LYS A 138 6.20 10.18 -10.19
C LYS A 138 5.55 11.53 -10.55
N LYS A 139 4.54 11.44 -11.41
CA LYS A 139 3.83 12.63 -11.83
C LYS A 139 3.47 13.47 -10.60
N ARG A 140 2.99 12.79 -9.57
CA ARG A 140 2.61 13.45 -8.33
C ARG A 140 3.71 14.42 -7.89
N ARG A 141 4.94 13.96 -8.04
CA ARG A 141 6.09 14.77 -7.66
C ARG A 141 5.95 16.19 -8.22
N ILE A 142 5.35 16.26 -9.40
CA ILE A 142 5.15 17.55 -10.05
C ILE A 142 4.67 18.57 -9.01
N GLU A 143 3.38 18.50 -8.71
CA GLU A 143 2.79 19.41 -7.74
C GLU A 143 2.69 18.73 -6.37
N SER A 144 3.83 18.70 -5.69
CA SER A 144 3.88 18.09 -4.37
C SER A 144 4.42 19.09 -3.35
N GLY A 145 5.59 19.64 -3.68
CA GLY A 145 6.23 20.61 -2.81
C GLY A 145 5.20 21.63 -2.29
N PRO A 146 5.59 22.30 -1.17
CA PRO A 146 4.73 23.30 -0.56
C PRO A 146 4.73 24.60 -1.37
N SER A 147 3.61 24.84 -2.04
CA SER A 147 3.47 26.03 -2.85
C SER A 147 3.32 27.27 -1.96
N SER A 148 4.45 27.94 -1.75
CA SER A 148 4.46 29.14 -0.92
C SER A 148 4.10 28.77 0.52
N GLY A 149 4.41 29.69 1.42
CA GLY A 149 4.12 29.49 2.83
C GLY A 149 3.68 30.79 3.50
N GLY A 1 -37.93 33.92 -31.32
CA GLY A 1 -37.86 32.59 -30.74
C GLY A 1 -36.42 32.24 -30.38
N SER A 2 -36.22 30.97 -30.02
CA SER A 2 -34.90 30.49 -29.65
C SER A 2 -34.97 29.01 -29.27
N SER A 3 -33.80 28.41 -29.14
CA SER A 3 -33.71 27.01 -28.78
C SER A 3 -32.26 26.62 -28.53
N GLY A 4 -32.08 25.52 -27.79
CA GLY A 4 -30.75 25.04 -27.48
C GLY A 4 -30.78 23.55 -27.13
N SER A 5 -30.91 23.27 -25.84
CA SER A 5 -30.95 21.90 -25.37
C SER A 5 -29.64 21.18 -25.71
N SER A 6 -28.70 21.28 -24.79
CA SER A 6 -27.41 20.65 -24.98
C SER A 6 -26.59 20.72 -23.68
N GLY A 7 -26.40 19.55 -23.07
CA GLY A 7 -25.65 19.48 -21.84
C GLY A 7 -24.74 18.25 -21.83
N GLN A 8 -25.26 17.16 -21.28
CA GLN A 8 -24.50 15.92 -21.21
C GLN A 8 -23.08 16.19 -20.69
N GLU A 9 -22.99 16.42 -19.39
CA GLU A 9 -21.71 16.69 -18.77
C GLU A 9 -20.91 15.40 -18.59
N ARG A 10 -19.81 15.32 -19.32
CA ARG A 10 -18.95 14.14 -19.25
C ARG A 10 -18.55 13.85 -17.80
N LEU A 11 -17.97 14.87 -17.17
CA LEU A 11 -17.54 14.73 -15.79
C LEU A 11 -16.43 13.69 -15.71
N LYS A 12 -15.20 14.18 -15.53
CA LYS A 12 -14.05 13.30 -15.43
C LYS A 12 -13.92 12.79 -13.99
N ILE A 13 -13.11 11.75 -13.83
CA ILE A 13 -12.90 11.16 -12.52
C ILE A 13 -11.56 11.65 -11.96
N THR A 14 -11.63 12.25 -10.78
CA THR A 14 -10.44 12.75 -10.12
C THR A 14 -10.21 12.02 -8.80
N ALA A 15 -9.60 10.84 -8.91
CA ALA A 15 -9.32 10.04 -7.73
C ALA A 15 -7.94 9.39 -7.88
N LEU A 16 -7.24 9.29 -6.77
CA LEU A 16 -5.91 8.70 -6.77
C LEU A 16 -5.94 7.42 -7.62
N PRO A 17 -4.81 7.22 -8.37
CA PRO A 17 -4.69 6.05 -9.23
C PRO A 17 -4.42 4.79 -8.40
N LEU A 18 -5.38 3.88 -8.46
CA LEU A 18 -5.26 2.63 -7.73
C LEU A 18 -4.01 1.87 -8.19
N TYR A 19 -3.27 1.37 -7.22
CA TYR A 19 -2.04 0.63 -7.54
C TYR A 19 -2.18 -0.83 -7.11
N PHE A 20 -3.06 -1.07 -6.14
CA PHE A 20 -3.29 -2.41 -5.65
C PHE A 20 -4.40 -2.43 -4.59
N GLU A 21 -5.16 -3.51 -4.61
CA GLU A 21 -6.25 -3.67 -3.67
C GLU A 21 -6.47 -5.15 -3.33
N GLY A 22 -6.40 -5.44 -2.04
CA GLY A 22 -6.58 -6.80 -1.57
C GLY A 22 -6.69 -6.85 -0.05
N PHE A 23 -7.63 -7.64 0.42
CA PHE A 23 -7.85 -7.78 1.85
C PHE A 23 -6.53 -7.94 2.59
N LEU A 24 -6.07 -6.84 3.17
CA LEU A 24 -4.82 -6.84 3.91
C LEU A 24 -5.11 -6.76 5.40
N LEU A 25 -4.24 -7.38 6.18
CA LEU A 25 -4.40 -7.38 7.63
C LEU A 25 -3.54 -6.26 8.24
N ILE A 26 -4.19 -5.43 9.04
CA ILE A 26 -3.49 -4.34 9.68
C ILE A 26 -3.49 -4.55 11.19
N LYS A 27 -2.32 -4.33 11.79
CA LYS A 27 -2.16 -4.51 13.22
C LYS A 27 -1.36 -3.33 13.79
N ARG A 28 -1.99 -2.16 13.76
CA ARG A 28 -1.35 -0.96 14.27
C ARG A 28 -0.59 -1.26 15.56
N SER A 29 -1.33 -1.31 16.65
CA SER A 29 -0.74 -1.59 17.95
C SER A 29 -1.83 -2.04 18.93
N GLY A 30 -2.83 -1.18 19.08
CA GLY A 30 -3.94 -1.48 19.98
C GLY A 30 -4.81 -2.61 19.42
N TYR A 31 -4.61 -2.90 18.15
CA TYR A 31 -5.36 -3.96 17.50
C TYR A 31 -5.24 -5.28 18.25
N ARG A 32 -6.36 -5.70 18.83
CA ARG A 32 -6.39 -6.94 19.60
C ARG A 32 -5.88 -8.09 18.74
N GLU A 33 -5.98 -7.91 17.43
CA GLU A 33 -5.55 -8.93 16.50
C GLU A 33 -5.74 -8.45 15.05
N TYR A 34 -4.85 -8.92 14.19
CA TYR A 34 -4.91 -8.55 12.78
C TYR A 34 -6.37 -8.46 12.30
N GLU A 35 -6.72 -7.30 11.77
CA GLU A 35 -8.06 -7.08 11.27
C GLU A 35 -8.09 -7.17 9.74
N HIS A 36 -9.12 -7.83 9.24
CA HIS A 36 -9.28 -7.98 7.81
C HIS A 36 -10.04 -6.79 7.23
N TYR A 37 -9.29 -5.86 6.67
CA TYR A 37 -9.88 -4.67 6.09
C TYR A 37 -9.51 -4.54 4.61
N TRP A 38 -10.49 -4.15 3.81
CA TRP A 38 -10.27 -3.98 2.39
C TRP A 38 -9.29 -2.82 2.18
N THR A 39 -8.01 -3.17 2.20
CA THR A 39 -6.97 -2.18 2.02
C THR A 39 -6.75 -1.89 0.54
N GLU A 40 -6.59 -0.61 0.23
CA GLU A 40 -6.38 -0.19 -1.15
C GLU A 40 -5.16 0.72 -1.23
N LEU A 41 -4.29 0.39 -2.18
CA LEU A 41 -3.08 1.17 -2.38
C LEU A 41 -3.35 2.28 -3.41
N ARG A 42 -3.23 3.51 -2.94
CA ARG A 42 -3.46 4.67 -3.80
C ARG A 42 -2.44 5.77 -3.51
N GLY A 43 -1.80 6.23 -4.57
CA GLY A 43 -0.80 7.28 -4.44
C GLY A 43 0.28 6.89 -3.42
N THR A 44 0.07 7.34 -2.20
CA THR A 44 1.02 7.05 -1.13
C THR A 44 0.29 7.00 0.22
N THR A 45 -1.02 6.80 0.15
CA THR A 45 -1.83 6.73 1.35
C THR A 45 -2.61 5.42 1.38
N LEU A 46 -2.35 4.64 2.42
CA LEU A 46 -3.04 3.36 2.58
C LEU A 46 -4.48 3.61 3.01
N PHE A 47 -5.39 3.26 2.12
CA PHE A 47 -6.81 3.43 2.39
C PHE A 47 -7.46 2.10 2.80
N PHE A 48 -8.05 2.11 3.98
CA PHE A 48 -8.71 0.92 4.50
C PHE A 48 -10.23 1.02 4.35
N TYR A 49 -10.84 -0.10 4.03
CA TYR A 49 -12.28 -0.16 3.85
C TYR A 49 -12.87 -1.43 4.48
N THR A 50 -14.16 -1.37 4.75
CA THR A 50 -14.85 -2.51 5.35
C THR A 50 -15.34 -3.46 4.26
N ASP A 51 -15.66 -2.88 3.12
CA ASP A 51 -16.14 -3.67 2.00
C ASP A 51 -16.07 -2.83 0.72
N LYS A 52 -16.29 -3.50 -0.41
CA LYS A 52 -16.25 -2.83 -1.70
C LYS A 52 -17.35 -1.78 -1.75
N LYS A 53 -18.54 -2.18 -1.30
CA LYS A 53 -19.68 -1.29 -1.30
C LYS A 53 -19.30 0.03 -0.62
N SER A 54 -18.72 -0.11 0.57
CA SER A 54 -18.30 1.06 1.33
C SER A 54 -17.58 2.05 0.41
N ILE A 55 -18.09 3.28 0.41
CA ILE A 55 -17.51 4.33 -0.42
C ILE A 55 -16.40 5.03 0.37
N ILE A 56 -16.73 5.42 1.59
CA ILE A 56 -15.78 6.11 2.45
C ILE A 56 -14.90 5.07 3.14
N TYR A 57 -13.62 5.41 3.24
CA TYR A 57 -12.66 4.52 3.89
C TYR A 57 -12.77 4.60 5.40
N VAL A 58 -12.93 3.44 6.02
CA VAL A 58 -13.06 3.36 7.46
C VAL A 58 -11.88 4.10 8.11
N ASP A 59 -10.70 3.87 7.54
CA ASP A 59 -9.50 4.50 8.05
C ASP A 59 -8.44 4.54 6.95
N LYS A 60 -7.51 5.48 7.09
CA LYS A 60 -6.45 5.63 6.11
C LYS A 60 -5.13 5.90 6.84
N LEU A 61 -4.04 5.70 6.12
CA LEU A 61 -2.71 5.92 6.68
C LEU A 61 -1.81 6.56 5.63
N ASP A 62 -0.60 6.89 6.04
CA ASP A 62 0.36 7.51 5.15
C ASP A 62 1.75 6.95 5.42
N ILE A 63 2.38 6.46 4.36
CA ILE A 63 3.71 5.90 4.47
C ILE A 63 4.63 6.58 3.46
N VAL A 64 4.34 7.84 3.19
CA VAL A 64 5.13 8.61 2.25
C VAL A 64 6.47 8.97 2.90
N ASP A 65 6.44 9.14 4.21
CA ASP A 65 7.64 9.48 4.96
C ASP A 65 8.26 8.20 5.52
N LEU A 66 7.86 7.09 4.93
CA LEU A 66 8.38 5.80 5.36
C LEU A 66 9.88 5.92 5.66
N THR A 67 10.26 5.38 6.80
CA THR A 67 11.65 5.41 7.22
C THR A 67 12.40 4.17 6.72
N CYS A 68 11.64 3.10 6.56
CA CYS A 68 12.21 1.84 6.09
C CYS A 68 11.22 0.72 6.39
N LEU A 69 11.61 -0.49 6.02
CA LEU A 69 10.77 -1.65 6.24
C LEU A 69 11.65 -2.86 6.58
N THR A 70 11.21 -3.60 7.57
CA THR A 70 11.95 -4.79 8.01
C THR A 70 10.99 -5.98 8.15
N GLU A 71 11.46 -6.98 8.88
CA GLU A 71 10.67 -8.19 9.10
C GLU A 71 10.62 -8.51 10.59
N GLN A 72 9.41 -8.82 11.05
CA GLN A 72 9.20 -9.15 12.45
C GLN A 72 9.13 -10.67 12.62
N ASN A 73 9.99 -11.18 13.50
CA ASN A 73 10.04 -12.61 13.77
C ASN A 73 8.80 -13.00 14.58
N SER A 74 8.29 -14.18 14.26
CA SER A 74 7.11 -14.69 14.96
C SER A 74 6.73 -16.06 14.39
N THR A 75 6.45 -16.07 13.10
CA THR A 75 6.07 -17.30 12.43
C THR A 75 7.07 -17.65 11.34
N GLU A 76 7.57 -18.88 11.40
CA GLU A 76 8.54 -19.35 10.42
C GLU A 76 8.04 -19.07 9.00
N LYS A 77 8.92 -19.33 8.04
CA LYS A 77 8.59 -19.10 6.65
C LYS A 77 7.16 -19.59 6.39
N ASN A 78 6.37 -18.73 5.76
CA ASN A 78 5.00 -19.05 5.45
C ASN A 78 4.33 -17.85 4.76
N CYS A 79 4.50 -16.69 5.38
CA CYS A 79 3.93 -15.47 4.85
C CYS A 79 4.92 -14.33 5.08
N ALA A 80 4.64 -13.20 4.45
CA ALA A 80 5.50 -12.04 4.59
C ALA A 80 4.99 -11.16 5.73
N LYS A 81 5.88 -10.84 6.65
CA LYS A 81 5.54 -10.03 7.79
C LYS A 81 6.60 -8.94 7.97
N PHE A 82 6.18 -7.70 7.79
CA PHE A 82 7.07 -6.56 7.94
C PHE A 82 6.39 -5.41 8.66
N THR A 83 7.21 -4.55 9.25
CA THR A 83 6.70 -3.40 9.96
C THR A 83 7.10 -2.10 9.26
N LEU A 84 6.10 -1.33 8.87
CA LEU A 84 6.34 -0.07 8.20
C LEU A 84 6.88 0.96 9.19
N VAL A 85 8.18 1.19 9.09
CA VAL A 85 8.84 2.15 9.97
C VAL A 85 8.56 3.57 9.49
N LEU A 86 7.90 4.33 10.33
CA LEU A 86 7.56 5.71 10.00
C LEU A 86 8.19 6.65 11.05
N PRO A 87 8.37 7.93 10.63
CA PRO A 87 8.95 8.92 11.51
C PRO A 87 7.93 9.38 12.57
N LYS A 88 6.76 8.78 12.50
CA LYS A 88 5.70 9.11 13.44
C LYS A 88 5.38 7.89 14.30
N GLU A 89 5.00 6.82 13.63
CA GLU A 89 4.67 5.58 14.32
C GLU A 89 4.83 4.38 13.37
N GLU A 90 5.19 3.26 13.95
CA GLU A 90 5.37 2.04 13.18
C GLU A 90 4.05 1.29 13.03
N VAL A 91 3.88 0.67 11.87
CA VAL A 91 2.66 -0.08 11.59
C VAL A 91 3.04 -1.51 11.20
N GLN A 92 2.22 -2.45 11.66
CA GLN A 92 2.45 -3.86 11.37
C GLN A 92 1.50 -4.32 10.26
N LEU A 93 2.05 -5.08 9.33
CA LEU A 93 1.27 -5.60 8.22
C LEU A 93 1.44 -7.12 8.14
N LYS A 94 0.42 -7.77 7.62
CA LYS A 94 0.44 -9.21 7.49
C LYS A 94 -0.38 -9.63 6.26
N THR A 95 0.12 -10.64 5.57
CA THR A 95 -0.55 -11.14 4.39
C THR A 95 -0.97 -12.60 4.57
N GLU A 96 -1.84 -13.05 3.69
CA GLU A 96 -2.33 -14.42 3.74
C GLU A 96 -1.25 -15.39 3.28
N ASN A 97 -0.68 -15.08 2.12
CA ASN A 97 0.37 -15.92 1.55
C ASN A 97 1.61 -15.07 1.29
N THR A 98 2.75 -15.62 1.66
CA THR A 98 4.02 -14.92 1.48
C THR A 98 4.03 -14.16 0.16
N GLU A 99 3.56 -14.83 -0.88
CA GLU A 99 3.51 -14.23 -2.21
C GLU A 99 2.92 -12.83 -2.12
N SER A 100 1.64 -12.77 -1.75
CA SER A 100 0.95 -11.50 -1.63
C SER A 100 1.87 -10.47 -0.97
N GLY A 101 2.47 -10.88 0.13
CA GLY A 101 3.37 -10.00 0.86
C GLY A 101 4.33 -9.28 -0.10
N GLU A 102 5.09 -10.07 -0.84
CA GLU A 102 6.04 -9.51 -1.79
C GLU A 102 5.37 -8.43 -2.64
N GLU A 103 4.14 -8.71 -3.03
CA GLU A 103 3.39 -7.78 -3.85
C GLU A 103 3.27 -6.43 -3.14
N TRP A 104 2.56 -6.44 -2.02
CA TRP A 104 2.37 -5.23 -1.24
C TRP A 104 3.74 -4.60 -0.98
N ARG A 105 4.57 -5.32 -0.24
CA ARG A 105 5.90 -4.85 0.07
C ARG A 105 6.50 -4.12 -1.13
N GLY A 106 6.74 -4.89 -2.19
CA GLY A 106 7.31 -4.32 -3.40
C GLY A 106 6.56 -3.05 -3.82
N PHE A 107 5.25 -3.16 -3.87
CA PHE A 107 4.41 -2.03 -4.25
C PHE A 107 4.66 -0.84 -3.32
N ILE A 108 4.78 -1.14 -2.04
CA ILE A 108 5.01 -0.10 -1.04
C ILE A 108 6.38 0.55 -1.29
N LEU A 109 7.41 -0.28 -1.24
CA LEU A 109 8.77 0.19 -1.45
C LEU A 109 8.78 1.10 -2.69
N THR A 110 7.83 0.87 -3.58
CA THR A 110 7.73 1.66 -4.79
C THR A 110 7.04 2.99 -4.51
N VAL A 111 6.01 2.92 -3.68
CA VAL A 111 5.26 4.11 -3.31
C VAL A 111 5.85 4.71 -2.05
N THR A 112 7.15 4.51 -1.88
CA THR A 112 7.85 5.02 -0.72
C THR A 112 9.30 5.37 -1.07
N GLU A 113 9.93 4.45 -1.80
CA GLU A 113 11.31 4.64 -2.21
C GLU A 113 11.36 5.44 -3.52
N LEU A 114 10.21 5.56 -4.13
CA LEU A 114 10.11 6.29 -5.40
C LEU A 114 10.92 5.55 -6.47
N SER A 115 11.06 4.25 -6.26
CA SER A 115 11.81 3.42 -7.20
C SER A 115 11.16 2.04 -7.31
N VAL A 116 11.93 1.10 -7.83
CA VAL A 116 11.45 -0.26 -8.00
C VAL A 116 12.49 -1.24 -7.46
N PRO A 117 12.05 -2.08 -6.49
CA PRO A 117 12.94 -3.06 -5.89
C PRO A 117 13.18 -4.23 -6.83
N GLN A 118 14.44 -4.41 -7.20
CA GLN A 118 14.81 -5.48 -8.10
C GLN A 118 15.18 -6.74 -7.30
N ASN A 119 14.53 -6.88 -6.15
CA ASN A 119 14.79 -8.03 -5.29
C ASN A 119 13.45 -8.60 -4.81
N VAL A 120 12.56 -8.84 -5.77
CA VAL A 120 11.26 -9.38 -5.46
C VAL A 120 11.07 -10.71 -6.20
N SER A 121 10.49 -11.66 -5.50
CA SER A 121 10.25 -12.98 -6.08
C SER A 121 9.15 -12.89 -7.14
N LEU A 122 8.50 -11.73 -7.18
CA LEU A 122 7.44 -11.50 -8.13
C LEU A 122 7.93 -11.88 -9.53
N LEU A 123 7.03 -11.70 -10.51
CA LEU A 123 7.36 -12.01 -11.88
C LEU A 123 7.50 -10.70 -12.67
N PRO A 124 7.71 -10.87 -14.01
CA PRO A 124 7.86 -9.72 -14.89
C PRO A 124 6.51 -9.05 -15.15
N GLY A 125 5.44 -9.81 -14.92
CA GLY A 125 4.10 -9.31 -15.13
C GLY A 125 3.62 -8.52 -13.91
N GLN A 126 4.23 -8.81 -12.77
CA GLN A 126 3.88 -8.14 -11.53
C GLN A 126 4.81 -6.94 -11.30
N VAL A 127 6.09 -7.17 -11.53
CA VAL A 127 7.08 -6.13 -11.35
C VAL A 127 6.65 -4.88 -12.11
N ILE A 128 6.19 -5.10 -13.34
CA ILE A 128 5.75 -4.01 -14.19
C ILE A 128 4.95 -3.01 -13.35
N LYS A 129 3.98 -3.56 -12.62
CA LYS A 129 3.14 -2.72 -11.78
C LYS A 129 4.01 -1.72 -11.01
N LEU A 130 4.99 -2.27 -10.30
CA LEU A 130 5.89 -1.44 -9.51
C LEU A 130 6.40 -0.29 -10.39
N HIS A 131 6.81 -0.65 -11.60
CA HIS A 131 7.32 0.34 -12.54
C HIS A 131 6.23 1.36 -12.85
N GLU A 132 5.04 0.84 -13.13
CA GLU A 132 3.90 1.69 -13.45
C GLU A 132 3.53 2.56 -12.25
N VAL A 133 3.21 1.89 -11.15
CA VAL A 133 2.84 2.59 -9.93
C VAL A 133 3.83 3.73 -9.69
N LEU A 134 5.10 3.42 -9.86
CA LEU A 134 6.15 4.41 -9.67
C LEU A 134 5.86 5.64 -10.55
N GLU A 135 5.98 5.42 -11.85
CA GLU A 135 5.75 6.49 -12.80
C GLU A 135 4.44 7.22 -12.46
N ARG A 136 3.47 6.46 -11.98
CA ARG A 136 2.19 7.02 -11.61
C ARG A 136 2.35 8.06 -10.50
N GLU A 137 3.04 7.64 -9.44
CA GLU A 137 3.27 8.52 -8.30
C GLU A 137 4.29 9.60 -8.68
N LYS A 138 5.13 9.27 -9.65
CA LYS A 138 6.15 10.20 -10.11
C LYS A 138 5.50 11.53 -10.47
N LYS A 139 4.52 11.45 -11.35
CA LYS A 139 3.80 12.64 -11.78
C LYS A 139 3.44 13.49 -10.57
N ARG A 140 2.85 12.84 -9.58
CA ARG A 140 2.45 13.52 -8.36
C ARG A 140 3.54 14.50 -7.93
N ARG A 141 4.78 14.04 -8.01
CA ARG A 141 5.92 14.86 -7.63
C ARG A 141 5.77 16.26 -8.22
N ILE A 142 5.28 16.30 -9.45
CA ILE A 142 5.09 17.57 -10.14
C ILE A 142 4.49 18.59 -9.17
N GLU A 143 3.18 18.48 -8.96
CA GLU A 143 2.49 19.38 -8.07
C GLU A 143 3.12 19.34 -6.67
N SER A 144 3.19 18.14 -6.12
CA SER A 144 3.77 17.96 -4.80
C SER A 144 5.30 18.11 -4.87
N GLY A 145 5.75 19.33 -4.63
CA GLY A 145 7.17 19.61 -4.67
C GLY A 145 7.81 19.39 -3.29
N PRO A 146 9.16 19.25 -3.30
CA PRO A 146 9.90 19.03 -2.07
C PRO A 146 10.01 20.33 -1.27
N SER A 147 8.87 20.74 -0.72
CA SER A 147 8.83 21.96 0.08
C SER A 147 8.94 21.62 1.56
N SER A 148 9.54 22.55 2.31
CA SER A 148 9.71 22.35 3.74
C SER A 148 8.59 23.06 4.50
N GLY A 149 8.44 22.68 5.76
CA GLY A 149 7.41 23.27 6.60
C GLY A 149 8.03 24.03 7.77
N GLY A 1 -28.31 26.97 26.69
CA GLY A 1 -26.96 26.82 26.18
C GLY A 1 -26.94 25.91 24.95
N SER A 2 -25.83 25.98 24.22
CA SER A 2 -25.67 25.17 23.02
C SER A 2 -24.26 25.37 22.45
N SER A 3 -23.39 24.42 22.79
CA SER A 3 -22.02 24.47 22.33
C SER A 3 -21.64 23.13 21.69
N GLY A 4 -20.53 23.16 20.95
CA GLY A 4 -20.05 21.96 20.28
C GLY A 4 -19.89 22.20 18.79
N SER A 5 -18.86 22.96 18.44
CA SER A 5 -18.59 23.26 17.04
C SER A 5 -17.10 23.09 16.75
N SER A 6 -16.82 22.30 15.73
CA SER A 6 -15.44 22.04 15.34
C SER A 6 -15.23 22.45 13.89
N GLY A 7 -16.03 21.84 13.01
CA GLY A 7 -15.94 22.12 11.60
C GLY A 7 -15.02 21.12 10.88
N GLN A 8 -15.64 20.13 10.27
CA GLN A 8 -14.89 19.10 9.55
C GLN A 8 -15.34 19.05 8.10
N GLU A 9 -14.63 19.80 7.27
CA GLU A 9 -14.94 19.84 5.85
C GLU A 9 -15.20 18.42 5.32
N ARG A 10 -16.45 18.19 4.94
CA ARG A 10 -16.84 16.89 4.42
C ARG A 10 -16.26 16.68 3.02
N LEU A 11 -15.19 15.90 2.97
CA LEU A 11 -14.53 15.62 1.71
C LEU A 11 -15.25 14.46 1.01
N LYS A 12 -15.34 14.57 -0.31
CA LYS A 12 -16.00 13.55 -1.10
C LYS A 12 -15.30 13.43 -2.46
N ILE A 13 -15.13 12.19 -2.90
CA ILE A 13 -14.48 11.93 -4.17
C ILE A 13 -13.02 12.39 -4.09
N THR A 14 -12.16 11.60 -4.74
CA THR A 14 -10.74 11.91 -4.76
C THR A 14 -10.05 11.18 -5.90
N ALA A 15 -9.27 11.94 -6.66
CA ALA A 15 -8.55 11.39 -7.78
C ALA A 15 -7.32 10.63 -7.28
N LEU A 16 -7.41 9.32 -7.30
CA LEU A 16 -6.32 8.47 -6.84
C LEU A 16 -6.27 7.21 -7.71
N PRO A 17 -5.15 7.08 -8.47
CA PRO A 17 -4.97 5.92 -9.34
C PRO A 17 -4.60 4.68 -8.52
N LEU A 18 -5.53 3.74 -8.50
CA LEU A 18 -5.33 2.50 -7.76
C LEU A 18 -4.05 1.82 -8.26
N TYR A 19 -3.25 1.35 -7.32
CA TYR A 19 -2.01 0.67 -7.65
C TYR A 19 -2.06 -0.80 -7.26
N PHE A 20 -2.89 -1.09 -6.26
CA PHE A 20 -3.04 -2.45 -5.78
C PHE A 20 -4.11 -2.54 -4.71
N GLU A 21 -4.84 -3.65 -4.73
CA GLU A 21 -5.90 -3.87 -3.75
C GLU A 21 -5.96 -5.35 -3.36
N GLY A 22 -6.19 -5.57 -2.08
CA GLY A 22 -6.27 -6.92 -1.55
C GLY A 22 -6.42 -6.92 -0.02
N PHE A 23 -7.47 -7.58 0.43
CA PHE A 23 -7.73 -7.66 1.86
C PHE A 23 -6.43 -7.78 2.66
N LEU A 24 -5.99 -6.65 3.18
CA LEU A 24 -4.75 -6.63 3.96
C LEU A 24 -5.11 -6.59 5.45
N LEU A 25 -4.21 -7.16 6.25
CA LEU A 25 -4.41 -7.21 7.69
C LEU A 25 -3.55 -6.14 8.35
N ILE A 26 -4.21 -5.30 9.13
CA ILE A 26 -3.53 -4.22 9.83
C ILE A 26 -3.58 -4.48 11.33
N LYS A 27 -2.43 -4.25 11.97
CA LYS A 27 -2.33 -4.46 13.41
C LYS A 27 -1.49 -3.34 14.02
N ARG A 28 -2.01 -2.13 13.91
CA ARG A 28 -1.33 -0.97 14.45
C ARG A 28 -1.13 -1.12 15.96
N SER A 29 -0.41 -0.17 16.54
CA SER A 29 -0.14 -0.17 17.97
C SER A 29 -1.45 0.00 18.74
N GLY A 30 -2.07 -1.12 19.06
CA GLY A 30 -3.33 -1.10 19.80
C GLY A 30 -4.21 -2.29 19.41
N TYR A 31 -4.29 -2.52 18.10
CA TYR A 31 -5.10 -3.61 17.58
C TYR A 31 -4.88 -4.89 18.40
N ARG A 32 -5.98 -5.38 18.95
CA ARG A 32 -5.94 -6.59 19.76
C ARG A 32 -5.48 -7.78 18.90
N GLU A 33 -5.70 -7.65 17.60
CA GLU A 33 -5.32 -8.70 16.67
C GLU A 33 -5.58 -8.25 15.24
N TYR A 34 -4.76 -8.78 14.33
CA TYR A 34 -4.88 -8.44 12.92
C TYR A 34 -6.36 -8.45 12.48
N GLU A 35 -6.76 -7.35 11.87
CA GLU A 35 -8.13 -7.22 11.40
C GLU A 35 -8.19 -7.41 9.88
N HIS A 36 -9.32 -7.92 9.42
CA HIS A 36 -9.51 -8.15 8.00
C HIS A 36 -10.29 -6.98 7.39
N TYR A 37 -9.55 -6.13 6.68
CA TYR A 37 -10.15 -4.97 6.05
C TYR A 37 -9.73 -4.87 4.58
N TRP A 38 -10.63 -4.34 3.77
CA TRP A 38 -10.37 -4.19 2.36
C TRP A 38 -9.36 -3.04 2.18
N THR A 39 -8.09 -3.41 2.18
CA THR A 39 -7.03 -2.44 2.02
C THR A 39 -6.77 -2.16 0.54
N GLU A 40 -6.60 -0.88 0.24
CA GLU A 40 -6.34 -0.47 -1.13
C GLU A 40 -5.18 0.52 -1.18
N LEU A 41 -4.28 0.28 -2.12
CA LEU A 41 -3.12 1.13 -2.29
C LEU A 41 -3.45 2.24 -3.29
N ARG A 42 -3.44 3.47 -2.80
CA ARG A 42 -3.73 4.62 -3.63
C ARG A 42 -2.71 5.74 -3.39
N GLY A 43 -2.11 6.20 -4.47
CA GLY A 43 -1.12 7.26 -4.39
C GLY A 43 0.02 6.87 -3.44
N THR A 44 -0.02 7.46 -2.24
CA THR A 44 0.99 7.18 -1.24
C THR A 44 0.35 7.05 0.14
N THR A 45 -0.97 6.89 0.13
CA THR A 45 -1.71 6.75 1.38
C THR A 45 -2.52 5.44 1.36
N LEU A 46 -2.30 4.64 2.40
CA LEU A 46 -3.00 3.38 2.51
C LEU A 46 -4.44 3.63 2.98
N PHE A 47 -5.37 3.11 2.20
CA PHE A 47 -6.78 3.27 2.52
C PHE A 47 -7.42 1.92 2.87
N PHE A 48 -7.94 1.85 4.09
CA PHE A 48 -8.59 0.64 4.56
C PHE A 48 -10.11 0.76 4.48
N TYR A 49 -10.73 -0.32 4.02
CA TYR A 49 -12.19 -0.34 3.89
C TYR A 49 -12.76 -1.61 4.53
N THR A 50 -14.08 -1.59 4.70
CA THR A 50 -14.76 -2.72 5.30
C THR A 50 -15.36 -3.62 4.20
N ASP A 51 -15.74 -2.99 3.11
CA ASP A 51 -16.32 -3.71 1.99
C ASP A 51 -16.18 -2.87 0.72
N LYS A 52 -16.59 -3.46 -0.40
CA LYS A 52 -16.51 -2.78 -1.68
C LYS A 52 -17.71 -1.83 -1.81
N LYS A 53 -18.74 -2.12 -1.04
CA LYS A 53 -19.94 -1.30 -1.05
C LYS A 53 -19.69 -0.01 -0.28
N SER A 54 -18.66 -0.05 0.56
CA SER A 54 -18.31 1.10 1.36
C SER A 54 -17.61 2.15 0.50
N ILE A 55 -18.00 3.40 0.70
CA ILE A 55 -17.43 4.50 -0.06
C ILE A 55 -16.30 5.14 0.76
N ILE A 56 -16.61 5.39 2.03
CA ILE A 56 -15.64 5.99 2.92
C ILE A 56 -14.80 4.90 3.58
N TYR A 57 -13.50 5.13 3.60
CA TYR A 57 -12.58 4.17 4.18
C TYR A 57 -12.66 4.20 5.71
N VAL A 58 -12.79 3.02 6.30
CA VAL A 58 -12.88 2.89 7.74
C VAL A 58 -11.70 3.63 8.38
N ASP A 59 -10.55 3.51 7.73
CA ASP A 59 -9.34 4.15 8.22
C ASP A 59 -8.30 4.18 7.11
N LYS A 60 -7.36 5.11 7.24
CA LYS A 60 -6.30 5.26 6.25
C LYS A 60 -4.97 5.47 6.98
N LEU A 61 -3.90 5.31 6.22
CA LEU A 61 -2.56 5.48 6.77
C LEU A 61 -1.71 6.27 5.79
N ASP A 62 -0.47 6.52 6.19
CA ASP A 62 0.46 7.27 5.35
C ASP A 62 1.85 6.66 5.47
N ILE A 63 2.49 6.47 4.32
CA ILE A 63 3.82 5.90 4.28
C ILE A 63 4.69 6.72 3.33
N VAL A 64 4.20 7.91 2.99
CA VAL A 64 4.92 8.79 2.10
C VAL A 64 6.26 9.17 2.74
N ASP A 65 6.26 9.22 4.06
CA ASP A 65 7.46 9.57 4.79
C ASP A 65 8.07 8.29 5.39
N LEU A 66 7.57 7.16 4.92
CA LEU A 66 8.06 5.88 5.39
C LEU A 66 9.58 5.93 5.50
N THR A 67 10.06 5.56 6.69
CA THR A 67 11.50 5.56 6.94
C THR A 67 12.15 4.33 6.29
N CYS A 68 11.49 3.19 6.45
CA CYS A 68 12.00 1.95 5.90
C CYS A 68 11.01 0.83 6.23
N LEU A 69 11.36 -0.37 5.81
CA LEU A 69 10.51 -1.52 6.06
C LEU A 69 11.38 -2.70 6.52
N THR A 70 11.03 -3.24 7.67
CA THR A 70 11.77 -4.37 8.22
C THR A 70 11.05 -5.68 7.92
N GLU A 71 11.50 -6.74 8.58
CA GLU A 71 10.92 -8.05 8.38
C GLU A 71 10.57 -8.68 9.73
N GLN A 72 9.72 -9.70 9.67
CA GLN A 72 9.31 -10.40 10.88
C GLN A 72 9.67 -11.88 10.79
N ASN A 73 10.30 -12.37 11.85
CA ASN A 73 10.71 -13.76 11.91
C ASN A 73 9.49 -14.66 11.67
N SER A 74 9.74 -15.79 11.05
CA SER A 74 8.68 -16.74 10.76
C SER A 74 9.18 -18.17 10.98
N THR A 75 10.19 -18.54 10.22
CA THR A 75 10.77 -19.87 10.32
C THR A 75 9.73 -20.93 9.94
N GLU A 76 10.08 -21.72 8.94
CA GLU A 76 9.18 -22.77 8.47
C GLU A 76 8.00 -22.17 7.72
N LYS A 77 7.27 -21.31 8.43
CA LYS A 77 6.10 -20.67 7.84
C LYS A 77 6.54 -19.84 6.64
N ASN A 78 5.91 -20.13 5.51
CA ASN A 78 6.22 -19.42 4.27
C ASN A 78 5.22 -18.28 4.08
N CYS A 79 5.56 -17.13 4.64
CA CYS A 79 4.71 -15.96 4.54
C CYS A 79 5.59 -14.72 4.56
N ALA A 80 4.95 -13.56 4.47
CA ALA A 80 5.67 -12.30 4.49
C ALA A 80 5.11 -11.42 5.60
N LYS A 81 5.99 -11.04 6.51
CA LYS A 81 5.61 -10.20 7.63
C LYS A 81 6.64 -9.09 7.81
N PHE A 82 6.18 -7.86 7.60
CA PHE A 82 7.04 -6.70 7.73
C PHE A 82 6.31 -5.53 8.40
N THR A 83 7.09 -4.69 9.05
CA THR A 83 6.52 -3.54 9.73
C THR A 83 6.89 -2.24 9.00
N LEU A 84 5.96 -1.30 9.03
CA LEU A 84 6.17 -0.02 8.38
C LEU A 84 6.77 0.97 9.37
N VAL A 85 8.00 1.39 9.07
CA VAL A 85 8.69 2.33 9.93
C VAL A 85 8.42 3.75 9.45
N LEU A 86 7.86 4.56 10.34
CA LEU A 86 7.55 5.94 10.02
C LEU A 86 8.22 6.87 11.03
N PRO A 87 8.41 8.14 10.61
CA PRO A 87 9.04 9.13 11.47
C PRO A 87 8.08 9.61 12.56
N LYS A 88 6.88 9.04 12.53
CA LYS A 88 5.85 9.39 13.50
C LYS A 88 5.55 8.18 14.37
N GLU A 89 5.18 7.09 13.71
CA GLU A 89 4.85 5.86 14.41
C GLU A 89 4.94 4.67 13.45
N GLU A 90 5.30 3.52 14.01
CA GLU A 90 5.42 2.30 13.23
C GLU A 90 4.07 1.57 13.17
N VAL A 91 3.90 0.79 12.12
CA VAL A 91 2.68 0.03 11.94
C VAL A 91 3.02 -1.39 11.50
N GLN A 92 2.09 -2.30 11.76
CA GLN A 92 2.29 -3.70 11.40
C GLN A 92 1.49 -4.03 10.13
N LEU A 93 2.09 -4.87 9.30
CA LEU A 93 1.45 -5.28 8.06
C LEU A 93 1.56 -6.80 7.91
N LYS A 94 0.41 -7.42 7.67
CA LYS A 94 0.37 -8.86 7.51
C LYS A 94 -0.63 -9.22 6.39
N THR A 95 -0.28 -10.23 5.62
CA THR A 95 -1.13 -10.67 4.53
C THR A 95 -1.55 -12.12 4.73
N GLU A 96 -1.95 -12.76 3.64
CA GLU A 96 -2.39 -14.14 3.69
C GLU A 96 -1.23 -15.07 3.32
N ASN A 97 -0.83 -14.99 2.06
CA ASN A 97 0.26 -15.82 1.56
C ASN A 97 1.48 -14.96 1.32
N THR A 98 2.60 -15.61 1.06
CA THR A 98 3.85 -14.91 0.81
C THR A 98 3.72 -14.06 -0.46
N GLU A 99 3.07 -14.64 -1.46
CA GLU A 99 2.88 -13.95 -2.72
C GLU A 99 2.37 -12.52 -2.48
N SER A 100 1.19 -12.44 -1.86
CA SER A 100 0.59 -11.16 -1.56
C SER A 100 1.54 -10.31 -0.73
N GLY A 101 2.46 -10.99 -0.06
CA GLY A 101 3.43 -10.30 0.77
C GLY A 101 4.43 -9.51 -0.08
N GLU A 102 5.17 -10.24 -0.89
CA GLU A 102 6.15 -9.63 -1.76
C GLU A 102 5.51 -8.52 -2.60
N GLU A 103 4.21 -8.67 -2.81
CA GLU A 103 3.46 -7.70 -3.59
C GLU A 103 3.46 -6.33 -2.88
N TRP A 104 2.75 -6.29 -1.76
CA TRP A 104 2.67 -5.07 -0.99
C TRP A 104 4.09 -4.58 -0.71
N ARG A 105 4.87 -5.46 -0.08
CA ARG A 105 6.24 -5.13 0.25
C ARG A 105 6.91 -4.38 -0.91
N GLY A 106 6.63 -4.86 -2.11
CA GLY A 106 7.18 -4.23 -3.31
C GLY A 106 6.41 -2.98 -3.69
N PHE A 107 5.11 -3.17 -3.90
CA PHE A 107 4.24 -2.06 -4.26
C PHE A 107 4.51 -0.83 -3.38
N ILE A 108 4.67 -1.10 -2.09
CA ILE A 108 4.92 -0.04 -1.13
C ILE A 108 6.31 0.55 -1.40
N LEU A 109 7.31 -0.31 -1.31
CA LEU A 109 8.69 0.10 -1.53
C LEU A 109 8.75 0.99 -2.77
N THR A 110 7.79 0.78 -3.66
CA THR A 110 7.73 1.56 -4.89
C THR A 110 7.13 2.93 -4.62
N VAL A 111 6.07 2.93 -3.80
CA VAL A 111 5.40 4.17 -3.46
C VAL A 111 6.01 4.74 -2.19
N THR A 112 7.30 4.47 -2.00
CA THR A 112 8.01 4.95 -0.84
C THR A 112 9.48 5.20 -1.18
N GLU A 113 10.06 4.23 -1.88
CA GLU A 113 11.46 4.33 -2.26
C GLU A 113 11.59 5.06 -3.60
N LEU A 114 10.43 5.32 -4.21
CA LEU A 114 10.40 6.00 -5.49
C LEU A 114 11.22 5.21 -6.51
N SER A 115 11.35 3.92 -6.24
CA SER A 115 12.10 3.04 -7.12
C SER A 115 11.37 1.70 -7.27
N VAL A 116 12.06 0.75 -7.88
CA VAL A 116 11.49 -0.57 -8.08
C VAL A 116 12.47 -1.63 -7.56
N PRO A 117 11.99 -2.43 -6.58
CA PRO A 117 12.81 -3.48 -6.00
C PRO A 117 12.94 -4.67 -6.94
N GLN A 118 14.18 -4.99 -7.27
CA GLN A 118 14.45 -6.10 -8.16
C GLN A 118 14.67 -7.39 -7.36
N ASN A 119 14.81 -7.22 -6.05
CA ASN A 119 15.01 -8.35 -5.17
C ASN A 119 13.66 -8.83 -4.63
N VAL A 120 12.84 -9.31 -5.54
CA VAL A 120 11.52 -9.80 -5.17
C VAL A 120 11.28 -11.15 -5.83
N SER A 121 10.24 -11.83 -5.36
CA SER A 121 9.90 -13.14 -5.90
C SER A 121 8.81 -13.00 -6.96
N LEU A 122 8.31 -11.77 -7.10
CA LEU A 122 7.28 -11.49 -8.08
C LEU A 122 7.76 -11.94 -9.47
N LEU A 123 6.91 -11.70 -10.46
CA LEU A 123 7.23 -12.07 -11.82
C LEU A 123 7.49 -10.80 -12.64
N PRO A 124 7.72 -11.02 -13.96
CA PRO A 124 7.98 -9.91 -14.87
C PRO A 124 6.70 -9.14 -15.18
N GLY A 125 5.57 -9.77 -14.86
CA GLY A 125 4.27 -9.17 -15.11
C GLY A 125 3.81 -8.37 -13.89
N GLN A 126 4.28 -8.79 -12.73
CA GLN A 126 3.91 -8.14 -11.48
C GLN A 126 4.85 -6.95 -11.21
N VAL A 127 6.10 -7.12 -11.61
CA VAL A 127 7.10 -6.07 -11.42
C VAL A 127 6.66 -4.83 -12.20
N ILE A 128 6.00 -5.06 -13.32
CA ILE A 128 5.53 -3.96 -14.15
C ILE A 128 4.79 -2.96 -13.28
N LYS A 129 3.86 -3.47 -12.47
CA LYS A 129 3.08 -2.63 -11.58
C LYS A 129 4.01 -1.65 -10.86
N LEU A 130 4.99 -2.21 -10.18
CA LEU A 130 5.95 -1.41 -9.44
C LEU A 130 6.45 -0.28 -10.34
N HIS A 131 6.77 -0.64 -11.57
CA HIS A 131 7.26 0.33 -12.53
C HIS A 131 6.18 1.38 -12.81
N GLU A 132 5.02 0.89 -13.20
CA GLU A 132 3.90 1.77 -13.49
C GLU A 132 3.56 2.62 -12.27
N VAL A 133 3.21 1.94 -11.19
CA VAL A 133 2.87 2.62 -9.94
C VAL A 133 3.87 3.75 -9.70
N LEU A 134 5.14 3.43 -9.87
CA LEU A 134 6.20 4.40 -9.66
C LEU A 134 5.93 5.63 -10.54
N GLU A 135 6.10 5.43 -11.84
CA GLU A 135 5.89 6.51 -12.79
C GLU A 135 4.57 7.23 -12.49
N ARG A 136 3.61 6.45 -11.99
CA ARG A 136 2.30 7.00 -11.66
C ARG A 136 2.44 8.05 -10.55
N GLU A 137 3.23 7.72 -9.55
CA GLU A 137 3.45 8.62 -8.43
C GLU A 137 4.48 9.69 -8.81
N LYS A 138 5.38 9.31 -9.71
CA LYS A 138 6.41 10.22 -10.16
C LYS A 138 5.78 11.55 -10.58
N LYS A 139 4.65 11.43 -11.27
CA LYS A 139 3.94 12.60 -11.74
C LYS A 139 3.62 13.51 -10.56
N ARG A 140 2.77 13.00 -9.67
CA ARG A 140 2.37 13.75 -8.50
C ARG A 140 3.57 14.49 -7.91
N ARG A 141 4.66 13.75 -7.72
CA ARG A 141 5.87 14.32 -7.17
C ARG A 141 6.17 15.67 -7.82
N ILE A 142 6.02 15.70 -9.15
CA ILE A 142 6.27 16.91 -9.91
C ILE A 142 5.62 18.09 -9.18
N GLU A 143 4.32 18.23 -9.39
CA GLU A 143 3.57 19.31 -8.76
C GLU A 143 4.06 19.54 -7.32
N SER A 144 4.03 18.48 -6.55
CA SER A 144 4.46 18.54 -5.16
C SER A 144 3.47 19.37 -4.34
N GLY A 145 3.33 20.63 -4.74
CA GLY A 145 2.42 21.52 -4.05
C GLY A 145 3.16 22.35 -2.99
N PRO A 146 2.37 22.85 -2.00
CA PRO A 146 2.94 23.64 -0.93
C PRO A 146 3.68 22.77 0.07
N SER A 147 4.99 22.94 0.11
CA SER A 147 5.84 22.17 1.01
C SER A 147 5.61 20.68 0.78
N SER A 148 6.46 19.89 1.42
CA SER A 148 6.37 18.43 1.30
C SER A 148 7.52 17.77 2.05
N GLY A 149 7.19 16.70 2.75
CA GLY A 149 8.18 15.97 3.52
C GLY A 149 8.60 16.76 4.75
N GLY A 1 -22.02 -11.74 4.41
CA GLY A 1 -21.86 -12.47 3.17
C GLY A 1 -20.93 -11.72 2.21
N SER A 2 -20.09 -12.49 1.53
CA SER A 2 -19.15 -11.92 0.59
C SER A 2 -19.23 -12.66 -0.75
N SER A 3 -20.16 -12.24 -1.58
CA SER A 3 -20.34 -12.86 -2.88
C SER A 3 -21.46 -12.16 -3.64
N GLY A 4 -21.06 -11.32 -4.60
CA GLY A 4 -22.01 -10.58 -5.40
C GLY A 4 -21.31 -9.72 -6.44
N SER A 5 -22.08 -9.21 -7.38
CA SER A 5 -21.55 -8.37 -8.43
C SER A 5 -21.28 -6.96 -7.89
N SER A 6 -20.40 -6.25 -8.58
CA SER A 6 -20.05 -4.90 -8.19
C SER A 6 -21.17 -3.93 -8.55
N GLY A 7 -21.53 -3.94 -9.82
CA GLY A 7 -22.59 -3.08 -10.33
C GLY A 7 -22.00 -1.86 -11.04
N GLN A 8 -22.03 -0.73 -10.34
CA GLN A 8 -21.51 0.51 -10.90
C GLN A 8 -20.48 1.12 -9.94
N GLU A 9 -19.86 2.21 -10.40
CA GLU A 9 -18.86 2.89 -9.61
C GLU A 9 -18.96 4.40 -9.83
N ARG A 10 -18.93 5.13 -8.73
CA ARG A 10 -19.01 6.59 -8.78
C ARG A 10 -17.74 7.21 -8.22
N LEU A 11 -16.76 7.39 -9.10
CA LEU A 11 -15.49 7.97 -8.69
C LEU A 11 -15.71 9.45 -8.34
N LYS A 12 -14.61 10.09 -7.97
CA LYS A 12 -14.67 11.50 -7.60
C LYS A 12 -13.55 12.25 -8.33
N ILE A 13 -13.92 13.40 -8.89
CA ILE A 13 -12.97 14.22 -9.61
C ILE A 13 -11.64 14.23 -8.86
N THR A 14 -10.57 14.06 -9.62
CA THR A 14 -9.23 14.05 -9.05
C THR A 14 -9.12 12.93 -8.00
N ALA A 15 -9.22 11.70 -8.48
CA ALA A 15 -9.14 10.55 -7.60
C ALA A 15 -7.70 10.01 -7.62
N LEU A 16 -7.27 9.51 -6.47
CA LEU A 16 -5.93 8.96 -6.35
C LEU A 16 -5.80 7.75 -7.28
N PRO A 17 -4.56 7.60 -7.84
CA PRO A 17 -4.28 6.50 -8.75
C PRO A 17 -4.15 5.18 -7.98
N LEU A 18 -5.05 4.25 -8.30
CA LEU A 18 -5.04 2.96 -7.65
C LEU A 18 -3.86 2.13 -8.18
N TYR A 19 -3.25 1.37 -7.28
CA TYR A 19 -2.11 0.54 -7.65
C TYR A 19 -2.38 -0.92 -7.31
N PHE A 20 -2.77 -1.15 -6.06
CA PHE A 20 -3.06 -2.49 -5.59
C PHE A 20 -4.22 -2.50 -4.60
N GLU A 21 -4.84 -3.66 -4.45
CA GLU A 21 -5.95 -3.81 -3.54
C GLU A 21 -6.19 -5.28 -3.22
N GLY A 22 -6.13 -5.59 -1.92
CA GLY A 22 -6.32 -6.96 -1.47
C GLY A 22 -6.42 -7.01 0.06
N PHE A 23 -7.39 -7.79 0.53
CA PHE A 23 -7.61 -7.94 1.95
C PHE A 23 -6.27 -8.01 2.70
N LEU A 24 -5.89 -6.88 3.29
CA LEU A 24 -4.65 -6.81 4.03
C LEU A 24 -4.95 -6.76 5.54
N LEU A 25 -3.99 -7.22 6.32
CA LEU A 25 -4.14 -7.23 7.76
C LEU A 25 -3.38 -6.05 8.36
N ILE A 26 -4.10 -5.28 9.17
CA ILE A 26 -3.51 -4.12 9.81
C ILE A 26 -3.48 -4.34 11.33
N LYS A 27 -2.31 -4.11 11.90
CA LYS A 27 -2.15 -4.27 13.34
C LYS A 27 -1.42 -3.06 13.91
N ARG A 28 -2.16 -1.96 14.03
CA ARG A 28 -1.59 -0.74 14.56
C ARG A 28 -0.94 -0.98 15.92
N SER A 29 -0.58 0.11 16.58
CA SER A 29 0.05 0.02 17.89
C SER A 29 -0.95 -0.52 18.92
N GLY A 30 -2.18 -0.04 18.79
CA GLY A 30 -3.23 -0.46 19.71
C GLY A 30 -4.28 -1.31 18.98
N TYR A 31 -3.88 -2.52 18.62
CA TYR A 31 -4.78 -3.42 17.93
C TYR A 31 -4.80 -4.80 18.60
N ARG A 32 -5.93 -5.08 19.23
CA ARG A 32 -6.10 -6.36 19.91
C ARG A 32 -5.48 -7.49 19.09
N GLU A 33 -5.49 -7.29 17.78
CA GLU A 33 -4.93 -8.28 16.87
C GLU A 33 -5.16 -7.86 15.42
N TYR A 34 -4.45 -8.52 14.52
CA TYR A 34 -4.57 -8.24 13.11
C TYR A 34 -6.03 -8.26 12.66
N GLU A 35 -6.47 -7.12 12.14
CA GLU A 35 -7.85 -7.00 11.68
C GLU A 35 -7.90 -7.09 10.15
N HIS A 36 -8.82 -7.91 9.67
CA HIS A 36 -8.99 -8.10 8.24
C HIS A 36 -9.82 -6.95 7.66
N TYR A 37 -9.14 -6.09 6.93
CA TYR A 37 -9.81 -4.95 6.31
C TYR A 37 -9.41 -4.81 4.84
N TRP A 38 -10.41 -4.46 4.03
CA TRP A 38 -10.17 -4.30 2.60
C TRP A 38 -9.27 -3.08 2.41
N THR A 39 -7.97 -3.34 2.40
CA THR A 39 -6.99 -2.28 2.23
C THR A 39 -6.80 -1.97 0.74
N GLU A 40 -6.75 -0.69 0.44
CA GLU A 40 -6.57 -0.25 -0.93
C GLU A 40 -5.35 0.66 -1.04
N LEU A 41 -4.45 0.30 -1.94
CA LEU A 41 -3.24 1.07 -2.16
C LEU A 41 -3.48 2.10 -3.26
N ARG A 42 -3.40 3.37 -2.86
CA ARG A 42 -3.60 4.46 -3.80
C ARG A 42 -2.56 5.55 -3.59
N GLY A 43 -1.89 5.90 -4.68
CA GLY A 43 -0.86 6.92 -4.62
C GLY A 43 0.12 6.67 -3.48
N THR A 44 -0.20 7.27 -2.34
CA THR A 44 0.64 7.11 -1.17
C THR A 44 -0.22 7.17 0.11
N THR A 45 -1.33 6.47 0.07
CA THR A 45 -2.24 6.43 1.21
C THR A 45 -2.91 5.06 1.32
N LEU A 46 -2.62 4.39 2.43
CA LEU A 46 -3.19 3.08 2.67
C LEU A 46 -4.64 3.23 3.15
N PHE A 47 -5.55 3.02 2.22
CA PHE A 47 -6.97 3.13 2.53
C PHE A 47 -7.53 1.80 3.03
N PHE A 48 -8.06 1.83 4.24
CA PHE A 48 -8.63 0.64 4.83
C PHE A 48 -10.16 0.67 4.80
N TYR A 49 -10.74 -0.44 4.35
CA TYR A 49 -12.19 -0.54 4.26
C TYR A 49 -12.69 -1.80 4.94
N THR A 50 -13.97 -1.79 5.29
CA THR A 50 -14.59 -2.93 5.95
C THR A 50 -14.81 -4.06 4.95
N ASP A 51 -14.99 -3.67 3.69
CA ASP A 51 -15.22 -4.64 2.64
C ASP A 51 -15.06 -3.95 1.28
N LYS A 52 -16.02 -3.09 0.97
CA LYS A 52 -16.00 -2.37 -0.29
C LYS A 52 -17.11 -1.32 -0.28
N LYS A 53 -18.34 -1.80 -0.16
CA LYS A 53 -19.50 -0.91 -0.14
C LYS A 53 -19.17 0.33 0.69
N SER A 54 -18.31 0.13 1.69
CA SER A 54 -17.91 1.21 2.56
C SER A 54 -17.37 2.37 1.72
N ILE A 55 -18.03 3.52 1.87
CA ILE A 55 -17.61 4.71 1.13
C ILE A 55 -16.52 5.43 1.90
N ILE A 56 -16.81 5.74 3.16
CA ILE A 56 -15.86 6.42 4.02
C ILE A 56 -14.95 5.38 4.67
N TYR A 57 -13.78 5.21 4.07
CA TYR A 57 -12.80 4.27 4.59
C TYR A 57 -12.80 4.27 6.12
N VAL A 58 -12.74 3.07 6.68
CA VAL A 58 -12.73 2.92 8.12
C VAL A 58 -11.53 3.67 8.70
N ASP A 59 -10.45 3.64 7.95
CA ASP A 59 -9.22 4.32 8.38
C ASP A 59 -8.22 4.33 7.23
N LYS A 60 -7.34 5.32 7.25
CA LYS A 60 -6.33 5.46 6.22
C LYS A 60 -4.98 5.74 6.86
N LEU A 61 -3.93 5.55 6.08
CA LEU A 61 -2.58 5.77 6.57
C LEU A 61 -1.71 6.30 5.42
N ASP A 62 -0.47 6.63 5.76
CA ASP A 62 0.46 7.14 4.77
C ASP A 62 1.85 6.58 5.07
N ILE A 63 2.63 6.41 4.00
CA ILE A 63 3.98 5.89 4.12
C ILE A 63 4.95 6.81 3.37
N VAL A 64 4.47 8.02 3.10
CA VAL A 64 5.28 8.99 2.39
C VAL A 64 6.52 9.33 3.23
N ASP A 65 6.33 9.28 4.54
CA ASP A 65 7.41 9.58 5.47
C ASP A 65 8.02 8.27 5.97
N LEU A 66 7.64 7.20 5.31
CA LEU A 66 8.16 5.88 5.67
C LEU A 66 9.65 5.99 5.99
N THR A 67 10.02 5.43 7.14
CA THR A 67 11.40 5.46 7.56
C THR A 67 12.16 4.26 6.99
N CYS A 68 11.44 3.17 6.81
CA CYS A 68 12.02 1.95 6.27
C CYS A 68 11.03 0.81 6.49
N LEU A 69 11.44 -0.38 6.06
CA LEU A 69 10.60 -1.56 6.20
C LEU A 69 11.42 -2.68 6.84
N THR A 70 10.74 -3.46 7.67
CA THR A 70 11.40 -4.57 8.35
C THR A 70 10.81 -5.90 7.87
N GLU A 71 11.54 -6.98 8.18
CA GLU A 71 11.11 -8.30 7.79
C GLU A 71 11.12 -9.24 8.99
N GLN A 72 10.25 -10.24 8.94
CA GLN A 72 10.16 -11.21 10.02
C GLN A 72 10.43 -12.62 9.50
N ASN A 73 11.49 -13.22 10.03
CA ASN A 73 11.87 -14.55 9.62
C ASN A 73 10.89 -15.57 10.20
N SER A 74 10.38 -16.42 9.32
CA SER A 74 9.42 -17.43 9.73
C SER A 74 10.16 -18.72 10.11
N THR A 75 9.45 -19.57 10.85
CA THR A 75 10.02 -20.84 11.29
C THR A 75 9.59 -21.97 10.35
N GLU A 76 8.58 -21.67 9.54
CA GLU A 76 8.07 -22.65 8.60
C GLU A 76 7.59 -21.96 7.32
N LYS A 77 7.50 -22.75 6.25
CA LYS A 77 7.06 -22.23 4.97
C LYS A 77 7.67 -20.83 4.76
N ASN A 78 6.96 -20.03 3.98
CA ASN A 78 7.42 -18.68 3.69
C ASN A 78 6.23 -17.72 3.76
N CYS A 79 6.38 -16.71 4.59
CA CYS A 79 5.32 -15.72 4.77
C CYS A 79 5.96 -14.33 4.70
N ALA A 80 5.11 -13.34 4.51
CA ALA A 80 5.58 -11.96 4.43
C ALA A 80 5.09 -11.18 5.66
N LYS A 81 6.05 -10.78 6.48
CA LYS A 81 5.73 -10.03 7.68
C LYS A 81 6.72 -8.87 7.83
N PHE A 82 6.18 -7.66 7.72
CA PHE A 82 7.00 -6.47 7.84
C PHE A 82 6.25 -5.36 8.59
N THR A 83 7.04 -4.45 9.15
CA THR A 83 6.46 -3.35 9.90
C THR A 83 6.80 -2.01 9.23
N LEU A 84 5.81 -1.14 9.19
CA LEU A 84 6.00 0.17 8.58
C LEU A 84 6.55 1.14 9.62
N VAL A 85 7.81 1.50 9.43
CA VAL A 85 8.47 2.41 10.35
C VAL A 85 8.18 3.85 9.93
N LEU A 86 7.57 4.59 10.85
CA LEU A 86 7.22 5.97 10.59
C LEU A 86 7.81 6.86 11.69
N PRO A 87 7.99 8.16 11.34
CA PRO A 87 8.55 9.11 12.28
C PRO A 87 7.51 9.51 13.33
N LYS A 88 6.33 8.92 13.20
CA LYS A 88 5.25 9.21 14.14
C LYS A 88 4.95 7.96 14.96
N GLU A 89 4.63 6.88 14.25
CA GLU A 89 4.31 5.62 14.90
C GLU A 89 4.53 4.46 13.93
N GLU A 90 4.89 3.32 14.50
CA GLU A 90 5.12 2.12 13.70
C GLU A 90 3.83 1.33 13.53
N VAL A 91 3.61 0.88 12.30
CA VAL A 91 2.41 0.11 11.99
C VAL A 91 2.82 -1.29 11.53
N GLN A 92 2.07 -2.28 11.99
CA GLN A 92 2.35 -3.66 11.65
C GLN A 92 1.39 -4.13 10.55
N LEU A 93 1.93 -4.86 9.60
CA LEU A 93 1.13 -5.38 8.49
C LEU A 93 1.33 -6.89 8.39
N LYS A 94 0.39 -7.53 7.71
CA LYS A 94 0.45 -8.96 7.53
C LYS A 94 -0.27 -9.34 6.23
N THR A 95 0.37 -10.22 5.47
CA THR A 95 -0.20 -10.67 4.21
C THR A 95 -0.43 -12.19 4.23
N GLU A 96 0.50 -12.88 4.89
CA GLU A 96 0.41 -14.32 4.99
C GLU A 96 0.86 -14.98 3.68
N ASN A 97 0.23 -14.54 2.60
CA ASN A 97 0.55 -15.08 1.29
C ASN A 97 1.79 -14.35 0.73
N THR A 98 2.73 -15.15 0.25
CA THR A 98 3.96 -14.60 -0.31
C THR A 98 3.64 -13.68 -1.49
N GLU A 99 2.81 -14.19 -2.38
CA GLU A 99 2.43 -13.44 -3.56
C GLU A 99 2.03 -12.01 -3.17
N SER A 100 0.91 -11.91 -2.47
CA SER A 100 0.42 -10.62 -2.02
C SER A 100 1.48 -9.91 -1.19
N GLY A 101 2.12 -10.68 -0.32
CA GLY A 101 3.17 -10.15 0.54
C GLY A 101 4.21 -9.38 -0.27
N GLU A 102 4.88 -10.11 -1.16
CA GLU A 102 5.90 -9.51 -2.00
C GLU A 102 5.31 -8.37 -2.81
N GLU A 103 4.04 -8.51 -3.14
CA GLU A 103 3.35 -7.48 -3.92
C GLU A 103 3.35 -6.15 -3.16
N TRP A 104 2.62 -6.13 -2.07
CA TRP A 104 2.53 -4.93 -1.25
C TRP A 104 3.95 -4.41 -1.01
N ARG A 105 4.72 -5.23 -0.29
CA ARG A 105 6.10 -4.87 0.01
C ARG A 105 6.76 -4.19 -1.19
N GLY A 106 6.38 -4.68 -2.37
CA GLY A 106 6.93 -4.13 -3.60
C GLY A 106 6.26 -2.80 -3.95
N PHE A 107 4.94 -2.85 -4.06
CA PHE A 107 4.18 -1.65 -4.39
C PHE A 107 4.52 -0.50 -3.44
N ILE A 108 4.70 -0.85 -2.17
CA ILE A 108 5.02 0.13 -1.16
C ILE A 108 6.45 0.63 -1.38
N LEU A 109 7.39 -0.32 -1.31
CA LEU A 109 8.80 0.01 -1.50
C LEU A 109 8.94 0.95 -2.70
N THR A 110 7.98 0.85 -3.60
CA THR A 110 7.99 1.68 -4.80
C THR A 110 7.47 3.09 -4.48
N VAL A 111 6.42 3.12 -3.67
CA VAL A 111 5.82 4.39 -3.29
C VAL A 111 6.48 4.87 -1.99
N THR A 112 7.73 4.49 -1.82
CA THR A 112 8.48 4.89 -0.64
C THR A 112 9.96 5.09 -0.99
N GLU A 113 10.48 4.15 -1.75
CA GLU A 113 11.88 4.21 -2.15
C GLU A 113 12.04 5.07 -3.41
N LEU A 114 10.90 5.33 -4.05
CA LEU A 114 10.90 6.15 -5.26
C LEU A 114 11.60 5.38 -6.39
N SER A 115 11.51 4.06 -6.31
CA SER A 115 12.14 3.21 -7.31
C SER A 115 11.42 1.86 -7.37
N VAL A 116 12.11 0.89 -7.92
CA VAL A 116 11.55 -0.46 -8.06
C VAL A 116 12.53 -1.47 -7.48
N PRO A 117 12.00 -2.31 -6.54
CA PRO A 117 12.82 -3.33 -5.91
C PRO A 117 13.08 -4.50 -6.86
N GLN A 118 14.35 -4.86 -6.97
CA GLN A 118 14.74 -5.95 -7.84
C GLN A 118 14.80 -7.26 -7.05
N ASN A 119 14.81 -7.12 -5.73
CA ASN A 119 14.86 -8.28 -4.86
C ASN A 119 13.44 -8.76 -4.56
N VAL A 120 12.74 -9.12 -5.63
CA VAL A 120 11.37 -9.60 -5.50
C VAL A 120 11.24 -10.93 -6.25
N SER A 121 10.37 -11.79 -5.71
CA SER A 121 10.14 -13.09 -6.31
C SER A 121 9.05 -12.98 -7.38
N LEU A 122 8.42 -11.81 -7.42
CA LEU A 122 7.37 -11.57 -8.39
C LEU A 122 7.87 -11.92 -9.80
N LEU A 123 7.00 -11.73 -10.77
CA LEU A 123 7.34 -12.03 -12.15
C LEU A 123 7.49 -10.72 -12.92
N PRO A 124 7.72 -10.86 -14.26
CA PRO A 124 7.90 -9.71 -15.11
C PRO A 124 6.55 -9.03 -15.39
N GLY A 125 5.49 -9.76 -15.11
CA GLY A 125 4.14 -9.24 -15.32
C GLY A 125 3.66 -8.46 -14.10
N GLN A 126 4.16 -8.86 -12.94
CA GLN A 126 3.80 -8.20 -11.70
C GLN A 126 4.70 -6.98 -11.45
N VAL A 127 5.97 -7.16 -11.76
CA VAL A 127 6.95 -6.10 -11.56
C VAL A 127 6.46 -4.84 -12.30
N ILE A 128 5.90 -5.07 -13.47
CA ILE A 128 5.40 -3.97 -14.28
C ILE A 128 4.65 -2.97 -13.38
N LYS A 129 3.77 -3.51 -12.56
CA LYS A 129 2.99 -2.69 -11.65
C LYS A 129 3.94 -1.81 -10.85
N LEU A 130 5.01 -2.42 -10.35
CA LEU A 130 5.99 -1.70 -9.56
C LEU A 130 6.60 -0.58 -10.41
N HIS A 131 6.74 -0.87 -11.70
CA HIS A 131 7.30 0.10 -12.63
C HIS A 131 6.26 1.17 -12.94
N GLU A 132 5.10 0.71 -13.38
CA GLU A 132 4.01 1.62 -13.72
C GLU A 132 3.62 2.45 -12.50
N VAL A 133 3.42 1.76 -11.39
CA VAL A 133 3.05 2.42 -10.15
C VAL A 133 4.05 3.54 -9.84
N LEU A 134 5.32 3.23 -10.07
CA LEU A 134 6.37 4.20 -9.83
C LEU A 134 6.14 5.44 -10.69
N GLU A 135 6.29 5.23 -12.00
CA GLU A 135 6.10 6.32 -12.95
C GLU A 135 4.76 7.02 -12.70
N ARG A 136 3.86 6.28 -12.07
CA ARG A 136 2.54 6.82 -11.76
C ARG A 136 2.63 7.86 -10.66
N GLU A 137 3.26 7.47 -9.56
CA GLU A 137 3.43 8.36 -8.43
C GLU A 137 4.44 9.46 -8.76
N LYS A 138 5.36 9.13 -9.65
CA LYS A 138 6.39 10.07 -10.07
C LYS A 138 5.73 11.35 -10.57
N LYS A 139 4.66 11.15 -11.34
CA LYS A 139 3.93 12.28 -11.89
C LYS A 139 3.61 13.27 -10.77
N ARG A 140 2.76 12.82 -9.85
CA ARG A 140 2.36 13.65 -8.73
C ARG A 140 3.58 14.35 -8.13
N ARG A 141 4.57 13.55 -7.77
CA ARG A 141 5.80 14.07 -7.18
C ARG A 141 6.19 15.38 -7.86
N ILE A 142 6.16 15.35 -9.19
CA ILE A 142 6.51 16.53 -9.97
C ILE A 142 5.86 17.77 -9.33
N GLU A 143 4.59 17.94 -9.63
CA GLU A 143 3.83 19.06 -9.12
C GLU A 143 4.24 19.34 -7.66
N SER A 144 4.02 18.34 -6.82
CA SER A 144 4.35 18.46 -5.41
C SER A 144 5.69 19.17 -5.25
N GLY A 145 6.72 18.58 -5.85
CA GLY A 145 8.06 19.14 -5.79
C GLY A 145 9.11 18.09 -6.13
N PRO A 146 10.40 18.54 -6.15
CA PRO A 146 11.49 17.65 -6.46
C PRO A 146 11.80 16.73 -5.28
N SER A 147 12.57 15.68 -5.57
CA SER A 147 12.93 14.71 -4.54
C SER A 147 14.44 14.75 -4.32
N SER A 148 14.83 14.53 -3.07
CA SER A 148 16.24 14.52 -2.72
C SER A 148 16.80 13.10 -2.79
N GLY A 149 16.18 12.22 -2.02
CA GLY A 149 16.61 10.83 -1.99
C GLY A 149 17.61 10.59 -0.86
N GLY A 1 19.34 -1.36 -24.57
CA GLY A 1 18.22 -2.28 -24.38
C GLY A 1 17.29 -2.26 -25.60
N SER A 2 16.45 -3.27 -25.67
CA SER A 2 15.50 -3.39 -26.77
C SER A 2 14.51 -4.53 -26.49
N SER A 3 13.30 -4.34 -26.99
CA SER A 3 12.26 -5.33 -26.81
C SER A 3 10.99 -4.91 -27.57
N GLY A 4 10.88 -5.38 -28.79
CA GLY A 4 9.73 -5.07 -29.62
C GLY A 4 8.42 -5.40 -28.91
N SER A 5 7.80 -4.37 -28.36
CA SER A 5 6.54 -4.54 -27.65
C SER A 5 5.65 -3.32 -27.88
N SER A 6 4.35 -3.54 -27.69
CA SER A 6 3.38 -2.48 -27.86
C SER A 6 2.35 -2.51 -26.74
N GLY A 7 1.87 -1.33 -26.38
CA GLY A 7 0.88 -1.21 -25.32
C GLY A 7 -0.19 -0.19 -25.68
N GLN A 8 -1.42 -0.69 -25.81
CA GLN A 8 -2.54 0.17 -26.16
C GLN A 8 -3.64 0.05 -25.10
N GLU A 9 -3.53 0.89 -24.08
CA GLU A 9 -4.50 0.89 -23.00
C GLU A 9 -4.67 2.30 -22.43
N ARG A 10 -5.90 2.62 -22.08
CA ARG A 10 -6.20 3.93 -21.52
C ARG A 10 -6.80 3.79 -20.12
N LEU A 11 -5.92 3.77 -19.14
CA LEU A 11 -6.34 3.64 -17.75
C LEU A 11 -7.29 4.78 -17.41
N LYS A 12 -8.13 4.53 -16.40
CA LYS A 12 -9.09 5.53 -15.96
C LYS A 12 -8.65 6.10 -14.62
N ILE A 13 -7.92 7.21 -14.69
CA ILE A 13 -7.44 7.86 -13.49
C ILE A 13 -8.50 8.83 -12.97
N THR A 14 -8.84 8.67 -11.70
CA THR A 14 -9.84 9.52 -11.08
C THR A 14 -9.57 9.64 -9.58
N ALA A 15 -9.31 10.87 -9.15
CA ALA A 15 -9.03 11.13 -7.75
C ALA A 15 -7.64 10.60 -7.40
N LEU A 16 -7.57 9.28 -7.28
CA LEU A 16 -6.31 8.63 -6.94
C LEU A 16 -6.14 7.39 -7.82
N PRO A 17 -4.92 7.28 -8.41
CA PRO A 17 -4.61 6.15 -9.27
C PRO A 17 -4.36 4.88 -8.44
N LEU A 18 -5.30 3.95 -8.56
CA LEU A 18 -5.20 2.69 -7.83
C LEU A 18 -3.99 1.90 -8.34
N TYR A 19 -3.25 1.35 -7.40
CA TYR A 19 -2.07 0.57 -7.75
C TYR A 19 -2.26 -0.90 -7.38
N PHE A 20 -3.10 -1.13 -6.39
CA PHE A 20 -3.38 -2.48 -5.94
C PHE A 20 -4.45 -2.48 -4.84
N GLU A 21 -5.23 -3.56 -4.81
CA GLU A 21 -6.27 -3.70 -3.82
C GLU A 21 -6.43 -5.16 -3.41
N GLY A 22 -6.42 -5.39 -2.11
CA GLY A 22 -6.56 -6.74 -1.58
C GLY A 22 -6.74 -6.71 -0.06
N PHE A 23 -7.48 -7.70 0.44
CA PHE A 23 -7.72 -7.80 1.87
C PHE A 23 -6.40 -7.91 2.64
N LEU A 24 -5.98 -6.78 3.19
CA LEU A 24 -4.75 -6.73 3.95
C LEU A 24 -5.08 -6.79 5.44
N LEU A 25 -4.16 -7.36 6.21
CA LEU A 25 -4.33 -7.47 7.64
C LEU A 25 -3.50 -6.41 8.34
N ILE A 26 -4.19 -5.56 9.10
CA ILE A 26 -3.52 -4.50 9.83
C ILE A 26 -3.57 -4.80 11.33
N LYS A 27 -2.45 -4.53 11.98
CA LYS A 27 -2.34 -4.76 13.41
C LYS A 27 -1.84 -3.50 14.11
N ARG A 28 -2.79 -2.66 14.50
CA ARG A 28 -2.46 -1.40 15.16
C ARG A 28 -2.04 -1.68 16.61
N SER A 29 -1.97 -0.60 17.38
CA SER A 29 -1.58 -0.71 18.78
C SER A 29 -2.76 -1.16 19.62
N GLY A 30 -3.89 -0.50 19.42
CA GLY A 30 -5.10 -0.82 20.14
C GLY A 30 -5.72 -2.13 19.63
N TYR A 31 -5.35 -2.48 18.41
CA TYR A 31 -5.86 -3.69 17.79
C TYR A 31 -5.43 -4.92 18.59
N ARG A 32 -6.43 -5.61 19.13
CA ARG A 32 -6.17 -6.81 19.91
C ARG A 32 -5.42 -7.84 19.07
N GLU A 33 -5.58 -7.71 17.75
CA GLU A 33 -4.91 -8.62 16.83
C GLU A 33 -5.21 -8.22 15.39
N TYR A 34 -4.38 -8.71 14.48
CA TYR A 34 -4.53 -8.41 13.07
C TYR A 34 -6.01 -8.36 12.69
N GLU A 35 -6.39 -7.27 12.03
CA GLU A 35 -7.77 -7.10 11.61
C GLU A 35 -7.87 -7.26 10.09
N HIS A 36 -9.01 -7.79 9.65
CA HIS A 36 -9.24 -8.00 8.23
C HIS A 36 -10.01 -6.81 7.66
N TYR A 37 -9.35 -6.11 6.75
CA TYR A 37 -9.96 -4.94 6.12
C TYR A 37 -9.57 -4.85 4.64
N TRP A 38 -10.51 -4.36 3.85
CA TRP A 38 -10.27 -4.22 2.42
C TRP A 38 -9.32 -3.04 2.22
N THR A 39 -8.04 -3.33 2.32
CA THR A 39 -7.02 -2.31 2.14
C THR A 39 -6.74 -2.07 0.66
N GLU A 40 -6.63 -0.80 0.31
CA GLU A 40 -6.37 -0.43 -1.07
C GLU A 40 -5.18 0.53 -1.15
N LEU A 41 -4.26 0.20 -2.05
CA LEU A 41 -3.07 1.02 -2.23
C LEU A 41 -3.35 2.08 -3.30
N ARG A 42 -3.29 3.33 -2.87
CA ARG A 42 -3.54 4.45 -3.78
C ARG A 42 -2.52 5.56 -3.53
N GLY A 43 -1.88 5.98 -4.61
CA GLY A 43 -0.88 7.02 -4.54
C GLY A 43 0.21 6.66 -3.52
N THR A 44 0.10 7.27 -2.35
CA THR A 44 1.06 7.02 -1.28
C THR A 44 0.35 6.94 0.07
N THR A 45 -0.97 6.81 0.01
CA THR A 45 -1.76 6.73 1.22
C THR A 45 -2.52 5.39 1.26
N LEU A 46 -2.39 4.72 2.39
CA LEU A 46 -3.06 3.43 2.57
C LEU A 46 -4.53 3.68 2.94
N PHE A 47 -5.40 3.20 2.06
CA PHE A 47 -6.83 3.35 2.27
C PHE A 47 -7.46 2.03 2.74
N PHE A 48 -8.06 2.10 3.92
CA PHE A 48 -8.69 0.92 4.49
C PHE A 48 -10.22 1.00 4.35
N TYR A 49 -10.82 -0.16 4.12
CA TYR A 49 -12.26 -0.23 3.97
C TYR A 49 -12.85 -1.38 4.78
N THR A 50 -14.06 -1.16 5.28
CA THR A 50 -14.73 -2.18 6.08
C THR A 50 -15.23 -3.31 5.18
N ASP A 51 -15.59 -2.94 3.96
CA ASP A 51 -16.08 -3.92 3.00
C ASP A 51 -16.34 -3.22 1.66
N LYS A 52 -16.47 -4.03 0.63
CA LYS A 52 -16.72 -3.51 -0.71
C LYS A 52 -17.88 -2.52 -0.66
N LYS A 53 -18.94 -2.94 0.02
CA LYS A 53 -20.12 -2.10 0.14
C LYS A 53 -19.70 -0.66 0.47
N SER A 54 -18.74 -0.57 1.38
CA SER A 54 -18.23 0.74 1.79
C SER A 54 -17.68 1.49 0.57
N ILE A 55 -18.07 2.76 0.49
CA ILE A 55 -17.64 3.61 -0.61
C ILE A 55 -16.66 4.66 -0.09
N ILE A 56 -16.93 5.11 1.13
CA ILE A 56 -16.09 6.11 1.75
C ILE A 56 -14.78 5.47 2.21
N TYR A 57 -14.66 5.29 3.51
CA TYR A 57 -13.47 4.69 4.09
C TYR A 57 -13.57 4.62 5.61
N VAL A 58 -12.97 3.58 6.16
CA VAL A 58 -12.98 3.40 7.60
C VAL A 58 -11.82 4.16 8.22
N ASP A 59 -10.72 4.21 7.49
CA ASP A 59 -9.53 4.91 7.96
C ASP A 59 -8.47 4.88 6.86
N LYS A 60 -7.33 5.50 7.16
CA LYS A 60 -6.24 5.55 6.22
C LYS A 60 -4.94 5.88 6.96
N LEU A 61 -3.83 5.71 6.26
CA LEU A 61 -2.52 5.98 6.84
C LEU A 61 -1.63 6.65 5.79
N ASP A 62 -0.43 6.98 6.21
CA ASP A 62 0.53 7.62 5.33
C ASP A 62 1.86 6.88 5.40
N ILE A 63 2.37 6.50 4.23
CA ILE A 63 3.63 5.78 4.16
C ILE A 63 4.56 6.51 3.19
N VAL A 64 4.27 7.79 2.98
CA VAL A 64 5.07 8.61 2.08
C VAL A 64 6.38 8.98 2.76
N ASP A 65 6.30 9.15 4.08
CA ASP A 65 7.47 9.51 4.86
C ASP A 65 8.09 8.24 5.45
N LEU A 66 7.67 7.11 4.91
CA LEU A 66 8.17 5.83 5.36
C LEU A 66 9.69 5.94 5.59
N THR A 67 10.10 5.52 6.78
CA THR A 67 11.50 5.57 7.14
C THR A 67 12.23 4.32 6.62
N CYS A 68 11.47 3.24 6.52
CA CYS A 68 12.02 1.99 6.04
C CYS A 68 11.02 0.88 6.35
N LEU A 69 11.42 -0.35 6.01
CA LEU A 69 10.57 -1.50 6.25
C LEU A 69 11.39 -2.61 6.90
N THR A 70 10.85 -3.16 7.98
CA THR A 70 11.53 -4.22 8.71
C THR A 70 10.88 -5.56 8.40
N GLU A 71 11.52 -6.62 8.87
CA GLU A 71 11.01 -7.97 8.65
C GLU A 71 10.94 -8.73 9.97
N GLN A 72 9.73 -9.13 10.32
CA GLN A 72 9.51 -9.87 11.55
C GLN A 72 9.72 -11.36 11.32
N ASN A 73 10.71 -11.91 12.01
CA ASN A 73 11.02 -13.32 11.88
C ASN A 73 10.19 -14.10 12.90
N SER A 74 9.85 -15.33 12.52
CA SER A 74 9.06 -16.19 13.39
C SER A 74 9.84 -17.47 13.70
N THR A 75 10.18 -18.19 12.64
CA THR A 75 10.92 -19.43 12.79
C THR A 75 12.02 -19.52 11.72
N GLU A 76 11.57 -19.63 10.47
CA GLU A 76 12.50 -19.73 9.36
C GLU A 76 11.75 -19.61 8.03
N LYS A 77 11.29 -18.40 7.75
CA LYS A 77 10.56 -18.14 6.52
C LYS A 77 9.26 -18.94 6.54
N ASN A 78 8.21 -18.31 6.02
CA ASN A 78 6.90 -18.95 5.97
C ASN A 78 5.90 -17.99 5.31
N CYS A 79 5.82 -16.79 5.88
CA CYS A 79 4.91 -15.78 5.36
C CYS A 79 5.64 -14.44 5.35
N ALA A 80 5.03 -13.47 4.68
CA ALA A 80 5.61 -12.14 4.59
C ALA A 80 5.13 -11.30 5.77
N LYS A 81 6.08 -10.91 6.60
CA LYS A 81 5.79 -10.10 7.77
C LYS A 81 6.78 -8.95 7.87
N PHE A 82 6.25 -7.74 7.79
CA PHE A 82 7.08 -6.55 7.87
C PHE A 82 6.34 -5.40 8.55
N THR A 83 7.11 -4.53 9.19
CA THR A 83 6.54 -3.40 9.88
C THR A 83 6.87 -2.10 9.14
N LEU A 84 5.92 -1.19 9.16
CA LEU A 84 6.10 0.10 8.49
C LEU A 84 6.69 1.11 9.49
N VAL A 85 7.92 1.50 9.21
CA VAL A 85 8.60 2.45 10.07
C VAL A 85 8.33 3.87 9.56
N LEU A 86 7.61 4.62 10.38
CA LEU A 86 7.28 5.99 10.02
C LEU A 86 7.85 6.93 11.08
N PRO A 87 8.07 8.21 10.65
CA PRO A 87 8.61 9.22 11.55
C PRO A 87 7.55 9.70 12.55
N LYS A 88 6.37 9.11 12.43
CA LYS A 88 5.28 9.46 13.31
C LYS A 88 4.94 8.27 14.22
N GLU A 89 4.61 7.16 13.57
CA GLU A 89 4.27 5.95 14.30
C GLU A 89 4.50 4.72 13.41
N GLU A 90 4.84 3.62 14.06
CA GLU A 90 5.09 2.37 13.36
C GLU A 90 3.82 1.54 13.28
N VAL A 91 3.68 0.83 12.16
CA VAL A 91 2.51 -0.01 11.95
C VAL A 91 2.97 -1.40 11.51
N GLN A 92 2.10 -2.37 11.75
CA GLN A 92 2.40 -3.75 11.38
C GLN A 92 1.54 -4.17 10.19
N LEU A 93 2.16 -4.94 9.31
CA LEU A 93 1.47 -5.43 8.11
C LEU A 93 1.72 -6.93 7.96
N LYS A 94 0.67 -7.63 7.57
CA LYS A 94 0.77 -9.07 7.38
C LYS A 94 -0.16 -9.50 6.24
N THR A 95 0.29 -10.47 5.48
CA THR A 95 -0.49 -10.98 4.36
C THR A 95 -0.79 -12.47 4.55
N GLU A 96 -1.65 -12.98 3.68
CA GLU A 96 -2.04 -14.38 3.74
C GLU A 96 -1.62 -15.10 2.46
N ASN A 97 -0.48 -14.69 1.93
CA ASN A 97 0.04 -15.28 0.72
C ASN A 97 1.42 -14.68 0.41
N THR A 98 2.40 -15.57 0.26
CA THR A 98 3.76 -15.13 -0.04
C THR A 98 3.75 -14.07 -1.14
N GLU A 99 2.89 -14.30 -2.13
CA GLU A 99 2.78 -13.37 -3.24
C GLU A 99 2.35 -11.99 -2.75
N SER A 100 1.17 -11.94 -2.14
CA SER A 100 0.65 -10.69 -1.62
C SER A 100 1.76 -9.92 -0.90
N GLY A 101 2.53 -10.66 -0.11
CA GLY A 101 3.62 -10.05 0.64
C GLY A 101 4.52 -9.23 -0.27
N GLU A 102 5.23 -9.93 -1.15
CA GLU A 102 6.13 -9.28 -2.08
C GLU A 102 5.39 -8.21 -2.88
N GLU A 103 4.10 -8.47 -3.10
CA GLU A 103 3.27 -7.55 -3.85
C GLU A 103 3.23 -6.19 -3.16
N TRP A 104 2.61 -6.17 -1.98
CA TRP A 104 2.50 -4.94 -1.21
C TRP A 104 3.91 -4.43 -0.94
N ARG A 105 4.68 -5.25 -0.24
CA ARG A 105 6.05 -4.88 0.10
C ARG A 105 6.71 -4.16 -1.08
N GLY A 106 6.63 -4.79 -2.24
CA GLY A 106 7.22 -4.22 -3.44
C GLY A 106 6.48 -2.94 -3.86
N PHE A 107 5.17 -3.06 -3.98
CA PHE A 107 4.35 -1.93 -4.37
C PHE A 107 4.64 -0.71 -3.48
N ILE A 108 4.78 -0.99 -2.20
CA ILE A 108 5.05 0.07 -1.23
C ILE A 108 6.44 0.66 -1.51
N LEU A 109 7.44 -0.21 -1.42
CA LEU A 109 8.81 0.21 -1.66
C LEU A 109 8.87 1.06 -2.92
N THR A 110 7.90 0.84 -3.80
CA THR A 110 7.82 1.58 -5.05
C THR A 110 7.20 2.96 -4.81
N VAL A 111 6.17 2.97 -3.97
CA VAL A 111 5.48 4.21 -3.66
C VAL A 111 6.11 4.84 -2.41
N THR A 112 7.38 4.56 -2.23
CA THR A 112 8.11 5.08 -1.08
C THR A 112 9.57 5.36 -1.46
N GLU A 113 10.16 4.40 -2.16
CA GLU A 113 11.55 4.54 -2.58
C GLU A 113 11.62 5.29 -3.90
N LEU A 114 10.48 5.39 -4.56
CA LEU A 114 10.41 6.08 -5.84
C LEU A 114 11.15 5.27 -6.90
N SER A 115 11.23 3.98 -6.66
CA SER A 115 11.91 3.08 -7.59
C SER A 115 11.18 1.73 -7.63
N VAL A 116 11.92 0.73 -8.10
CA VAL A 116 11.37 -0.62 -8.20
C VAL A 116 12.37 -1.62 -7.65
N PRO A 117 11.91 -2.41 -6.63
CA PRO A 117 12.77 -3.40 -6.01
C PRO A 117 12.92 -4.62 -6.91
N GLN A 118 14.19 -4.95 -7.20
CA GLN A 118 14.49 -6.09 -8.05
C GLN A 118 14.53 -7.37 -7.22
N ASN A 119 14.56 -7.19 -5.90
CA ASN A 119 14.60 -8.32 -5.00
C ASN A 119 13.18 -8.74 -4.64
N VAL A 120 12.44 -9.18 -5.65
CA VAL A 120 11.07 -9.62 -5.45
C VAL A 120 10.85 -10.95 -6.19
N SER A 121 10.12 -11.83 -5.53
CA SER A 121 9.83 -13.13 -6.10
C SER A 121 8.69 -13.01 -7.12
N LEU A 122 8.14 -11.81 -7.21
CA LEU A 122 7.06 -11.55 -8.14
C LEU A 122 7.47 -12.00 -9.54
N LEU A 123 6.55 -11.83 -10.47
CA LEU A 123 6.80 -12.21 -11.85
C LEU A 123 7.01 -10.95 -12.69
N PRO A 124 7.18 -11.17 -14.03
CA PRO A 124 7.39 -10.07 -14.95
C PRO A 124 6.08 -9.32 -15.21
N GLY A 125 4.98 -10.00 -14.95
CA GLY A 125 3.67 -9.41 -15.16
C GLY A 125 3.24 -8.60 -13.93
N GLN A 126 3.88 -8.90 -12.80
CA GLN A 126 3.58 -8.20 -11.57
C GLN A 126 4.57 -7.06 -11.35
N VAL A 127 5.83 -7.33 -11.64
CA VAL A 127 6.87 -6.33 -11.48
C VAL A 127 6.50 -5.08 -12.27
N ILE A 128 5.96 -5.30 -13.46
CA ILE A 128 5.55 -4.19 -14.31
C ILE A 128 4.78 -3.17 -13.48
N LYS A 129 3.81 -3.66 -12.74
CA LYS A 129 3.00 -2.80 -11.90
C LYS A 129 3.91 -1.79 -11.18
N LEU A 130 4.84 -2.35 -10.42
CA LEU A 130 5.77 -1.52 -9.67
C LEU A 130 6.32 -0.42 -10.58
N HIS A 131 6.69 -0.83 -11.78
CA HIS A 131 7.23 0.10 -12.76
C HIS A 131 6.18 1.17 -13.08
N GLU A 132 5.01 0.70 -13.50
CA GLU A 132 3.92 1.60 -13.83
C GLU A 132 3.55 2.47 -12.63
N VAL A 133 3.15 1.81 -11.56
CA VAL A 133 2.77 2.50 -10.35
C VAL A 133 3.82 3.56 -10.02
N LEU A 134 5.07 3.14 -10.06
CA LEU A 134 6.18 4.03 -9.77
C LEU A 134 5.94 5.37 -10.49
N GLU A 135 6.01 5.32 -11.81
CA GLU A 135 5.81 6.50 -12.62
C GLU A 135 4.58 7.27 -12.15
N ARG A 136 3.47 6.55 -12.06
CA ARG A 136 2.23 7.14 -11.62
C ARG A 136 2.45 8.03 -10.39
N GLU A 137 3.38 7.57 -9.56
CA GLU A 137 3.70 8.31 -8.34
C GLU A 137 4.68 9.45 -8.66
N LYS A 138 5.73 9.09 -9.39
CA LYS A 138 6.75 10.07 -9.76
C LYS A 138 6.07 11.39 -10.10
N LYS A 139 4.88 11.29 -10.67
CA LYS A 139 4.12 12.47 -11.05
C LYS A 139 3.69 13.22 -9.79
N ARG A 140 2.78 12.60 -9.05
CA ARG A 140 2.27 13.20 -7.83
C ARG A 140 3.43 13.45 -6.85
N ARG A 141 4.55 12.81 -7.13
CA ARG A 141 5.72 12.96 -6.29
C ARG A 141 6.33 14.35 -6.46
N ILE A 142 6.05 14.94 -7.62
CA ILE A 142 6.56 16.27 -7.92
C ILE A 142 6.22 17.22 -6.77
N GLU A 143 4.99 17.72 -6.81
CA GLU A 143 4.51 18.63 -5.77
C GLU A 143 5.04 18.19 -4.40
N SER A 144 4.49 17.08 -3.93
CA SER A 144 4.88 16.55 -2.64
C SER A 144 5.69 15.26 -2.83
N GLY A 145 6.79 15.17 -2.08
CA GLY A 145 7.65 14.01 -2.16
C GLY A 145 8.86 14.15 -1.21
N PRO A 146 9.76 13.13 -1.27
CA PRO A 146 10.94 13.13 -0.42
C PRO A 146 11.98 14.14 -0.94
N SER A 147 12.35 15.05 -0.06
CA SER A 147 13.34 16.06 -0.42
C SER A 147 12.79 16.95 -1.54
N SER A 148 12.62 18.23 -1.21
CA SER A 148 12.11 19.19 -2.17
C SER A 148 13.25 20.04 -2.72
N GLY A 149 13.26 20.20 -4.03
CA GLY A 149 14.29 20.99 -4.68
C GLY A 149 15.67 20.35 -4.50
N GLY A 1 -24.91 -4.50 3.39
CA GLY A 1 -25.91 -4.88 2.41
C GLY A 1 -25.37 -5.93 1.44
N SER A 2 -26.13 -7.01 1.29
CA SER A 2 -25.73 -8.09 0.40
C SER A 2 -26.41 -7.91 -0.96
N SER A 3 -25.58 -7.69 -1.97
CA SER A 3 -26.08 -7.51 -3.33
C SER A 3 -26.78 -6.16 -3.44
N GLY A 4 -26.73 -5.60 -4.64
CA GLY A 4 -27.36 -4.31 -4.90
C GLY A 4 -26.92 -3.76 -6.26
N SER A 5 -27.91 -3.52 -7.11
CA SER A 5 -27.64 -2.99 -8.44
C SER A 5 -26.55 -3.82 -9.12
N SER A 6 -25.89 -3.19 -10.09
CA SER A 6 -24.83 -3.85 -10.83
C SER A 6 -23.52 -3.08 -10.66
N GLY A 7 -23.58 -1.80 -10.97
CA GLY A 7 -22.41 -0.95 -10.85
C GLY A 7 -21.79 -0.67 -12.23
N GLN A 8 -20.99 -1.63 -12.67
CA GLN A 8 -20.34 -1.50 -13.97
C GLN A 8 -19.39 -0.30 -13.97
N GLU A 9 -19.96 0.86 -14.25
CA GLU A 9 -19.17 2.08 -14.29
C GLU A 9 -19.36 2.87 -12.98
N ARG A 10 -18.41 3.77 -12.73
CA ARG A 10 -18.47 4.58 -11.52
C ARG A 10 -18.22 6.05 -11.88
N LEU A 11 -17.10 6.28 -12.56
CA LEU A 11 -16.74 7.63 -12.96
C LEU A 11 -16.77 8.55 -11.73
N LYS A 12 -15.61 8.72 -11.12
CA LYS A 12 -15.50 9.56 -9.94
C LYS A 12 -14.62 10.78 -10.28
N ILE A 13 -15.06 11.93 -9.81
CA ILE A 13 -14.33 13.16 -10.05
C ILE A 13 -13.23 13.30 -8.98
N THR A 14 -12.02 13.58 -9.47
CA THR A 14 -10.88 13.74 -8.58
C THR A 14 -10.78 12.56 -7.62
N ALA A 15 -9.96 11.60 -7.99
CA ALA A 15 -9.76 10.41 -7.17
C ALA A 15 -8.33 9.91 -7.34
N LEU A 16 -7.68 9.67 -6.21
CA LEU A 16 -6.31 9.19 -6.23
C LEU A 16 -6.21 7.98 -7.17
N PRO A 17 -5.02 7.87 -7.83
CA PRO A 17 -4.78 6.79 -8.76
C PRO A 17 -4.52 5.47 -8.02
N LEU A 18 -5.37 4.49 -8.30
CA LEU A 18 -5.25 3.20 -7.66
C LEU A 18 -4.05 2.45 -8.25
N TYR A 19 -3.45 1.60 -7.43
CA TYR A 19 -2.30 0.82 -7.86
C TYR A 19 -2.51 -0.67 -7.59
N PHE A 20 -2.90 -0.96 -6.35
CA PHE A 20 -3.13 -2.33 -5.95
C PHE A 20 -4.22 -2.42 -4.88
N GLU A 21 -4.87 -3.57 -4.83
CA GLU A 21 -5.94 -3.78 -3.85
C GLU A 21 -5.98 -5.25 -3.43
N GLY A 22 -6.43 -5.46 -2.21
CA GLY A 22 -6.52 -6.81 -1.67
C GLY A 22 -6.67 -6.78 -0.15
N PHE A 23 -7.50 -7.70 0.34
CA PHE A 23 -7.74 -7.79 1.78
C PHE A 23 -6.42 -7.87 2.55
N LEU A 24 -6.09 -6.77 3.19
CA LEU A 24 -4.86 -6.70 3.97
C LEU A 24 -5.21 -6.72 5.46
N LEU A 25 -4.21 -7.07 6.26
CA LEU A 25 -4.39 -7.13 7.71
C LEU A 25 -3.53 -6.07 8.37
N ILE A 26 -4.19 -5.19 9.11
CA ILE A 26 -3.48 -4.11 9.80
C ILE A 26 -3.56 -4.36 11.31
N LYS A 27 -2.39 -4.30 11.94
CA LYS A 27 -2.30 -4.52 13.38
C LYS A 27 -1.53 -3.36 14.01
N ARG A 28 -2.17 -2.20 14.04
CA ARG A 28 -1.55 -1.02 14.61
C ARG A 28 -1.13 -1.29 16.06
N SER A 29 -0.78 -0.22 16.75
CA SER A 29 -0.35 -0.34 18.14
C SER A 29 -1.31 -1.24 18.91
N GLY A 30 -2.48 -0.70 19.21
CA GLY A 30 -3.49 -1.44 19.94
C GLY A 30 -3.88 -2.72 19.19
N TYR A 31 -5.14 -2.78 18.79
CA TYR A 31 -5.65 -3.93 18.07
C TYR A 31 -5.45 -5.21 18.88
N ARG A 32 -4.25 -5.76 18.79
CA ARG A 32 -3.92 -6.98 19.51
C ARG A 32 -4.31 -8.20 18.68
N GLU A 33 -4.86 -7.93 17.49
CA GLU A 33 -5.28 -8.99 16.60
C GLU A 33 -5.48 -8.45 15.18
N TYR A 34 -4.85 -9.11 14.23
CA TYR A 34 -4.96 -8.70 12.84
C TYR A 34 -6.42 -8.76 12.36
N GLU A 35 -6.89 -7.63 11.88
CA GLU A 35 -8.26 -7.54 11.38
C GLU A 35 -8.27 -7.45 9.86
N HIS A 36 -9.23 -8.14 9.26
CA HIS A 36 -9.37 -8.14 7.82
C HIS A 36 -10.09 -6.87 7.36
N TYR A 37 -9.43 -6.15 6.46
CA TYR A 37 -10.00 -4.92 5.95
C TYR A 37 -9.62 -4.72 4.47
N TRP A 38 -10.62 -4.32 3.69
CA TRP A 38 -10.41 -4.10 2.27
C TRP A 38 -9.41 -2.95 2.12
N THR A 39 -8.14 -3.31 2.15
CA THR A 39 -7.08 -2.31 2.03
C THR A 39 -6.84 -1.98 0.55
N GLU A 40 -6.81 -0.68 0.26
CA GLU A 40 -6.60 -0.23 -1.10
C GLU A 40 -5.37 0.70 -1.16
N LEU A 41 -4.47 0.36 -2.07
CA LEU A 41 -3.26 1.15 -2.25
C LEU A 41 -3.51 2.24 -3.29
N ARG A 42 -3.37 3.48 -2.84
CA ARG A 42 -3.57 4.62 -3.72
C ARG A 42 -2.51 5.69 -3.44
N GLY A 43 -1.85 6.12 -4.50
CA GLY A 43 -0.83 7.14 -4.38
C GLY A 43 0.23 6.74 -3.35
N THR A 44 0.05 7.25 -2.14
CA THR A 44 0.97 6.95 -1.05
C THR A 44 0.24 6.91 0.29
N THR A 45 -1.06 6.68 0.20
CA THR A 45 -1.89 6.61 1.39
C THR A 45 -2.66 5.28 1.43
N LEU A 46 -2.42 4.54 2.50
CA LEU A 46 -3.08 3.25 2.68
C LEU A 46 -4.52 3.48 3.13
N PHE A 47 -5.45 3.09 2.26
CA PHE A 47 -6.87 3.25 2.56
C PHE A 47 -7.50 1.90 2.89
N PHE A 48 -8.01 1.81 4.11
CA PHE A 48 -8.66 0.59 4.56
C PHE A 48 -10.19 0.72 4.53
N TYR A 49 -10.83 -0.34 4.10
CA TYR A 49 -12.28 -0.35 4.02
C TYR A 49 -12.86 -1.64 4.60
N THR A 50 -14.13 -1.58 4.98
CA THR A 50 -14.80 -2.73 5.56
C THR A 50 -15.36 -3.62 4.45
N ASP A 51 -15.75 -2.98 3.35
CA ASP A 51 -16.31 -3.71 2.23
C ASP A 51 -16.36 -2.78 1.01
N LYS A 52 -16.32 -3.39 -0.17
CA LYS A 52 -16.36 -2.64 -1.41
C LYS A 52 -17.64 -1.80 -1.45
N LYS A 53 -18.64 -2.26 -0.70
CA LYS A 53 -19.91 -1.57 -0.65
C LYS A 53 -19.72 -0.22 0.06
N SER A 54 -18.77 -0.19 0.97
CA SER A 54 -18.47 1.02 1.72
C SER A 54 -17.77 2.03 0.82
N ILE A 55 -18.22 3.28 0.90
CA ILE A 55 -17.64 4.34 0.11
C ILE A 55 -16.49 4.99 0.88
N ILE A 56 -16.73 5.19 2.17
CA ILE A 56 -15.73 5.80 3.03
C ILE A 56 -14.84 4.70 3.63
N TYR A 57 -13.59 5.05 3.84
CA TYR A 57 -12.63 4.11 4.40
C TYR A 57 -12.66 4.14 5.92
N VAL A 58 -12.87 2.97 6.51
CA VAL A 58 -12.93 2.85 7.96
C VAL A 58 -11.74 3.57 8.57
N ASP A 59 -10.57 3.34 7.97
CA ASP A 59 -9.35 3.97 8.45
C ASP A 59 -8.31 3.98 7.32
N LYS A 60 -7.38 4.92 7.43
CA LYS A 60 -6.34 5.05 6.43
C LYS A 60 -5.00 5.27 7.13
N LEU A 61 -3.93 5.02 6.38
CA LEU A 61 -2.59 5.19 6.92
C LEU A 61 -1.75 6.01 5.93
N ASP A 62 -0.50 6.22 6.30
CA ASP A 62 0.41 6.99 5.47
C ASP A 62 1.82 6.43 5.62
N ILE A 63 2.42 6.08 4.48
CA ILE A 63 3.77 5.54 4.48
C ILE A 63 4.64 6.37 3.53
N VAL A 64 4.15 7.55 3.22
CA VAL A 64 4.88 8.45 2.33
C VAL A 64 6.23 8.80 2.95
N ASP A 65 6.19 9.03 4.26
CA ASP A 65 7.40 9.38 4.99
C ASP A 65 8.04 8.11 5.55
N LEU A 66 7.62 6.98 4.99
CA LEU A 66 8.14 5.69 5.42
C LEU A 66 9.66 5.79 5.53
N THR A 67 10.17 5.35 6.68
CA THR A 67 11.60 5.37 6.92
C THR A 67 12.26 4.15 6.30
N CYS A 68 11.53 3.05 6.30
CA CYS A 68 12.03 1.81 5.73
C CYS A 68 11.05 0.69 6.07
N LEU A 69 11.44 -0.53 5.75
CA LEU A 69 10.61 -1.69 6.01
C LEU A 69 11.47 -2.83 6.56
N THR A 70 11.00 -3.39 7.67
CA THR A 70 11.72 -4.48 8.31
C THR A 70 10.86 -5.76 8.31
N GLU A 71 11.43 -6.81 8.86
CA GLU A 71 10.74 -8.09 8.93
C GLU A 71 10.68 -8.58 10.38
N GLN A 72 9.53 -9.11 10.75
CA GLN A 72 9.34 -9.62 12.10
C GLN A 72 9.30 -11.15 12.08
N ASN A 73 9.75 -11.74 13.18
CA ASN A 73 9.77 -13.18 13.31
C ASN A 73 9.52 -13.57 14.77
N SER A 74 8.82 -14.67 14.95
CA SER A 74 8.50 -15.16 16.28
C SER A 74 7.82 -16.52 16.19
N THR A 75 6.67 -16.53 15.53
CA THR A 75 5.91 -17.76 15.37
C THR A 75 6.57 -18.66 14.32
N GLU A 76 6.77 -18.09 13.14
CA GLU A 76 7.39 -18.83 12.06
C GLU A 76 7.55 -17.93 10.82
N LYS A 77 8.41 -18.37 9.91
CA LYS A 77 8.65 -17.62 8.69
C LYS A 77 8.01 -18.35 7.51
N ASN A 78 6.74 -18.05 7.30
CA ASN A 78 6.00 -18.67 6.21
C ASN A 78 5.48 -17.59 5.26
N CYS A 79 4.75 -16.64 5.83
CA CYS A 79 4.21 -15.55 5.05
C CYS A 79 5.14 -14.35 5.19
N ALA A 80 4.81 -13.29 4.46
CA ALA A 80 5.60 -12.08 4.48
C ALA A 80 5.11 -11.17 5.61
N LYS A 81 5.98 -10.98 6.60
CA LYS A 81 5.64 -10.14 7.73
C LYS A 81 6.66 -9.01 7.85
N PHE A 82 6.17 -7.79 7.66
CA PHE A 82 7.04 -6.62 7.73
C PHE A 82 6.32 -5.46 8.44
N THR A 83 7.13 -4.57 9.00
CA THR A 83 6.59 -3.43 9.71
C THR A 83 6.96 -2.13 8.98
N LEU A 84 5.99 -1.24 8.88
CA LEU A 84 6.20 0.04 8.22
C LEU A 84 6.82 1.02 9.20
N VAL A 85 8.09 1.34 8.95
CA VAL A 85 8.81 2.27 9.80
C VAL A 85 8.47 3.71 9.40
N LEU A 86 7.95 4.45 10.35
CA LEU A 86 7.58 5.84 10.09
C LEU A 86 8.27 6.75 11.12
N PRO A 87 8.44 8.04 10.72
CA PRO A 87 9.08 9.01 11.60
C PRO A 87 8.15 9.43 12.74
N LYS A 88 6.96 8.85 12.73
CA LYS A 88 5.98 9.15 13.74
C LYS A 88 5.73 7.90 14.61
N GLU A 89 5.33 6.84 13.94
CA GLU A 89 5.06 5.58 14.62
C GLU A 89 5.13 4.42 13.64
N GLU A 90 5.52 3.26 14.17
CA GLU A 90 5.64 2.06 13.35
C GLU A 90 4.30 1.33 13.30
N VAL A 91 4.04 0.72 12.15
CA VAL A 91 2.81 -0.02 11.95
C VAL A 91 3.13 -1.44 11.49
N GLN A 92 2.30 -2.38 11.92
CA GLN A 92 2.50 -3.77 11.54
C GLN A 92 1.61 -4.13 10.35
N LEU A 93 2.23 -4.78 9.37
CA LEU A 93 1.51 -5.17 8.17
C LEU A 93 1.70 -6.68 7.95
N LYS A 94 0.58 -7.38 7.91
CA LYS A 94 0.61 -8.82 7.70
C LYS A 94 -0.28 -9.18 6.51
N THR A 95 0.10 -10.25 5.83
CA THR A 95 -0.66 -10.71 4.68
C THR A 95 -1.11 -12.17 4.88
N GLU A 96 -2.13 -12.54 4.12
CA GLU A 96 -2.66 -13.90 4.21
C GLU A 96 -1.58 -14.91 3.82
N ASN A 97 -1.12 -14.78 2.59
CA ASN A 97 -0.09 -15.69 2.08
C ASN A 97 1.24 -14.94 2.02
N THR A 98 2.21 -15.59 1.39
CA THR A 98 3.53 -15.01 1.25
C THR A 98 3.63 -14.18 -0.04
N GLU A 99 3.06 -14.74 -1.10
CA GLU A 99 3.07 -14.07 -2.39
C GLU A 99 2.56 -12.64 -2.25
N SER A 100 1.28 -12.53 -1.94
CA SER A 100 0.66 -11.23 -1.77
C SER A 100 1.52 -10.35 -0.87
N GLY A 101 2.28 -11.00 0.00
CA GLY A 101 3.15 -10.29 0.93
C GLY A 101 4.11 -9.38 0.17
N GLU A 102 4.86 -9.99 -0.73
CA GLU A 102 5.83 -9.24 -1.52
C GLU A 102 5.11 -8.20 -2.40
N GLU A 103 3.94 -8.58 -2.87
CA GLU A 103 3.14 -7.71 -3.71
C GLU A 103 3.06 -6.31 -3.09
N TRP A 104 2.50 -6.27 -1.88
CA TRP A 104 2.36 -5.01 -1.17
C TRP A 104 3.76 -4.42 -0.96
N ARG A 105 4.55 -5.15 -0.17
CA ARG A 105 5.91 -4.71 0.12
C ARG A 105 6.54 -4.05 -1.12
N GLY A 106 6.51 -4.80 -2.21
CA GLY A 106 7.07 -4.31 -3.47
C GLY A 106 6.39 -3.02 -3.89
N PHE A 107 5.07 -3.08 -4.03
CA PHE A 107 4.30 -1.92 -4.44
C PHE A 107 4.56 -0.73 -3.51
N ILE A 108 4.65 -1.03 -2.22
CA ILE A 108 4.90 -0.01 -1.22
C ILE A 108 6.29 0.58 -1.44
N LEU A 109 7.29 -0.29 -1.39
CA LEU A 109 8.66 0.13 -1.58
C LEU A 109 8.74 1.09 -2.78
N THR A 110 7.80 0.91 -3.70
CA THR A 110 7.75 1.74 -4.89
C THR A 110 7.11 3.09 -4.56
N VAL A 111 6.05 3.04 -3.77
CA VAL A 111 5.35 4.25 -3.38
C VAL A 111 5.94 4.78 -2.08
N THR A 112 7.23 4.52 -1.91
CA THR A 112 7.93 4.97 -0.72
C THR A 112 9.39 5.33 -1.05
N GLU A 113 10.01 4.46 -1.82
CA GLU A 113 11.39 4.67 -2.23
C GLU A 113 11.45 5.47 -3.53
N LEU A 114 10.31 5.54 -4.20
CA LEU A 114 10.22 6.27 -5.45
C LEU A 114 11.01 5.52 -6.53
N SER A 115 11.16 4.23 -6.31
CA SER A 115 11.88 3.39 -7.25
C SER A 115 11.21 2.03 -7.38
N VAL A 116 11.93 1.08 -7.96
CA VAL A 116 11.43 -0.26 -8.13
C VAL A 116 12.46 -1.27 -7.64
N PRO A 117 12.01 -2.15 -6.70
CA PRO A 117 12.90 -3.15 -6.14
C PRO A 117 13.13 -4.30 -7.15
N GLN A 118 14.38 -4.45 -7.54
CA GLN A 118 14.74 -5.48 -8.49
C GLN A 118 15.16 -6.75 -7.75
N ASN A 119 15.50 -6.57 -6.48
CA ASN A 119 15.93 -7.69 -5.65
C ASN A 119 14.70 -8.31 -4.98
N VAL A 120 13.54 -7.97 -5.50
CA VAL A 120 12.29 -8.48 -4.96
C VAL A 120 12.16 -9.97 -5.31
N SER A 121 10.98 -10.50 -5.03
CA SER A 121 10.72 -11.90 -5.30
C SER A 121 9.59 -12.03 -6.34
N LEU A 122 8.69 -11.05 -6.31
CA LEU A 122 7.57 -11.04 -7.24
C LEU A 122 8.06 -11.48 -8.62
N LEU A 123 7.10 -11.91 -9.44
CA LEU A 123 7.41 -12.36 -10.78
C LEU A 123 7.93 -11.18 -11.60
N PRO A 124 8.47 -11.50 -12.80
CA PRO A 124 9.01 -10.48 -13.68
C PRO A 124 7.89 -9.69 -14.36
N GLY A 125 6.67 -10.17 -14.15
CA GLY A 125 5.50 -9.52 -14.73
C GLY A 125 4.84 -8.58 -13.72
N GLN A 126 4.87 -9.00 -12.46
CA GLN A 126 4.28 -8.21 -11.40
C GLN A 126 5.14 -6.98 -11.11
N VAL A 127 6.45 -7.19 -11.11
CA VAL A 127 7.38 -6.11 -10.85
C VAL A 127 7.06 -4.93 -11.77
N ILE A 128 6.60 -5.26 -12.97
CA ILE A 128 6.25 -4.24 -13.94
C ILE A 128 5.33 -3.21 -13.28
N LYS A 129 4.33 -3.72 -12.59
CA LYS A 129 3.38 -2.85 -11.91
C LYS A 129 4.12 -1.75 -11.18
N LEU A 130 5.05 -2.15 -10.33
CA LEU A 130 5.85 -1.21 -9.57
C LEU A 130 6.35 -0.11 -10.50
N HIS A 131 6.84 -0.54 -11.66
CA HIS A 131 7.36 0.39 -12.64
C HIS A 131 6.27 1.37 -13.06
N GLU A 132 5.07 0.82 -13.27
CA GLU A 132 3.93 1.63 -13.67
C GLU A 132 3.45 2.49 -12.50
N VAL A 133 3.19 1.82 -11.39
CA VAL A 133 2.73 2.49 -10.19
C VAL A 133 3.67 3.65 -9.87
N LEU A 134 4.96 3.40 -10.08
CA LEU A 134 5.97 4.42 -9.82
C LEU A 134 5.71 5.64 -10.70
N GLU A 135 5.97 5.47 -11.99
CA GLU A 135 5.76 6.54 -12.94
C GLU A 135 4.46 7.29 -12.64
N ARG A 136 3.51 6.54 -12.09
CA ARG A 136 2.21 7.11 -11.75
C ARG A 136 2.38 8.16 -10.65
N GLU A 137 3.04 7.75 -9.58
CA GLU A 137 3.26 8.63 -8.45
C GLU A 137 4.29 9.71 -8.82
N LYS A 138 5.17 9.34 -9.74
CA LYS A 138 6.21 10.25 -10.19
C LYS A 138 5.57 11.57 -10.63
N LYS A 139 4.50 11.44 -11.41
CA LYS A 139 3.79 12.60 -11.91
C LYS A 139 3.36 13.47 -10.73
N ARG A 140 2.98 12.81 -9.65
CA ARG A 140 2.55 13.51 -8.45
C ARG A 140 3.75 14.14 -7.74
N ARG A 141 4.91 13.55 -7.98
CA ARG A 141 6.14 14.05 -7.37
C ARG A 141 6.52 15.40 -7.98
N ILE A 142 6.08 15.61 -9.21
CA ILE A 142 6.37 16.85 -9.90
C ILE A 142 6.05 18.04 -8.98
N GLU A 143 4.78 18.41 -8.98
CA GLU A 143 4.34 19.51 -8.15
C GLU A 143 4.95 19.43 -6.75
N SER A 144 4.59 18.36 -6.05
CA SER A 144 5.10 18.13 -4.71
C SER A 144 4.37 19.05 -3.71
N GLY A 145 4.24 18.55 -2.49
CA GLY A 145 3.58 19.31 -1.45
C GLY A 145 4.10 18.91 -0.06
N PRO A 146 3.28 19.24 0.97
CA PRO A 146 3.65 18.92 2.34
C PRO A 146 3.47 17.43 2.63
N SER A 147 4.05 17.00 3.73
CA SER A 147 3.96 15.60 4.13
C SER A 147 3.76 15.50 5.64
N SER A 148 2.93 14.53 6.03
CA SER A 148 2.64 14.33 7.44
C SER A 148 1.76 15.45 7.96
N GLY A 149 2.32 16.65 7.97
CA GLY A 149 1.60 17.82 8.45
C GLY A 149 0.29 18.01 7.67
N GLY A 1 -33.15 32.41 21.99
CA GLY A 1 -32.84 31.39 21.01
C GLY A 1 -31.39 30.92 21.15
N SER A 2 -31.18 29.65 20.84
CA SER A 2 -29.84 29.08 20.92
C SER A 2 -29.56 28.22 19.69
N SER A 3 -28.75 28.77 18.81
CA SER A 3 -28.39 28.08 17.58
C SER A 3 -27.29 28.85 16.84
N GLY A 4 -26.46 28.09 16.14
CA GLY A 4 -25.36 28.67 15.39
C GLY A 4 -24.59 27.61 14.61
N SER A 5 -25.12 27.26 13.45
CA SER A 5 -24.50 26.26 12.60
C SER A 5 -25.22 26.19 11.25
N SER A 6 -24.48 26.52 10.21
CA SER A 6 -25.02 26.50 8.86
C SER A 6 -23.94 26.88 7.85
N GLY A 7 -23.86 26.08 6.79
CA GLY A 7 -22.88 26.32 5.75
C GLY A 7 -22.02 25.07 5.51
N GLN A 8 -22.17 24.51 4.32
CA GLN A 8 -21.41 23.32 3.96
C GLN A 8 -21.12 23.32 2.46
N GLU A 9 -20.16 22.49 2.07
CA GLU A 9 -19.78 22.38 0.67
C GLU A 9 -19.54 20.91 0.30
N ARG A 10 -18.62 20.29 1.02
CA ARG A 10 -18.30 18.90 0.78
C ARG A 10 -17.92 18.69 -0.69
N LEU A 11 -16.62 18.57 -0.92
CA LEU A 11 -16.12 18.37 -2.27
C LEU A 11 -16.27 16.89 -2.66
N LYS A 12 -15.54 16.05 -1.94
CA LYS A 12 -15.59 14.63 -2.19
C LYS A 12 -15.02 14.33 -3.58
N ILE A 13 -13.72 14.53 -3.71
CA ILE A 13 -13.04 14.29 -4.97
C ILE A 13 -11.69 13.62 -4.70
N THR A 14 -11.60 12.37 -5.14
CA THR A 14 -10.38 11.61 -4.96
C THR A 14 -9.94 10.98 -6.29
N ALA A 15 -9.09 11.71 -6.99
CA ALA A 15 -8.58 11.24 -8.27
C ALA A 15 -7.26 10.51 -8.05
N LEU A 16 -7.29 9.52 -7.18
CA LEU A 16 -6.11 8.74 -6.88
C LEU A 16 -6.13 7.45 -7.69
N PRO A 17 -5.04 7.25 -8.49
CA PRO A 17 -4.93 6.07 -9.32
C PRO A 17 -4.58 4.84 -8.49
N LEU A 18 -5.49 3.88 -8.50
CA LEU A 18 -5.29 2.65 -7.75
C LEU A 18 -4.03 1.94 -8.25
N TYR A 19 -3.22 1.48 -7.31
CA TYR A 19 -1.99 0.80 -7.65
C TYR A 19 -2.10 -0.70 -7.34
N PHE A 20 -2.92 -1.00 -6.33
CA PHE A 20 -3.11 -2.39 -5.93
C PHE A 20 -4.11 -2.48 -4.77
N GLU A 21 -4.79 -3.62 -4.71
CA GLU A 21 -5.77 -3.84 -3.66
C GLU A 21 -5.73 -5.30 -3.20
N GLY A 22 -6.39 -5.54 -2.08
CA GLY A 22 -6.43 -6.89 -1.52
C GLY A 22 -6.62 -6.84 0.00
N PHE A 23 -7.43 -7.77 0.48
CA PHE A 23 -7.71 -7.84 1.91
C PHE A 23 -6.42 -7.94 2.72
N LEU A 24 -6.00 -6.79 3.24
CA LEU A 24 -4.78 -6.73 4.03
C LEU A 24 -5.15 -6.73 5.52
N LEU A 25 -4.18 -7.12 6.33
CA LEU A 25 -4.38 -7.17 7.77
C LEU A 25 -3.52 -6.09 8.43
N ILE A 26 -4.21 -5.15 9.07
CA ILE A 26 -3.52 -4.06 9.76
C ILE A 26 -3.57 -4.30 11.26
N LYS A 27 -2.38 -4.30 11.86
CA LYS A 27 -2.28 -4.51 13.29
C LYS A 27 -1.50 -3.34 13.92
N ARG A 28 -2.12 -2.18 13.87
CA ARG A 28 -1.51 -0.98 14.43
C ARG A 28 -1.16 -1.20 15.90
N SER A 29 -0.50 -0.20 16.48
CA SER A 29 -0.10 -0.27 17.88
C SER A 29 -1.34 -0.17 18.78
N GLY A 30 -2.20 -1.18 18.67
CA GLY A 30 -3.41 -1.21 19.47
C GLY A 30 -4.51 -2.01 18.77
N TYR A 31 -4.23 -3.29 18.57
CA TYR A 31 -5.17 -4.17 17.91
C TYR A 31 -5.20 -5.55 18.58
N ARG A 32 -6.37 -5.91 19.07
CA ARG A 32 -6.54 -7.19 19.74
C ARG A 32 -6.04 -8.33 18.84
N GLU A 33 -6.07 -8.06 17.54
CA GLU A 33 -5.62 -9.04 16.57
C GLU A 33 -5.77 -8.49 15.15
N TYR A 34 -5.05 -9.11 14.23
CA TYR A 34 -5.09 -8.70 12.83
C TYR A 34 -6.53 -8.67 12.31
N GLU A 35 -6.91 -7.51 11.78
CA GLU A 35 -8.25 -7.35 11.25
C GLU A 35 -8.22 -7.36 9.71
N HIS A 36 -9.21 -8.00 9.14
CA HIS A 36 -9.31 -8.08 7.68
C HIS A 36 -10.08 -6.88 7.15
N TYR A 37 -9.36 -6.01 6.46
CA TYR A 37 -9.96 -4.82 5.89
C TYR A 37 -9.55 -4.65 4.42
N TRP A 38 -10.54 -4.29 3.61
CA TRP A 38 -10.29 -4.08 2.20
C TRP A 38 -9.30 -2.93 2.04
N THR A 39 -8.03 -3.27 2.14
CA THR A 39 -6.97 -2.29 2.01
C THR A 39 -6.65 -2.03 0.54
N GLU A 40 -6.62 -0.75 0.18
CA GLU A 40 -6.34 -0.36 -1.18
C GLU A 40 -5.13 0.58 -1.23
N LEU A 41 -4.22 0.28 -2.14
CA LEU A 41 -3.02 1.08 -2.30
C LEU A 41 -3.27 2.20 -3.31
N ARG A 42 -3.21 3.43 -2.82
CA ARG A 42 -3.43 4.59 -3.68
C ARG A 42 -2.32 5.62 -3.46
N GLY A 43 -1.71 6.02 -4.57
CA GLY A 43 -0.64 7.01 -4.52
C GLY A 43 0.41 6.62 -3.48
N THR A 44 0.32 7.27 -2.32
CA THR A 44 1.26 7.00 -1.25
C THR A 44 0.51 6.93 0.09
N THR A 45 -0.80 6.81 0.00
CA THR A 45 -1.63 6.73 1.19
C THR A 45 -2.44 5.43 1.20
N LEU A 46 -2.34 4.72 2.31
CA LEU A 46 -3.05 3.47 2.45
C LEU A 46 -4.50 3.75 2.87
N PHE A 47 -5.43 3.13 2.16
CA PHE A 47 -6.84 3.30 2.45
C PHE A 47 -7.50 1.97 2.80
N PHE A 48 -8.04 1.91 4.00
CA PHE A 48 -8.71 0.70 4.47
C PHE A 48 -10.23 0.83 4.35
N TYR A 49 -10.84 -0.24 3.85
CA TYR A 49 -12.27 -0.25 3.68
C TYR A 49 -12.88 -1.54 4.27
N THR A 50 -14.13 -1.42 4.70
CA THR A 50 -14.83 -2.55 5.28
C THR A 50 -15.45 -3.42 4.18
N ASP A 51 -15.83 -2.76 3.10
CA ASP A 51 -16.43 -3.45 1.97
C ASP A 51 -16.27 -2.62 0.71
N LYS A 52 -16.50 -3.26 -0.43
CA LYS A 52 -16.38 -2.58 -1.71
C LYS A 52 -17.44 -1.48 -1.80
N LYS A 53 -18.58 -1.76 -1.20
CA LYS A 53 -19.68 -0.80 -1.21
C LYS A 53 -19.26 0.45 -0.45
N SER A 54 -18.61 0.24 0.69
CA SER A 54 -18.16 1.33 1.51
C SER A 54 -17.45 2.38 0.65
N ILE A 55 -17.87 3.63 0.82
CA ILE A 55 -17.29 4.72 0.07
C ILE A 55 -16.23 5.43 0.93
N ILE A 56 -16.58 5.63 2.18
CA ILE A 56 -15.68 6.29 3.12
C ILE A 56 -14.84 5.23 3.84
N TYR A 57 -13.57 5.18 3.47
CA TYR A 57 -12.64 4.23 4.07
C TYR A 57 -12.72 4.28 5.59
N VAL A 58 -12.85 3.10 6.18
CA VAL A 58 -12.93 3.00 7.63
C VAL A 58 -11.76 3.76 8.27
N ASP A 59 -10.61 3.65 7.62
CA ASP A 59 -9.42 4.32 8.10
C ASP A 59 -8.34 4.29 7.01
N LYS A 60 -7.43 5.25 7.08
CA LYS A 60 -6.36 5.34 6.12
C LYS A 60 -5.03 5.53 6.86
N LEU A 61 -3.95 5.21 6.16
CA LEU A 61 -2.63 5.34 6.73
C LEU A 61 -1.73 6.15 5.78
N ASP A 62 -0.52 6.42 6.24
CA ASP A 62 0.43 7.18 5.44
C ASP A 62 1.81 6.53 5.55
N ILE A 63 2.39 6.26 4.39
CA ILE A 63 3.71 5.65 4.34
C ILE A 63 4.59 6.40 3.35
N VAL A 64 4.24 7.66 3.14
CA VAL A 64 4.98 8.52 2.23
C VAL A 64 6.31 8.90 2.87
N ASP A 65 6.29 9.01 4.19
CA ASP A 65 7.49 9.36 4.92
C ASP A 65 8.12 8.10 5.51
N LEU A 66 7.71 6.96 4.97
CA LEU A 66 8.22 5.68 5.42
C LEU A 66 9.74 5.79 5.61
N THR A 67 10.19 5.38 6.79
CA THR A 67 11.60 5.41 7.11
C THR A 67 12.31 4.19 6.53
N CYS A 68 11.60 3.07 6.54
CA CYS A 68 12.15 1.83 6.01
C CYS A 68 11.15 0.71 6.28
N LEU A 69 11.51 -0.49 5.87
CA LEU A 69 10.66 -1.65 6.07
C LEU A 69 11.48 -2.77 6.73
N THR A 70 10.93 -3.27 7.84
CA THR A 70 11.59 -4.34 8.57
C THR A 70 10.90 -5.67 8.31
N GLU A 71 11.52 -6.73 8.81
CA GLU A 71 10.98 -8.07 8.63
C GLU A 71 10.91 -8.79 9.96
N GLN A 72 9.69 -9.10 10.39
CA GLN A 72 9.48 -9.78 11.64
C GLN A 72 9.88 -11.25 11.52
N ASN A 73 10.93 -11.62 12.26
CA ASN A 73 11.42 -12.98 12.23
C ASN A 73 10.37 -13.91 12.84
N SER A 74 10.48 -15.19 12.49
CA SER A 74 9.55 -16.19 13.00
C SER A 74 10.00 -17.58 12.55
N THR A 75 10.22 -17.72 11.26
CA THR A 75 10.65 -18.99 10.69
C THR A 75 11.35 -18.77 9.35
N GLU A 76 12.32 -19.63 9.08
CA GLU A 76 13.08 -19.54 7.85
C GLU A 76 12.13 -19.55 6.65
N LYS A 77 11.73 -18.35 6.24
CA LYS A 77 10.83 -18.21 5.11
C LYS A 77 9.47 -18.81 5.46
N ASN A 78 8.65 -17.98 6.10
CA ASN A 78 7.32 -18.42 6.49
C ASN A 78 6.38 -17.21 6.55
N CYS A 79 5.68 -17.00 5.45
CA CYS A 79 4.75 -15.89 5.36
C CYS A 79 5.55 -14.59 5.33
N ALA A 80 4.90 -13.53 4.89
CA ALA A 80 5.54 -12.22 4.81
C ALA A 80 5.02 -11.34 5.94
N LYS A 81 5.93 -10.95 6.82
CA LYS A 81 5.58 -10.10 7.95
C LYS A 81 6.61 -8.97 8.07
N PHE A 82 6.13 -7.76 7.84
CA PHE A 82 7.00 -6.59 7.92
C PHE A 82 6.28 -5.42 8.59
N THR A 83 7.05 -4.59 9.27
CA THR A 83 6.50 -3.43 9.95
C THR A 83 6.88 -2.14 9.21
N LEU A 84 5.91 -1.24 9.13
CA LEU A 84 6.13 0.02 8.45
C LEU A 84 6.77 1.02 9.43
N VAL A 85 8.05 1.27 9.21
CA VAL A 85 8.79 2.19 10.06
C VAL A 85 8.56 3.62 9.58
N LEU A 86 7.85 4.38 10.41
CA LEU A 86 7.56 5.76 10.08
C LEU A 86 8.23 6.68 11.11
N PRO A 87 8.44 7.96 10.68
CA PRO A 87 9.08 8.94 11.54
C PRO A 87 8.11 9.43 12.62
N LYS A 88 6.90 8.89 12.56
CA LYS A 88 5.87 9.26 13.52
C LYS A 88 5.56 8.05 14.42
N GLU A 89 5.13 6.97 13.77
CA GLU A 89 4.80 5.76 14.49
C GLU A 89 4.95 4.54 13.58
N GLU A 90 5.31 3.42 14.19
CA GLU A 90 5.49 2.19 13.44
C GLU A 90 4.17 1.42 13.37
N VAL A 91 3.92 0.87 12.19
CA VAL A 91 2.70 0.10 11.97
C VAL A 91 3.07 -1.31 11.52
N GLN A 92 2.15 -2.24 11.79
CA GLN A 92 2.36 -3.63 11.43
C GLN A 92 1.50 -3.99 10.21
N LEU A 93 2.07 -4.83 9.35
CA LEU A 93 1.37 -5.26 8.16
C LEU A 93 1.53 -6.77 7.99
N LYS A 94 0.40 -7.44 7.77
CA LYS A 94 0.39 -8.88 7.60
C LYS A 94 -0.47 -9.25 6.40
N THR A 95 -0.02 -10.26 5.67
CA THR A 95 -0.74 -10.72 4.50
C THR A 95 -1.32 -12.12 4.73
N GLU A 96 -1.73 -12.73 3.64
CA GLU A 96 -2.31 -14.07 3.72
C GLU A 96 -1.39 -15.08 3.02
N ASN A 97 -1.12 -14.81 1.76
CA ASN A 97 -0.26 -15.67 0.96
C ASN A 97 1.13 -15.04 0.83
N THR A 98 2.02 -15.77 0.22
CA THR A 98 3.39 -15.29 0.02
C THR A 98 3.41 -14.16 -1.00
N GLU A 99 2.83 -14.44 -2.16
CA GLU A 99 2.76 -13.45 -3.23
C GLU A 99 2.32 -12.10 -2.67
N SER A 100 1.11 -12.08 -2.15
CA SER A 100 0.55 -10.86 -1.58
C SER A 100 1.64 -10.09 -0.82
N GLY A 101 2.52 -10.85 -0.19
CA GLY A 101 3.60 -10.27 0.57
C GLY A 101 4.50 -9.41 -0.32
N GLU A 102 5.21 -10.08 -1.22
CA GLU A 102 6.10 -9.40 -2.14
C GLU A 102 5.33 -8.33 -2.93
N GLU A 103 4.05 -8.59 -3.12
CA GLU A 103 3.20 -7.66 -3.85
C GLU A 103 3.18 -6.30 -3.16
N TRP A 104 2.67 -6.29 -1.93
CA TRP A 104 2.59 -5.07 -1.15
C TRP A 104 4.02 -4.59 -0.89
N ARG A 105 4.78 -5.42 -0.20
CA ARG A 105 6.16 -5.08 0.12
C ARG A 105 6.82 -4.37 -1.05
N GLY A 106 6.69 -4.98 -2.22
CA GLY A 106 7.27 -4.41 -3.43
C GLY A 106 6.57 -3.11 -3.81
N PHE A 107 5.25 -3.18 -3.90
CA PHE A 107 4.45 -2.02 -4.25
C PHE A 107 4.76 -0.84 -3.33
N ILE A 108 4.83 -1.15 -2.04
CA ILE A 108 5.12 -0.13 -1.05
C ILE A 108 6.54 0.41 -1.27
N LEU A 109 7.48 -0.51 -1.32
CA LEU A 109 8.88 -0.14 -1.53
C LEU A 109 8.98 0.76 -2.76
N THR A 110 7.98 0.66 -3.61
CA THR A 110 7.95 1.45 -4.83
C THR A 110 7.32 2.82 -4.56
N VAL A 111 6.30 2.82 -3.72
CA VAL A 111 5.61 4.05 -3.37
C VAL A 111 6.26 4.64 -2.12
N THR A 112 7.52 4.27 -1.89
CA THR A 112 8.25 4.76 -0.73
C THR A 112 9.68 5.13 -1.14
N GLU A 113 10.30 4.23 -1.89
CA GLU A 113 11.66 4.45 -2.34
C GLU A 113 11.67 5.23 -3.65
N LEU A 114 10.46 5.49 -4.16
CA LEU A 114 10.31 6.22 -5.41
C LEU A 114 11.06 5.49 -6.52
N SER A 115 11.25 4.20 -6.30
CA SER A 115 11.94 3.37 -7.29
C SER A 115 11.24 2.01 -7.42
N VAL A 116 11.98 1.05 -7.95
CA VAL A 116 11.44 -0.29 -8.13
C VAL A 116 12.48 -1.31 -7.69
N PRO A 117 12.09 -2.12 -6.66
CA PRO A 117 12.98 -3.14 -6.13
C PRO A 117 13.06 -4.33 -7.08
N GLN A 118 14.29 -4.66 -7.46
CA GLN A 118 14.53 -5.77 -8.37
C GLN A 118 14.83 -7.04 -7.57
N ASN A 119 14.52 -6.98 -6.28
CA ASN A 119 14.76 -8.12 -5.40
C ASN A 119 13.42 -8.78 -5.06
N VAL A 120 12.48 -8.64 -5.98
CA VAL A 120 11.16 -9.22 -5.79
C VAL A 120 11.04 -10.49 -6.63
N SER A 121 10.59 -11.55 -5.98
CA SER A 121 10.43 -12.83 -6.65
C SER A 121 9.19 -12.79 -7.54
N LEU A 122 8.39 -11.74 -7.37
CA LEU A 122 7.18 -11.58 -8.14
C LEU A 122 7.47 -11.91 -9.62
N LEU A 123 6.40 -12.17 -10.34
CA LEU A 123 6.53 -12.50 -11.76
C LEU A 123 7.06 -11.28 -12.51
N PRO A 124 7.44 -11.51 -13.80
CA PRO A 124 7.96 -10.45 -14.63
C PRO A 124 6.83 -9.52 -15.10
N GLY A 125 5.60 -9.94 -14.82
CA GLY A 125 4.44 -9.16 -15.20
C GLY A 125 3.95 -8.29 -14.04
N GLN A 126 4.12 -8.82 -12.83
CA GLN A 126 3.71 -8.11 -11.64
C GLN A 126 4.70 -6.98 -11.33
N VAL A 127 5.97 -7.29 -11.48
CA VAL A 127 7.03 -6.31 -11.22
C VAL A 127 6.71 -5.03 -11.98
N ILE A 128 6.14 -5.20 -13.17
CA ILE A 128 5.79 -4.06 -14.00
C ILE A 128 4.96 -3.07 -13.19
N LYS A 129 3.96 -3.60 -12.51
CA LYS A 129 3.09 -2.77 -11.68
C LYS A 129 3.94 -1.75 -10.91
N LEU A 130 4.97 -2.27 -10.25
CA LEU A 130 5.86 -1.41 -9.48
C LEU A 130 6.36 -0.28 -10.36
N HIS A 131 6.72 -0.63 -11.59
CA HIS A 131 7.21 0.36 -12.54
C HIS A 131 6.10 1.36 -12.85
N GLU A 132 4.93 0.83 -13.14
CA GLU A 132 3.78 1.66 -13.46
C GLU A 132 3.40 2.52 -12.25
N VAL A 133 3.13 1.86 -11.15
CA VAL A 133 2.75 2.55 -9.93
C VAL A 133 3.72 3.71 -9.68
N LEU A 134 5.01 3.39 -9.85
CA LEU A 134 6.04 4.40 -9.65
C LEU A 134 5.76 5.61 -10.52
N GLU A 135 5.91 5.41 -11.82
CA GLU A 135 5.67 6.48 -12.79
C GLU A 135 4.38 7.21 -12.45
N ARG A 136 3.41 6.44 -11.96
CA ARG A 136 2.12 7.00 -11.61
C ARG A 136 2.28 8.04 -10.50
N GLU A 137 2.94 7.62 -9.43
CA GLU A 137 3.17 8.51 -8.30
C GLU A 137 4.19 9.59 -8.68
N LYS A 138 5.04 9.26 -9.63
CA LYS A 138 6.05 10.19 -10.09
C LYS A 138 5.40 11.52 -10.47
N LYS A 139 4.41 11.42 -11.35
CA LYS A 139 3.69 12.59 -11.80
C LYS A 139 3.31 13.45 -10.59
N ARG A 140 2.74 12.79 -9.60
CA ARG A 140 2.32 13.47 -8.38
C ARG A 140 3.40 14.46 -7.93
N ARG A 141 4.65 14.00 -8.00
CA ARG A 141 5.77 14.83 -7.60
C ARG A 141 5.64 16.23 -8.21
N ILE A 142 5.15 16.26 -9.45
CA ILE A 142 4.98 17.52 -10.15
C ILE A 142 4.16 18.47 -9.28
N GLU A 143 2.84 18.36 -9.42
CA GLU A 143 1.94 19.21 -8.66
C GLU A 143 2.37 19.26 -7.19
N SER A 144 2.32 18.10 -6.56
CA SER A 144 2.70 17.99 -5.15
C SER A 144 1.99 19.08 -4.34
N GLY A 145 0.82 18.72 -3.83
CA GLY A 145 0.04 19.65 -3.03
C GLY A 145 0.44 19.59 -1.57
N PRO A 146 -0.56 19.87 -0.68
CA PRO A 146 -0.32 19.85 0.76
C PRO A 146 -0.22 18.41 1.27
N SER A 147 -1.16 17.58 0.81
CA SER A 147 -1.19 16.19 1.22
C SER A 147 -1.13 16.09 2.75
N SER A 148 -2.30 16.19 3.35
CA SER A 148 -2.40 16.12 4.81
C SER A 148 -1.44 17.12 5.45
N GLY A 149 -1.97 18.27 5.79
CA GLY A 149 -1.18 19.31 6.40
C GLY A 149 -1.12 19.13 7.92
N GLY A 1 0.40 -14.11 -10.40
CA GLY A 1 -0.73 -13.41 -10.96
C GLY A 1 -1.20 -14.07 -12.26
N SER A 2 -2.48 -14.41 -12.28
CA SER A 2 -3.05 -15.05 -13.46
C SER A 2 -4.58 -14.87 -13.46
N SER A 3 -5.10 -14.50 -14.62
CA SER A 3 -6.53 -14.30 -14.76
C SER A 3 -7.08 -15.21 -15.86
N GLY A 4 -8.40 -15.38 -15.84
CA GLY A 4 -9.06 -16.22 -16.82
C GLY A 4 -10.56 -15.91 -16.89
N SER A 5 -10.89 -14.97 -17.76
CA SER A 5 -12.28 -14.57 -17.93
C SER A 5 -12.39 -13.50 -19.02
N SER A 6 -13.63 -13.26 -19.44
CA SER A 6 -13.87 -12.27 -20.48
C SER A 6 -13.62 -10.87 -19.93
N GLY A 7 -13.25 -9.98 -20.84
CA GLY A 7 -12.97 -8.60 -20.47
C GLY A 7 -11.85 -8.53 -19.44
N GLN A 8 -10.63 -8.35 -19.94
CA GLN A 8 -9.47 -8.27 -19.08
C GLN A 8 -9.21 -6.82 -18.69
N GLU A 9 -10.06 -6.32 -17.80
CA GLU A 9 -9.94 -4.95 -17.33
C GLU A 9 -10.89 -4.70 -16.15
N ARG A 10 -10.32 -4.22 -15.06
CA ARG A 10 -11.11 -3.94 -13.87
C ARG A 10 -10.46 -2.82 -13.06
N LEU A 11 -10.92 -1.61 -13.31
CA LEU A 11 -10.39 -0.45 -12.62
C LEU A 11 -11.52 0.59 -12.43
N LYS A 12 -11.18 1.65 -11.72
CA LYS A 12 -12.15 2.71 -11.47
C LYS A 12 -11.41 3.98 -11.06
N ILE A 13 -10.54 4.43 -11.95
CA ILE A 13 -9.77 5.64 -11.69
C ILE A 13 -10.68 6.71 -11.11
N THR A 14 -10.35 7.12 -9.88
CA THR A 14 -11.14 8.14 -9.20
C THR A 14 -10.32 8.77 -8.07
N ALA A 15 -10.09 10.08 -8.21
CA ALA A 15 -9.33 10.80 -7.20
C ALA A 15 -7.86 10.40 -7.30
N LEU A 16 -7.57 9.20 -6.81
CA LEU A 16 -6.22 8.69 -6.84
C LEU A 16 -6.17 7.42 -7.69
N PRO A 17 -5.04 7.27 -8.44
CA PRO A 17 -4.86 6.12 -9.30
C PRO A 17 -4.51 4.87 -8.48
N LEU A 18 -5.40 3.89 -8.56
CA LEU A 18 -5.20 2.65 -7.83
C LEU A 18 -3.96 1.94 -8.36
N TYR A 19 -3.22 1.33 -7.44
CA TYR A 19 -2.01 0.63 -7.80
C TYR A 19 -2.12 -0.87 -7.46
N PHE A 20 -2.78 -1.14 -6.34
CA PHE A 20 -2.97 -2.50 -5.90
C PHE A 20 -4.07 -2.59 -4.85
N GLU A 21 -4.70 -3.76 -4.79
CA GLU A 21 -5.78 -3.98 -3.84
C GLU A 21 -5.75 -5.43 -3.34
N GLY A 22 -6.20 -5.60 -2.11
CA GLY A 22 -6.23 -6.91 -1.50
C GLY A 22 -6.41 -6.82 0.02
N PHE A 23 -7.26 -7.68 0.54
CA PHE A 23 -7.53 -7.71 1.97
C PHE A 23 -6.23 -7.76 2.77
N LEU A 24 -5.93 -6.65 3.43
CA LEU A 24 -4.72 -6.56 4.24
C LEU A 24 -5.10 -6.53 5.72
N LEU A 25 -4.20 -7.07 6.53
CA LEU A 25 -4.43 -7.12 7.97
C LEU A 25 -3.61 -6.02 8.65
N ILE A 26 -4.28 -5.24 9.46
CA ILE A 26 -3.63 -4.16 10.18
C ILE A 26 -3.74 -4.40 11.68
N LYS A 27 -2.61 -4.26 12.36
CA LYS A 27 -2.56 -4.47 13.79
C LYS A 27 -2.32 -3.12 14.49
N ARG A 28 -1.75 -2.19 13.73
CA ARG A 28 -1.47 -0.87 14.26
C ARG A 28 -0.85 -0.98 15.65
N SER A 29 -0.70 0.18 16.29
CA SER A 29 -0.12 0.23 17.62
C SER A 29 -0.65 -0.94 18.46
N GLY A 30 -1.97 -1.07 18.48
CA GLY A 30 -2.60 -2.13 19.24
C GLY A 30 -4.00 -2.44 18.69
N TYR A 31 -4.14 -3.64 18.14
CA TYR A 31 -5.40 -4.06 17.57
C TYR A 31 -5.98 -5.24 18.36
N ARG A 32 -5.09 -5.98 18.98
CA ARG A 32 -5.51 -7.14 19.77
C ARG A 32 -5.62 -8.38 18.88
N GLU A 33 -6.15 -8.16 17.68
CA GLU A 33 -6.31 -9.24 16.73
C GLU A 33 -6.41 -8.69 15.31
N TYR A 34 -5.44 -9.08 14.48
CA TYR A 34 -5.41 -8.63 13.10
C TYR A 34 -6.80 -8.68 12.48
N GLU A 35 -7.23 -7.53 11.97
CA GLU A 35 -8.53 -7.42 11.34
C GLU A 35 -8.40 -7.52 9.81
N HIS A 36 -9.51 -7.87 9.18
CA HIS A 36 -9.53 -8.00 7.73
C HIS A 36 -10.30 -6.82 7.13
N TYR A 37 -9.54 -5.92 6.51
CA TYR A 37 -10.13 -4.75 5.88
C TYR A 37 -9.68 -4.61 4.44
N TRP A 38 -10.62 -4.24 3.59
CA TRP A 38 -10.33 -4.07 2.17
C TRP A 38 -9.29 -2.95 2.04
N THR A 39 -8.04 -3.35 2.08
CA THR A 39 -6.95 -2.39 1.97
C THR A 39 -6.67 -2.07 0.50
N GLU A 40 -6.75 -0.79 0.19
CA GLU A 40 -6.53 -0.33 -1.18
C GLU A 40 -5.31 0.62 -1.22
N LEU A 41 -4.39 0.29 -2.11
CA LEU A 41 -3.19 1.11 -2.25
C LEU A 41 -3.43 2.18 -3.33
N ARG A 42 -3.38 3.43 -2.91
CA ARG A 42 -3.60 4.54 -3.81
C ARG A 42 -2.54 5.63 -3.59
N GLY A 43 -1.88 6.01 -4.67
CA GLY A 43 -0.84 7.02 -4.60
C GLY A 43 0.20 6.67 -3.55
N THR A 44 0.08 7.31 -2.40
CA THR A 44 1.01 7.08 -1.30
C THR A 44 0.27 7.05 0.03
N THR A 45 -1.05 6.88 -0.06
CA THR A 45 -1.89 6.85 1.13
C THR A 45 -2.66 5.52 1.19
N LEU A 46 -2.39 4.76 2.24
CA LEU A 46 -3.05 3.48 2.43
C LEU A 46 -4.50 3.72 2.86
N PHE A 47 -5.41 3.09 2.11
CA PHE A 47 -6.83 3.22 2.40
C PHE A 47 -7.44 1.88 2.77
N PHE A 48 -8.09 1.86 3.92
CA PHE A 48 -8.72 0.64 4.41
C PHE A 48 -10.24 0.76 4.36
N TYR A 49 -10.86 -0.22 3.72
CA TYR A 49 -12.31 -0.24 3.60
C TYR A 49 -12.90 -1.52 4.19
N THR A 50 -14.20 -1.51 4.38
CA THR A 50 -14.90 -2.66 4.93
C THR A 50 -15.06 -3.74 3.87
N ASP A 51 -15.60 -3.32 2.72
CA ASP A 51 -15.83 -4.24 1.63
C ASP A 51 -15.50 -3.54 0.31
N LYS A 52 -16.33 -2.56 -0.02
CA LYS A 52 -16.15 -1.80 -1.25
C LYS A 52 -17.13 -0.63 -1.27
N LYS A 53 -18.41 -0.96 -1.27
CA LYS A 53 -19.45 0.05 -1.28
C LYS A 53 -19.04 1.21 -0.37
N SER A 54 -18.39 0.85 0.73
CA SER A 54 -17.94 1.85 1.69
C SER A 54 -17.29 3.03 0.96
N ILE A 55 -17.88 4.19 1.15
CA ILE A 55 -17.37 5.41 0.52
C ILE A 55 -16.25 5.99 1.37
N ILE A 56 -16.58 6.23 2.63
CA ILE A 56 -15.61 6.79 3.57
C ILE A 56 -14.85 5.65 4.24
N TYR A 57 -13.70 5.33 3.68
CA TYR A 57 -12.86 4.27 4.21
C TYR A 57 -12.90 4.26 5.74
N VAL A 58 -13.04 3.06 6.29
CA VAL A 58 -13.09 2.90 7.73
C VAL A 58 -11.90 3.61 8.36
N ASP A 59 -10.78 3.59 7.64
CA ASP A 59 -9.57 4.23 8.11
C ASP A 59 -8.51 4.17 7.02
N LYS A 60 -7.56 5.10 7.11
CA LYS A 60 -6.48 5.16 6.13
C LYS A 60 -5.15 5.32 6.86
N LEU A 61 -4.08 5.06 6.13
CA LEU A 61 -2.74 5.17 6.69
C LEU A 61 -1.88 6.05 5.77
N ASP A 62 -0.62 6.17 6.15
CA ASP A 62 0.32 6.98 5.38
C ASP A 62 1.69 6.31 5.40
N ILE A 63 2.21 6.08 4.20
CA ILE A 63 3.51 5.45 4.06
C ILE A 63 4.35 6.23 3.04
N VAL A 64 4.00 7.50 2.89
CA VAL A 64 4.70 8.35 1.95
C VAL A 64 6.07 8.73 2.54
N ASP A 65 6.08 8.95 3.84
CA ASP A 65 7.30 9.32 4.53
C ASP A 65 7.92 8.07 5.16
N LEU A 66 7.51 6.93 4.66
CA LEU A 66 8.00 5.66 5.17
C LEU A 66 9.50 5.79 5.45
N THR A 67 9.89 5.30 6.63
CA THR A 67 11.28 5.35 7.03
C THR A 67 12.06 4.18 6.43
N CYS A 68 11.40 3.02 6.42
CA CYS A 68 12.01 1.81 5.88
C CYS A 68 11.06 0.65 6.11
N LEU A 69 11.50 -0.53 5.69
CA LEU A 69 10.69 -1.73 5.85
C LEU A 69 11.55 -2.84 6.45
N THR A 70 11.00 -3.50 7.45
CA THR A 70 11.70 -4.58 8.11
C THR A 70 11.02 -5.91 7.84
N GLU A 71 11.82 -6.97 7.79
CA GLU A 71 11.31 -8.30 7.53
C GLU A 71 11.41 -9.16 8.79
N GLN A 72 10.45 -10.07 8.93
CA GLN A 72 10.42 -10.96 10.07
C GLN A 72 10.53 -12.41 9.62
N ASN A 73 11.29 -13.18 10.38
CA ASN A 73 11.47 -14.60 10.07
C ASN A 73 10.40 -15.42 10.78
N SER A 74 9.87 -16.40 10.06
CA SER A 74 8.84 -17.26 10.61
C SER A 74 9.32 -18.71 10.62
N THR A 75 9.56 -19.22 9.43
CA THR A 75 10.03 -20.59 9.28
C THR A 75 11.06 -20.70 8.16
N GLU A 76 10.60 -20.41 6.96
CA GLU A 76 11.47 -20.46 5.79
C GLU A 76 10.76 -19.89 4.57
N LYS A 77 10.77 -18.57 4.47
CA LYS A 77 10.14 -17.89 3.36
C LYS A 77 8.77 -18.52 3.09
N ASN A 78 7.83 -18.24 3.98
CA ASN A 78 6.49 -18.77 3.87
C ASN A 78 5.47 -17.62 3.92
N CYS A 79 5.50 -16.92 5.04
CA CYS A 79 4.59 -15.80 5.23
C CYS A 79 5.40 -14.50 5.11
N ALA A 80 4.68 -13.40 4.92
CA ALA A 80 5.31 -12.10 4.80
C ALA A 80 4.80 -11.18 5.91
N LYS A 81 5.70 -10.83 6.81
CA LYS A 81 5.36 -9.96 7.92
C LYS A 81 6.45 -8.91 8.09
N PHE A 82 6.07 -7.66 7.89
CA PHE A 82 7.01 -6.55 8.04
C PHE A 82 6.36 -5.36 8.73
N THR A 83 7.20 -4.52 9.33
CA THR A 83 6.71 -3.35 10.03
C THR A 83 6.98 -2.09 9.21
N LEU A 84 5.97 -1.23 9.14
CA LEU A 84 6.08 0.00 8.39
C LEU A 84 6.63 1.10 9.30
N VAL A 85 7.94 1.30 9.22
CA VAL A 85 8.60 2.31 10.03
C VAL A 85 8.31 3.69 9.44
N LEU A 86 7.75 4.55 10.29
CA LEU A 86 7.42 5.90 9.87
C LEU A 86 8.07 6.90 10.83
N PRO A 87 8.25 8.15 10.33
CA PRO A 87 8.85 9.21 11.13
C PRO A 87 7.85 9.73 12.17
N LYS A 88 6.67 9.13 12.17
CA LYS A 88 5.63 9.53 13.10
C LYS A 88 5.36 8.39 14.08
N GLU A 89 5.04 7.23 13.51
CA GLU A 89 4.75 6.06 14.31
C GLU A 89 4.91 4.79 13.47
N GLU A 90 5.21 3.70 14.17
CA GLU A 90 5.39 2.42 13.49
C GLU A 90 4.07 1.65 13.44
N VAL A 91 3.89 0.90 12.36
CA VAL A 91 2.68 0.12 12.18
C VAL A 91 3.05 -1.30 11.76
N GLN A 92 2.22 -2.24 12.16
CA GLN A 92 2.45 -3.63 11.82
C GLN A 92 1.52 -4.07 10.69
N LEU A 93 2.06 -4.90 9.80
CA LEU A 93 1.29 -5.40 8.68
C LEU A 93 1.34 -6.92 8.66
N LYS A 94 0.41 -7.50 7.94
CA LYS A 94 0.33 -8.95 7.83
C LYS A 94 -0.35 -9.33 6.51
N THR A 95 0.21 -10.35 5.87
CA THR A 95 -0.34 -10.81 4.60
C THR A 95 -0.59 -12.32 4.65
N GLU A 96 0.36 -13.03 5.23
CA GLU A 96 0.25 -14.46 5.35
C GLU A 96 0.27 -15.12 3.97
N ASN A 97 1.24 -14.73 3.17
CA ASN A 97 1.39 -15.26 1.83
C ASN A 97 2.51 -14.52 1.11
N THR A 98 3.55 -15.27 0.75
CA THR A 98 4.68 -14.70 0.06
C THR A 98 4.21 -13.77 -1.07
N GLU A 99 3.37 -14.33 -1.93
CA GLU A 99 2.85 -13.56 -3.05
C GLU A 99 2.31 -12.21 -2.57
N SER A 100 1.17 -12.27 -1.90
CA SER A 100 0.55 -11.06 -1.37
C SER A 100 1.61 -10.14 -0.77
N GLY A 101 2.43 -10.73 0.09
CA GLY A 101 3.49 -9.98 0.75
C GLY A 101 4.37 -9.27 -0.28
N GLU A 102 5.14 -10.07 -1.01
CA GLU A 102 6.04 -9.54 -2.02
C GLU A 102 5.35 -8.40 -2.78
N GLU A 103 4.09 -8.61 -3.11
CA GLU A 103 3.32 -7.61 -3.82
C GLU A 103 3.36 -6.28 -3.09
N TRP A 104 2.69 -6.25 -1.94
CA TRP A 104 2.64 -5.05 -1.12
C TRP A 104 4.08 -4.55 -0.92
N ARG A 105 4.87 -5.39 -0.27
CA ARG A 105 6.26 -5.06 0.00
C ARG A 105 6.86 -4.32 -1.20
N GLY A 106 6.65 -4.90 -2.38
CA GLY A 106 7.16 -4.29 -3.60
C GLY A 106 6.44 -2.99 -3.92
N PHE A 107 5.13 -3.10 -4.12
CA PHE A 107 4.32 -1.94 -4.43
C PHE A 107 4.64 -0.77 -3.50
N ILE A 108 4.79 -1.11 -2.22
CA ILE A 108 5.09 -0.10 -1.22
C ILE A 108 6.49 0.48 -1.49
N LEU A 109 7.48 -0.40 -1.44
CA LEU A 109 8.86 0.01 -1.68
C LEU A 109 8.89 0.93 -2.90
N THR A 110 7.92 0.74 -3.78
CA THR A 110 7.85 1.55 -4.98
C THR A 110 7.22 2.91 -4.68
N VAL A 111 6.19 2.89 -3.84
CA VAL A 111 5.50 4.11 -3.47
C VAL A 111 6.14 4.67 -2.19
N THR A 112 7.43 4.39 -2.04
CA THR A 112 8.16 4.86 -0.88
C THR A 112 9.60 5.22 -1.27
N GLU A 113 10.22 4.30 -2.01
CA GLU A 113 11.58 4.50 -2.45
C GLU A 113 11.61 5.31 -3.74
N LEU A 114 10.43 5.51 -4.31
CA LEU A 114 10.31 6.26 -5.55
C LEU A 114 11.06 5.53 -6.66
N SER A 115 11.25 4.24 -6.46
CA SER A 115 11.95 3.41 -7.44
C SER A 115 11.29 2.04 -7.53
N VAL A 116 12.05 1.09 -8.06
CA VAL A 116 11.56 -0.27 -8.21
C VAL A 116 12.63 -1.25 -7.74
N PRO A 117 12.22 -2.10 -6.75
CA PRO A 117 13.14 -3.09 -6.21
C PRO A 117 13.33 -4.25 -7.18
N GLN A 118 14.58 -4.44 -7.58
CA GLN A 118 14.92 -5.51 -8.50
C GLN A 118 15.28 -6.78 -7.74
N ASN A 119 14.75 -6.87 -6.53
CA ASN A 119 15.00 -8.03 -5.69
C ASN A 119 13.68 -8.67 -5.29
N VAL A 120 12.75 -8.70 -6.25
CA VAL A 120 11.44 -9.28 -6.01
C VAL A 120 11.31 -10.57 -6.83
N SER A 121 10.72 -11.57 -6.19
CA SER A 121 10.52 -12.85 -6.84
C SER A 121 9.24 -12.83 -7.65
N LEU A 122 8.51 -11.74 -7.53
CA LEU A 122 7.25 -11.57 -8.25
C LEU A 122 7.48 -11.89 -9.74
N LEU A 123 6.38 -12.15 -10.43
CA LEU A 123 6.45 -12.46 -11.84
C LEU A 123 6.95 -11.24 -12.61
N PRO A 124 7.27 -11.46 -13.91
CA PRO A 124 7.77 -10.40 -14.75
C PRO A 124 6.64 -9.46 -15.17
N GLY A 125 5.42 -9.86 -14.83
CA GLY A 125 4.25 -9.07 -15.16
C GLY A 125 3.83 -8.21 -13.97
N GLN A 126 4.02 -8.76 -12.78
CA GLN A 126 3.66 -8.06 -11.56
C GLN A 126 4.68 -6.95 -11.27
N VAL A 127 5.93 -7.25 -11.56
CA VAL A 127 7.00 -6.29 -11.34
C VAL A 127 6.70 -5.01 -12.11
N ILE A 128 6.01 -5.17 -13.23
CA ILE A 128 5.65 -4.04 -14.06
C ILE A 128 4.91 -3.00 -13.22
N LYS A 129 3.92 -3.50 -12.48
CA LYS A 129 3.13 -2.63 -11.63
C LYS A 129 4.05 -1.65 -10.90
N LEU A 130 5.05 -2.21 -10.24
CA LEU A 130 6.00 -1.42 -9.49
C LEU A 130 6.52 -0.28 -10.39
N HIS A 131 6.81 -0.65 -11.63
CA HIS A 131 7.32 0.31 -12.59
C HIS A 131 6.25 1.37 -12.87
N GLU A 132 5.05 0.89 -13.20
CA GLU A 132 3.95 1.77 -13.50
C GLU A 132 3.60 2.62 -12.28
N VAL A 133 3.27 1.95 -11.19
CA VAL A 133 2.92 2.64 -9.96
C VAL A 133 3.90 3.78 -9.72
N LEU A 134 5.18 3.47 -9.91
CA LEU A 134 6.23 4.46 -9.72
C LEU A 134 5.90 5.71 -10.57
N GLU A 135 5.98 5.52 -11.88
CA GLU A 135 5.71 6.62 -12.79
C GLU A 135 4.39 7.30 -12.42
N ARG A 136 3.44 6.50 -11.97
CA ARG A 136 2.14 7.01 -11.58
C ARG A 136 2.29 8.02 -10.45
N GLU A 137 3.02 7.62 -9.42
CA GLU A 137 3.25 8.48 -8.27
C GLU A 137 4.23 9.59 -8.63
N LYS A 138 5.10 9.28 -9.59
CA LYS A 138 6.09 10.24 -10.03
C LYS A 138 5.40 11.58 -10.35
N LYS A 139 4.35 11.48 -11.16
CA LYS A 139 3.61 12.67 -11.55
C LYS A 139 3.28 13.49 -10.29
N ARG A 140 2.97 12.78 -9.22
CA ARG A 140 2.63 13.42 -7.97
C ARG A 140 3.88 14.06 -7.35
N ARG A 141 5.03 13.49 -7.67
CA ARG A 141 6.30 13.98 -7.16
C ARG A 141 6.55 15.40 -7.68
N ILE A 142 5.80 15.76 -8.71
CA ILE A 142 5.93 17.08 -9.31
C ILE A 142 5.54 18.14 -8.29
N GLU A 143 4.24 18.29 -8.11
CA GLU A 143 3.72 19.27 -7.17
C GLU A 143 4.36 19.08 -5.79
N SER A 144 3.89 18.04 -5.10
CA SER A 144 4.42 17.73 -3.77
C SER A 144 5.81 17.11 -3.90
N GLY A 145 6.80 17.87 -3.46
CA GLY A 145 8.18 17.39 -3.51
C GLY A 145 8.49 16.47 -2.33
N PRO A 146 9.81 16.26 -2.10
CA PRO A 146 10.25 15.41 -1.00
C PRO A 146 10.09 16.12 0.35
N SER A 147 10.40 15.39 1.40
CA SER A 147 10.30 15.93 2.75
C SER A 147 11.55 15.59 3.55
N SER A 148 11.81 14.30 3.67
CA SER A 148 12.97 13.83 4.40
C SER A 148 13.00 14.45 5.79
N GLY A 149 12.51 13.69 6.76
CA GLY A 149 12.48 14.16 8.14
C GLY A 149 12.02 13.04 9.08
N GLY A 1 -37.07 1.79 12.25
CA GLY A 1 -35.66 1.48 12.04
C GLY A 1 -34.79 2.70 12.32
N SER A 2 -33.50 2.52 12.08
CA SER A 2 -32.55 3.60 12.30
C SER A 2 -31.15 3.15 11.85
N SER A 3 -30.35 4.14 11.45
CA SER A 3 -28.99 3.86 11.00
C SER A 3 -28.00 4.72 11.78
N GLY A 4 -28.16 6.03 11.65
CA GLY A 4 -27.29 6.96 12.34
C GLY A 4 -26.30 7.62 11.36
N SER A 5 -25.63 8.64 11.85
CA SER A 5 -24.66 9.36 11.03
C SER A 5 -25.36 10.02 9.84
N SER A 6 -25.28 11.34 9.81
CA SER A 6 -25.90 12.10 8.74
C SER A 6 -24.86 12.46 7.68
N GLY A 7 -23.60 12.25 8.04
CA GLY A 7 -22.50 12.54 7.13
C GLY A 7 -21.16 12.45 7.86
N GLN A 8 -20.17 11.93 7.14
CA GLN A 8 -18.84 11.78 7.70
C GLN A 8 -17.78 11.97 6.61
N GLU A 9 -17.46 13.24 6.35
CA GLU A 9 -16.48 13.57 5.34
C GLU A 9 -16.65 12.69 4.11
N ARG A 10 -17.65 13.05 3.30
CA ARG A 10 -17.93 12.30 2.09
C ARG A 10 -17.37 13.04 0.87
N LEU A 11 -16.25 12.55 0.39
CA LEU A 11 -15.60 13.15 -0.77
C LEU A 11 -15.25 12.05 -1.78
N LYS A 12 -15.16 12.45 -3.04
CA LYS A 12 -14.83 11.51 -4.10
C LYS A 12 -13.35 11.65 -4.46
N ILE A 13 -12.73 10.51 -4.70
CA ILE A 13 -11.32 10.49 -5.05
C ILE A 13 -11.14 9.82 -6.42
N THR A 14 -10.45 10.51 -7.30
CA THR A 14 -10.20 9.99 -8.63
C THR A 14 -8.71 10.06 -8.97
N ALA A 15 -8.12 11.20 -8.64
CA ALA A 15 -6.71 11.40 -8.90
C ALA A 15 -5.92 10.18 -8.42
N LEU A 16 -5.90 10.00 -7.11
CA LEU A 16 -5.19 8.88 -6.52
C LEU A 16 -5.38 7.64 -7.39
N PRO A 17 -4.34 7.35 -8.23
CA PRO A 17 -4.39 6.20 -9.11
C PRO A 17 -4.17 4.91 -8.34
N LEU A 18 -5.17 4.04 -8.41
CA LEU A 18 -5.09 2.76 -7.72
C LEU A 18 -3.84 2.00 -8.19
N TYR A 19 -3.22 1.30 -7.26
CA TYR A 19 -2.03 0.53 -7.57
C TYR A 19 -2.21 -0.94 -7.19
N PHE A 20 -2.82 -1.15 -6.03
CA PHE A 20 -3.06 -2.50 -5.54
C PHE A 20 -4.17 -2.51 -4.49
N GLU A 21 -4.83 -3.65 -4.39
CA GLU A 21 -5.91 -3.81 -3.44
C GLU A 21 -6.12 -5.29 -3.11
N GLY A 22 -6.46 -5.54 -1.86
CA GLY A 22 -6.70 -6.91 -1.41
C GLY A 22 -6.77 -6.98 0.12
N PHE A 23 -7.65 -7.84 0.60
CA PHE A 23 -7.82 -8.00 2.03
C PHE A 23 -6.48 -8.02 2.75
N LEU A 24 -6.17 -6.90 3.40
CA LEU A 24 -4.91 -6.77 4.12
C LEU A 24 -5.19 -6.75 5.62
N LEU A 25 -4.23 -7.24 6.38
CA LEU A 25 -4.38 -7.29 7.83
C LEU A 25 -3.55 -6.15 8.45
N ILE A 26 -4.21 -5.38 9.29
CA ILE A 26 -3.55 -4.26 9.95
C ILE A 26 -3.53 -4.51 11.46
N LYS A 27 -2.33 -4.42 12.03
CA LYS A 27 -2.16 -4.63 13.46
C LYS A 27 -1.44 -3.42 14.06
N ARG A 28 -2.17 -2.69 14.89
CA ARG A 28 -1.62 -1.51 15.54
C ARG A 28 -1.87 -1.57 17.04
N SER A 29 -1.44 -0.52 17.72
CA SER A 29 -1.62 -0.43 19.16
C SER A 29 -3.10 -0.21 19.49
N GLY A 30 -3.88 -1.26 19.34
CA GLY A 30 -5.30 -1.19 19.62
C GLY A 30 -6.09 -2.13 18.70
N TYR A 31 -5.57 -3.34 18.57
CA TYR A 31 -6.21 -4.34 17.72
C TYR A 31 -6.26 -5.70 18.43
N ARG A 32 -5.14 -6.06 19.03
CA ARG A 32 -5.04 -7.32 19.73
C ARG A 32 -4.80 -8.46 18.74
N GLU A 33 -5.64 -8.51 17.72
CA GLU A 33 -5.52 -9.55 16.71
C GLU A 33 -5.70 -8.94 15.32
N TYR A 34 -4.90 -9.42 14.38
CA TYR A 34 -4.96 -8.94 13.01
C TYR A 34 -6.39 -8.95 12.49
N GLU A 35 -6.82 -7.79 12.00
CA GLU A 35 -8.17 -7.65 11.47
C GLU A 35 -8.13 -7.63 9.94
N HIS A 36 -9.16 -8.22 9.35
CA HIS A 36 -9.26 -8.27 7.90
C HIS A 36 -10.04 -7.05 7.40
N TYR A 37 -9.32 -6.18 6.71
CA TYR A 37 -9.93 -4.97 6.16
C TYR A 37 -9.55 -4.78 4.70
N TRP A 38 -10.55 -4.41 3.91
CA TRP A 38 -10.34 -4.19 2.48
C TRP A 38 -9.41 -2.99 2.33
N THR A 39 -8.13 -3.29 2.18
CA THR A 39 -7.13 -2.24 2.02
C THR A 39 -6.96 -1.89 0.53
N GLU A 40 -6.78 -0.60 0.28
CA GLU A 40 -6.60 -0.12 -1.08
C GLU A 40 -5.40 0.82 -1.16
N LEU A 41 -4.51 0.51 -2.10
CA LEU A 41 -3.32 1.32 -2.30
C LEU A 41 -3.61 2.41 -3.32
N ARG A 42 -3.34 3.65 -2.91
CA ARG A 42 -3.57 4.78 -3.79
C ARG A 42 -2.52 5.87 -3.53
N GLY A 43 -1.87 6.29 -4.61
CA GLY A 43 -0.85 7.31 -4.52
C GLY A 43 0.17 6.97 -3.44
N THR A 44 -0.10 7.48 -2.24
CA THR A 44 0.79 7.23 -1.12
C THR A 44 0.02 7.28 0.20
N THR A 45 -1.24 6.84 0.12
CA THR A 45 -2.10 6.83 1.29
C THR A 45 -2.88 5.51 1.35
N LEU A 46 -2.59 4.73 2.38
CA LEU A 46 -3.27 3.46 2.57
C LEU A 46 -4.69 3.69 3.07
N PHE A 47 -5.64 3.05 2.40
CA PHE A 47 -7.04 3.19 2.76
C PHE A 47 -7.63 1.86 3.18
N PHE A 48 -8.13 1.83 4.41
CA PHE A 48 -8.72 0.61 4.95
C PHE A 48 -10.25 0.68 4.91
N TYR A 49 -10.85 -0.42 4.51
CA TYR A 49 -12.30 -0.51 4.42
C TYR A 49 -12.82 -1.80 5.05
N THR A 50 -13.82 -1.63 5.90
CA THR A 50 -14.42 -2.78 6.58
C THR A 50 -15.02 -3.75 5.55
N ASP A 51 -15.45 -3.19 4.43
CA ASP A 51 -16.05 -3.99 3.39
C ASP A 51 -16.09 -3.16 2.09
N LYS A 52 -16.19 -3.88 0.97
CA LYS A 52 -16.24 -3.24 -0.32
C LYS A 52 -17.49 -2.37 -0.41
N LYS A 53 -18.57 -2.88 0.18
CA LYS A 53 -19.83 -2.17 0.17
C LYS A 53 -19.63 -0.77 0.76
N SER A 54 -18.91 -0.73 1.87
CA SER A 54 -18.64 0.53 2.54
C SER A 54 -18.06 1.54 1.55
N ILE A 55 -18.53 2.77 1.65
CA ILE A 55 -18.08 3.83 0.77
C ILE A 55 -16.89 4.54 1.41
N ILE A 56 -17.05 4.87 2.69
CA ILE A 56 -16.00 5.56 3.42
C ILE A 56 -15.02 4.53 3.99
N TYR A 57 -13.77 4.95 4.11
CA TYR A 57 -12.74 4.07 4.64
C TYR A 57 -12.66 4.16 6.16
N VAL A 58 -12.75 2.99 6.78
CA VAL A 58 -12.69 2.92 8.23
C VAL A 58 -11.56 3.81 8.75
N ASP A 59 -10.40 3.64 8.14
CA ASP A 59 -9.23 4.42 8.52
C ASP A 59 -8.18 4.34 7.41
N LYS A 60 -7.37 5.39 7.33
CA LYS A 60 -6.33 5.45 6.31
C LYS A 60 -4.98 5.65 7.00
N LEU A 61 -3.93 5.28 6.28
CA LEU A 61 -2.58 5.41 6.80
C LEU A 61 -1.70 6.11 5.76
N ASP A 62 -0.52 6.51 6.21
CA ASP A 62 0.42 7.18 5.32
C ASP A 62 1.82 6.59 5.53
N ILE A 63 2.46 6.28 4.41
CA ILE A 63 3.80 5.71 4.44
C ILE A 63 4.70 6.45 3.45
N VAL A 64 4.39 7.72 3.27
CA VAL A 64 5.16 8.55 2.34
C VAL A 64 6.51 8.90 2.98
N ASP A 65 6.44 9.22 4.27
CA ASP A 65 7.65 9.58 5.00
C ASP A 65 8.26 8.33 5.63
N LEU A 66 7.83 7.18 5.10
CA LEU A 66 8.32 5.91 5.60
C LEU A 66 9.84 5.99 5.78
N THR A 67 10.30 5.49 6.92
CA THR A 67 11.72 5.50 7.22
C THR A 67 12.40 4.28 6.61
N CYS A 68 11.67 3.17 6.61
CA CYS A 68 12.19 1.93 6.05
C CYS A 68 11.15 0.83 6.28
N LEU A 69 11.52 -0.38 5.87
CA LEU A 69 10.63 -1.52 6.03
C LEU A 69 11.41 -2.68 6.65
N THR A 70 10.87 -3.20 7.73
CA THR A 70 11.51 -4.31 8.43
C THR A 70 10.83 -5.63 8.06
N GLU A 71 11.49 -6.72 8.41
CA GLU A 71 10.97 -8.04 8.12
C GLU A 71 10.96 -8.90 9.38
N GLN A 72 9.79 -9.47 9.66
CA GLN A 72 9.63 -10.31 10.83
C GLN A 72 10.04 -11.75 10.50
N ASN A 73 10.87 -12.30 11.38
CA ASN A 73 11.34 -13.68 11.20
C ASN A 73 10.16 -14.58 10.85
N SER A 74 9.21 -14.62 11.79
CA SER A 74 8.02 -15.44 11.59
C SER A 74 8.40 -16.92 11.64
N THR A 75 7.37 -17.76 11.53
CA THR A 75 7.58 -19.19 11.56
C THR A 75 8.47 -19.63 10.40
N GLU A 76 9.75 -19.75 10.68
CA GLU A 76 10.71 -20.16 9.66
C GLU A 76 10.37 -19.52 8.31
N LYS A 77 10.55 -18.20 8.26
CA LYS A 77 10.26 -17.46 7.04
C LYS A 77 8.95 -17.98 6.43
N ASN A 78 7.86 -17.42 6.92
CA ASN A 78 6.54 -17.81 6.43
C ASN A 78 5.71 -16.56 6.13
N CYS A 79 5.30 -16.46 4.88
CA CYS A 79 4.50 -15.32 4.45
C CYS A 79 5.35 -14.06 4.60
N ALA A 80 4.94 -13.02 3.89
CA ALA A 80 5.65 -11.75 3.93
C ALA A 80 5.15 -10.93 5.13
N LYS A 81 6.06 -10.72 6.08
CA LYS A 81 5.73 -9.95 7.27
C LYS A 81 6.74 -8.82 7.44
N PHE A 82 6.23 -7.60 7.40
CA PHE A 82 7.08 -6.43 7.55
C PHE A 82 6.34 -5.32 8.31
N THR A 83 7.13 -4.50 8.99
CA THR A 83 6.57 -3.40 9.76
C THR A 83 6.94 -2.06 9.12
N LEU A 84 5.97 -1.18 9.07
CA LEU A 84 6.18 0.14 8.49
C LEU A 84 6.83 1.06 9.53
N VAL A 85 8.07 1.45 9.25
CA VAL A 85 8.80 2.31 10.15
C VAL A 85 8.61 3.77 9.72
N LEU A 86 7.87 4.51 10.54
CA LEU A 86 7.59 5.91 10.27
C LEU A 86 8.28 6.77 11.33
N PRO A 87 8.52 8.05 10.96
CA PRO A 87 9.16 8.99 11.86
C PRO A 87 8.18 9.46 12.95
N LYS A 88 6.98 8.91 12.88
CA LYS A 88 5.95 9.26 13.84
C LYS A 88 5.62 8.03 14.70
N GLU A 89 5.14 7.00 14.03
CA GLU A 89 4.79 5.76 14.71
C GLU A 89 4.96 4.56 13.77
N GLU A 90 5.21 3.42 14.36
CA GLU A 90 5.41 2.20 13.61
C GLU A 90 4.10 1.40 13.53
N VAL A 91 3.90 0.76 12.39
CA VAL A 91 2.69 -0.03 12.18
C VAL A 91 3.09 -1.44 11.72
N GLN A 92 2.29 -2.41 12.13
CA GLN A 92 2.55 -3.79 11.76
C GLN A 92 1.64 -4.21 10.60
N LEU A 93 2.27 -4.69 9.55
CA LEU A 93 1.53 -5.13 8.37
C LEU A 93 1.67 -6.65 8.22
N LYS A 94 0.54 -7.29 7.95
CA LYS A 94 0.52 -8.73 7.78
C LYS A 94 -0.36 -9.09 6.59
N THR A 95 0.02 -10.17 5.91
CA THR A 95 -0.73 -10.63 4.75
C THR A 95 -1.24 -12.05 4.97
N GLU A 96 -2.23 -12.42 4.17
CA GLU A 96 -2.82 -13.74 4.27
C GLU A 96 -2.01 -14.74 3.45
N ASN A 97 -1.70 -14.35 2.23
CA ASN A 97 -0.94 -15.21 1.33
C ASN A 97 0.52 -14.72 1.29
N THR A 98 1.36 -15.53 0.66
CA THR A 98 2.77 -15.20 0.54
C THR A 98 3.00 -14.27 -0.66
N GLU A 99 2.54 -14.73 -1.81
CA GLU A 99 2.69 -13.96 -3.03
C GLU A 99 2.26 -12.51 -2.80
N SER A 100 0.98 -12.35 -2.50
CA SER A 100 0.43 -11.02 -2.25
C SER A 100 1.39 -10.22 -1.38
N GLY A 101 2.02 -10.91 -0.44
CA GLY A 101 2.96 -10.28 0.46
C GLY A 101 4.04 -9.52 -0.31
N GLU A 102 4.67 -10.23 -1.24
CA GLU A 102 5.72 -9.64 -2.05
C GLU A 102 5.16 -8.50 -2.89
N GLU A 103 3.86 -8.59 -3.16
CA GLU A 103 3.19 -7.57 -3.96
C GLU A 103 3.14 -6.24 -3.18
N TRP A 104 2.35 -6.25 -2.13
CA TRP A 104 2.20 -5.06 -1.29
C TRP A 104 3.59 -4.47 -1.06
N ARG A 105 4.43 -5.24 -0.39
CA ARG A 105 5.78 -4.81 -0.10
C ARG A 105 6.35 -4.01 -1.28
N GLY A 106 6.45 -4.70 -2.41
CA GLY A 106 6.97 -4.08 -3.62
C GLY A 106 6.30 -2.73 -3.88
N PHE A 107 5.02 -2.79 -4.22
CA PHE A 107 4.25 -1.59 -4.49
C PHE A 107 4.57 -0.50 -3.48
N ILE A 108 4.57 -0.89 -2.22
CA ILE A 108 4.85 0.05 -1.14
C ILE A 108 6.30 0.54 -1.26
N LEU A 109 7.20 -0.42 -1.37
CA LEU A 109 8.61 -0.10 -1.49
C LEU A 109 8.82 0.84 -2.68
N THR A 110 7.81 0.88 -3.54
CA THR A 110 7.87 1.74 -4.72
C THR A 110 7.32 3.13 -4.39
N VAL A 111 6.20 3.14 -3.68
CA VAL A 111 5.57 4.39 -3.31
C VAL A 111 6.26 4.95 -2.06
N THR A 112 7.38 4.31 -1.70
CA THR A 112 8.14 4.73 -0.54
C THR A 112 9.57 5.07 -0.93
N GLU A 113 10.19 4.13 -1.63
CA GLU A 113 11.56 4.31 -2.09
C GLU A 113 11.60 5.15 -3.36
N LEU A 114 10.42 5.36 -3.93
CA LEU A 114 10.31 6.15 -5.14
C LEU A 114 11.04 5.44 -6.28
N SER A 115 11.27 4.14 -6.07
CA SER A 115 11.97 3.35 -7.07
C SER A 115 11.30 1.97 -7.19
N VAL A 116 12.10 1.00 -7.62
CA VAL A 116 11.60 -0.36 -7.77
C VAL A 116 12.62 -1.34 -7.21
N PRO A 117 12.13 -2.24 -6.31
CA PRO A 117 12.99 -3.23 -5.69
C PRO A 117 13.32 -4.35 -6.66
N GLN A 118 14.61 -4.47 -6.95
CA GLN A 118 15.08 -5.50 -7.88
C GLN A 118 15.44 -6.77 -7.10
N ASN A 119 14.86 -6.90 -5.92
CA ASN A 119 15.12 -8.06 -5.09
C ASN A 119 13.80 -8.69 -4.67
N VAL A 120 12.95 -8.92 -5.66
CA VAL A 120 11.64 -9.52 -5.42
C VAL A 120 11.55 -10.85 -6.17
N SER A 121 10.62 -11.68 -5.72
CA SER A 121 10.42 -12.98 -6.34
C SER A 121 9.21 -12.93 -7.29
N LEU A 122 8.52 -11.80 -7.25
CA LEU A 122 7.35 -11.62 -8.09
C LEU A 122 7.71 -11.97 -9.54
N LEU A 123 6.68 -12.26 -10.32
CA LEU A 123 6.87 -12.61 -11.72
C LEU A 123 7.44 -11.40 -12.47
N PRO A 124 7.87 -11.67 -13.74
CA PRO A 124 8.44 -10.62 -14.56
C PRO A 124 7.34 -9.68 -15.09
N GLY A 125 6.10 -10.09 -14.86
CA GLY A 125 4.95 -9.31 -15.30
C GLY A 125 4.43 -8.41 -14.17
N GLN A 126 4.54 -8.94 -12.95
CA GLN A 126 4.08 -8.21 -11.79
C GLN A 126 5.04 -7.07 -11.46
N VAL A 127 6.33 -7.38 -11.55
CA VAL A 127 7.36 -6.40 -11.26
C VAL A 127 7.07 -5.13 -12.05
N ILE A 128 6.53 -5.31 -13.23
CA ILE A 128 6.21 -4.18 -14.09
C ILE A 128 5.38 -3.16 -13.30
N LYS A 129 4.37 -3.68 -12.61
CA LYS A 129 3.51 -2.83 -11.82
C LYS A 129 4.36 -1.88 -10.97
N LEU A 130 5.29 -2.46 -10.23
CA LEU A 130 6.17 -1.69 -9.39
C LEU A 130 6.78 -0.54 -10.20
N HIS A 131 6.96 -0.80 -11.49
CA HIS A 131 7.52 0.19 -12.38
C HIS A 131 6.43 1.20 -12.78
N GLU A 132 5.31 0.66 -13.22
CA GLU A 132 4.19 1.50 -13.64
C GLU A 132 3.71 2.35 -12.47
N VAL A 133 3.67 1.73 -11.30
CA VAL A 133 3.23 2.42 -10.09
C VAL A 133 4.16 3.59 -9.81
N LEU A 134 5.45 3.33 -9.97
CA LEU A 134 6.45 4.36 -9.73
C LEU A 134 6.16 5.56 -10.63
N GLU A 135 6.29 5.34 -11.94
CA GLU A 135 6.05 6.39 -12.90
C GLU A 135 4.69 7.07 -12.62
N ARG A 136 3.78 6.28 -12.08
CA ARG A 136 2.46 6.80 -11.76
C ARG A 136 2.55 7.87 -10.67
N GLU A 137 3.02 7.45 -9.51
CA GLU A 137 3.16 8.36 -8.39
C GLU A 137 4.18 9.46 -8.72
N LYS A 138 5.08 9.13 -9.64
CA LYS A 138 6.11 10.07 -10.06
C LYS A 138 5.45 11.39 -10.44
N LYS A 139 4.57 11.32 -11.42
CA LYS A 139 3.86 12.50 -11.88
C LYS A 139 3.46 13.36 -10.68
N ARG A 140 2.78 12.72 -9.74
CA ARG A 140 2.34 13.41 -8.54
C ARG A 140 3.42 14.38 -8.06
N ARG A 141 4.65 13.89 -8.03
CA ARG A 141 5.77 14.69 -7.59
C ARG A 141 5.69 16.10 -8.21
N ILE A 142 5.30 16.13 -9.47
CA ILE A 142 5.18 17.39 -10.18
C ILE A 142 4.44 18.40 -9.30
N GLU A 143 3.12 18.30 -9.32
CA GLU A 143 2.29 19.18 -8.53
C GLU A 143 2.16 18.67 -7.10
N SER A 144 3.23 18.84 -6.34
CA SER A 144 3.25 18.40 -4.96
C SER A 144 4.32 19.17 -4.18
N GLY A 145 5.56 19.02 -4.62
CA GLY A 145 6.67 19.68 -3.97
C GLY A 145 7.56 20.39 -5.00
N PRO A 146 8.34 21.39 -4.50
CA PRO A 146 9.23 22.15 -5.37
C PRO A 146 10.47 21.32 -5.73
N SER A 147 11.19 20.90 -4.71
CA SER A 147 12.40 20.11 -4.91
C SER A 147 12.15 18.66 -4.45
N SER A 148 12.84 17.75 -5.12
CA SER A 148 12.71 16.33 -4.80
C SER A 148 14.01 15.61 -5.10
N GLY A 149 14.25 14.54 -4.35
CA GLY A 149 15.45 13.75 -4.53
C GLY A 149 16.68 14.48 -3.99
N GLY A 1 -7.97 -21.73 -8.66
CA GLY A 1 -9.21 -21.04 -8.98
C GLY A 1 -8.97 -19.97 -10.06
N SER A 2 -8.52 -18.81 -9.61
CA SER A 2 -8.25 -17.71 -10.52
C SER A 2 -9.56 -17.23 -11.15
N SER A 3 -9.71 -15.91 -11.18
CA SER A 3 -10.90 -15.31 -11.75
C SER A 3 -10.71 -13.79 -11.87
N GLY A 4 -11.60 -13.18 -12.63
CA GLY A 4 -11.55 -11.75 -12.84
C GLY A 4 -12.74 -11.26 -13.67
N SER A 5 -12.98 -9.95 -13.62
CA SER A 5 -14.08 -9.36 -14.36
C SER A 5 -13.77 -7.89 -14.64
N SER A 6 -14.16 -7.46 -15.84
CA SER A 6 -13.94 -6.08 -16.24
C SER A 6 -14.68 -5.79 -17.55
N GLY A 7 -14.77 -4.51 -17.88
CA GLY A 7 -15.44 -4.10 -19.09
C GLY A 7 -14.75 -2.88 -19.72
N GLN A 8 -15.55 -2.07 -20.39
CA GLN A 8 -15.02 -0.88 -21.04
C GLN A 8 -15.01 0.30 -20.06
N GLU A 9 -13.81 0.69 -19.67
CA GLU A 9 -13.65 1.80 -18.75
C GLU A 9 -12.33 2.53 -19.02
N ARG A 10 -12.32 3.82 -18.68
CA ARG A 10 -11.14 4.63 -18.87
C ARG A 10 -10.47 4.94 -17.52
N LEU A 11 -9.25 4.45 -17.38
CA LEU A 11 -8.50 4.67 -16.16
C LEU A 11 -7.96 6.10 -16.14
N LYS A 12 -7.16 6.40 -17.15
CA LYS A 12 -6.57 7.73 -17.26
C LYS A 12 -5.99 8.15 -15.91
N ILE A 13 -5.72 9.43 -15.78
CA ILE A 13 -5.17 9.97 -14.55
C ILE A 13 -5.92 11.26 -14.19
N THR A 14 -6.41 11.28 -12.96
CA THR A 14 -7.13 12.45 -12.47
C THR A 14 -7.08 12.51 -10.94
N ALA A 15 -7.48 11.42 -10.31
CA ALA A 15 -7.48 11.33 -8.87
C ALA A 15 -6.56 10.19 -8.43
N LEU A 16 -6.41 10.07 -7.12
CA LEU A 16 -5.57 9.03 -6.55
C LEU A 16 -5.76 7.73 -7.34
N PRO A 17 -4.77 7.43 -8.21
CA PRO A 17 -4.82 6.23 -9.02
C PRO A 17 -4.53 4.98 -8.19
N LEU A 18 -5.37 3.98 -8.35
CA LEU A 18 -5.21 2.73 -7.62
C LEU A 18 -4.02 1.97 -8.18
N TYR A 19 -3.26 1.37 -7.28
CA TYR A 19 -2.09 0.61 -7.67
C TYR A 19 -2.25 -0.86 -7.31
N PHE A 20 -2.87 -1.10 -6.16
CA PHE A 20 -3.10 -2.45 -5.70
C PHE A 20 -4.20 -2.50 -4.64
N GLU A 21 -4.90 -3.63 -4.60
CA GLU A 21 -5.99 -3.80 -3.65
C GLU A 21 -6.14 -5.28 -3.30
N GLY A 22 -6.30 -5.54 -2.01
CA GLY A 22 -6.47 -6.90 -1.54
C GLY A 22 -6.59 -6.95 -0.02
N PHE A 23 -7.58 -7.70 0.45
CA PHE A 23 -7.81 -7.83 1.87
C PHE A 23 -6.49 -7.90 2.65
N LEU A 24 -6.09 -6.74 3.16
CA LEU A 24 -4.85 -6.65 3.91
C LEU A 24 -5.17 -6.69 5.41
N LEU A 25 -4.20 -7.16 6.17
CA LEU A 25 -4.36 -7.26 7.61
C LEU A 25 -3.51 -6.18 8.29
N ILE A 26 -4.17 -5.39 9.12
CA ILE A 26 -3.49 -4.32 9.83
C ILE A 26 -3.48 -4.65 11.34
N LYS A 27 -2.32 -4.47 11.94
CA LYS A 27 -2.16 -4.74 13.36
C LYS A 27 -1.46 -3.55 14.01
N ARG A 28 -2.04 -2.38 13.82
CA ARG A 28 -1.48 -1.16 14.39
C ARG A 28 -1.13 -1.39 15.86
N SER A 29 -0.48 -0.37 16.44
CA SER A 29 -0.09 -0.45 17.84
C SER A 29 -1.31 -0.34 18.74
N GLY A 30 -1.71 -1.49 19.27
CA GLY A 30 -2.87 -1.55 20.14
C GLY A 30 -4.00 -2.35 19.52
N TYR A 31 -3.63 -3.22 18.58
CA TYR A 31 -4.60 -4.05 17.89
C TYR A 31 -4.65 -5.45 18.50
N ARG A 32 -5.73 -5.70 19.24
CA ARG A 32 -5.91 -6.99 19.88
C ARG A 32 -5.41 -8.11 18.96
N GLU A 33 -5.53 -7.88 17.66
CA GLU A 33 -5.10 -8.85 16.67
C GLU A 33 -5.33 -8.32 15.27
N TYR A 34 -4.52 -8.81 14.34
CA TYR A 34 -4.63 -8.40 12.95
C TYR A 34 -6.09 -8.32 12.51
N GLU A 35 -6.47 -7.15 11.99
CA GLU A 35 -7.82 -6.94 11.53
C GLU A 35 -7.89 -7.01 10.01
N HIS A 36 -9.00 -7.55 9.51
CA HIS A 36 -9.20 -7.68 8.09
C HIS A 36 -9.99 -6.48 7.55
N TYR A 37 -9.34 -5.74 6.67
CA TYR A 37 -9.97 -4.56 6.08
C TYR A 37 -9.56 -4.40 4.61
N TRP A 38 -10.55 -4.10 3.79
CA TRP A 38 -10.31 -3.92 2.37
C TRP A 38 -9.32 -2.77 2.20
N THR A 39 -8.05 -3.13 2.13
CA THR A 39 -7.00 -2.14 1.97
C THR A 39 -6.86 -1.74 0.50
N GLU A 40 -6.78 -0.43 0.28
CA GLU A 40 -6.64 0.10 -1.07
C GLU A 40 -5.39 0.96 -1.18
N LEU A 41 -4.52 0.58 -2.11
CA LEU A 41 -3.29 1.32 -2.32
C LEU A 41 -3.53 2.40 -3.38
N ARG A 42 -3.23 3.64 -2.99
CA ARG A 42 -3.41 4.77 -3.88
C ARG A 42 -2.37 5.84 -3.59
N GLY A 43 -1.65 6.24 -4.63
CA GLY A 43 -0.63 7.27 -4.49
C GLY A 43 0.42 6.86 -3.45
N THR A 44 0.24 7.37 -2.24
CA THR A 44 1.15 7.08 -1.15
C THR A 44 0.40 7.04 0.17
N THR A 45 -0.91 6.86 0.08
CA THR A 45 -1.75 6.80 1.26
C THR A 45 -2.56 5.50 1.28
N LEU A 46 -2.40 4.76 2.37
CA LEU A 46 -3.10 3.50 2.51
C LEU A 46 -4.54 3.78 2.97
N PHE A 47 -5.48 3.13 2.30
CA PHE A 47 -6.89 3.30 2.63
C PHE A 47 -7.51 1.96 3.03
N PHE A 48 -8.10 1.96 4.21
CA PHE A 48 -8.75 0.76 4.72
C PHE A 48 -10.28 0.88 4.65
N TYR A 49 -10.90 -0.21 4.22
CA TYR A 49 -12.35 -0.24 4.11
C TYR A 49 -12.92 -1.53 4.70
N THR A 50 -13.88 -1.35 5.59
CA THR A 50 -14.52 -2.49 6.24
C THR A 50 -15.19 -3.39 5.18
N ASP A 51 -15.66 -2.76 4.13
CA ASP A 51 -16.32 -3.48 3.06
C ASP A 51 -16.37 -2.60 1.80
N LYS A 52 -16.23 -3.24 0.66
CA LYS A 52 -16.25 -2.54 -0.62
C LYS A 52 -17.40 -1.53 -0.61
N LYS A 53 -18.53 -1.97 -0.08
CA LYS A 53 -19.70 -1.13 -0.01
C LYS A 53 -19.33 0.21 0.63
N SER A 54 -18.53 0.12 1.68
CA SER A 54 -18.09 1.31 2.38
C SER A 54 -17.73 2.42 1.39
N ILE A 55 -18.38 3.55 1.56
CA ILE A 55 -18.15 4.69 0.68
C ILE A 55 -16.86 5.40 1.10
N ILE A 56 -16.71 5.54 2.41
CA ILE A 56 -15.53 6.20 2.96
C ILE A 56 -14.68 5.16 3.69
N TYR A 57 -13.37 5.29 3.51
CA TYR A 57 -12.43 4.38 4.15
C TYR A 57 -12.53 4.47 5.67
N VAL A 58 -12.68 3.30 6.28
CA VAL A 58 -12.79 3.23 7.73
C VAL A 58 -11.62 3.98 8.36
N ASP A 59 -10.45 3.80 7.76
CA ASP A 59 -9.25 4.45 8.26
C ASP A 59 -8.17 4.41 7.17
N LYS A 60 -7.29 5.39 7.23
CA LYS A 60 -6.20 5.48 6.26
C LYS A 60 -4.87 5.65 7.00
N LEU A 61 -3.80 5.33 6.29
CA LEU A 61 -2.47 5.45 6.87
C LEU A 61 -1.54 6.13 5.86
N ASP A 62 -0.43 6.63 6.38
CA ASP A 62 0.54 7.31 5.54
C ASP A 62 1.91 6.64 5.71
N ILE A 63 2.52 6.31 4.58
CA ILE A 63 3.82 5.67 4.59
C ILE A 63 4.77 6.42 3.66
N VAL A 64 4.44 7.69 3.43
CA VAL A 64 5.25 8.52 2.57
C VAL A 64 6.56 8.87 3.27
N ASP A 65 6.47 9.02 4.58
CA ASP A 65 7.63 9.35 5.39
C ASP A 65 8.28 8.06 5.90
N LEU A 66 7.84 6.95 5.33
CA LEU A 66 8.35 5.65 5.71
C LEU A 66 9.88 5.73 5.85
N THR A 67 10.36 5.26 6.99
CA THR A 67 11.79 5.28 7.25
C THR A 67 12.46 4.04 6.66
N CYS A 68 11.76 2.91 6.76
CA CYS A 68 12.27 1.66 6.24
C CYS A 68 11.23 0.57 6.49
N LEU A 69 11.58 -0.64 6.08
CA LEU A 69 10.69 -1.77 6.27
C LEU A 69 11.46 -2.94 6.87
N THR A 70 10.93 -3.46 7.96
CA THR A 70 11.57 -4.58 8.64
C THR A 70 10.81 -5.88 8.35
N GLU A 71 11.41 -6.98 8.79
CA GLU A 71 10.81 -8.28 8.59
C GLU A 71 10.74 -9.05 9.91
N GLN A 72 9.51 -9.32 10.34
CA GLN A 72 9.28 -10.03 11.59
C GLN A 72 9.41 -11.55 11.35
N ASN A 73 9.83 -12.23 12.40
CA ASN A 73 10.00 -13.67 12.32
C ASN A 73 11.11 -14.00 11.32
N SER A 74 12.26 -14.40 11.87
CA SER A 74 13.40 -14.74 11.04
C SER A 74 13.29 -16.20 10.57
N THR A 75 12.99 -16.35 9.29
CA THR A 75 12.86 -17.69 8.72
C THR A 75 11.92 -18.54 9.57
N GLU A 76 10.65 -18.52 9.19
CA GLU A 76 9.65 -19.28 9.91
C GLU A 76 8.26 -19.04 9.31
N LYS A 77 7.60 -20.13 8.96
CA LYS A 77 6.27 -20.06 8.37
C LYS A 77 6.37 -19.41 6.99
N ASN A 78 5.61 -19.98 6.06
CA ASN A 78 5.61 -19.47 4.69
C ASN A 78 4.67 -18.27 4.61
N CYS A 79 5.26 -17.08 4.68
CA CYS A 79 4.49 -15.86 4.61
C CYS A 79 5.46 -14.68 4.68
N ALA A 80 4.90 -13.48 4.61
CA ALA A 80 5.70 -12.27 4.67
C ALA A 80 5.10 -11.31 5.70
N LYS A 81 5.93 -10.90 6.64
CA LYS A 81 5.49 -9.99 7.68
C LYS A 81 6.54 -8.89 7.87
N PHE A 82 6.09 -7.66 7.69
CA PHE A 82 6.98 -6.51 7.84
C PHE A 82 6.30 -5.39 8.62
N THR A 83 7.13 -4.53 9.20
CA THR A 83 6.62 -3.41 9.98
C THR A 83 7.04 -2.09 9.34
N LEU A 84 6.03 -1.35 8.87
CA LEU A 84 6.27 -0.07 8.24
C LEU A 84 6.83 0.91 9.27
N VAL A 85 8.14 1.11 9.21
CA VAL A 85 8.80 2.01 10.13
C VAL A 85 8.53 3.45 9.70
N LEU A 86 7.88 4.19 10.60
CA LEU A 86 7.55 5.58 10.33
C LEU A 86 8.17 6.47 11.42
N PRO A 87 8.37 7.75 11.06
CA PRO A 87 8.95 8.71 11.99
C PRO A 87 7.93 9.13 13.05
N LYS A 88 6.74 8.56 12.94
CA LYS A 88 5.67 8.86 13.88
C LYS A 88 5.35 7.61 14.70
N GLU A 89 4.99 6.55 14.00
CA GLU A 89 4.67 5.30 14.65
C GLU A 89 4.85 4.13 13.67
N GLU A 90 5.20 2.98 14.24
CA GLU A 90 5.41 1.79 13.43
C GLU A 90 4.08 1.04 13.25
N VAL A 91 3.84 0.64 12.01
CA VAL A 91 2.62 -0.08 11.69
C VAL A 91 2.97 -1.51 11.29
N GLN A 92 2.10 -2.44 11.66
CA GLN A 92 2.30 -3.84 11.35
C GLN A 92 1.39 -4.27 10.21
N LEU A 93 1.96 -5.07 9.31
CA LEU A 93 1.21 -5.56 8.17
C LEU A 93 1.35 -7.08 8.07
N LYS A 94 0.36 -7.70 7.45
CA LYS A 94 0.37 -9.15 7.29
C LYS A 94 -0.46 -9.52 6.05
N THR A 95 -0.04 -10.60 5.41
CA THR A 95 -0.71 -11.07 4.22
C THR A 95 -1.04 -12.56 4.35
N GLU A 96 -2.09 -12.98 3.67
CA GLU A 96 -2.51 -14.37 3.69
C GLU A 96 -1.34 -15.28 3.33
N ASN A 97 -0.79 -15.03 2.16
CA ASN A 97 0.34 -15.83 1.68
C ASN A 97 1.55 -14.91 1.46
N THR A 98 2.69 -15.54 1.26
CA THR A 98 3.92 -14.80 1.04
C THR A 98 3.81 -13.94 -0.22
N GLU A 99 3.21 -14.53 -1.25
CA GLU A 99 3.02 -13.83 -2.51
C GLU A 99 2.57 -12.40 -2.26
N SER A 100 1.37 -12.28 -1.70
CA SER A 100 0.81 -10.97 -1.41
C SER A 100 1.87 -10.07 -0.79
N GLY A 101 2.57 -10.61 0.20
CA GLY A 101 3.61 -9.87 0.88
C GLY A 101 4.55 -9.19 -0.13
N GLU A 102 5.34 -10.02 -0.80
CA GLU A 102 6.27 -9.52 -1.78
C GLU A 102 5.59 -8.48 -2.69
N GLU A 103 4.29 -8.69 -2.89
CA GLU A 103 3.52 -7.80 -3.73
C GLU A 103 3.40 -6.42 -3.08
N TRP A 104 2.66 -6.38 -1.97
CA TRP A 104 2.45 -5.15 -1.25
C TRP A 104 3.83 -4.54 -0.96
N ARG A 105 4.65 -5.32 -0.26
CA ARG A 105 5.98 -4.87 0.09
C ARG A 105 6.63 -4.15 -1.10
N GLY A 106 6.33 -4.66 -2.29
CA GLY A 106 6.88 -4.08 -3.51
C GLY A 106 6.21 -2.74 -3.83
N PHE A 107 4.93 -2.82 -4.15
CA PHE A 107 4.17 -1.62 -4.48
C PHE A 107 4.46 -0.50 -3.48
N ILE A 108 4.53 -0.87 -2.20
CA ILE A 108 4.80 0.08 -1.16
C ILE A 108 6.23 0.60 -1.29
N LEU A 109 7.18 -0.31 -1.14
CA LEU A 109 8.59 0.05 -1.25
C LEU A 109 8.77 0.99 -2.43
N THR A 110 7.86 0.89 -3.38
CA THR A 110 7.92 1.74 -4.57
C THR A 110 7.36 3.14 -4.26
N VAL A 111 6.09 3.16 -3.90
CA VAL A 111 5.44 4.42 -3.58
C VAL A 111 6.18 5.10 -2.42
N THR A 112 7.02 4.32 -1.76
CA THR A 112 7.80 4.81 -0.64
C THR A 112 9.19 5.26 -1.11
N GLU A 113 9.86 4.34 -1.77
CA GLU A 113 11.20 4.62 -2.28
C GLU A 113 11.12 5.33 -3.63
N LEU A 114 9.91 5.74 -3.97
CA LEU A 114 9.69 6.43 -5.23
C LEU A 114 10.53 5.78 -6.32
N SER A 115 10.72 4.48 -6.19
CA SER A 115 11.51 3.73 -7.15
C SER A 115 10.99 2.30 -7.25
N VAL A 116 11.83 1.43 -7.81
CA VAL A 116 11.47 0.03 -7.97
C VAL A 116 12.57 -0.84 -7.36
N PRO A 117 12.16 -1.68 -6.37
CA PRO A 117 13.09 -2.56 -5.71
C PRO A 117 13.46 -3.75 -6.60
N GLN A 118 14.76 -3.88 -6.84
CA GLN A 118 15.26 -4.96 -7.67
C GLN A 118 15.61 -6.18 -6.82
N ASN A 119 14.95 -6.27 -5.68
CA ASN A 119 15.19 -7.37 -4.76
C ASN A 119 13.86 -8.08 -4.46
N VAL A 120 13.08 -8.26 -5.51
CA VAL A 120 11.78 -8.91 -5.38
C VAL A 120 11.79 -10.22 -6.18
N SER A 121 10.99 -11.16 -5.71
CA SER A 121 10.90 -12.45 -6.36
C SER A 121 9.66 -12.49 -7.27
N LEU A 122 8.85 -11.46 -7.14
CA LEU A 122 7.63 -11.36 -7.94
C LEU A 122 7.95 -11.76 -9.38
N LEU A 123 6.90 -12.09 -10.12
CA LEU A 123 7.05 -12.49 -11.51
C LEU A 123 7.56 -11.30 -12.33
N PRO A 124 7.96 -11.60 -13.59
CA PRO A 124 8.45 -10.56 -14.48
C PRO A 124 7.31 -9.69 -15.01
N GLY A 125 6.09 -10.12 -14.71
CA GLY A 125 4.91 -9.39 -15.15
C GLY A 125 4.40 -8.47 -14.04
N GLN A 126 4.55 -8.93 -12.81
CA GLN A 126 4.11 -8.17 -11.65
C GLN A 126 5.06 -6.99 -11.40
N VAL A 127 6.34 -7.28 -11.50
CA VAL A 127 7.36 -6.26 -11.28
C VAL A 127 7.02 -5.02 -12.11
N ILE A 128 6.42 -5.27 -13.27
CA ILE A 128 6.04 -4.18 -14.16
C ILE A 128 5.22 -3.16 -13.38
N LYS A 129 4.25 -3.67 -12.64
CA LYS A 129 3.39 -2.81 -11.85
C LYS A 129 4.25 -1.78 -11.09
N LEU A 130 5.17 -2.30 -10.29
CA LEU A 130 6.06 -1.45 -9.52
C LEU A 130 6.58 -0.31 -10.41
N HIS A 131 6.88 -0.67 -11.65
CA HIS A 131 7.38 0.29 -12.60
C HIS A 131 6.28 1.30 -12.94
N GLU A 132 5.15 0.77 -13.38
CA GLU A 132 4.01 1.60 -13.75
C GLU A 132 3.59 2.45 -12.55
N VAL A 133 3.36 1.77 -11.44
CA VAL A 133 2.93 2.45 -10.22
C VAL A 133 3.89 3.61 -9.93
N LEU A 134 5.17 3.36 -10.15
CA LEU A 134 6.19 4.36 -9.92
C LEU A 134 5.89 5.58 -10.80
N GLU A 135 5.96 5.36 -12.10
CA GLU A 135 5.72 6.43 -13.06
C GLU A 135 4.37 7.10 -12.77
N ARG A 136 3.47 6.32 -12.16
CA ARG A 136 2.16 6.82 -11.83
C ARG A 136 2.27 7.93 -10.78
N GLU A 137 2.83 7.58 -9.64
CA GLU A 137 3.00 8.54 -8.56
C GLU A 137 3.99 9.63 -8.97
N LYS A 138 5.02 9.22 -9.68
CA LYS A 138 6.04 10.14 -10.13
C LYS A 138 5.37 11.45 -10.58
N LYS A 139 4.32 11.31 -11.38
CA LYS A 139 3.59 12.46 -11.86
C LYS A 139 3.21 13.36 -10.69
N ARG A 140 2.57 12.75 -9.70
CA ARG A 140 2.16 13.48 -8.51
C ARG A 140 3.24 14.50 -8.12
N ARG A 141 4.47 14.04 -8.15
CA ARG A 141 5.60 14.90 -7.79
C ARG A 141 5.45 16.26 -8.46
N ILE A 142 5.10 16.25 -9.74
CA ILE A 142 4.92 17.47 -10.49
C ILE A 142 4.19 18.49 -9.62
N GLU A 143 2.88 18.32 -9.53
CA GLU A 143 2.05 19.21 -8.74
C GLU A 143 1.99 18.74 -7.28
N SER A 144 3.11 18.88 -6.60
CA SER A 144 3.20 18.46 -5.21
C SER A 144 2.22 19.28 -4.37
N GLY A 145 1.82 18.69 -3.25
CA GLY A 145 0.90 19.35 -2.35
C GLY A 145 1.50 19.49 -0.94
N PRO A 146 0.59 19.59 0.06
CA PRO A 146 1.03 19.73 1.45
C PRO A 146 1.53 18.40 2.00
N SER A 147 2.71 18.46 2.61
CA SER A 147 3.32 17.27 3.18
C SER A 147 4.54 17.67 4.02
N SER A 148 4.33 17.69 5.34
CA SER A 148 5.40 18.04 6.25
C SER A 148 6.11 16.77 6.73
N GLY A 149 5.34 15.89 7.34
CA GLY A 149 5.90 14.65 7.85
C GLY A 149 5.13 14.17 9.09
N GLY A 1 -31.08 3.06 4.56
CA GLY A 1 -30.74 4.37 5.08
C GLY A 1 -30.80 5.43 3.98
N SER A 2 -29.68 5.57 3.28
CA SER A 2 -29.61 6.55 2.20
C SER A 2 -29.69 7.96 2.77
N SER A 3 -28.53 8.47 3.18
CA SER A 3 -28.45 9.80 3.73
C SER A 3 -27.05 10.39 3.51
N GLY A 4 -26.95 11.69 3.71
CA GLY A 4 -25.69 12.38 3.55
C GLY A 4 -25.67 13.71 4.32
N SER A 5 -24.52 14.35 4.29
CA SER A 5 -24.36 15.63 4.97
C SER A 5 -24.70 16.78 4.03
N SER A 6 -24.85 17.95 4.61
CA SER A 6 -25.18 19.14 3.84
C SER A 6 -23.91 19.91 3.47
N GLY A 7 -23.19 20.31 4.51
CA GLY A 7 -21.96 21.06 4.32
C GLY A 7 -20.73 20.17 4.59
N GLN A 8 -20.29 19.47 3.55
CA GLN A 8 -19.15 18.59 3.67
C GLN A 8 -18.83 17.96 2.31
N GLU A 9 -18.26 18.76 1.43
CA GLU A 9 -17.90 18.29 0.11
C GLU A 9 -16.39 18.36 -0.09
N ARG A 10 -15.73 17.24 0.15
CA ARG A 10 -14.29 17.16 0.01
C ARG A 10 -13.93 16.63 -1.38
N LEU A 11 -13.87 17.56 -2.33
CA LEU A 11 -13.54 17.19 -3.70
C LEU A 11 -12.08 16.75 -3.76
N LYS A 12 -11.77 16.01 -4.81
CA LYS A 12 -10.41 15.51 -5.01
C LYS A 12 -9.59 16.57 -5.75
N ILE A 13 -8.30 16.60 -5.42
CA ILE A 13 -7.39 17.55 -6.05
C ILE A 13 -7.71 17.64 -7.54
N THR A 14 -7.59 16.51 -8.21
CA THR A 14 -7.85 16.45 -9.64
C THR A 14 -8.18 15.01 -10.06
N ALA A 15 -7.29 14.10 -9.69
CA ALA A 15 -7.47 12.71 -10.03
C ALA A 15 -6.46 11.86 -9.25
N LEU A 16 -6.98 10.87 -8.55
CA LEU A 16 -6.13 9.98 -7.76
C LEU A 16 -6.14 8.58 -8.38
N PRO A 17 -5.00 8.22 -9.00
CA PRO A 17 -4.87 6.92 -9.63
C PRO A 17 -4.69 5.82 -8.58
N LEU A 18 -5.25 4.65 -8.90
CA LEU A 18 -5.15 3.51 -8.00
C LEU A 18 -4.02 2.60 -8.45
N TYR A 19 -3.42 1.92 -7.48
CA TYR A 19 -2.33 1.01 -7.76
C TYR A 19 -2.71 -0.44 -7.43
N PHE A 20 -2.84 -0.70 -6.15
CA PHE A 20 -3.20 -2.04 -5.69
C PHE A 20 -4.50 -2.00 -4.89
N GLU A 21 -5.01 -3.19 -4.58
CA GLU A 21 -6.24 -3.30 -3.82
C GLU A 21 -6.50 -4.77 -3.45
N GLY A 22 -6.42 -5.05 -2.17
CA GLY A 22 -6.65 -6.40 -1.68
C GLY A 22 -6.85 -6.41 -0.17
N PHE A 23 -7.33 -7.54 0.33
CA PHE A 23 -7.58 -7.69 1.75
C PHE A 23 -6.27 -7.84 2.53
N LEU A 24 -5.93 -6.78 3.27
CA LEU A 24 -4.72 -6.78 4.05
C LEU A 24 -5.08 -6.76 5.54
N LEU A 25 -4.14 -7.24 6.35
CA LEU A 25 -4.34 -7.29 7.78
C LEU A 25 -3.54 -6.17 8.45
N ILE A 26 -4.27 -5.31 9.17
CA ILE A 26 -3.64 -4.20 9.85
C ILE A 26 -3.70 -4.43 11.36
N LYS A 27 -2.54 -4.36 11.99
CA LYS A 27 -2.45 -4.56 13.43
C LYS A 27 -1.81 -3.33 14.07
N ARG A 28 -2.58 -2.25 14.11
CA ARG A 28 -2.10 -1.00 14.69
C ARG A 28 -1.99 -1.14 16.21
N SER A 29 -1.44 -0.10 16.83
CA SER A 29 -1.28 -0.10 18.27
C SER A 29 -2.64 0.01 18.96
N GLY A 30 -3.32 -1.13 19.02
CA GLY A 30 -4.64 -1.18 19.64
C GLY A 30 -5.56 -2.14 18.89
N TYR A 31 -5.06 -3.34 18.67
CA TYR A 31 -5.82 -4.36 17.96
C TYR A 31 -5.75 -5.70 18.70
N ARG A 32 -4.53 -6.07 19.07
CA ARG A 32 -4.31 -7.31 19.77
C ARG A 32 -4.19 -8.47 18.78
N GLU A 33 -5.14 -8.52 17.85
CA GLU A 33 -5.14 -9.56 16.83
C GLU A 33 -5.40 -8.95 15.46
N TYR A 34 -4.60 -9.40 14.49
CA TYR A 34 -4.72 -8.91 13.13
C TYR A 34 -6.18 -8.96 12.66
N GLU A 35 -6.61 -7.87 12.06
CA GLU A 35 -7.97 -7.77 11.56
C GLU A 35 -7.98 -7.75 10.03
N HIS A 36 -8.94 -8.44 9.47
CA HIS A 36 -9.07 -8.51 8.02
C HIS A 36 -9.84 -7.29 7.52
N TYR A 37 -9.17 -6.51 6.67
CA TYR A 37 -9.78 -5.32 6.11
C TYR A 37 -9.36 -5.12 4.65
N TRP A 38 -10.34 -4.79 3.82
CA TRP A 38 -10.09 -4.58 2.41
C TRP A 38 -9.20 -3.34 2.27
N THR A 39 -7.90 -3.59 2.28
CA THR A 39 -6.93 -2.50 2.16
C THR A 39 -6.73 -2.13 0.69
N GLU A 40 -6.47 -0.86 0.46
CA GLU A 40 -6.25 -0.36 -0.89
C GLU A 40 -5.05 0.58 -0.93
N LEU A 41 -4.07 0.21 -1.75
CA LEU A 41 -2.87 1.00 -1.89
C LEU A 41 -2.99 1.90 -3.12
N ARG A 42 -3.03 3.20 -2.87
CA ARG A 42 -3.14 4.17 -3.95
C ARG A 42 -2.12 5.29 -3.77
N GLY A 43 -1.52 5.69 -4.88
CA GLY A 43 -0.52 6.74 -4.86
C GLY A 43 0.44 6.57 -3.69
N THR A 44 0.12 7.24 -2.59
CA THR A 44 0.94 7.17 -1.40
C THR A 44 0.06 7.17 -0.14
N THR A 45 -1.19 6.78 -0.34
CA THR A 45 -2.14 6.72 0.76
C THR A 45 -2.68 5.30 0.93
N LEU A 46 -2.65 4.84 2.17
CA LEU A 46 -3.14 3.50 2.47
C LEU A 46 -4.57 3.59 3.01
N PHE A 47 -5.45 2.83 2.39
CA PHE A 47 -6.85 2.82 2.79
C PHE A 47 -7.23 1.45 3.39
N PHE A 48 -8.19 1.50 4.30
CA PHE A 48 -8.66 0.28 4.95
C PHE A 48 -10.18 0.21 4.95
N TYR A 49 -10.70 -0.82 4.29
CA TYR A 49 -12.13 -1.01 4.21
C TYR A 49 -12.55 -2.34 4.85
N THR A 50 -13.85 -2.48 5.06
CA THR A 50 -14.39 -3.68 5.65
C THR A 50 -15.04 -4.57 4.59
N ASP A 51 -15.52 -3.91 3.55
CA ASP A 51 -16.17 -4.63 2.45
C ASP A 51 -16.21 -3.73 1.21
N LYS A 52 -16.14 -4.37 0.06
CA LYS A 52 -16.17 -3.64 -1.20
C LYS A 52 -17.33 -2.64 -1.18
N LYS A 53 -18.44 -3.08 -0.61
CA LYS A 53 -19.62 -2.24 -0.52
C LYS A 53 -19.25 -0.93 0.19
N SER A 54 -18.59 -1.08 1.34
CA SER A 54 -18.18 0.06 2.13
C SER A 54 -17.63 1.16 1.20
N ILE A 55 -18.23 2.34 1.31
CA ILE A 55 -17.81 3.47 0.50
C ILE A 55 -16.68 4.21 1.21
N ILE A 56 -16.89 4.46 2.49
CA ILE A 56 -15.90 5.16 3.29
C ILE A 56 -15.01 4.14 4.01
N TYR A 57 -13.71 4.29 3.80
CA TYR A 57 -12.75 3.39 4.41
C TYR A 57 -12.76 3.53 5.94
N VAL A 58 -12.73 2.39 6.61
CA VAL A 58 -12.73 2.37 8.05
C VAL A 58 -11.65 3.31 8.59
N ASP A 59 -10.55 3.38 7.82
CA ASP A 59 -9.44 4.24 8.20
C ASP A 59 -8.36 4.15 7.12
N LYS A 60 -7.55 5.20 7.06
CA LYS A 60 -6.47 5.26 6.08
C LYS A 60 -5.17 5.64 6.79
N LEU A 61 -4.06 5.26 6.17
CA LEU A 61 -2.76 5.56 6.73
C LEU A 61 -1.89 6.22 5.65
N ASP A 62 -0.69 6.61 6.06
CA ASP A 62 0.24 7.26 5.15
C ASP A 62 1.64 6.67 5.36
N ILE A 63 2.30 6.39 4.24
CA ILE A 63 3.64 5.83 4.29
C ILE A 63 4.54 6.60 3.33
N VAL A 64 4.21 7.86 3.14
CA VAL A 64 4.97 8.71 2.23
C VAL A 64 6.28 9.13 2.92
N ASP A 65 6.20 9.24 4.23
CA ASP A 65 7.37 9.63 5.01
C ASP A 65 8.03 8.37 5.59
N LEU A 66 7.62 7.24 5.06
CA LEU A 66 8.18 5.96 5.50
C LEU A 66 9.69 6.11 5.72
N THR A 67 10.14 5.62 6.86
CA THR A 67 11.55 5.68 7.20
C THR A 67 12.29 4.48 6.64
N CYS A 68 11.57 3.37 6.55
CA CYS A 68 12.15 2.13 6.04
C CYS A 68 11.15 1.00 6.25
N LEU A 69 11.55 -0.19 5.88
CA LEU A 69 10.70 -1.37 6.03
C LEU A 69 11.52 -2.51 6.63
N THR A 70 10.99 -3.06 7.71
CA THR A 70 11.65 -4.16 8.38
C THR A 70 10.98 -5.50 8.03
N GLU A 71 11.57 -6.57 8.53
CA GLU A 71 11.04 -7.90 8.26
C GLU A 71 10.89 -8.68 9.58
N GLN A 72 9.64 -8.95 9.92
CA GLN A 72 9.34 -9.69 11.14
C GLN A 72 9.36 -11.19 10.87
N ASN A 73 10.39 -11.85 11.38
CA ASN A 73 10.52 -13.28 11.20
C ASN A 73 11.81 -13.76 11.88
N SER A 74 11.94 -15.07 11.98
CA SER A 74 13.11 -15.67 12.60
C SER A 74 13.40 -17.04 11.98
N THR A 75 14.52 -17.11 11.30
CA THR A 75 14.92 -18.36 10.65
C THR A 75 13.89 -18.76 9.59
N GLU A 76 12.82 -19.37 10.06
CA GLU A 76 11.75 -19.81 9.16
C GLU A 76 11.11 -18.61 8.48
N LYS A 77 10.59 -18.85 7.29
CA LYS A 77 9.94 -17.81 6.51
C LYS A 77 8.48 -18.18 6.28
N ASN A 78 7.60 -17.53 7.03
CA ASN A 78 6.18 -17.79 6.91
C ASN A 78 5.45 -16.48 6.61
N CYS A 79 4.99 -16.36 5.37
CA CYS A 79 4.28 -15.17 4.95
C CYS A 79 5.22 -13.97 5.09
N ALA A 80 4.93 -12.93 4.33
CA ALA A 80 5.73 -11.72 4.35
C ALA A 80 5.23 -10.82 5.49
N LYS A 81 6.10 -10.62 6.46
CA LYS A 81 5.76 -9.78 7.61
C LYS A 81 6.75 -8.61 7.68
N PHE A 82 6.20 -7.40 7.65
CA PHE A 82 7.02 -6.21 7.71
C PHE A 82 6.28 -5.07 8.43
N THR A 83 7.06 -4.21 9.08
CA THR A 83 6.49 -3.09 9.79
C THR A 83 6.88 -1.78 9.12
N LEU A 84 5.86 -1.00 8.78
CA LEU A 84 6.08 0.28 8.14
C LEU A 84 6.64 1.27 9.15
N VAL A 85 7.94 1.52 9.03
CA VAL A 85 8.61 2.44 9.94
C VAL A 85 8.32 3.88 9.50
N LEU A 86 7.75 4.64 10.41
CA LEU A 86 7.42 6.02 10.13
C LEU A 86 8.09 6.93 11.16
N PRO A 87 8.27 8.21 10.78
CA PRO A 87 8.90 9.19 11.66
C PRO A 87 7.93 9.62 12.77
N LYS A 88 6.74 9.05 12.73
CA LYS A 88 5.72 9.37 13.71
C LYS A 88 5.42 8.12 14.55
N GLU A 89 5.01 7.06 13.86
CA GLU A 89 4.69 5.82 14.53
C GLU A 89 4.79 4.65 13.54
N GLU A 90 5.18 3.50 14.07
CA GLU A 90 5.32 2.30 13.26
C GLU A 90 3.98 1.57 13.15
N VAL A 91 3.85 0.80 12.09
CA VAL A 91 2.63 0.04 11.85
C VAL A 91 2.99 -1.39 11.42
N GLN A 92 2.17 -2.33 11.87
CA GLN A 92 2.40 -3.72 11.54
C GLN A 92 1.41 -4.18 10.45
N LEU A 93 1.94 -4.94 9.51
CA LEU A 93 1.13 -5.44 8.41
C LEU A 93 1.30 -6.96 8.31
N LYS A 94 0.31 -7.60 7.70
CA LYS A 94 0.35 -9.04 7.53
C LYS A 94 -0.51 -9.43 6.32
N THR A 95 -0.09 -10.50 5.66
CA THR A 95 -0.81 -10.98 4.49
C THR A 95 -1.17 -12.46 4.66
N GLU A 96 -2.04 -12.92 3.77
CA GLU A 96 -2.47 -14.31 3.80
C GLU A 96 -1.43 -15.20 3.13
N ASN A 97 -1.26 -15.01 1.84
CA ASN A 97 -0.30 -15.79 1.08
C ASN A 97 0.99 -14.99 0.92
N THR A 98 2.08 -15.73 0.76
CA THR A 98 3.38 -15.11 0.60
C THR A 98 3.38 -14.14 -0.58
N GLU A 99 2.83 -14.60 -1.69
CA GLU A 99 2.75 -13.78 -2.89
C GLU A 99 2.24 -12.39 -2.54
N SER A 100 0.99 -12.33 -2.15
CA SER A 100 0.36 -11.06 -1.78
C SER A 100 1.34 -10.22 -0.96
N GLY A 101 2.21 -10.92 -0.24
CA GLY A 101 3.19 -10.25 0.59
C GLY A 101 4.18 -9.45 -0.26
N GLU A 102 4.89 -10.17 -1.11
CA GLU A 102 5.87 -9.54 -1.99
C GLU A 102 5.22 -8.39 -2.76
N GLU A 103 3.96 -8.59 -3.11
CA GLU A 103 3.22 -7.58 -3.85
C GLU A 103 3.19 -6.27 -3.07
N TRP A 104 2.48 -6.30 -1.95
CA TRP A 104 2.35 -5.13 -1.11
C TRP A 104 3.76 -4.57 -0.86
N ARG A 105 4.55 -5.36 -0.16
CA ARG A 105 5.92 -4.98 0.16
C ARG A 105 6.54 -4.24 -1.03
N GLY A 106 6.63 -4.94 -2.14
CA GLY A 106 7.20 -4.37 -3.35
C GLY A 106 6.49 -3.07 -3.73
N PHE A 107 5.18 -3.19 -3.89
CA PHE A 107 4.37 -2.03 -4.26
C PHE A 107 4.69 -0.83 -3.35
N ILE A 108 4.81 -1.12 -2.06
CA ILE A 108 5.10 -0.08 -1.09
C ILE A 108 6.51 0.46 -1.34
N LEU A 109 7.47 -0.46 -1.31
CA LEU A 109 8.86 -0.10 -1.53
C LEU A 109 8.97 0.79 -2.76
N THR A 110 7.97 0.67 -3.63
CA THR A 110 7.94 1.45 -4.85
C THR A 110 7.36 2.85 -4.58
N VAL A 111 6.33 2.87 -3.73
CA VAL A 111 5.69 4.11 -3.37
C VAL A 111 6.34 4.68 -2.11
N THR A 112 7.60 4.33 -1.92
CA THR A 112 8.35 4.78 -0.76
C THR A 112 9.80 5.08 -1.14
N GLU A 113 10.38 4.15 -1.88
CA GLU A 113 11.77 4.29 -2.31
C GLU A 113 11.84 5.13 -3.59
N LEU A 114 10.68 5.28 -4.23
CA LEU A 114 10.60 6.05 -5.45
C LEU A 114 11.29 5.29 -6.59
N SER A 115 11.38 3.98 -6.40
CA SER A 115 12.02 3.13 -7.39
C SER A 115 11.32 1.77 -7.44
N VAL A 116 12.05 0.78 -7.94
CA VAL A 116 11.51 -0.56 -8.05
C VAL A 116 12.51 -1.57 -7.47
N PRO A 117 12.02 -2.34 -6.48
CA PRO A 117 12.86 -3.34 -5.83
C PRO A 117 13.07 -4.56 -6.73
N GLN A 118 14.33 -4.82 -7.04
CA GLN A 118 14.67 -5.94 -7.90
C GLN A 118 14.76 -7.23 -7.07
N ASN A 119 14.61 -7.07 -5.76
CA ASN A 119 14.66 -8.20 -4.86
C ASN A 119 13.24 -8.65 -4.52
N VAL A 120 12.53 -9.08 -5.55
CA VAL A 120 11.16 -9.53 -5.38
C VAL A 120 10.97 -10.86 -6.11
N SER A 121 10.23 -11.76 -5.47
CA SER A 121 9.97 -13.06 -6.05
C SER A 121 8.87 -12.96 -7.10
N LEU A 122 8.29 -11.77 -7.19
CA LEU A 122 7.22 -11.54 -8.15
C LEU A 122 7.68 -11.98 -9.54
N LEU A 123 6.77 -11.86 -10.50
CA LEU A 123 7.07 -12.25 -11.87
C LEU A 123 7.32 -11.00 -12.70
N PRO A 124 7.51 -11.23 -14.03
CA PRO A 124 7.78 -10.12 -14.95
C PRO A 124 6.49 -9.34 -15.24
N GLY A 125 5.38 -9.92 -14.81
CA GLY A 125 4.09 -9.28 -15.01
C GLY A 125 3.73 -8.38 -13.83
N GLN A 126 4.13 -8.82 -12.65
CA GLN A 126 3.85 -8.06 -11.43
C GLN A 126 4.79 -6.86 -11.34
N VAL A 127 6.07 -7.14 -11.51
CA VAL A 127 7.09 -6.09 -11.45
C VAL A 127 6.60 -4.87 -12.23
N ILE A 128 5.91 -5.14 -13.32
CA ILE A 128 5.38 -4.08 -14.16
C ILE A 128 4.64 -3.06 -13.29
N LYS A 129 3.74 -3.59 -12.47
CA LYS A 129 2.97 -2.75 -11.58
C LYS A 129 3.90 -1.78 -10.84
N LEU A 130 4.91 -2.35 -10.20
CA LEU A 130 5.87 -1.56 -9.47
C LEU A 130 6.41 -0.44 -10.37
N HIS A 131 6.66 -0.80 -11.62
CA HIS A 131 7.16 0.15 -12.59
C HIS A 131 6.11 1.22 -12.86
N GLU A 132 4.92 0.77 -13.19
CA GLU A 132 3.81 1.67 -13.47
C GLU A 132 3.49 2.52 -12.24
N VAL A 133 3.18 1.83 -11.15
CA VAL A 133 2.85 2.51 -9.92
C VAL A 133 3.88 3.61 -9.65
N LEU A 134 5.14 3.26 -9.88
CA LEU A 134 6.23 4.21 -9.68
C LEU A 134 5.99 5.45 -10.55
N GLU A 135 6.12 5.24 -11.85
CA GLU A 135 5.92 6.33 -12.79
C GLU A 135 4.65 7.10 -12.46
N ARG A 136 3.68 6.38 -11.92
CA ARG A 136 2.41 6.98 -11.55
C ARG A 136 2.62 8.03 -10.45
N GLU A 137 3.35 7.62 -9.43
CA GLU A 137 3.63 8.51 -8.31
C GLU A 137 4.68 9.56 -8.70
N LYS A 138 5.56 9.14 -9.60
CA LYS A 138 6.62 10.03 -10.08
C LYS A 138 6.00 11.37 -10.49
N LYS A 139 4.87 11.27 -11.17
CA LYS A 139 4.18 12.47 -11.64
C LYS A 139 3.76 13.31 -10.43
N ARG A 140 2.88 12.73 -9.62
CA ARG A 140 2.40 13.42 -8.43
C ARG A 140 3.57 14.04 -7.66
N ARG A 141 4.60 13.23 -7.48
CA ARG A 141 5.79 13.69 -6.77
C ARG A 141 6.16 15.11 -7.19
N ILE A 142 5.93 15.38 -8.47
CA ILE A 142 6.23 16.70 -9.01
C ILE A 142 5.70 17.77 -8.06
N GLU A 143 4.41 18.05 -8.18
CA GLU A 143 3.77 19.05 -7.34
C GLU A 143 3.30 18.41 -6.03
N SER A 144 4.27 17.91 -5.27
CA SER A 144 3.96 17.29 -3.99
C SER A 144 5.26 17.05 -3.21
N GLY A 145 5.19 17.31 -1.91
CA GLY A 145 6.33 17.13 -1.04
C GLY A 145 6.77 18.47 -0.43
N PRO A 146 7.58 18.36 0.66
CA PRO A 146 8.07 19.54 1.34
C PRO A 146 9.18 20.22 0.53
N SER A 147 9.13 21.55 0.51
CA SER A 147 10.11 22.32 -0.22
C SER A 147 10.15 23.76 0.31
N SER A 148 11.29 24.40 0.13
CA SER A 148 11.46 25.77 0.58
C SER A 148 10.35 26.66 0.00
N GLY A 149 9.87 26.25 -1.18
CA GLY A 149 8.82 26.99 -1.85
C GLY A 149 9.36 27.71 -3.09
N GLY A 1 -2.00 18.70 -38.32
CA GLY A 1 -2.92 17.83 -37.61
C GLY A 1 -2.77 18.01 -36.10
N SER A 2 -3.76 18.66 -35.51
CA SER A 2 -3.75 18.90 -34.07
C SER A 2 -5.17 18.75 -33.51
N SER A 3 -5.24 18.19 -32.30
CA SER A 3 -6.51 18.00 -31.65
C SER A 3 -6.37 18.19 -30.14
N GLY A 4 -7.11 19.17 -29.62
CA GLY A 4 -7.07 19.46 -28.20
C GLY A 4 -8.12 20.52 -27.83
N SER A 5 -9.19 20.04 -27.22
CA SER A 5 -10.27 20.92 -26.82
C SER A 5 -10.69 20.60 -25.38
N SER A 6 -10.77 21.65 -24.57
CA SER A 6 -11.16 21.49 -23.18
C SER A 6 -12.57 22.04 -22.97
N GLY A 7 -13.54 21.14 -23.00
CA GLY A 7 -14.93 21.51 -22.82
C GLY A 7 -15.29 21.50 -21.34
N GLN A 8 -15.25 22.69 -20.74
CA GLN A 8 -15.59 22.83 -19.33
C GLN A 8 -14.73 21.89 -18.49
N GLU A 9 -13.74 22.45 -17.84
CA GLU A 9 -12.84 21.67 -17.00
C GLU A 9 -13.64 20.67 -16.16
N ARG A 10 -13.11 19.46 -16.08
CA ARG A 10 -13.76 18.41 -15.31
C ARG A 10 -13.31 18.44 -13.86
N LEU A 11 -12.00 18.37 -13.68
CA LEU A 11 -11.41 18.39 -12.36
C LEU A 11 -11.97 17.21 -11.54
N LYS A 12 -11.22 16.83 -10.52
CA LYS A 12 -11.63 15.74 -9.65
C LYS A 12 -11.06 15.96 -8.25
N ILE A 13 -11.96 16.18 -7.31
CA ILE A 13 -11.57 16.41 -5.93
C ILE A 13 -10.46 15.42 -5.55
N THR A 14 -10.85 14.16 -5.47
CA THR A 14 -9.91 13.11 -5.12
C THR A 14 -10.32 11.78 -5.74
N ALA A 15 -9.33 11.02 -6.18
CA ALA A 15 -9.58 9.73 -6.79
C ALA A 15 -8.36 8.83 -6.59
N LEU A 16 -7.22 9.32 -7.05
CA LEU A 16 -5.98 8.58 -6.92
C LEU A 16 -6.09 7.29 -7.75
N PRO A 17 -5.04 7.06 -8.59
CA PRO A 17 -5.01 5.87 -9.43
C PRO A 17 -4.67 4.63 -8.61
N LEU A 18 -5.59 3.67 -8.63
CA LEU A 18 -5.38 2.43 -7.89
C LEU A 18 -4.10 1.76 -8.36
N TYR A 19 -3.31 1.32 -7.39
CA TYR A 19 -2.05 0.65 -7.69
C TYR A 19 -2.12 -0.83 -7.35
N PHE A 20 -2.95 -1.15 -6.37
CA PHE A 20 -3.12 -2.53 -5.94
C PHE A 20 -4.29 -2.66 -4.96
N GLU A 21 -5.04 -3.75 -5.12
CA GLU A 21 -6.18 -4.02 -4.26
C GLU A 21 -6.10 -5.42 -3.69
N GLY A 22 -6.47 -5.54 -2.43
CA GLY A 22 -6.44 -6.82 -1.75
C GLY A 22 -6.66 -6.66 -0.24
N PHE A 23 -7.18 -7.71 0.37
CA PHE A 23 -7.44 -7.69 1.80
C PHE A 23 -6.13 -7.73 2.60
N LEU A 24 -5.81 -6.60 3.20
CA LEU A 24 -4.59 -6.50 4.00
C LEU A 24 -4.95 -6.52 5.48
N LEU A 25 -4.00 -6.98 6.28
CA LEU A 25 -4.21 -7.05 7.72
C LEU A 25 -3.39 -5.95 8.41
N ILE A 26 -4.11 -5.04 9.05
CA ILE A 26 -3.48 -3.94 9.74
C ILE A 26 -3.60 -4.15 11.26
N LYS A 27 -2.47 -4.05 11.93
CA LYS A 27 -2.44 -4.23 13.37
C LYS A 27 -1.86 -2.97 14.03
N ARG A 28 -1.61 -1.97 13.20
CA ARG A 28 -1.06 -0.73 13.68
C ARG A 28 -0.08 -0.98 14.82
N SER A 29 0.08 0.04 15.66
CA SER A 29 0.99 -0.06 16.79
C SER A 29 0.23 -0.57 18.02
N GLY A 30 -1.08 -0.43 17.97
CA GLY A 30 -1.93 -0.87 19.06
C GLY A 30 -2.79 -2.06 18.64
N TYR A 31 -4.05 -1.78 18.37
CA TYR A 31 -4.98 -2.81 17.96
C TYR A 31 -4.98 -3.98 18.94
N ARG A 32 -5.91 -4.89 18.74
CA ARG A 32 -6.02 -6.06 19.60
C ARG A 32 -5.64 -7.33 18.84
N GLU A 33 -5.76 -7.24 17.52
CA GLU A 33 -5.43 -8.37 16.66
C GLU A 33 -5.61 -7.99 15.20
N TYR A 34 -4.77 -8.57 14.35
CA TYR A 34 -4.83 -8.30 12.92
C TYR A 34 -6.25 -8.46 12.39
N GLU A 35 -6.75 -7.39 11.79
CA GLU A 35 -8.09 -7.39 11.24
C GLU A 35 -8.04 -7.38 9.71
N HIS A 36 -9.06 -7.95 9.11
CA HIS A 36 -9.14 -8.00 7.66
C HIS A 36 -9.94 -6.80 7.14
N TYR A 37 -9.28 -6.02 6.30
CA TYR A 37 -9.91 -4.83 5.73
C TYR A 37 -9.52 -4.66 4.27
N TRP A 38 -10.50 -4.31 3.45
CA TRP A 38 -10.27 -4.10 2.03
C TRP A 38 -9.32 -2.92 1.87
N THR A 39 -8.03 -3.22 1.97
CA THR A 39 -7.02 -2.19 1.84
C THR A 39 -6.74 -1.90 0.37
N GLU A 40 -6.63 -0.61 0.06
CA GLU A 40 -6.38 -0.18 -1.30
C GLU A 40 -5.15 0.72 -1.35
N LEU A 41 -4.31 0.49 -2.35
CA LEU A 41 -3.11 1.27 -2.52
C LEU A 41 -3.37 2.41 -3.50
N ARG A 42 -3.25 3.63 -3.00
CA ARG A 42 -3.47 4.81 -3.81
C ARG A 42 -2.37 5.84 -3.56
N GLY A 43 -1.76 6.28 -4.66
CA GLY A 43 -0.69 7.26 -4.57
C GLY A 43 0.35 6.84 -3.54
N THR A 44 0.20 7.39 -2.34
CA THR A 44 1.13 7.09 -1.26
C THR A 44 0.37 6.99 0.07
N THR A 45 -0.94 6.84 -0.04
CA THR A 45 -1.77 6.73 1.14
C THR A 45 -2.53 5.39 1.14
N LEU A 46 -2.34 4.65 2.21
CA LEU A 46 -2.99 3.36 2.35
C LEU A 46 -4.44 3.57 2.81
N PHE A 47 -5.36 3.23 1.92
CA PHE A 47 -6.78 3.37 2.22
C PHE A 47 -7.39 2.02 2.59
N PHE A 48 -7.91 1.96 3.81
CA PHE A 48 -8.54 0.75 4.30
C PHE A 48 -10.06 0.85 4.25
N TYR A 49 -10.69 -0.25 3.86
CA TYR A 49 -12.13 -0.29 3.76
C TYR A 49 -12.69 -1.56 4.42
N THR A 50 -13.94 -1.47 4.84
CA THR A 50 -14.60 -2.58 5.49
C THR A 50 -15.37 -3.42 4.47
N ASP A 51 -15.81 -2.74 3.41
CA ASP A 51 -16.56 -3.40 2.37
C ASP A 51 -16.51 -2.56 1.09
N LYS A 52 -16.63 -3.22 -0.04
CA LYS A 52 -16.59 -2.54 -1.33
C LYS A 52 -17.71 -1.50 -1.38
N LYS A 53 -18.85 -1.87 -0.81
CA LYS A 53 -19.99 -0.98 -0.78
C LYS A 53 -19.60 0.33 -0.10
N SER A 54 -18.82 0.21 0.95
CA SER A 54 -18.36 1.37 1.70
C SER A 54 -17.65 2.34 0.76
N ILE A 55 -17.92 3.62 0.97
CA ILE A 55 -17.32 4.66 0.15
C ILE A 55 -16.24 5.38 0.95
N ILE A 56 -16.58 5.68 2.20
CA ILE A 56 -15.66 6.36 3.08
C ILE A 56 -14.77 5.34 3.79
N TYR A 57 -13.52 5.26 3.34
CA TYR A 57 -12.58 4.33 3.92
C TYR A 57 -12.66 4.34 5.45
N VAL A 58 -12.76 3.15 6.01
CA VAL A 58 -12.85 3.01 7.46
C VAL A 58 -11.68 3.76 8.11
N ASP A 59 -10.50 3.53 7.57
CA ASP A 59 -9.30 4.18 8.08
C ASP A 59 -8.23 4.22 6.99
N LYS A 60 -7.27 5.11 7.18
CA LYS A 60 -6.19 5.25 6.22
C LYS A 60 -4.88 5.52 6.97
N LEU A 61 -3.78 5.30 6.26
CA LEU A 61 -2.46 5.50 6.84
C LEU A 61 -1.58 6.24 5.84
N ASP A 62 -0.37 6.56 6.28
CA ASP A 62 0.58 7.27 5.43
C ASP A 62 1.96 6.63 5.59
N ILE A 63 2.58 6.37 4.44
CA ILE A 63 3.89 5.75 4.44
C ILE A 63 4.79 6.50 3.45
N VAL A 64 4.40 7.73 3.15
CA VAL A 64 5.15 8.55 2.22
C VAL A 64 6.49 8.94 2.85
N ASP A 65 6.47 9.08 4.16
CA ASP A 65 7.67 9.44 4.90
C ASP A 65 8.29 8.19 5.51
N LEU A 66 7.85 7.04 4.99
CA LEU A 66 8.35 5.77 5.48
C LEU A 66 9.87 5.86 5.68
N THR A 67 10.32 5.36 6.82
CA THR A 67 11.74 5.39 7.13
C THR A 67 12.41 4.13 6.60
N CYS A 68 11.65 3.04 6.57
CA CYS A 68 12.16 1.78 6.09
C CYS A 68 11.13 0.69 6.39
N LEU A 69 11.47 -0.53 6.04
CA LEU A 69 10.59 -1.66 6.26
C LEU A 69 11.38 -2.81 6.89
N THR A 70 10.85 -3.32 8.00
CA THR A 70 11.50 -4.41 8.71
C THR A 70 10.82 -5.75 8.35
N GLU A 71 11.48 -6.82 8.75
CA GLU A 71 10.95 -8.15 8.49
C GLU A 71 10.90 -8.97 9.78
N GLN A 72 9.69 -9.38 10.13
CA GLN A 72 9.48 -10.16 11.33
C GLN A 72 9.71 -11.65 11.05
N ASN A 73 10.78 -12.17 11.63
CA ASN A 73 11.12 -13.57 11.44
C ASN A 73 11.07 -14.28 12.79
N SER A 74 9.94 -14.92 13.06
CA SER A 74 9.75 -15.64 14.31
C SER A 74 8.32 -16.18 14.38
N THR A 75 8.05 -17.18 13.55
CA THR A 75 6.74 -17.79 13.53
C THR A 75 6.80 -19.16 12.85
N GLU A 76 5.80 -19.97 13.14
CA GLU A 76 5.73 -21.31 12.57
C GLU A 76 5.04 -21.26 11.20
N LYS A 77 5.67 -20.54 10.29
CA LYS A 77 5.13 -20.42 8.95
C LYS A 77 6.14 -19.68 8.06
N ASN A 78 5.80 -19.57 6.79
CA ASN A 78 6.67 -18.90 5.83
C ASN A 78 5.88 -17.79 5.14
N CYS A 79 5.19 -17.00 5.95
CA CYS A 79 4.40 -15.90 5.42
C CYS A 79 5.25 -14.64 5.46
N ALA A 80 4.69 -13.57 4.90
CA ALA A 80 5.39 -12.29 4.86
C ALA A 80 4.87 -11.39 5.98
N LYS A 81 5.79 -11.01 6.86
CA LYS A 81 5.43 -10.15 7.98
C LYS A 81 6.48 -9.06 8.13
N PHE A 82 6.03 -7.82 7.93
CA PHE A 82 6.91 -6.68 8.03
C PHE A 82 6.19 -5.48 8.65
N THR A 83 6.99 -4.59 9.24
CA THR A 83 6.45 -3.40 9.88
C THR A 83 6.90 -2.14 9.13
N LEU A 84 5.95 -1.23 8.97
CA LEU A 84 6.24 0.03 8.28
C LEU A 84 6.80 1.03 9.29
N VAL A 85 8.07 1.35 9.10
CA VAL A 85 8.73 2.31 9.99
C VAL A 85 8.46 3.72 9.50
N LEU A 86 7.94 4.54 10.39
CA LEU A 86 7.62 5.92 10.05
C LEU A 86 8.28 6.85 11.08
N PRO A 87 8.51 8.12 10.65
CA PRO A 87 9.12 9.10 11.52
C PRO A 87 8.13 9.61 12.58
N LYS A 88 6.93 9.05 12.52
CA LYS A 88 5.89 9.43 13.46
C LYS A 88 5.56 8.24 14.36
N GLU A 89 5.19 7.14 13.72
CA GLU A 89 4.85 5.93 14.46
C GLU A 89 4.98 4.70 13.54
N GLU A 90 5.28 3.58 14.16
CA GLU A 90 5.43 2.33 13.42
C GLU A 90 4.07 1.63 13.28
N VAL A 91 3.88 1.02 12.12
CA VAL A 91 2.63 0.31 11.86
C VAL A 91 2.96 -1.13 11.46
N GLN A 92 2.15 -2.05 11.97
CA GLN A 92 2.34 -3.46 11.67
C GLN A 92 1.52 -3.85 10.45
N LEU A 93 2.14 -4.66 9.59
CA LEU A 93 1.48 -5.12 8.38
C LEU A 93 1.61 -6.64 8.28
N LYS A 94 0.56 -7.26 7.76
CA LYS A 94 0.55 -8.70 7.61
C LYS A 94 -0.26 -9.07 6.36
N THR A 95 0.16 -10.15 5.72
CA THR A 95 -0.51 -10.61 4.51
C THR A 95 -0.97 -12.07 4.69
N GLU A 96 -1.55 -12.59 3.62
CA GLU A 96 -2.03 -13.97 3.64
C GLU A 96 -0.87 -14.94 3.40
N ASN A 97 -0.09 -14.64 2.37
CA ASN A 97 1.05 -15.48 2.03
C ASN A 97 2.18 -14.60 1.48
N THR A 98 3.36 -15.20 1.40
CA THR A 98 4.52 -14.48 0.90
C THR A 98 4.21 -13.82 -0.45
N GLU A 99 3.52 -14.57 -1.29
CA GLU A 99 3.14 -14.06 -2.61
C GLU A 99 2.54 -12.66 -2.49
N SER A 100 1.42 -12.59 -1.81
CA SER A 100 0.74 -11.32 -1.61
C SER A 100 1.69 -10.31 -0.97
N GLY A 101 2.47 -10.80 -0.01
CA GLY A 101 3.42 -9.95 0.68
C GLY A 101 4.36 -9.25 -0.30
N GLU A 102 5.17 -10.06 -0.97
CA GLU A 102 6.12 -9.53 -1.94
C GLU A 102 5.49 -8.40 -2.75
N GLU A 103 4.23 -8.63 -3.13
CA GLU A 103 3.50 -7.64 -3.91
C GLU A 103 3.47 -6.30 -3.17
N TRP A 104 2.72 -6.27 -2.07
CA TRP A 104 2.62 -5.07 -1.27
C TRP A 104 4.03 -4.54 -1.01
N ARG A 105 4.81 -5.36 -0.33
CA ARG A 105 6.17 -4.99 0.00
C ARG A 105 6.82 -4.27 -1.19
N GLY A 106 6.63 -4.84 -2.36
CA GLY A 106 7.18 -4.26 -3.57
C GLY A 106 6.46 -2.96 -3.95
N PHE A 107 5.15 -3.06 -4.05
CA PHE A 107 4.34 -1.90 -4.39
C PHE A 107 4.63 -0.73 -3.45
N ILE A 108 4.74 -1.05 -2.17
CA ILE A 108 5.02 -0.03 -1.17
C ILE A 108 6.41 0.55 -1.42
N LEU A 109 7.41 -0.32 -1.37
CA LEU A 109 8.78 0.11 -1.59
C LEU A 109 8.84 1.03 -2.81
N THR A 110 7.88 0.85 -3.70
CA THR A 110 7.81 1.66 -4.91
C THR A 110 7.17 3.01 -4.61
N VAL A 111 6.13 2.97 -3.78
CA VAL A 111 5.43 4.18 -3.41
C VAL A 111 6.05 4.75 -2.13
N THR A 112 7.33 4.48 -1.97
CA THR A 112 8.05 4.96 -0.80
C THR A 112 9.50 5.32 -1.18
N GLU A 113 10.12 4.43 -1.93
CA GLU A 113 11.48 4.65 -2.37
C GLU A 113 11.52 5.49 -3.64
N LEU A 114 10.38 5.52 -4.31
CA LEU A 114 10.26 6.28 -5.54
C LEU A 114 11.01 5.56 -6.66
N SER A 115 11.22 4.27 -6.46
CA SER A 115 11.92 3.46 -7.43
C SER A 115 11.37 2.03 -7.42
N VAL A 116 11.95 1.19 -8.27
CA VAL A 116 11.53 -0.19 -8.36
C VAL A 116 12.62 -1.08 -7.76
N PRO A 117 12.20 -1.91 -6.78
CA PRO A 117 13.13 -2.83 -6.10
C PRO A 117 13.48 -4.01 -7.00
N GLN A 118 14.76 -4.33 -7.04
CA GLN A 118 15.24 -5.43 -7.86
C GLN A 118 15.35 -6.70 -7.01
N ASN A 119 15.13 -6.53 -5.71
CA ASN A 119 15.21 -7.65 -4.78
C ASN A 119 13.81 -8.20 -4.53
N VAL A 120 13.18 -8.66 -5.61
CA VAL A 120 11.84 -9.20 -5.52
C VAL A 120 11.78 -10.53 -6.29
N SER A 121 10.82 -11.35 -5.91
CA SER A 121 10.64 -12.64 -6.56
C SER A 121 9.44 -12.60 -7.50
N LEU A 122 8.81 -11.43 -7.55
CA LEU A 122 7.64 -11.25 -8.41
C LEU A 122 7.99 -11.70 -9.83
N LEU A 123 7.03 -11.52 -10.72
CA LEU A 123 7.21 -11.89 -12.10
C LEU A 123 7.33 -10.62 -12.97
N PRO A 124 7.43 -10.85 -14.30
CA PRO A 124 7.55 -9.74 -15.23
C PRO A 124 6.21 -9.03 -15.42
N GLY A 125 5.15 -9.73 -15.08
CA GLY A 125 3.81 -9.18 -15.20
C GLY A 125 3.42 -8.42 -13.94
N GLN A 126 4.06 -8.77 -12.84
CA GLN A 126 3.79 -8.12 -11.56
C GLN A 126 4.73 -6.93 -11.36
N VAL A 127 5.95 -7.11 -11.83
CA VAL A 127 6.95 -6.05 -11.72
C VAL A 127 6.43 -4.77 -12.40
N ILE A 128 5.82 -4.98 -13.56
CA ILE A 128 5.27 -3.87 -14.31
C ILE A 128 4.58 -2.89 -13.36
N LYS A 129 3.73 -3.45 -12.51
CA LYS A 129 3.00 -2.65 -11.54
C LYS A 129 3.96 -1.67 -10.87
N LEU A 130 4.99 -2.23 -10.26
CA LEU A 130 5.98 -1.43 -9.57
C LEU A 130 6.43 -0.29 -10.49
N HIS A 131 6.58 -0.63 -11.76
CA HIS A 131 7.00 0.35 -12.75
C HIS A 131 5.90 1.38 -12.95
N GLU A 132 4.73 0.89 -13.30
CA GLU A 132 3.58 1.75 -13.52
C GLU A 132 3.29 2.59 -12.28
N VAL A 133 3.08 1.89 -11.18
CA VAL A 133 2.79 2.56 -9.91
C VAL A 133 3.82 3.68 -9.69
N LEU A 134 5.08 3.32 -9.87
CA LEU A 134 6.16 4.28 -9.69
C LEU A 134 5.87 5.54 -10.52
N GLU A 135 5.93 5.36 -11.83
CA GLU A 135 5.67 6.47 -12.74
C GLU A 135 4.37 7.16 -12.37
N ARG A 136 3.42 6.36 -11.89
CA ARG A 136 2.13 6.89 -11.50
C ARG A 136 2.28 7.87 -10.33
N GLU A 137 2.91 7.39 -9.27
CA GLU A 137 3.12 8.21 -8.09
C GLU A 137 4.15 9.31 -8.39
N LYS A 138 4.99 9.03 -9.37
CA LYS A 138 6.02 9.98 -9.76
C LYS A 138 5.38 11.34 -10.02
N LYS A 139 4.41 11.34 -10.93
CA LYS A 139 3.71 12.56 -11.29
C LYS A 139 3.37 13.34 -10.01
N ARG A 140 2.68 12.65 -9.11
CA ARG A 140 2.29 13.26 -7.85
C ARG A 140 3.52 13.53 -6.98
N ARG A 141 4.57 12.75 -7.24
CA ARG A 141 5.81 12.90 -6.49
C ARG A 141 6.51 14.21 -6.87
N ILE A 142 6.19 14.69 -8.06
CA ILE A 142 6.78 15.93 -8.54
C ILE A 142 6.34 17.08 -7.64
N GLU A 143 5.13 17.55 -7.87
CA GLU A 143 4.59 18.65 -7.09
C GLU A 143 4.86 18.42 -5.61
N SER A 144 4.26 17.36 -5.08
CA SER A 144 4.42 17.02 -3.68
C SER A 144 5.31 15.78 -3.54
N GLY A 145 6.43 15.96 -2.87
CA GLY A 145 7.36 14.86 -2.67
C GLY A 145 8.72 15.38 -2.19
N PRO A 146 9.65 14.42 -1.95
CA PRO A 146 10.99 14.77 -1.49
C PRO A 146 11.83 15.37 -2.64
N SER A 147 13.06 15.73 -2.30
CA SER A 147 13.96 16.30 -3.28
C SER A 147 15.31 15.59 -3.23
N SER A 148 15.92 15.63 -2.06
CA SER A 148 17.21 14.99 -1.87
C SER A 148 17.41 14.64 -0.39
N GLY A 149 17.76 13.39 -0.15
CA GLY A 149 17.99 12.92 1.21
C GLY A 149 17.71 11.43 1.33
N GLY A 1 -29.68 3.88 11.25
CA GLY A 1 -30.25 3.48 9.98
C GLY A 1 -31.03 4.63 9.34
N SER A 2 -31.08 4.62 8.02
CA SER A 2 -31.78 5.66 7.28
C SER A 2 -31.98 5.22 5.83
N SER A 3 -32.95 5.87 5.18
CA SER A 3 -33.25 5.55 3.79
C SER A 3 -34.37 6.48 3.29
N GLY A 4 -34.23 6.88 2.04
CA GLY A 4 -35.21 7.76 1.42
C GLY A 4 -34.54 8.98 0.79
N SER A 5 -35.11 10.14 1.07
CA SER A 5 -34.58 11.39 0.54
C SER A 5 -34.63 11.37 -0.99
N SER A 6 -35.02 12.50 -1.54
CA SER A 6 -35.12 12.63 -2.98
C SER A 6 -34.09 13.64 -3.49
N GLY A 7 -33.02 13.12 -4.09
CA GLY A 7 -31.97 13.95 -4.62
C GLY A 7 -31.00 13.13 -5.48
N GLN A 8 -29.77 13.62 -5.56
CA GLN A 8 -28.75 12.94 -6.34
C GLN A 8 -27.35 13.37 -5.88
N GLU A 9 -26.65 12.43 -5.28
CA GLU A 9 -25.30 12.69 -4.79
C GLU A 9 -24.27 12.43 -5.89
N ARG A 10 -23.27 13.29 -5.93
CA ARG A 10 -22.22 13.16 -6.92
C ARG A 10 -20.84 13.29 -6.26
N LEU A 11 -20.48 12.24 -5.52
CA LEU A 11 -19.20 12.23 -4.84
C LEU A 11 -18.12 11.69 -5.78
N LYS A 12 -16.93 12.24 -5.64
CA LYS A 12 -15.81 11.82 -6.47
C LYS A 12 -15.73 10.30 -6.47
N ILE A 13 -15.77 9.72 -7.67
CA ILE A 13 -15.71 8.28 -7.81
C ILE A 13 -14.26 7.81 -7.56
N THR A 14 -13.32 8.57 -8.12
CA THR A 14 -11.91 8.24 -7.96
C THR A 14 -11.10 9.53 -7.74
N ALA A 15 -10.28 9.49 -6.70
CA ALA A 15 -9.44 10.63 -6.38
C ALA A 15 -7.98 10.27 -6.62
N LEU A 16 -7.47 9.37 -5.79
CA LEU A 16 -6.09 8.93 -5.91
C LEU A 16 -6.01 7.77 -6.90
N PRO A 17 -4.83 7.66 -7.55
CA PRO A 17 -4.61 6.60 -8.53
C PRO A 17 -4.40 5.25 -7.83
N LEU A 18 -5.30 4.33 -8.13
CA LEU A 18 -5.23 3.00 -7.54
C LEU A 18 -4.08 2.23 -8.20
N TYR A 19 -3.35 1.50 -7.35
CA TYR A 19 -2.22 0.72 -7.83
C TYR A 19 -2.43 -0.77 -7.54
N PHE A 20 -3.06 -1.05 -6.41
CA PHE A 20 -3.32 -2.41 -6.01
C PHE A 20 -4.39 -2.46 -4.91
N GLU A 21 -4.84 -3.68 -4.62
CA GLU A 21 -5.85 -3.89 -3.59
C GLU A 21 -5.90 -5.35 -3.19
N GLY A 22 -6.29 -5.57 -1.94
CA GLY A 22 -6.38 -6.92 -1.40
C GLY A 22 -6.51 -6.90 0.11
N PHE A 23 -7.37 -7.78 0.62
CA PHE A 23 -7.60 -7.89 2.05
C PHE A 23 -6.28 -7.90 2.81
N LEU A 24 -5.98 -6.78 3.45
CA LEU A 24 -4.76 -6.65 4.22
C LEU A 24 -5.08 -6.69 5.71
N LEU A 25 -4.11 -7.15 6.49
CA LEU A 25 -4.30 -7.24 7.93
C LEU A 25 -3.49 -6.14 8.61
N ILE A 26 -4.13 -5.48 9.57
CA ILE A 26 -3.48 -4.40 10.30
C ILE A 26 -3.33 -4.80 11.76
N LYS A 27 -2.17 -4.49 12.32
CA LYS A 27 -1.89 -4.82 13.71
C LYS A 27 -0.93 -3.77 14.29
N ARG A 28 -1.35 -2.52 14.19
CA ARG A 28 -0.54 -1.42 14.69
C ARG A 28 0.17 -1.84 15.98
N SER A 29 -0.63 -2.27 16.95
CA SER A 29 -0.08 -2.70 18.22
C SER A 29 -1.17 -3.37 19.06
N GLY A 30 -2.28 -2.67 19.21
CA GLY A 30 -3.40 -3.19 19.97
C GLY A 30 -4.32 -4.05 19.09
N TYR A 31 -3.83 -5.25 18.80
CA TYR A 31 -4.59 -6.18 17.97
C TYR A 31 -4.26 -7.62 18.32
N ARG A 32 -3.08 -8.05 17.93
CA ARG A 32 -2.63 -9.40 18.19
C ARG A 32 -3.20 -10.37 17.15
N GLU A 33 -4.49 -10.23 16.91
CA GLU A 33 -5.16 -11.07 15.93
C GLU A 33 -5.29 -10.35 14.59
N TYR A 34 -4.83 -9.11 14.59
CA TYR A 34 -4.90 -8.30 13.38
C TYR A 34 -6.34 -8.14 12.90
N GLU A 35 -6.61 -7.00 12.26
CA GLU A 35 -7.94 -6.74 11.75
C GLU A 35 -8.00 -7.06 10.26
N HIS A 36 -9.19 -7.47 9.83
CA HIS A 36 -9.39 -7.82 8.43
C HIS A 36 -10.17 -6.69 7.73
N TYR A 37 -9.43 -5.87 7.01
CA TYR A 37 -10.03 -4.76 6.28
C TYR A 37 -9.53 -4.71 4.84
N TRP A 38 -10.45 -4.40 3.94
CA TRP A 38 -10.12 -4.32 2.53
C TRP A 38 -9.20 -3.12 2.32
N THR A 39 -7.90 -3.41 2.32
CA THR A 39 -6.90 -2.37 2.14
C THR A 39 -6.70 -2.07 0.66
N GLU A 40 -6.57 -0.78 0.35
CA GLU A 40 -6.37 -0.35 -1.03
C GLU A 40 -5.16 0.56 -1.12
N LEU A 41 -4.29 0.24 -2.06
CA LEU A 41 -3.08 1.02 -2.27
C LEU A 41 -3.36 2.12 -3.30
N ARG A 42 -3.21 3.36 -2.87
CA ARG A 42 -3.44 4.49 -3.74
C ARG A 42 -2.36 5.56 -3.52
N GLY A 43 -1.73 5.95 -4.62
CA GLY A 43 -0.69 6.97 -4.56
C GLY A 43 0.38 6.58 -3.54
N THR A 44 0.29 7.20 -2.37
CA THR A 44 1.24 6.92 -1.30
C THR A 44 0.51 6.81 0.04
N THR A 45 -0.80 6.75 -0.03
CA THR A 45 -1.62 6.64 1.17
C THR A 45 -2.42 5.35 1.15
N LEU A 46 -2.28 4.59 2.23
CA LEU A 46 -2.99 3.32 2.35
C LEU A 46 -4.41 3.59 2.85
N PHE A 47 -5.35 2.90 2.22
CA PHE A 47 -6.76 3.05 2.58
C PHE A 47 -7.36 1.69 2.96
N PHE A 48 -8.02 1.68 4.12
CA PHE A 48 -8.65 0.46 4.60
C PHE A 48 -10.17 0.64 4.70
N TYR A 49 -10.88 -0.32 4.14
CA TYR A 49 -12.34 -0.29 4.17
C TYR A 49 -12.90 -1.55 4.80
N THR A 50 -14.16 -1.46 5.20
CA THR A 50 -14.84 -2.60 5.82
C THR A 50 -15.36 -3.54 4.75
N ASP A 51 -15.51 -3.01 3.55
CA ASP A 51 -16.01 -3.79 2.43
C ASP A 51 -15.72 -3.05 1.13
N LYS A 52 -16.01 -3.73 0.02
CA LYS A 52 -15.78 -3.15 -1.29
C LYS A 52 -16.84 -2.07 -1.55
N LYS A 53 -18.00 -2.25 -0.93
CA LYS A 53 -19.08 -1.31 -1.09
C LYS A 53 -18.75 -0.03 -0.32
N SER A 54 -17.97 -0.19 0.74
CA SER A 54 -17.58 0.94 1.57
C SER A 54 -17.01 2.06 0.69
N ILE A 55 -17.40 3.28 1.02
CA ILE A 55 -16.95 4.44 0.27
C ILE A 55 -15.93 5.21 1.11
N ILE A 56 -16.29 5.46 2.36
CA ILE A 56 -15.42 6.18 3.27
C ILE A 56 -14.57 5.18 4.06
N TYR A 57 -13.34 5.02 3.60
CA TYR A 57 -12.42 4.10 4.25
C TYR A 57 -12.54 4.19 5.77
N VAL A 58 -12.68 3.03 6.39
CA VAL A 58 -12.82 2.96 7.83
C VAL A 58 -11.58 3.59 8.49
N ASP A 59 -10.46 3.47 7.80
CA ASP A 59 -9.21 4.03 8.30
C ASP A 59 -8.16 4.00 7.18
N LYS A 60 -7.31 5.01 7.19
CA LYS A 60 -6.26 5.11 6.18
C LYS A 60 -4.91 5.25 6.89
N LEU A 61 -3.85 5.01 6.11
CA LEU A 61 -2.51 5.10 6.66
C LEU A 61 -1.64 5.92 5.69
N ASP A 62 -0.47 6.32 6.18
CA ASP A 62 0.45 7.10 5.38
C ASP A 62 1.86 6.54 5.54
N ILE A 63 2.51 6.32 4.41
CA ILE A 63 3.87 5.79 4.42
C ILE A 63 4.75 6.63 3.50
N VAL A 64 4.23 7.81 3.15
CA VAL A 64 4.95 8.71 2.28
C VAL A 64 6.25 9.13 2.96
N ASP A 65 6.25 9.05 4.28
CA ASP A 65 7.42 9.42 5.06
C ASP A 65 8.06 8.16 5.63
N LEU A 66 7.64 7.03 5.10
CA LEU A 66 8.15 5.75 5.56
C LEU A 66 9.66 5.88 5.82
N THR A 67 10.08 5.37 6.98
CA THR A 67 11.48 5.43 7.34
C THR A 67 12.23 4.22 6.79
N CYS A 68 11.51 3.10 6.71
CA CYS A 68 12.09 1.88 6.19
C CYS A 68 11.10 0.74 6.42
N LEU A 69 11.50 -0.45 6.00
CA LEU A 69 10.66 -1.62 6.15
C LEU A 69 11.49 -2.77 6.73
N THR A 70 10.99 -3.35 7.81
CA THR A 70 11.67 -4.46 8.45
C THR A 70 11.02 -5.79 8.06
N GLU A 71 11.68 -6.87 8.46
CA GLU A 71 11.19 -8.20 8.15
C GLU A 71 11.12 -9.04 9.43
N GLN A 72 9.92 -9.50 9.74
CA GLN A 72 9.70 -10.32 10.92
C GLN A 72 9.63 -11.79 10.54
N ASN A 73 10.67 -12.52 10.91
CA ASN A 73 10.74 -13.94 10.61
C ASN A 73 12.09 -14.49 11.08
N SER A 74 12.03 -15.69 11.64
CA SER A 74 13.24 -16.34 12.13
C SER A 74 13.25 -17.81 11.70
N THR A 75 13.67 -18.02 10.46
CA THR A 75 13.74 -19.37 9.91
C THR A 75 12.41 -20.10 10.13
N GLU A 76 11.41 -19.65 9.39
CA GLU A 76 10.08 -20.24 9.48
C GLU A 76 9.15 -19.62 8.44
N LYS A 77 9.60 -19.63 7.20
CA LYS A 77 8.82 -19.07 6.11
C LYS A 77 7.35 -19.42 6.32
N ASN A 78 6.49 -18.50 5.90
CA ASN A 78 5.06 -18.69 6.05
C ASN A 78 4.32 -17.61 5.25
N CYS A 79 4.72 -16.36 5.50
CA CYS A 79 4.11 -15.23 4.82
C CYS A 79 5.00 -14.01 5.03
N ALA A 80 4.67 -12.95 4.30
CA ALA A 80 5.43 -11.71 4.41
C ALA A 80 4.94 -10.92 5.61
N LYS A 81 5.86 -10.67 6.54
CA LYS A 81 5.54 -9.92 7.73
C LYS A 81 6.57 -8.81 7.93
N PHE A 82 6.10 -7.58 7.89
CA PHE A 82 6.97 -6.43 8.07
C PHE A 82 6.24 -5.29 8.79
N THR A 83 7.03 -4.41 9.39
CA THR A 83 6.48 -3.29 10.11
C THR A 83 6.83 -1.98 9.41
N LEU A 84 5.80 -1.17 9.16
CA LEU A 84 5.98 0.11 8.50
C LEU A 84 6.57 1.10 9.49
N VAL A 85 7.87 1.34 9.34
CA VAL A 85 8.56 2.27 10.23
C VAL A 85 8.28 3.70 9.76
N LEU A 86 7.68 4.48 10.66
CA LEU A 86 7.35 5.85 10.36
C LEU A 86 7.95 6.76 11.43
N PRO A 87 8.15 8.05 11.04
CA PRO A 87 8.72 9.03 11.96
C PRO A 87 7.68 9.47 13.00
N LYS A 88 6.49 8.87 12.89
CA LYS A 88 5.41 9.19 13.82
C LYS A 88 5.10 7.97 14.66
N GLU A 89 4.79 6.87 13.98
CA GLU A 89 4.46 5.63 14.66
C GLU A 89 4.67 4.44 13.72
N GLU A 90 4.98 3.31 14.31
CA GLU A 90 5.21 2.09 13.53
C GLU A 90 3.92 1.26 13.46
N VAL A 91 3.60 0.86 12.24
CA VAL A 91 2.41 0.06 12.02
C VAL A 91 2.81 -1.29 11.42
N GLN A 92 2.14 -2.33 11.89
CA GLN A 92 2.40 -3.67 11.41
C GLN A 92 1.45 -4.04 10.27
N LEU A 93 1.91 -4.96 9.44
CA LEU A 93 1.11 -5.40 8.31
C LEU A 93 1.30 -6.91 8.12
N LYS A 94 0.19 -7.57 7.82
CA LYS A 94 0.21 -9.01 7.61
C LYS A 94 -0.65 -9.36 6.39
N THR A 95 -0.16 -10.32 5.62
CA THR A 95 -0.87 -10.76 4.44
C THR A 95 -1.30 -12.22 4.58
N GLU A 96 -2.25 -12.61 3.73
CA GLU A 96 -2.76 -13.97 3.75
C GLU A 96 -1.79 -14.92 3.05
N ASN A 97 -1.62 -14.70 1.75
CA ASN A 97 -0.71 -15.52 0.97
C ASN A 97 0.67 -14.88 0.94
N THR A 98 1.68 -15.72 0.82
CA THR A 98 3.05 -15.25 0.78
C THR A 98 3.26 -14.31 -0.41
N GLU A 99 2.68 -14.69 -1.54
CA GLU A 99 2.79 -13.90 -2.75
C GLU A 99 2.31 -12.48 -2.48
N SER A 100 1.05 -12.36 -2.11
CA SER A 100 0.45 -11.06 -1.82
C SER A 100 1.47 -10.16 -1.12
N GLY A 101 2.16 -10.76 -0.16
CA GLY A 101 3.17 -10.02 0.60
C GLY A 101 4.14 -9.31 -0.33
N GLU A 102 4.89 -10.10 -1.09
CA GLU A 102 5.86 -9.55 -2.02
C GLU A 102 5.25 -8.38 -2.80
N GLU A 103 4.01 -8.59 -3.23
CA GLU A 103 3.31 -7.56 -3.98
C GLU A 103 3.33 -6.23 -3.22
N TRP A 104 2.61 -6.20 -2.10
CA TRP A 104 2.55 -5.01 -1.28
C TRP A 104 3.97 -4.52 -1.04
N ARG A 105 4.76 -5.36 -0.40
CA ARG A 105 6.14 -5.03 -0.10
C ARG A 105 6.76 -4.25 -1.26
N GLY A 106 6.74 -4.88 -2.43
CA GLY A 106 7.29 -4.26 -3.62
C GLY A 106 6.55 -2.96 -3.96
N PHE A 107 5.25 -3.11 -4.17
CA PHE A 107 4.42 -1.96 -4.50
C PHE A 107 4.70 -0.79 -3.55
N ILE A 108 4.76 -1.12 -2.28
CA ILE A 108 5.02 -0.10 -1.25
C ILE A 108 6.42 0.48 -1.47
N LEU A 109 7.41 -0.40 -1.39
CA LEU A 109 8.80 0.01 -1.58
C LEU A 109 8.89 0.93 -2.79
N THR A 110 7.96 0.76 -3.71
CA THR A 110 7.92 1.56 -4.92
C THR A 110 7.26 2.92 -4.65
N VAL A 111 6.21 2.87 -3.84
CA VAL A 111 5.49 4.08 -3.49
C VAL A 111 6.07 4.67 -2.20
N THR A 112 7.35 4.39 -1.98
CA THR A 112 8.03 4.88 -0.79
C THR A 112 9.47 5.23 -1.12
N GLU A 113 10.13 4.33 -1.84
CA GLU A 113 11.52 4.55 -2.22
C GLU A 113 11.59 5.38 -3.50
N LEU A 114 10.45 5.52 -4.15
CA LEU A 114 10.37 6.28 -5.38
C LEU A 114 11.14 5.55 -6.48
N SER A 115 11.25 4.24 -6.30
CA SER A 115 11.96 3.42 -7.27
C SER A 115 11.27 2.06 -7.40
N VAL A 116 12.05 1.08 -7.85
CA VAL A 116 11.53 -0.27 -8.02
C VAL A 116 12.58 -1.27 -7.52
N PRO A 117 12.14 -2.13 -6.57
CA PRO A 117 13.01 -3.14 -6.00
C PRO A 117 13.23 -4.29 -7.00
N GLN A 118 14.48 -4.48 -7.36
CA GLN A 118 14.83 -5.54 -8.30
C GLN A 118 15.13 -6.83 -7.55
N ASN A 119 14.70 -6.86 -6.29
CA ASN A 119 14.92 -8.03 -5.46
C ASN A 119 13.57 -8.63 -5.08
N VAL A 120 12.72 -8.79 -6.08
CA VAL A 120 11.40 -9.36 -5.87
C VAL A 120 11.24 -10.61 -6.73
N SER A 121 10.59 -11.61 -6.14
CA SER A 121 10.37 -12.87 -6.84
C SER A 121 9.12 -12.77 -7.72
N LEU A 122 8.42 -11.65 -7.57
CA LEU A 122 7.21 -11.42 -8.34
C LEU A 122 7.46 -11.83 -9.79
N LEU A 123 6.37 -12.06 -10.51
CA LEU A 123 6.45 -12.46 -11.90
C LEU A 123 7.02 -11.30 -12.73
N PRO A 124 7.33 -11.61 -14.01
CA PRO A 124 7.89 -10.61 -14.90
C PRO A 124 6.80 -9.64 -15.37
N GLY A 125 5.56 -9.98 -15.04
CA GLY A 125 4.43 -9.15 -15.42
C GLY A 125 4.04 -8.21 -14.28
N GLN A 126 4.20 -8.71 -13.06
CA GLN A 126 3.88 -7.93 -11.88
C GLN A 126 4.91 -6.81 -11.66
N VAL A 127 6.17 -7.22 -11.68
CA VAL A 127 7.26 -6.27 -11.50
C VAL A 127 6.94 -4.98 -12.25
N ILE A 128 6.40 -5.15 -13.45
CA ILE A 128 6.05 -4.02 -14.28
C ILE A 128 5.22 -3.02 -13.46
N LYS A 129 4.19 -3.56 -12.81
CA LYS A 129 3.32 -2.74 -11.99
C LYS A 129 4.16 -1.74 -11.20
N LEU A 130 5.10 -2.28 -10.44
CA LEU A 130 5.97 -1.45 -9.62
C LEU A 130 6.52 -0.31 -10.47
N HIS A 131 6.92 -0.66 -11.69
CA HIS A 131 7.47 0.32 -12.61
C HIS A 131 6.40 1.36 -12.94
N GLU A 132 5.23 0.87 -13.37
CA GLU A 132 4.13 1.74 -13.72
C GLU A 132 3.71 2.57 -12.49
N VAL A 133 3.30 1.85 -11.46
CA VAL A 133 2.85 2.50 -10.23
C VAL A 133 3.80 3.65 -9.90
N LEU A 134 5.08 3.39 -10.10
CA LEU A 134 6.10 4.40 -9.83
C LEU A 134 5.86 5.63 -10.71
N GLU A 135 6.14 5.46 -11.99
CA GLU A 135 5.94 6.55 -12.94
C GLU A 135 4.61 7.25 -12.69
N ARG A 136 3.68 6.49 -12.12
CA ARG A 136 2.36 7.02 -11.81
C ARG A 136 2.45 8.07 -10.70
N GLU A 137 3.20 7.72 -9.66
CA GLU A 137 3.37 8.61 -8.54
C GLU A 137 4.40 9.70 -8.88
N LYS A 138 5.34 9.34 -9.73
CA LYS A 138 6.37 10.28 -10.14
C LYS A 138 5.72 11.59 -10.58
N LYS A 139 4.62 11.45 -11.32
CA LYS A 139 3.91 12.61 -11.81
C LYS A 139 3.45 13.47 -10.62
N ARG A 140 2.63 12.87 -9.78
CA ARG A 140 2.12 13.57 -8.60
C ARG A 140 3.26 14.31 -7.90
N ARG A 141 4.40 13.63 -7.78
CA ARG A 141 5.56 14.21 -7.13
C ARG A 141 5.86 15.59 -7.73
N ILE A 142 5.79 15.66 -9.05
CA ILE A 142 6.06 16.90 -9.75
C ILE A 142 5.36 18.06 -9.02
N GLU A 143 4.06 18.16 -9.25
CA GLU A 143 3.27 19.22 -8.63
C GLU A 143 3.69 19.37 -7.16
N SER A 144 3.23 18.43 -6.36
CA SER A 144 3.53 18.45 -4.94
C SER A 144 4.65 17.44 -4.62
N GLY A 145 5.84 17.98 -4.39
CA GLY A 145 6.99 17.14 -4.09
C GLY A 145 8.25 17.98 -3.89
N PRO A 146 9.42 17.29 -3.92
CA PRO A 146 10.69 17.97 -3.74
C PRO A 146 11.08 18.75 -5.00
N SER A 147 10.43 19.89 -5.17
CA SER A 147 10.69 20.73 -6.32
C SER A 147 11.89 21.65 -6.04
N SER A 148 12.38 22.27 -7.09
CA SER A 148 13.53 23.16 -6.98
C SER A 148 14.76 22.37 -6.54
N GLY A 149 15.42 21.78 -7.52
CA GLY A 149 16.61 20.99 -7.25
C GLY A 149 16.28 19.49 -7.20
N GLY A 1 -28.60 29.41 -34.91
CA GLY A 1 -28.06 29.61 -33.57
C GLY A 1 -26.98 28.57 -33.26
N SER A 2 -27.09 27.99 -32.07
CA SER A 2 -26.13 26.99 -31.64
C SER A 2 -24.70 27.47 -31.93
N SER A 3 -24.14 28.18 -30.95
CA SER A 3 -22.79 28.70 -31.09
C SER A 3 -22.05 28.58 -29.77
N GLY A 4 -20.74 28.42 -29.86
CA GLY A 4 -19.91 28.29 -28.69
C GLY A 4 -19.25 26.91 -28.61
N SER A 5 -17.93 26.92 -28.54
CA SER A 5 -17.18 25.68 -28.47
C SER A 5 -15.69 25.98 -28.32
N SER A 6 -15.15 25.59 -27.18
CA SER A 6 -13.74 25.81 -26.90
C SER A 6 -13.36 25.16 -25.56
N GLY A 7 -12.37 24.29 -25.63
CA GLY A 7 -11.91 23.59 -24.44
C GLY A 7 -12.64 22.26 -24.27
N GLN A 8 -11.86 21.20 -24.17
CA GLN A 8 -12.43 19.87 -24.00
C GLN A 8 -12.39 19.47 -22.52
N GLU A 9 -13.32 20.03 -21.76
CA GLU A 9 -13.39 19.74 -20.34
C GLU A 9 -12.14 20.23 -19.63
N ARG A 10 -12.31 20.57 -18.35
CA ARG A 10 -11.21 21.05 -17.55
C ARG A 10 -10.37 19.89 -17.02
N LEU A 11 -11.06 18.97 -16.35
CA LEU A 11 -10.41 17.80 -15.78
C LEU A 11 -9.43 18.25 -14.70
N LYS A 12 -9.61 17.68 -13.52
CA LYS A 12 -8.75 18.01 -12.40
C LYS A 12 -8.48 16.74 -11.57
N ILE A 13 -7.20 16.50 -11.32
CA ILE A 13 -6.79 15.34 -10.55
C ILE A 13 -7.45 15.38 -9.17
N THR A 14 -7.99 14.24 -8.77
CA THR A 14 -8.65 14.14 -7.47
C THR A 14 -8.54 12.72 -6.93
N ALA A 15 -8.43 12.62 -5.61
CA ALA A 15 -8.31 11.33 -4.97
C ALA A 15 -6.98 10.69 -5.34
N LEU A 16 -6.48 9.86 -4.44
CA LEU A 16 -5.22 9.18 -4.66
C LEU A 16 -5.39 8.17 -5.81
N PRO A 17 -4.30 8.03 -6.61
CA PRO A 17 -4.32 7.11 -7.74
C PRO A 17 -4.20 5.66 -7.26
N LEU A 18 -5.28 4.92 -7.45
CA LEU A 18 -5.31 3.53 -7.05
C LEU A 18 -4.22 2.76 -7.80
N TYR A 19 -3.64 1.79 -7.10
CA TYR A 19 -2.58 0.98 -7.69
C TYR A 19 -2.86 -0.51 -7.48
N PHE A 20 -3.05 -0.87 -6.22
CA PHE A 20 -3.32 -2.26 -5.87
C PHE A 20 -4.41 -2.36 -4.81
N GLU A 21 -5.01 -3.53 -4.73
CA GLU A 21 -6.07 -3.77 -3.76
C GLU A 21 -6.12 -5.25 -3.37
N GLY A 22 -6.31 -5.49 -2.08
CA GLY A 22 -6.38 -6.84 -1.58
C GLY A 22 -6.54 -6.85 -0.05
N PHE A 23 -7.49 -7.66 0.41
CA PHE A 23 -7.75 -7.77 1.83
C PHE A 23 -6.46 -7.88 2.62
N LEU A 24 -6.04 -6.74 3.17
CA LEU A 24 -4.81 -6.70 3.96
C LEU A 24 -5.17 -6.68 5.44
N LEU A 25 -4.23 -7.15 6.25
CA LEU A 25 -4.43 -7.20 7.68
C LEU A 25 -3.60 -6.10 8.35
N ILE A 26 -4.28 -5.30 9.16
CA ILE A 26 -3.61 -4.21 9.86
C ILE A 26 -3.73 -4.44 11.37
N LYS A 27 -2.61 -4.24 12.05
CA LYS A 27 -2.56 -4.42 13.49
C LYS A 27 -1.85 -3.23 14.12
N ARG A 28 -2.49 -2.08 14.03
CA ARG A 28 -1.94 -0.86 14.58
C ARG A 28 -1.83 -0.98 16.12
N SER A 29 -1.43 0.13 16.73
CA SER A 29 -1.28 0.17 18.17
C SER A 29 -2.62 -0.16 18.85
N GLY A 30 -3.68 0.06 18.09
CA GLY A 30 -5.02 -0.19 18.60
C GLY A 30 -5.73 -1.26 17.75
N TYR A 31 -5.47 -2.51 18.09
CA TYR A 31 -6.07 -3.63 17.38
C TYR A 31 -6.02 -4.90 18.21
N ARG A 32 -4.87 -5.13 18.83
CA ARG A 32 -4.69 -6.31 19.67
C ARG A 32 -4.50 -7.55 18.79
N GLU A 33 -5.42 -7.73 17.86
CA GLU A 33 -5.37 -8.86 16.97
C GLU A 33 -5.65 -8.42 15.53
N TYR A 34 -4.74 -8.81 14.63
CA TYR A 34 -4.88 -8.46 13.23
C TYR A 34 -6.35 -8.50 12.79
N GLU A 35 -6.71 -7.57 11.92
CA GLU A 35 -8.06 -7.50 11.42
C GLU A 35 -8.06 -7.47 9.88
N HIS A 36 -9.08 -8.10 9.31
CA HIS A 36 -9.20 -8.15 7.87
C HIS A 36 -10.01 -6.95 7.38
N TYR A 37 -9.39 -6.19 6.48
CA TYR A 37 -10.02 -5.01 5.92
C TYR A 37 -9.66 -4.83 4.45
N TRP A 38 -10.64 -4.39 3.68
CA TRP A 38 -10.43 -4.17 2.26
C TRP A 38 -9.42 -3.02 2.10
N THR A 39 -8.15 -3.38 2.12
CA THR A 39 -7.09 -2.40 1.99
C THR A 39 -6.85 -2.07 0.51
N GLU A 40 -6.64 -0.79 0.26
CA GLU A 40 -6.40 -0.33 -1.10
C GLU A 40 -5.19 0.60 -1.14
N LEU A 41 -4.32 0.35 -2.11
CA LEU A 41 -3.12 1.15 -2.27
C LEU A 41 -3.41 2.30 -3.23
N ARG A 42 -3.21 3.52 -2.73
CA ARG A 42 -3.45 4.70 -3.53
C ARG A 42 -2.32 5.73 -3.31
N GLY A 43 -1.74 6.16 -4.41
CA GLY A 43 -0.66 7.13 -4.34
C GLY A 43 0.40 6.71 -3.32
N THR A 44 0.23 7.19 -2.10
CA THR A 44 1.15 6.88 -1.03
C THR A 44 0.41 6.77 0.30
N THR A 45 -0.91 6.61 0.20
CA THR A 45 -1.74 6.50 1.38
C THR A 45 -2.47 5.15 1.38
N LEU A 46 -2.35 4.44 2.50
CA LEU A 46 -3.00 3.15 2.63
C LEU A 46 -4.44 3.35 3.10
N PHE A 47 -5.36 3.02 2.21
CA PHE A 47 -6.78 3.15 2.51
C PHE A 47 -7.40 1.80 2.89
N PHE A 48 -7.91 1.74 4.10
CA PHE A 48 -8.53 0.53 4.60
C PHE A 48 -10.05 0.64 4.59
N TYR A 49 -10.69 -0.34 3.98
CA TYR A 49 -12.14 -0.37 3.91
C TYR A 49 -12.71 -1.64 4.54
N THR A 50 -14.02 -1.63 4.74
CA THR A 50 -14.69 -2.77 5.34
C THR A 50 -15.45 -3.56 4.26
N ASP A 51 -15.89 -2.83 3.24
CA ASP A 51 -16.62 -3.44 2.15
C ASP A 51 -16.58 -2.52 0.93
N LYS A 52 -17.06 -3.04 -0.19
CA LYS A 52 -17.07 -2.29 -1.43
C LYS A 52 -18.23 -1.27 -1.39
N LYS A 53 -19.28 -1.67 -0.68
CA LYS A 53 -20.45 -0.81 -0.56
C LYS A 53 -20.05 0.49 0.14
N SER A 54 -19.09 0.38 1.03
CA SER A 54 -18.60 1.53 1.77
C SER A 54 -18.16 2.63 0.80
N ILE A 55 -18.37 3.87 1.22
CA ILE A 55 -18.00 5.00 0.39
C ILE A 55 -16.65 5.54 0.85
N ILE A 56 -16.48 5.60 2.16
CA ILE A 56 -15.25 6.08 2.75
C ILE A 56 -14.47 4.91 3.36
N TYR A 57 -13.21 5.16 3.65
CA TYR A 57 -12.36 4.14 4.22
C TYR A 57 -12.45 4.14 5.75
N VAL A 58 -12.68 2.96 6.31
CA VAL A 58 -12.79 2.82 7.75
C VAL A 58 -11.62 3.54 8.42
N ASP A 59 -10.49 3.54 7.73
CA ASP A 59 -9.30 4.18 8.24
C ASP A 59 -8.19 4.14 7.18
N LYS A 60 -7.29 5.10 7.27
CA LYS A 60 -6.19 5.18 6.33
C LYS A 60 -4.87 5.34 7.09
N LEU A 61 -3.78 5.27 6.35
CA LEU A 61 -2.46 5.40 6.95
C LEU A 61 -1.63 6.37 6.11
N ASP A 62 -0.36 6.48 6.48
CA ASP A 62 0.55 7.36 5.77
C ASP A 62 1.97 6.76 5.80
N ILE A 63 2.41 6.33 4.64
CA ILE A 63 3.73 5.73 4.51
C ILE A 63 4.53 6.48 3.44
N VAL A 64 4.14 7.73 3.22
CA VAL A 64 4.80 8.56 2.22
C VAL A 64 6.22 8.87 2.68
N ASP A 65 6.35 9.12 3.98
CA ASP A 65 7.64 9.43 4.56
C ASP A 65 8.23 8.17 5.19
N LEU A 66 7.78 7.03 4.69
CA LEU A 66 8.24 5.75 5.20
C LEU A 66 9.75 5.81 5.41
N THR A 67 10.17 5.35 6.58
CA THR A 67 11.58 5.34 6.92
C THR A 67 12.26 4.07 6.39
N CYS A 68 11.52 2.98 6.44
CA CYS A 68 12.02 1.71 5.97
C CYS A 68 11.02 0.62 6.35
N LEU A 69 11.37 -0.62 6.00
CA LEU A 69 10.50 -1.75 6.29
C LEU A 69 11.34 -2.87 6.91
N THR A 70 10.89 -3.33 8.07
CA THR A 70 11.58 -4.39 8.78
C THR A 70 10.94 -5.74 8.46
N GLU A 71 11.57 -6.79 8.98
CA GLU A 71 11.07 -8.14 8.76
C GLU A 71 10.95 -8.89 10.09
N GLN A 72 9.73 -9.31 10.38
CA GLN A 72 9.46 -10.03 11.62
C GLN A 72 9.79 -11.52 11.45
N ASN A 73 10.80 -11.95 12.20
CA ASN A 73 11.23 -13.34 12.14
C ASN A 73 10.02 -14.25 12.38
N SER A 74 9.67 -15.00 11.35
CA SER A 74 8.54 -15.91 11.43
C SER A 74 9.05 -17.35 11.49
N THR A 75 8.28 -18.18 12.20
CA THR A 75 8.65 -19.58 12.35
C THR A 75 7.64 -20.47 11.60
N GLU A 76 8.16 -21.23 10.65
CA GLU A 76 7.32 -22.11 9.87
C GLU A 76 6.24 -21.33 9.14
N LYS A 77 5.57 -22.00 8.22
CA LYS A 77 4.51 -21.37 7.45
C LYS A 77 5.06 -20.14 6.74
N ASN A 78 5.28 -20.30 5.44
CA ASN A 78 5.81 -19.21 4.63
C ASN A 78 4.81 -18.05 4.64
N CYS A 79 5.25 -16.95 5.23
CA CYS A 79 4.41 -15.76 5.31
C CYS A 79 5.33 -14.53 5.37
N ALA A 80 4.75 -13.40 4.99
CA ALA A 80 5.50 -12.15 4.99
C ALA A 80 4.99 -11.26 6.12
N LYS A 81 5.89 -10.97 7.05
CA LYS A 81 5.54 -10.14 8.19
C LYS A 81 6.57 -9.00 8.32
N PHE A 82 6.09 -7.78 8.15
CA PHE A 82 6.95 -6.62 8.24
C PHE A 82 6.20 -5.43 8.85
N THR A 83 6.97 -4.52 9.44
CA THR A 83 6.40 -3.34 10.07
C THR A 83 6.81 -2.08 9.30
N LEU A 84 5.85 -1.19 9.12
CA LEU A 84 6.10 0.06 8.42
C LEU A 84 6.74 1.06 9.38
N VAL A 85 8.02 1.32 9.15
CA VAL A 85 8.75 2.26 9.98
C VAL A 85 8.52 3.68 9.46
N LEU A 86 7.93 4.50 10.32
CA LEU A 86 7.64 5.88 9.96
C LEU A 86 8.30 6.81 10.99
N PRO A 87 8.55 8.07 10.55
CA PRO A 87 9.16 9.07 11.42
C PRO A 87 8.16 9.58 12.45
N LYS A 88 6.95 9.04 12.38
CA LYS A 88 5.90 9.44 13.31
C LYS A 88 5.54 8.25 14.19
N GLU A 89 5.13 7.18 13.54
CA GLU A 89 4.73 5.97 14.25
C GLU A 89 4.83 4.75 13.33
N GLU A 90 5.12 3.61 13.92
CA GLU A 90 5.24 2.37 13.17
C GLU A 90 3.89 1.66 13.10
N VAL A 91 3.74 0.84 12.06
CA VAL A 91 2.51 0.10 11.87
C VAL A 91 2.84 -1.32 11.41
N GLN A 92 2.12 -2.28 11.97
CA GLN A 92 2.32 -3.67 11.62
C GLN A 92 1.47 -4.05 10.41
N LEU A 93 2.03 -4.94 9.59
CA LEU A 93 1.34 -5.39 8.39
C LEU A 93 1.58 -6.88 8.22
N LYS A 94 0.50 -7.59 7.92
CA LYS A 94 0.57 -9.03 7.72
C LYS A 94 -0.26 -9.42 6.50
N THR A 95 0.20 -10.44 5.80
CA THR A 95 -0.50 -10.91 4.61
C THR A 95 -0.93 -12.37 4.80
N GLU A 96 -1.62 -12.88 3.79
CA GLU A 96 -2.10 -14.25 3.82
C GLU A 96 -0.94 -15.22 3.58
N ASN A 97 -0.14 -14.88 2.58
CA ASN A 97 1.00 -15.71 2.23
C ASN A 97 2.15 -14.82 1.73
N THR A 98 3.35 -15.39 1.73
CA THR A 98 4.52 -14.66 1.28
C THR A 98 4.22 -13.94 -0.03
N GLU A 99 3.63 -14.66 -0.96
CA GLU A 99 3.28 -14.11 -2.25
C GLU A 99 2.69 -12.71 -2.08
N SER A 100 1.44 -12.69 -1.63
CA SER A 100 0.74 -11.43 -1.42
C SER A 100 1.67 -10.43 -0.74
N GLY A 101 2.40 -10.92 0.25
CA GLY A 101 3.32 -10.08 0.99
C GLY A 101 4.27 -9.34 0.05
N GLU A 102 5.00 -10.12 -0.73
CA GLU A 102 5.95 -9.55 -1.68
C GLU A 102 5.27 -8.45 -2.51
N GLU A 103 4.03 -8.72 -2.90
CA GLU A 103 3.28 -7.77 -3.69
C GLU A 103 3.26 -6.40 -3.00
N TRP A 104 2.57 -6.35 -1.87
CA TRP A 104 2.46 -5.13 -1.11
C TRP A 104 3.87 -4.61 -0.84
N ARG A 105 4.65 -5.45 -0.15
CA ARG A 105 6.01 -5.09 0.17
C ARG A 105 6.66 -4.32 -1.00
N GLY A 106 6.66 -4.96 -2.15
CA GLY A 106 7.23 -4.34 -3.34
C GLY A 106 6.43 -3.12 -3.77
N PHE A 107 5.11 -3.28 -3.79
CA PHE A 107 4.23 -2.20 -4.18
C PHE A 107 4.48 -0.96 -3.33
N ILE A 108 4.67 -1.19 -2.04
CA ILE A 108 4.92 -0.09 -1.11
C ILE A 108 6.30 0.51 -1.40
N LEU A 109 7.30 -0.35 -1.35
CA LEU A 109 8.67 0.08 -1.60
C LEU A 109 8.70 0.96 -2.86
N THR A 110 7.72 0.74 -3.72
CA THR A 110 7.62 1.49 -4.95
C THR A 110 6.98 2.86 -4.69
N VAL A 111 5.97 2.85 -3.84
CA VAL A 111 5.26 4.07 -3.48
C VAL A 111 5.90 4.68 -2.24
N THR A 112 7.19 4.44 -2.09
CA THR A 112 7.92 4.95 -0.95
C THR A 112 9.35 5.30 -1.35
N GLU A 113 9.98 4.37 -2.04
CA GLU A 113 11.35 4.56 -2.49
C GLU A 113 11.38 5.34 -3.81
N LEU A 114 10.20 5.46 -4.41
CA LEU A 114 10.07 6.17 -5.67
C LEU A 114 10.85 5.41 -6.75
N SER A 115 11.00 4.12 -6.52
CA SER A 115 11.72 3.28 -7.47
C SER A 115 11.05 1.90 -7.55
N VAL A 116 11.77 0.97 -8.16
CA VAL A 116 11.27 -0.39 -8.31
C VAL A 116 12.31 -1.37 -7.78
N PRO A 117 11.89 -2.17 -6.77
CA PRO A 117 12.77 -3.15 -6.17
C PRO A 117 12.95 -4.36 -7.09
N GLN A 118 14.19 -4.60 -7.48
CA GLN A 118 14.51 -5.71 -8.35
C GLN A 118 14.68 -6.99 -7.54
N ASN A 119 14.84 -6.82 -6.24
CA ASN A 119 15.01 -7.94 -5.34
C ASN A 119 13.65 -8.42 -4.86
N VAL A 120 12.82 -8.84 -5.80
CA VAL A 120 11.49 -9.32 -5.47
C VAL A 120 11.27 -10.68 -6.12
N SER A 121 10.43 -11.48 -5.48
CA SER A 121 10.11 -12.80 -5.99
C SER A 121 9.15 -12.71 -7.17
N LEU A 122 8.59 -11.51 -7.34
CA LEU A 122 7.66 -11.27 -8.42
C LEU A 122 8.28 -11.73 -9.74
N LEU A 123 7.49 -11.62 -10.80
CA LEU A 123 7.96 -12.02 -12.12
C LEU A 123 8.22 -10.77 -12.96
N PRO A 124 8.53 -11.00 -14.26
CA PRO A 124 8.82 -9.91 -15.17
C PRO A 124 7.51 -9.19 -15.58
N GLY A 125 6.41 -9.90 -15.41
CA GLY A 125 5.11 -9.36 -15.75
C GLY A 125 4.51 -8.59 -14.58
N GLN A 126 5.03 -8.87 -13.39
CA GLN A 126 4.56 -8.22 -12.18
C GLN A 126 5.39 -6.96 -11.90
N VAL A 127 6.68 -7.05 -12.20
CA VAL A 127 7.58 -5.94 -11.99
C VAL A 127 7.15 -4.75 -12.85
N ILE A 128 6.49 -5.09 -13.95
CA ILE A 128 6.01 -4.07 -14.87
C ILE A 128 5.00 -3.17 -14.15
N LYS A 129 4.16 -3.80 -13.36
CA LYS A 129 3.15 -3.08 -12.60
C LYS A 129 3.81 -1.93 -11.83
N LEU A 130 4.73 -2.32 -10.96
CA LEU A 130 5.44 -1.34 -10.15
C LEU A 130 5.90 -0.19 -11.04
N HIS A 131 6.63 -0.54 -12.09
CA HIS A 131 7.14 0.46 -13.02
C HIS A 131 6.04 1.48 -13.33
N GLU A 132 4.84 0.95 -13.57
CA GLU A 132 3.70 1.81 -13.87
C GLU A 132 3.34 2.66 -12.66
N VAL A 133 3.11 1.98 -11.54
CA VAL A 133 2.75 2.67 -10.31
C VAL A 133 3.76 3.77 -10.04
N LEU A 134 5.03 3.41 -10.15
CA LEU A 134 6.11 4.35 -9.91
C LEU A 134 5.87 5.61 -10.75
N GLU A 135 5.99 5.43 -12.06
CA GLU A 135 5.79 6.54 -12.98
C GLU A 135 4.50 7.29 -12.65
N ARG A 136 3.55 6.54 -12.12
CA ARG A 136 2.26 7.12 -11.75
C ARG A 136 2.45 8.13 -10.62
N GLU A 137 3.10 7.67 -9.55
CA GLU A 137 3.34 8.51 -8.40
C GLU A 137 4.39 9.58 -8.73
N LYS A 138 5.23 9.23 -9.70
CA LYS A 138 6.29 10.14 -10.12
C LYS A 138 5.69 11.50 -10.44
N LYS A 139 4.67 11.48 -11.29
CA LYS A 139 4.00 12.70 -11.70
C LYS A 139 3.71 13.55 -10.46
N ARG A 140 3.11 12.92 -9.47
CA ARG A 140 2.77 13.60 -8.23
C ARG A 140 3.92 14.53 -7.81
N ARG A 141 5.12 13.96 -7.77
CA ARG A 141 6.29 14.73 -7.39
C ARG A 141 6.22 16.13 -7.98
N ILE A 142 5.67 16.21 -9.18
CA ILE A 142 5.54 17.49 -9.87
C ILE A 142 5.01 18.54 -8.89
N GLU A 143 3.70 18.51 -8.69
CA GLU A 143 3.06 19.44 -7.80
C GLU A 143 2.98 18.85 -6.39
N SER A 144 4.13 18.80 -5.73
CA SER A 144 4.22 18.25 -4.39
C SER A 144 5.17 19.10 -3.54
N GLY A 145 6.41 19.17 -4.00
CA GLY A 145 7.42 19.94 -3.29
C GLY A 145 8.76 19.19 -3.26
N PRO A 146 9.85 19.96 -3.00
CA PRO A 146 11.18 19.38 -2.92
C PRO A 146 11.37 18.60 -1.62
N SER A 147 11.54 17.30 -1.77
CA SER A 147 11.74 16.42 -0.63
C SER A 147 13.02 15.62 -0.79
N SER A 148 13.86 15.69 0.23
CA SER A 148 15.12 14.97 0.20
C SER A 148 15.16 13.95 1.34
N GLY A 149 16.11 13.02 1.24
CA GLY A 149 16.27 11.99 2.24
C GLY A 149 16.28 12.60 3.65
N GLY A 1 0.73 -19.32 -7.36
CA GLY A 1 -0.03 -18.21 -6.79
C GLY A 1 -1.52 -18.36 -7.10
N SER A 2 -2.20 -17.23 -7.07
CA SER A 2 -3.63 -17.21 -7.35
C SER A 2 -4.04 -15.84 -7.92
N SER A 3 -4.51 -15.87 -9.15
CA SER A 3 -4.94 -14.66 -9.82
C SER A 3 -6.25 -14.15 -9.20
N GLY A 4 -6.61 -12.93 -9.57
CA GLY A 4 -7.83 -12.33 -9.06
C GLY A 4 -8.67 -11.75 -10.20
N SER A 5 -9.64 -10.91 -9.83
CA SER A 5 -10.51 -10.29 -10.80
C SER A 5 -10.77 -8.83 -10.40
N SER A 6 -11.39 -8.11 -11.33
CA SER A 6 -11.70 -6.71 -11.08
C SER A 6 -12.83 -6.26 -12.02
N GLY A 7 -13.40 -5.11 -11.71
CA GLY A 7 -14.47 -4.56 -12.51
C GLY A 7 -13.95 -4.05 -13.85
N GLN A 8 -14.73 -3.17 -14.46
CA GLN A 8 -14.37 -2.60 -15.75
C GLN A 8 -15.31 -1.44 -16.11
N GLU A 9 -14.88 -0.25 -15.73
CA GLU A 9 -15.67 0.94 -16.01
C GLU A 9 -14.89 2.20 -15.61
N ARG A 10 -14.31 2.15 -14.42
CA ARG A 10 -13.54 3.26 -13.92
C ARG A 10 -14.38 4.54 -13.94
N LEU A 11 -14.91 4.89 -12.78
CA LEU A 11 -15.73 6.09 -12.65
C LEU A 11 -14.82 7.33 -12.64
N LYS A 12 -15.45 8.47 -12.42
CA LYS A 12 -14.71 9.73 -12.37
C LYS A 12 -14.70 10.25 -10.94
N ILE A 13 -13.74 9.76 -10.16
CA ILE A 13 -13.60 10.17 -8.78
C ILE A 13 -12.24 10.84 -8.58
N THR A 14 -12.24 11.89 -7.77
CA THR A 14 -11.02 12.61 -7.49
C THR A 14 -10.40 12.14 -6.17
N ALA A 15 -9.59 11.09 -6.28
CA ALA A 15 -8.93 10.53 -5.11
C ALA A 15 -7.57 9.97 -5.52
N LEU A 16 -6.86 9.43 -4.53
CA LEU A 16 -5.55 8.85 -4.78
C LEU A 16 -5.64 7.84 -5.91
N PRO A 17 -4.56 7.78 -6.73
CA PRO A 17 -4.51 6.85 -7.85
C PRO A 17 -4.27 5.43 -7.37
N LEU A 18 -5.30 4.60 -7.52
CA LEU A 18 -5.22 3.21 -7.11
C LEU A 18 -4.17 2.49 -7.96
N TYR A 19 -3.37 1.67 -7.30
CA TYR A 19 -2.32 0.93 -7.98
C TYR A 19 -2.52 -0.58 -7.80
N PHE A 20 -2.97 -0.95 -6.60
CA PHE A 20 -3.20 -2.34 -6.28
C PHE A 20 -4.13 -2.48 -5.07
N GLU A 21 -4.85 -3.59 -5.04
CA GLU A 21 -5.78 -3.85 -3.96
C GLU A 21 -5.71 -5.33 -3.56
N GLY A 22 -6.20 -5.59 -2.36
CA GLY A 22 -6.20 -6.96 -1.83
C GLY A 22 -6.32 -6.96 -0.31
N PHE A 23 -7.25 -7.78 0.18
CA PHE A 23 -7.48 -7.89 1.61
C PHE A 23 -6.15 -7.97 2.37
N LEU A 24 -5.87 -6.91 3.11
CA LEU A 24 -4.64 -6.85 3.90
C LEU A 24 -4.99 -6.85 5.39
N LEU A 25 -4.02 -7.28 6.18
CA LEU A 25 -4.21 -7.33 7.63
C LEU A 25 -3.44 -6.17 8.28
N ILE A 26 -4.16 -5.43 9.10
CA ILE A 26 -3.56 -4.30 9.79
C ILE A 26 -3.58 -4.56 11.30
N LYS A 27 -2.45 -4.27 11.93
CA LYS A 27 -2.32 -4.47 13.37
C LYS A 27 -1.69 -3.22 13.99
N ARG A 28 -2.49 -2.56 14.81
CA ARG A 28 -2.03 -1.35 15.49
C ARG A 28 -2.34 -1.43 16.98
N SER A 29 -2.00 -0.34 17.68
CA SER A 29 -2.23 -0.28 19.11
C SER A 29 -3.73 -0.36 19.40
N GLY A 30 -4.17 -1.56 19.78
CA GLY A 30 -5.56 -1.79 20.09
C GLY A 30 -6.09 -3.03 19.35
N TYR A 31 -5.81 -3.08 18.06
CA TYR A 31 -6.24 -4.20 17.25
C TYR A 31 -6.13 -5.51 18.02
N ARG A 32 -4.95 -5.74 18.56
CA ARG A 32 -4.70 -6.96 19.32
C ARG A 32 -4.40 -8.12 18.38
N GLU A 33 -5.29 -8.30 17.41
CA GLU A 33 -5.14 -9.38 16.44
C GLU A 33 -5.41 -8.86 15.03
N TYR A 34 -4.51 -9.19 14.12
CA TYR A 34 -4.65 -8.77 12.73
C TYR A 34 -6.11 -8.81 12.30
N GLU A 35 -6.54 -7.71 11.70
CA GLU A 35 -7.91 -7.59 11.22
C GLU A 35 -7.95 -7.62 9.69
N HIS A 36 -8.95 -8.31 9.17
CA HIS A 36 -9.11 -8.42 7.73
C HIS A 36 -9.92 -7.24 7.21
N TYR A 37 -9.21 -6.30 6.59
CA TYR A 37 -9.85 -5.11 6.05
C TYR A 37 -9.48 -4.92 4.58
N TRP A 38 -10.48 -4.53 3.80
CA TRP A 38 -10.27 -4.30 2.38
C TRP A 38 -9.29 -3.13 2.22
N THR A 39 -8.02 -3.48 2.13
CA THR A 39 -6.98 -2.48 1.98
C THR A 39 -6.85 -2.05 0.50
N GLU A 40 -6.59 -0.77 0.31
CA GLU A 40 -6.44 -0.23 -1.03
C GLU A 40 -5.25 0.70 -1.10
N LEU A 41 -4.33 0.37 -2.00
CA LEU A 41 -3.13 1.17 -2.18
C LEU A 41 -3.39 2.25 -3.24
N ARG A 42 -3.28 3.50 -2.80
CA ARG A 42 -3.51 4.62 -3.69
C ARG A 42 -2.46 5.72 -3.44
N GLY A 43 -1.80 6.13 -4.51
CA GLY A 43 -0.78 7.16 -4.42
C GLY A 43 0.32 6.74 -3.43
N THR A 44 0.28 7.34 -2.26
CA THR A 44 1.26 7.06 -1.23
C THR A 44 0.59 6.98 0.14
N THR A 45 -0.68 6.60 0.12
CA THR A 45 -1.44 6.48 1.36
C THR A 45 -2.21 5.15 1.38
N LEU A 46 -1.99 4.40 2.46
CA LEU A 46 -2.65 3.12 2.61
C LEU A 46 -4.08 3.34 3.10
N PHE A 47 -5.03 2.88 2.28
CA PHE A 47 -6.43 3.03 2.61
C PHE A 47 -7.03 1.69 3.05
N PHE A 48 -7.78 1.74 4.15
CA PHE A 48 -8.41 0.55 4.68
C PHE A 48 -9.94 0.69 4.68
N TYR A 49 -10.59 -0.32 4.14
CA TYR A 49 -12.04 -0.32 4.06
C TYR A 49 -12.63 -1.50 4.86
N THR A 50 -13.87 -1.33 5.26
CA THR A 50 -14.56 -2.36 6.02
C THR A 50 -14.64 -3.66 5.21
N ASP A 51 -15.14 -3.52 3.99
CA ASP A 51 -15.27 -4.67 3.11
C ASP A 51 -15.33 -4.17 1.66
N LYS A 52 -16.22 -3.22 1.43
CA LYS A 52 -16.38 -2.67 0.09
C LYS A 52 -17.52 -1.65 0.10
N LYS A 53 -18.55 -1.97 0.88
CA LYS A 53 -19.70 -1.10 0.99
C LYS A 53 -19.43 -0.02 2.05
N SER A 54 -18.18 0.02 2.50
CA SER A 54 -17.79 0.99 3.51
C SER A 54 -18.03 2.40 2.98
N ILE A 55 -18.10 2.52 1.66
CA ILE A 55 -18.32 3.80 1.03
C ILE A 55 -17.11 4.69 1.24
N ILE A 56 -16.87 5.04 2.50
CA ILE A 56 -15.74 5.87 2.85
C ILE A 56 -14.54 4.99 3.20
N TYR A 57 -14.15 5.04 4.46
CA TYR A 57 -13.02 4.26 4.94
C TYR A 57 -13.03 4.14 6.46
N VAL A 58 -12.52 3.02 6.94
CA VAL A 58 -12.46 2.78 8.37
C VAL A 58 -11.23 3.49 8.96
N ASP A 59 -10.18 3.55 8.15
CA ASP A 59 -8.95 4.19 8.57
C ASP A 59 -7.94 4.15 7.42
N LYS A 60 -6.95 5.03 7.52
CA LYS A 60 -5.92 5.10 6.50
C LYS A 60 -4.56 5.30 7.16
N LEU A 61 -3.52 5.30 6.34
CA LEU A 61 -2.17 5.47 6.84
C LEU A 61 -1.33 6.17 5.78
N ASP A 62 -0.22 6.75 6.23
CA ASP A 62 0.68 7.45 5.33
C ASP A 62 2.07 6.81 5.39
N ILE A 63 2.59 6.47 4.23
CA ILE A 63 3.90 5.85 4.14
C ILE A 63 4.78 6.66 3.18
N VAL A 64 4.37 7.91 2.97
CA VAL A 64 5.11 8.78 2.07
C VAL A 64 6.46 9.12 2.70
N ASP A 65 6.47 9.18 4.02
CA ASP A 65 7.69 9.49 4.75
C ASP A 65 8.25 8.22 5.38
N LEU A 66 7.80 7.08 4.83
CA LEU A 66 8.24 5.79 5.33
C LEU A 66 9.76 5.81 5.52
N THR A 67 10.19 5.45 6.71
CA THR A 67 11.61 5.42 7.02
C THR A 67 12.25 4.17 6.45
N CYS A 68 11.59 3.04 6.66
CA CYS A 68 12.09 1.77 6.16
C CYS A 68 11.06 0.69 6.47
N LEU A 69 11.39 -0.54 6.10
CA LEU A 69 10.50 -1.66 6.32
C LEU A 69 11.30 -2.82 6.96
N THR A 70 10.78 -3.29 8.09
CA THR A 70 11.43 -4.38 8.79
C THR A 70 10.71 -5.70 8.51
N GLU A 71 11.32 -6.79 8.97
CA GLU A 71 10.76 -8.11 8.77
C GLU A 71 10.71 -8.87 10.11
N GLN A 72 9.50 -9.19 10.53
CA GLN A 72 9.30 -9.91 11.78
C GLN A 72 9.63 -11.38 11.59
N ASN A 73 10.43 -11.90 12.51
CA ASN A 73 10.82 -13.30 12.46
C ASN A 73 9.62 -14.15 12.08
N SER A 74 9.90 -15.28 11.46
CA SER A 74 8.86 -16.20 11.03
C SER A 74 9.24 -17.64 11.40
N THR A 75 8.30 -18.55 11.18
CA THR A 75 8.52 -19.94 11.46
C THR A 75 9.59 -20.52 10.51
N GLU A 76 9.28 -20.42 9.22
CA GLU A 76 10.19 -20.92 8.20
C GLU A 76 9.65 -20.60 6.81
N LYS A 77 9.83 -19.34 6.42
CA LYS A 77 9.37 -18.91 5.12
C LYS A 77 7.95 -19.43 4.87
N ASN A 78 7.00 -18.76 5.47
CA ASN A 78 5.59 -19.15 5.32
C ASN A 78 4.80 -17.98 4.74
N CYS A 79 4.88 -16.85 5.42
CA CYS A 79 4.18 -15.66 4.98
C CYS A 79 5.11 -14.46 5.18
N ALA A 80 4.72 -13.34 4.56
CA ALA A 80 5.50 -12.13 4.66
C ALA A 80 5.02 -11.32 5.87
N LYS A 81 5.99 -10.92 6.69
CA LYS A 81 5.69 -10.15 7.88
C LYS A 81 6.70 -9.00 8.01
N PHE A 82 6.18 -7.79 7.87
CA PHE A 82 7.01 -6.61 7.96
C PHE A 82 6.26 -5.45 8.63
N THR A 83 7.03 -4.56 9.23
CA THR A 83 6.44 -3.41 9.91
C THR A 83 6.82 -2.12 9.19
N LEU A 84 5.85 -1.22 9.11
CA LEU A 84 6.07 0.05 8.44
C LEU A 84 6.68 1.04 9.43
N VAL A 85 7.92 1.43 9.15
CA VAL A 85 8.62 2.37 10.00
C VAL A 85 8.41 3.79 9.49
N LEU A 86 7.79 4.61 10.33
CA LEU A 86 7.52 5.98 9.98
C LEU A 86 8.15 6.91 11.02
N PRO A 87 8.40 8.18 10.58
CA PRO A 87 9.00 9.16 11.47
C PRO A 87 7.98 9.69 12.47
N LYS A 88 6.76 9.16 12.36
CA LYS A 88 5.69 9.57 13.25
C LYS A 88 5.32 8.39 14.17
N GLU A 89 4.99 7.28 13.53
CA GLU A 89 4.62 6.08 14.27
C GLU A 89 4.78 4.84 13.39
N GLU A 90 5.07 3.72 14.05
CA GLU A 90 5.26 2.47 13.34
C GLU A 90 3.96 1.66 13.33
N VAL A 91 3.73 0.98 12.22
CA VAL A 91 2.53 0.17 12.07
C VAL A 91 2.93 -1.25 11.66
N GLN A 92 2.08 -2.20 12.04
CA GLN A 92 2.33 -3.60 11.72
C GLN A 92 1.45 -4.03 10.56
N LEU A 93 2.08 -4.73 9.61
CA LEU A 93 1.37 -5.21 8.43
C LEU A 93 1.60 -6.72 8.29
N LYS A 94 0.61 -7.37 7.69
CA LYS A 94 0.70 -8.81 7.50
C LYS A 94 -0.16 -9.20 6.28
N THR A 95 0.35 -10.15 5.52
CA THR A 95 -0.35 -10.63 4.34
C THR A 95 -0.83 -12.06 4.53
N GLU A 96 -1.85 -12.43 3.78
CA GLU A 96 -2.41 -13.77 3.86
C GLU A 96 -1.53 -14.75 3.08
N ASN A 97 -1.48 -14.54 1.77
CA ASN A 97 -0.68 -15.39 0.90
C ASN A 97 0.69 -14.76 0.68
N THR A 98 1.71 -15.60 0.70
CA THR A 98 3.07 -15.15 0.50
C THR A 98 3.13 -14.15 -0.65
N GLU A 99 2.41 -14.48 -1.72
CA GLU A 99 2.38 -13.62 -2.89
C GLU A 99 2.02 -12.19 -2.50
N SER A 100 0.85 -12.05 -1.90
CA SER A 100 0.39 -10.73 -1.47
C SER A 100 1.53 -9.95 -0.83
N GLY A 101 2.35 -10.68 -0.07
CA GLY A 101 3.49 -10.07 0.60
C GLY A 101 4.37 -9.32 -0.40
N GLU A 102 5.02 -10.08 -1.26
CA GLU A 102 5.90 -9.51 -2.27
C GLU A 102 5.19 -8.35 -2.98
N GLU A 103 3.91 -8.53 -3.20
CA GLU A 103 3.11 -7.53 -3.88
C GLU A 103 3.14 -6.21 -3.08
N TRP A 104 2.52 -6.26 -1.91
CA TRP A 104 2.47 -5.09 -1.05
C TRP A 104 3.90 -4.59 -0.83
N ARG A 105 4.71 -5.46 -0.21
CA ARG A 105 6.09 -5.12 0.06
C ARG A 105 6.69 -4.33 -1.10
N GLY A 106 6.48 -4.86 -2.30
CA GLY A 106 6.99 -4.22 -3.50
C GLY A 106 6.22 -2.94 -3.81
N PHE A 107 4.92 -3.11 -4.04
CA PHE A 107 4.06 -1.98 -4.35
C PHE A 107 4.35 -0.81 -3.42
N ILE A 108 4.48 -1.11 -2.15
CA ILE A 108 4.76 -0.09 -1.16
C ILE A 108 6.14 0.51 -1.41
N LEU A 109 7.15 -0.35 -1.32
CA LEU A 109 8.52 0.08 -1.55
C LEU A 109 8.58 0.95 -2.80
N THR A 110 7.61 0.73 -3.68
CA THR A 110 7.54 1.49 -4.92
C THR A 110 6.89 2.85 -4.68
N VAL A 111 5.84 2.82 -3.86
CA VAL A 111 5.13 4.05 -3.54
C VAL A 111 5.72 4.68 -2.27
N THR A 112 7.02 4.45 -2.11
CA THR A 112 7.72 4.99 -0.95
C THR A 112 9.18 5.31 -1.31
N GLU A 113 9.79 4.37 -2.01
CA GLU A 113 11.18 4.53 -2.43
C GLU A 113 11.24 5.06 -3.86
N LEU A 114 10.08 5.44 -4.37
CA LEU A 114 10.00 5.95 -5.72
C LEU A 114 10.91 5.14 -6.64
N SER A 115 11.09 3.88 -6.27
CA SER A 115 11.94 2.99 -7.05
C SER A 115 11.31 1.59 -7.11
N VAL A 116 11.86 0.77 -7.98
CA VAL A 116 11.36 -0.59 -8.15
C VAL A 116 12.40 -1.57 -7.61
N PRO A 117 11.98 -2.34 -6.56
CA PRO A 117 12.85 -3.32 -5.95
C PRO A 117 13.01 -4.55 -6.85
N GLN A 118 14.25 -4.82 -7.23
CA GLN A 118 14.54 -5.96 -8.08
C GLN A 118 14.82 -7.20 -7.22
N ASN A 119 15.00 -6.96 -5.93
CA ASN A 119 15.28 -8.04 -5.00
C ASN A 119 13.96 -8.64 -4.52
N VAL A 120 13.09 -8.93 -5.48
CA VAL A 120 11.79 -9.50 -5.17
C VAL A 120 11.64 -10.84 -5.89
N SER A 121 10.48 -11.44 -5.73
CA SER A 121 10.19 -12.73 -6.36
C SER A 121 8.97 -12.60 -7.27
N LEU A 122 8.38 -11.42 -7.26
CA LEU A 122 7.21 -11.15 -8.07
C LEU A 122 7.44 -11.68 -9.49
N LEU A 123 6.38 -11.67 -10.27
CA LEU A 123 6.46 -12.14 -11.64
C LEU A 123 6.65 -10.95 -12.58
N PRO A 124 6.72 -11.27 -13.91
CA PRO A 124 6.90 -10.23 -14.91
C PRO A 124 5.61 -9.44 -15.12
N GLY A 125 4.54 -9.94 -14.53
CA GLY A 125 3.25 -9.29 -14.64
C GLY A 125 3.01 -8.33 -13.48
N GLN A 126 3.59 -8.67 -12.34
CA GLN A 126 3.45 -7.84 -11.15
C GLN A 126 4.52 -6.75 -11.13
N VAL A 127 5.77 -7.20 -11.12
CA VAL A 127 6.90 -6.27 -11.11
C VAL A 127 6.53 -5.02 -11.90
N ILE A 128 6.05 -5.24 -13.11
CA ILE A 128 5.65 -4.14 -13.98
C ILE A 128 4.91 -3.09 -13.16
N LYS A 129 3.88 -3.54 -12.47
CA LYS A 129 3.07 -2.66 -11.65
C LYS A 129 4.00 -1.65 -10.95
N LEU A 130 4.92 -2.18 -10.17
CA LEU A 130 5.86 -1.34 -9.45
C LEU A 130 6.38 -0.24 -10.38
N HIS A 131 6.81 -0.67 -11.58
CA HIS A 131 7.33 0.26 -12.56
C HIS A 131 6.27 1.32 -12.87
N GLU A 132 5.14 0.86 -13.38
CA GLU A 132 4.06 1.76 -13.73
C GLU A 132 3.67 2.62 -12.51
N VAL A 133 3.26 1.94 -11.46
CA VAL A 133 2.86 2.61 -10.24
C VAL A 133 3.87 3.70 -9.91
N LEU A 134 5.15 3.34 -10.00
CA LEU A 134 6.22 4.27 -9.72
C LEU A 134 6.05 5.52 -10.60
N GLU A 135 6.35 5.34 -11.88
CA GLU A 135 6.24 6.43 -12.84
C GLU A 135 4.88 7.12 -12.69
N ARG A 136 3.93 6.39 -12.14
CA ARG A 136 2.60 6.91 -11.93
C ARG A 136 2.61 7.98 -10.83
N GLU A 137 3.17 7.60 -9.69
CA GLU A 137 3.25 8.50 -8.56
C GLU A 137 4.31 9.58 -8.81
N LYS A 138 5.39 9.15 -9.45
CA LYS A 138 6.48 10.07 -9.76
C LYS A 138 5.90 11.39 -10.27
N LYS A 139 4.99 11.27 -11.22
CA LYS A 139 4.35 12.44 -11.80
C LYS A 139 3.71 13.27 -10.69
N ARG A 140 2.90 12.60 -9.89
CA ARG A 140 2.21 13.25 -8.79
C ARG A 140 3.16 14.24 -8.09
N ARG A 141 4.39 13.79 -7.91
CA ARG A 141 5.40 14.61 -7.25
C ARG A 141 5.44 15.99 -7.89
N ILE A 142 5.38 16.01 -9.21
CA ILE A 142 5.42 17.25 -9.95
C ILE A 142 4.55 18.29 -9.24
N GLU A 143 3.25 18.16 -9.42
CA GLU A 143 2.31 19.08 -8.79
C GLU A 143 2.73 19.37 -7.36
N SER A 144 2.81 18.32 -6.56
CA SER A 144 3.21 18.46 -5.17
C SER A 144 4.14 17.31 -4.78
N GLY A 145 5.23 17.68 -4.11
CA GLY A 145 6.21 16.69 -3.67
C GLY A 145 7.62 17.26 -3.73
N PRO A 146 8.61 16.35 -3.51
CA PRO A 146 10.00 16.73 -3.54
C PRO A 146 10.49 16.95 -4.98
N SER A 147 11.71 17.46 -5.09
CA SER A 147 12.29 17.71 -6.40
C SER A 147 13.76 17.29 -6.41
N SER A 148 14.11 16.50 -7.41
CA SER A 148 15.47 16.02 -7.55
C SER A 148 16.02 16.39 -8.93
N GLY A 149 15.32 15.93 -9.96
CA GLY A 149 15.73 16.21 -11.33
C GLY A 149 16.90 15.31 -11.74
N GLY A 1 -24.28 -13.09 -31.61
CA GLY A 1 -22.93 -12.60 -31.89
C GLY A 1 -22.68 -11.26 -31.19
N SER A 2 -22.15 -11.35 -29.98
CA SER A 2 -21.86 -10.16 -29.20
C SER A 2 -20.63 -10.41 -28.32
N SER A 3 -19.61 -9.60 -28.54
CA SER A 3 -18.38 -9.72 -27.77
C SER A 3 -17.71 -8.35 -27.65
N GLY A 4 -18.22 -7.57 -26.71
CA GLY A 4 -17.68 -6.23 -26.48
C GLY A 4 -17.80 -5.84 -25.00
N SER A 5 -16.71 -5.30 -24.47
CA SER A 5 -16.68 -4.89 -23.09
C SER A 5 -15.88 -3.59 -22.94
N SER A 6 -16.59 -2.48 -22.99
CA SER A 6 -15.96 -1.18 -22.87
C SER A 6 -15.61 -0.89 -21.42
N GLY A 7 -16.65 -0.92 -20.58
CA GLY A 7 -16.47 -0.66 -19.16
C GLY A 7 -17.31 0.52 -18.71
N GLN A 8 -16.74 1.71 -18.87
CA GLN A 8 -17.42 2.93 -18.49
C GLN A 8 -17.81 2.88 -17.01
N GLU A 9 -16.84 3.16 -16.15
CA GLU A 9 -17.07 3.16 -14.73
C GLU A 9 -17.35 4.57 -14.21
N ARG A 10 -18.31 4.67 -13.32
CA ARG A 10 -18.69 5.94 -12.74
C ARG A 10 -18.60 5.89 -11.21
N LEU A 11 -17.40 6.13 -10.71
CA LEU A 11 -17.17 6.12 -9.28
C LEU A 11 -17.47 7.51 -8.71
N LYS A 12 -17.77 7.53 -7.41
CA LYS A 12 -18.08 8.77 -6.74
C LYS A 12 -16.78 9.39 -6.21
N ILE A 13 -16.17 8.71 -5.26
CA ILE A 13 -14.92 9.18 -4.67
C ILE A 13 -13.74 8.64 -5.48
N THR A 14 -12.75 9.51 -5.65
CA THR A 14 -11.56 9.13 -6.40
C THR A 14 -10.53 10.27 -6.37
N ALA A 15 -9.28 9.89 -6.26
CA ALA A 15 -8.19 10.86 -6.22
C ALA A 15 -6.86 10.14 -6.47
N LEU A 16 -6.40 9.45 -5.45
CA LEU A 16 -5.15 8.72 -5.54
C LEU A 16 -5.27 7.62 -6.60
N PRO A 17 -4.16 7.43 -7.36
CA PRO A 17 -4.13 6.42 -8.40
C PRO A 17 -4.03 5.01 -7.82
N LEU A 18 -5.05 4.21 -8.11
CA LEU A 18 -5.09 2.85 -7.62
C LEU A 18 -3.92 2.05 -8.23
N TYR A 19 -3.30 1.24 -7.38
CA TYR A 19 -2.18 0.43 -7.82
C TYR A 19 -2.43 -1.06 -7.53
N PHE A 20 -3.01 -1.30 -6.36
CA PHE A 20 -3.30 -2.67 -5.95
C PHE A 20 -4.34 -2.69 -4.82
N GLU A 21 -5.13 -3.75 -4.80
CA GLU A 21 -6.16 -3.91 -3.80
C GLU A 21 -6.23 -5.36 -3.32
N GLY A 22 -6.44 -5.52 -2.03
CA GLY A 22 -6.53 -6.84 -1.43
C GLY A 22 -6.67 -6.75 0.09
N PHE A 23 -7.47 -7.66 0.63
CA PHE A 23 -7.68 -7.71 2.07
C PHE A 23 -6.36 -7.78 2.83
N LEU A 24 -5.98 -6.64 3.39
CA LEU A 24 -4.73 -6.57 4.15
C LEU A 24 -5.05 -6.61 5.64
N LEU A 25 -4.08 -7.10 6.41
CA LEU A 25 -4.24 -7.19 7.85
C LEU A 25 -3.43 -6.09 8.53
N ILE A 26 -4.13 -5.25 9.28
CA ILE A 26 -3.49 -4.15 9.98
C ILE A 26 -3.57 -4.40 11.48
N LYS A 27 -2.43 -4.24 12.15
CA LYS A 27 -2.36 -4.44 13.58
C LYS A 27 -1.76 -3.20 14.24
N ARG A 28 -2.39 -2.06 13.97
CA ARG A 28 -1.93 -0.81 14.52
C ARG A 28 -1.88 -0.88 16.05
N SER A 29 -1.29 0.15 16.65
CA SER A 29 -1.18 0.21 18.09
C SER A 29 -2.56 0.32 18.72
N GLY A 30 -3.25 -0.80 18.78
CA GLY A 30 -4.59 -0.85 19.35
C GLY A 30 -5.48 -1.82 18.60
N TYR A 31 -5.09 -3.09 18.63
CA TYR A 31 -5.84 -4.13 17.96
C TYR A 31 -5.78 -5.45 18.73
N ARG A 32 -4.55 -5.92 18.92
CA ARG A 32 -4.33 -7.16 19.64
C ARG A 32 -4.41 -8.35 18.68
N GLU A 33 -5.35 -8.27 17.76
CA GLU A 33 -5.54 -9.32 16.78
C GLU A 33 -5.73 -8.72 15.38
N TYR A 34 -4.88 -9.16 14.46
CA TYR A 34 -4.94 -8.69 13.10
C TYR A 34 -6.38 -8.74 12.56
N GLU A 35 -6.79 -7.63 11.97
CA GLU A 35 -8.13 -7.54 11.41
C GLU A 35 -8.07 -7.49 9.88
N HIS A 36 -9.06 -8.12 9.26
CA HIS A 36 -9.13 -8.17 7.81
C HIS A 36 -9.91 -6.96 7.30
N TYR A 37 -9.21 -6.12 6.54
CA TYR A 37 -9.82 -4.92 5.98
C TYR A 37 -9.47 -4.78 4.50
N TRP A 38 -10.48 -4.39 3.72
CA TRP A 38 -10.30 -4.21 2.30
C TRP A 38 -9.39 -2.99 2.10
N THR A 39 -8.09 -3.25 2.14
CA THR A 39 -7.11 -2.19 1.96
C THR A 39 -6.89 -1.92 0.47
N GLU A 40 -6.62 -0.66 0.17
CA GLU A 40 -6.38 -0.25 -1.21
C GLU A 40 -5.17 0.67 -1.28
N LEU A 41 -4.25 0.31 -2.17
CA LEU A 41 -3.04 1.10 -2.36
C LEU A 41 -3.28 2.15 -3.44
N ARG A 42 -3.08 3.39 -3.08
CA ARG A 42 -3.26 4.49 -4.00
C ARG A 42 -2.21 5.58 -3.77
N GLY A 43 -1.54 5.95 -4.84
CA GLY A 43 -0.50 6.97 -4.77
C GLY A 43 0.54 6.62 -3.70
N THR A 44 0.34 7.19 -2.52
CA THR A 44 1.25 6.95 -1.42
C THR A 44 0.49 6.97 -0.08
N THR A 45 -0.81 6.77 -0.17
CA THR A 45 -1.65 6.77 1.01
C THR A 45 -2.44 5.47 1.10
N LEU A 46 -2.16 4.71 2.16
CA LEU A 46 -2.83 3.44 2.38
C LEU A 46 -4.26 3.70 2.87
N PHE A 47 -5.21 3.26 2.06
CA PHE A 47 -6.61 3.44 2.39
C PHE A 47 -7.24 2.12 2.84
N PHE A 48 -7.97 2.18 3.94
CA PHE A 48 -8.63 1.00 4.49
C PHE A 48 -10.14 1.19 4.52
N TYR A 49 -10.84 0.09 4.25
CA TYR A 49 -12.30 0.12 4.24
C TYR A 49 -12.87 -1.19 4.79
N THR A 50 -13.92 -1.05 5.58
CA THR A 50 -14.56 -2.21 6.17
C THR A 50 -14.84 -3.27 5.11
N ASP A 51 -15.20 -2.80 3.92
CA ASP A 51 -15.48 -3.69 2.81
C ASP A 51 -15.90 -2.86 1.59
N LYS A 52 -16.50 -3.55 0.63
CA LYS A 52 -16.95 -2.89 -0.59
C LYS A 52 -18.05 -1.89 -0.24
N LYS A 53 -18.98 -2.34 0.60
CA LYS A 53 -20.09 -1.49 1.02
C LYS A 53 -19.53 -0.14 1.51
N SER A 54 -18.27 -0.17 1.91
CA SER A 54 -17.63 1.04 2.40
C SER A 54 -18.05 2.25 1.56
N ILE A 55 -18.70 3.20 2.23
CA ILE A 55 -19.17 4.39 1.55
C ILE A 55 -18.02 5.40 1.45
N ILE A 56 -17.44 5.73 2.59
CA ILE A 56 -16.34 6.67 2.63
C ILE A 56 -15.04 5.91 2.93
N TYR A 57 -14.83 5.64 4.21
CA TYR A 57 -13.64 4.93 4.64
C TYR A 57 -13.62 4.76 6.16
N VAL A 58 -13.03 3.67 6.60
CA VAL A 58 -12.93 3.38 8.02
C VAL A 58 -11.70 4.08 8.60
N ASP A 59 -10.68 4.20 7.76
CA ASP A 59 -9.44 4.84 8.17
C ASP A 59 -8.41 4.71 7.06
N LYS A 60 -7.32 5.45 7.22
CA LYS A 60 -6.25 5.42 6.23
C LYS A 60 -4.90 5.67 6.94
N LEU A 61 -3.84 5.42 6.21
CA LEU A 61 -2.51 5.61 6.74
C LEU A 61 -1.62 6.27 5.67
N ASP A 62 -0.39 6.56 6.07
CA ASP A 62 0.56 7.18 5.16
C ASP A 62 1.92 6.49 5.29
N ILE A 63 2.50 6.19 4.15
CA ILE A 63 3.80 5.52 4.11
C ILE A 63 4.73 6.28 3.17
N VAL A 64 4.33 7.50 2.85
CA VAL A 64 5.11 8.33 1.95
C VAL A 64 6.43 8.72 2.65
N ASP A 65 6.31 9.02 3.93
CA ASP A 65 7.47 9.41 4.71
C ASP A 65 8.08 8.16 5.37
N LEU A 66 7.72 7.01 4.80
CA LEU A 66 8.23 5.74 5.32
C LEU A 66 9.74 5.84 5.49
N THR A 67 10.20 5.47 6.69
CA THR A 67 11.62 5.50 6.99
C THR A 67 12.32 4.27 6.41
N CYS A 68 11.58 3.17 6.40
CA CYS A 68 12.11 1.91 5.88
C CYS A 68 11.14 0.80 6.24
N LEU A 69 11.52 -0.42 5.88
CA LEU A 69 10.69 -1.58 6.15
C LEU A 69 11.57 -2.73 6.63
N THR A 70 11.15 -3.34 7.73
CA THR A 70 11.89 -4.45 8.30
C THR A 70 11.05 -5.73 8.27
N GLU A 71 11.53 -6.74 8.96
CA GLU A 71 10.84 -8.01 9.02
C GLU A 71 10.68 -8.46 10.48
N GLN A 72 9.43 -8.48 10.92
CA GLN A 72 9.13 -8.89 12.29
C GLN A 72 8.17 -10.08 12.28
N ASN A 73 8.59 -11.14 12.96
CA ASN A 73 7.78 -12.35 13.04
C ASN A 73 6.69 -12.15 14.10
N SER A 74 5.82 -13.14 14.20
CA SER A 74 4.74 -13.10 15.16
C SER A 74 3.90 -14.37 15.06
N THR A 75 3.15 -14.46 13.97
CA THR A 75 2.30 -15.62 13.74
C THR A 75 3.10 -16.77 13.13
N GLU A 76 2.65 -17.98 13.41
CA GLU A 76 3.31 -19.17 12.90
C GLU A 76 3.23 -19.21 11.38
N LYS A 77 3.85 -20.23 10.81
CA LYS A 77 3.85 -20.40 9.36
C LYS A 77 4.68 -19.30 8.72
N ASN A 78 5.55 -19.71 7.82
CA ASN A 78 6.41 -18.76 7.12
C ASN A 78 5.56 -17.91 6.18
N CYS A 79 5.44 -16.63 6.52
CA CYS A 79 4.66 -15.72 5.70
C CYS A 79 5.36 -14.35 5.70
N ALA A 80 4.89 -13.47 4.84
CA ALA A 80 5.46 -12.14 4.75
C ALA A 80 5.00 -11.30 5.93
N LYS A 81 5.97 -10.94 6.77
CA LYS A 81 5.69 -10.14 7.95
C LYS A 81 6.70 -9.01 8.05
N PHE A 82 6.20 -7.79 7.92
CA PHE A 82 7.05 -6.61 7.99
C PHE A 82 6.32 -5.45 8.66
N THR A 83 7.12 -4.52 9.19
CA THR A 83 6.55 -3.36 9.85
C THR A 83 6.95 -2.08 9.11
N LEU A 84 5.99 -1.17 9.01
CA LEU A 84 6.21 0.09 8.33
C LEU A 84 6.79 1.10 9.32
N VAL A 85 8.04 1.48 9.06
CA VAL A 85 8.72 2.44 9.91
C VAL A 85 8.42 3.86 9.42
N LEU A 86 7.77 4.63 10.30
CA LEU A 86 7.42 5.99 9.96
C LEU A 86 8.05 6.94 10.99
N PRO A 87 8.23 8.21 10.56
CA PRO A 87 8.81 9.23 11.43
C PRO A 87 7.81 9.68 12.49
N LYS A 88 6.62 9.10 12.44
CA LYS A 88 5.57 9.43 13.38
C LYS A 88 5.29 8.23 14.28
N GLU A 89 4.93 7.12 13.63
CA GLU A 89 4.63 5.90 14.36
C GLU A 89 4.82 4.69 13.45
N GLU A 90 5.22 3.58 14.07
CA GLU A 90 5.45 2.36 13.33
C GLU A 90 4.15 1.54 13.25
N VAL A 91 3.86 1.05 12.05
CA VAL A 91 2.67 0.27 11.83
C VAL A 91 3.07 -1.16 11.42
N GLN A 92 2.22 -2.10 11.81
CA GLN A 92 2.47 -3.50 11.50
C GLN A 92 1.55 -3.97 10.37
N LEU A 93 2.11 -4.77 9.49
CA LEU A 93 1.35 -5.29 8.36
C LEU A 93 1.56 -6.80 8.27
N LYS A 94 0.52 -7.48 7.83
CA LYS A 94 0.57 -8.93 7.69
C LYS A 94 -0.28 -9.36 6.49
N THR A 95 0.17 -10.43 5.84
CA THR A 95 -0.53 -10.94 4.69
C THR A 95 -0.82 -12.44 4.85
N GLU A 96 -1.89 -12.88 4.19
CA GLU A 96 -2.28 -14.28 4.27
C GLU A 96 -1.80 -15.03 3.01
N ASN A 97 -0.55 -14.79 2.66
CA ASN A 97 0.03 -15.43 1.50
C ASN A 97 1.37 -14.76 1.16
N THR A 98 2.22 -15.50 0.48
CA THR A 98 3.52 -14.99 0.09
C THR A 98 3.40 -14.14 -1.17
N GLU A 99 2.37 -14.43 -1.96
CA GLU A 99 2.14 -13.70 -3.19
C GLU A 99 1.83 -12.23 -2.88
N SER A 100 0.70 -12.02 -2.23
CA SER A 100 0.28 -10.67 -1.87
C SER A 100 1.35 -10.01 -1.00
N GLY A 101 2.03 -10.83 -0.22
CA GLY A 101 3.08 -10.34 0.66
C GLY A 101 4.14 -9.56 -0.13
N GLU A 102 4.69 -10.22 -1.14
CA GLU A 102 5.69 -9.60 -1.98
C GLU A 102 5.10 -8.43 -2.76
N GLU A 103 3.86 -8.62 -3.20
CA GLU A 103 3.17 -7.61 -3.97
C GLU A 103 3.19 -6.28 -3.22
N TRP A 104 2.50 -6.26 -2.09
CA TRP A 104 2.44 -5.05 -1.26
C TRP A 104 3.87 -4.58 -1.02
N ARG A 105 4.63 -5.41 -0.30
CA ARG A 105 6.00 -5.08 0.02
C ARG A 105 6.66 -4.37 -1.16
N GLY A 106 6.39 -4.89 -2.36
CA GLY A 106 6.95 -4.31 -3.57
C GLY A 106 6.30 -2.97 -3.89
N PHE A 107 5.03 -3.04 -4.24
CA PHE A 107 4.28 -1.84 -4.58
C PHE A 107 4.60 -0.70 -3.60
N ILE A 108 4.69 -1.07 -2.33
CA ILE A 108 4.98 -0.10 -1.29
C ILE A 108 6.40 0.46 -1.50
N LEU A 109 7.37 -0.44 -1.47
CA LEU A 109 8.75 -0.06 -1.65
C LEU A 109 8.86 0.91 -2.83
N THR A 110 7.89 0.79 -3.74
CA THR A 110 7.86 1.64 -4.91
C THR A 110 7.27 3.00 -4.57
N VAL A 111 6.20 2.97 -3.79
CA VAL A 111 5.54 4.19 -3.37
C VAL A 111 6.15 4.69 -2.07
N THR A 112 7.43 4.38 -1.90
CA THR A 112 8.15 4.80 -0.70
C THR A 112 9.58 5.18 -1.04
N GLU A 113 10.21 4.33 -1.85
CA GLU A 113 11.58 4.56 -2.27
C GLU A 113 11.62 5.42 -3.53
N LEU A 114 10.47 5.46 -4.20
CA LEU A 114 10.36 6.24 -5.43
C LEU A 114 11.09 5.50 -6.56
N SER A 115 11.24 4.19 -6.37
CA SER A 115 11.91 3.37 -7.36
C SER A 115 11.21 2.01 -7.46
N VAL A 116 11.96 1.04 -7.95
CA VAL A 116 11.43 -0.31 -8.10
C VAL A 116 12.48 -1.33 -7.63
N PRO A 117 12.04 -2.23 -6.73
CA PRO A 117 12.92 -3.26 -6.19
C PRO A 117 13.16 -4.35 -7.23
N GLN A 118 14.42 -4.47 -7.64
CA GLN A 118 14.79 -5.47 -8.63
C GLN A 118 15.18 -6.78 -7.93
N ASN A 119 15.48 -6.66 -6.64
CA ASN A 119 15.87 -7.81 -5.85
C ASN A 119 14.63 -8.40 -5.16
N VAL A 120 13.48 -8.17 -5.79
CA VAL A 120 12.23 -8.67 -5.26
C VAL A 120 12.05 -10.14 -5.65
N SER A 121 10.87 -10.65 -5.36
CA SER A 121 10.56 -12.03 -5.68
C SER A 121 9.43 -12.10 -6.71
N LEU A 122 8.58 -11.08 -6.66
CA LEU A 122 7.46 -11.01 -7.59
C LEU A 122 7.90 -11.47 -8.97
N LEU A 123 6.92 -11.87 -9.77
CA LEU A 123 7.20 -12.35 -11.11
C LEU A 123 7.75 -11.19 -11.94
N PRO A 124 8.24 -11.54 -13.16
CA PRO A 124 8.80 -10.54 -14.07
C PRO A 124 7.69 -9.70 -14.71
N GLY A 125 6.46 -10.12 -14.48
CA GLY A 125 5.31 -9.43 -15.03
C GLY A 125 4.71 -8.46 -13.99
N GLN A 126 4.79 -8.87 -12.74
CA GLN A 126 4.26 -8.07 -11.65
C GLN A 126 5.17 -6.85 -11.41
N VAL A 127 6.46 -7.12 -11.32
CA VAL A 127 7.44 -6.08 -11.09
C VAL A 127 7.10 -4.87 -11.97
N ILE A 128 6.61 -5.18 -13.17
CA ILE A 128 6.25 -4.13 -14.11
C ILE A 128 5.30 -3.14 -13.43
N LYS A 129 4.33 -3.70 -12.72
CA LYS A 129 3.35 -2.87 -12.02
C LYS A 129 4.08 -1.76 -11.26
N LEU A 130 5.06 -2.17 -10.48
CA LEU A 130 5.85 -1.23 -9.69
C LEU A 130 6.39 -0.13 -10.61
N HIS A 131 6.94 -0.57 -11.74
CA HIS A 131 7.50 0.35 -12.72
C HIS A 131 6.45 1.40 -13.08
N GLU A 132 5.29 0.91 -13.48
CA GLU A 132 4.19 1.79 -13.87
C GLU A 132 3.69 2.58 -12.65
N VAL A 133 3.27 1.83 -11.64
CA VAL A 133 2.75 2.44 -10.42
C VAL A 133 3.70 3.57 -10.00
N LEU A 134 4.98 3.35 -10.21
CA LEU A 134 5.98 4.34 -9.86
C LEU A 134 5.70 5.64 -10.62
N GLU A 135 5.92 5.58 -11.92
CA GLU A 135 5.69 6.74 -12.77
C GLU A 135 4.38 7.42 -12.40
N ARG A 136 3.41 6.60 -12.04
CA ARG A 136 2.10 7.11 -11.66
C ARG A 136 2.23 8.06 -10.47
N GLU A 137 2.74 7.52 -9.37
CA GLU A 137 2.92 8.30 -8.16
C GLU A 137 3.93 9.42 -8.40
N LYS A 138 4.81 9.18 -9.35
CA LYS A 138 5.84 10.16 -9.69
C LYS A 138 5.17 11.51 -9.97
N LYS A 139 4.27 11.50 -10.94
CA LYS A 139 3.55 12.70 -11.32
C LYS A 139 3.20 13.50 -10.06
N ARG A 140 2.67 12.78 -9.08
CA ARG A 140 2.29 13.40 -7.82
C ARG A 140 3.52 13.68 -6.96
N ARG A 141 4.48 12.77 -7.06
CA ARG A 141 5.71 12.90 -6.30
C ARG A 141 6.41 14.23 -6.65
N ILE A 142 6.12 14.71 -7.85
CA ILE A 142 6.70 15.96 -8.32
C ILE A 142 6.50 17.04 -7.26
N GLU A 143 5.31 17.63 -7.28
CA GLU A 143 4.98 18.68 -6.33
C GLU A 143 5.56 18.35 -4.96
N SER A 144 5.04 17.30 -4.35
CA SER A 144 5.48 16.88 -3.04
C SER A 144 6.15 15.50 -3.13
N GLY A 145 7.43 15.48 -2.82
CA GLY A 145 8.19 14.24 -2.87
C GLY A 145 9.37 14.28 -1.90
N PRO A 146 10.17 13.18 -1.93
CA PRO A 146 11.34 13.08 -1.06
C PRO A 146 12.48 13.98 -1.56
N SER A 147 13.39 14.29 -0.65
CA SER A 147 14.52 15.13 -0.98
C SER A 147 15.71 14.26 -1.38
N SER A 148 16.66 14.89 -2.08
CA SER A 148 17.84 14.19 -2.52
C SER A 148 18.37 13.28 -1.40
N GLY A 149 18.89 12.12 -1.81
CA GLY A 149 19.43 11.16 -0.87
C GLY A 149 18.90 9.76 -1.16
N GLY A 1 -24.29 40.73 0.75
CA GLY A 1 -25.54 40.14 0.31
C GLY A 1 -25.38 38.66 -0.01
N SER A 2 -25.88 37.84 0.90
CA SER A 2 -25.80 36.40 0.72
C SER A 2 -27.21 35.80 0.66
N SER A 3 -27.36 34.82 -0.22
CA SER A 3 -28.64 34.16 -0.40
C SER A 3 -28.44 32.77 -1.02
N GLY A 4 -28.35 31.77 -0.13
CA GLY A 4 -28.15 30.41 -0.58
C GLY A 4 -26.94 30.30 -1.52
N SER A 5 -25.81 29.93 -0.94
CA SER A 5 -24.58 29.79 -1.70
C SER A 5 -23.49 29.19 -0.82
N SER A 6 -23.24 27.90 -1.00
CA SER A 6 -22.23 27.21 -0.24
C SER A 6 -22.16 25.74 -0.67
N GLY A 7 -21.25 25.48 -1.59
CA GLY A 7 -21.07 24.13 -2.10
C GLY A 7 -20.57 24.14 -3.55
N GLN A 8 -19.30 24.48 -3.70
CA GLN A 8 -18.70 24.54 -5.02
C GLN A 8 -17.27 23.99 -4.98
N GLU A 9 -16.46 24.63 -4.14
CA GLU A 9 -15.07 24.22 -3.99
C GLU A 9 -15.00 22.75 -3.53
N ARG A 10 -14.30 21.95 -4.33
CA ARG A 10 -14.15 20.54 -4.02
C ARG A 10 -13.25 20.37 -2.79
N LEU A 11 -12.10 21.02 -2.83
CA LEU A 11 -11.16 20.95 -1.74
C LEU A 11 -10.61 19.52 -1.64
N LYS A 12 -11.46 18.64 -1.11
CA LYS A 12 -11.08 17.24 -0.95
C LYS A 12 -10.29 16.79 -2.19
N ILE A 13 -10.93 16.93 -3.33
CA ILE A 13 -10.30 16.54 -4.59
C ILE A 13 -10.08 15.02 -4.60
N THR A 14 -9.05 14.60 -3.89
CA THR A 14 -8.72 13.19 -3.79
C THR A 14 -8.41 12.63 -5.19
N ALA A 15 -7.13 12.70 -5.54
CA ALA A 15 -6.68 12.21 -6.83
C ALA A 15 -5.55 11.19 -6.63
N LEU A 16 -5.94 10.01 -6.17
CA LEU A 16 -4.98 8.94 -5.93
C LEU A 16 -5.28 7.76 -6.85
N PRO A 17 -4.33 7.51 -7.79
CA PRO A 17 -4.49 6.41 -8.74
C PRO A 17 -4.23 5.08 -8.06
N LEU A 18 -5.27 4.24 -8.07
CA LEU A 18 -5.17 2.92 -7.46
C LEU A 18 -4.02 2.15 -8.12
N TYR A 19 -3.40 1.28 -7.32
CA TYR A 19 -2.30 0.47 -7.80
C TYR A 19 -2.51 -1.00 -7.49
N PHE A 20 -2.90 -1.27 -6.25
CA PHE A 20 -3.15 -2.62 -5.82
C PHE A 20 -4.20 -2.66 -4.71
N GLU A 21 -4.93 -3.78 -4.68
CA GLU A 21 -5.97 -3.96 -3.68
C GLU A 21 -6.08 -5.43 -3.28
N GLY A 22 -6.38 -5.65 -2.01
CA GLY A 22 -6.52 -7.00 -1.49
C GLY A 22 -6.62 -6.99 0.03
N PHE A 23 -7.60 -7.72 0.54
CA PHE A 23 -7.82 -7.80 1.97
C PHE A 23 -6.49 -7.93 2.71
N LEU A 24 -6.06 -6.82 3.30
CA LEU A 24 -4.82 -6.78 4.04
C LEU A 24 -5.12 -6.69 5.54
N LEU A 25 -4.23 -7.26 6.33
CA LEU A 25 -4.39 -7.25 7.78
C LEU A 25 -3.49 -6.17 8.38
N ILE A 26 -4.09 -5.35 9.23
CA ILE A 26 -3.35 -4.27 9.88
C ILE A 26 -3.26 -4.55 11.37
N LYS A 27 -2.05 -4.44 11.89
CA LYS A 27 -1.82 -4.68 13.30
C LYS A 27 -1.10 -3.47 13.91
N ARG A 28 -1.85 -2.38 14.04
CA ARG A 28 -1.30 -1.16 14.59
C ARG A 28 -0.54 -1.46 15.89
N SER A 29 0.11 -0.43 16.41
CA SER A 29 0.86 -0.57 17.64
C SER A 29 -0.02 -1.14 18.75
N GLY A 30 -1.20 -0.55 18.88
CA GLY A 30 -2.15 -0.99 19.88
C GLY A 30 -3.38 -1.63 19.24
N TYR A 31 -3.19 -2.83 18.72
CA TYR A 31 -4.26 -3.56 18.08
C TYR A 31 -4.43 -4.95 18.67
N ARG A 32 -5.56 -5.17 19.30
CA ARG A 32 -5.85 -6.46 19.92
C ARG A 32 -5.33 -7.60 19.04
N GLU A 33 -5.33 -7.35 17.74
CA GLU A 33 -4.86 -8.33 16.78
C GLU A 33 -5.10 -7.84 15.36
N TYR A 34 -4.53 -8.58 14.41
CA TYR A 34 -4.68 -8.24 13.00
C TYR A 34 -6.15 -8.07 12.63
N GLU A 35 -6.46 -6.90 12.10
CA GLU A 35 -7.83 -6.59 11.69
C GLU A 35 -7.97 -6.73 10.17
N HIS A 36 -9.07 -7.37 9.77
CA HIS A 36 -9.34 -7.58 8.36
C HIS A 36 -10.11 -6.38 7.81
N TYR A 37 -9.51 -5.74 6.81
CA TYR A 37 -10.13 -4.58 6.19
C TYR A 37 -9.72 -4.46 4.72
N TRP A 38 -10.70 -4.18 3.89
CA TRP A 38 -10.45 -4.03 2.46
C TRP A 38 -9.47 -2.87 2.27
N THR A 39 -8.19 -3.21 2.30
CA THR A 39 -7.14 -2.21 2.13
C THR A 39 -6.92 -1.93 0.64
N GLU A 40 -6.81 -0.64 0.32
CA GLU A 40 -6.59 -0.23 -1.05
C GLU A 40 -5.36 0.68 -1.14
N LEU A 41 -4.47 0.31 -2.04
CA LEU A 41 -3.24 1.08 -2.24
C LEU A 41 -3.48 2.14 -3.31
N ARG A 42 -3.32 3.39 -2.92
CA ARG A 42 -3.52 4.51 -3.83
C ARG A 42 -2.41 5.55 -3.64
N GLY A 43 -1.78 5.92 -4.74
CA GLY A 43 -0.72 6.91 -4.70
C GLY A 43 0.31 6.56 -3.62
N THR A 44 0.13 7.17 -2.46
CA THR A 44 1.03 6.94 -1.34
C THR A 44 0.26 6.96 -0.02
N THR A 45 -1.04 6.70 -0.12
CA THR A 45 -1.89 6.69 1.04
C THR A 45 -2.66 5.37 1.14
N LEU A 46 -2.44 4.66 2.24
CA LEU A 46 -3.09 3.38 2.46
C LEU A 46 -4.53 3.64 2.95
N PHE A 47 -5.48 3.15 2.16
CA PHE A 47 -6.88 3.32 2.50
C PHE A 47 -7.51 1.98 2.89
N PHE A 48 -7.98 1.93 4.12
CA PHE A 48 -8.60 0.71 4.64
C PHE A 48 -10.13 0.85 4.64
N TYR A 49 -10.79 -0.24 4.23
CA TYR A 49 -12.24 -0.26 4.17
C TYR A 49 -12.79 -1.53 4.82
N THR A 50 -14.10 -1.52 5.04
CA THR A 50 -14.76 -2.67 5.65
C THR A 50 -14.97 -3.77 4.62
N ASP A 51 -15.49 -3.37 3.47
CA ASP A 51 -15.75 -4.31 2.39
C ASP A 51 -15.46 -3.65 1.05
N LYS A 52 -16.32 -2.71 0.69
CA LYS A 52 -16.17 -2.00 -0.56
C LYS A 52 -17.21 -0.88 -0.64
N LYS A 53 -18.47 -1.27 -0.56
CA LYS A 53 -19.57 -0.31 -0.61
C LYS A 53 -19.20 0.92 0.22
N SER A 54 -18.43 0.68 1.27
CA SER A 54 -18.00 1.75 2.15
C SER A 54 -17.40 2.89 1.33
N ILE A 55 -18.01 4.06 1.46
CA ILE A 55 -17.55 5.24 0.75
C ILE A 55 -16.42 5.90 1.54
N ILE A 56 -16.69 6.13 2.81
CA ILE A 56 -15.72 6.77 3.68
C ILE A 56 -14.87 5.68 4.34
N TYR A 57 -13.70 5.46 3.77
CA TYR A 57 -12.78 4.45 4.29
C TYR A 57 -12.80 4.44 5.82
N VAL A 58 -12.88 3.24 6.36
CA VAL A 58 -12.91 3.08 7.81
C VAL A 58 -11.68 3.76 8.42
N ASP A 59 -10.54 3.51 7.80
CA ASP A 59 -9.29 4.09 8.27
C ASP A 59 -8.28 4.10 7.12
N LYS A 60 -7.27 4.95 7.28
CA LYS A 60 -6.23 5.07 6.27
C LYS A 60 -4.87 5.28 6.95
N LEU A 61 -3.82 5.18 6.15
CA LEU A 61 -2.48 5.35 6.67
C LEU A 61 -1.60 5.97 5.58
N ASP A 62 -0.50 6.56 6.02
CA ASP A 62 0.44 7.20 5.10
C ASP A 62 1.83 6.64 5.34
N ILE A 63 2.44 6.18 4.25
CA ILE A 63 3.77 5.61 4.31
C ILE A 63 4.68 6.33 3.31
N VAL A 64 4.32 7.56 3.00
CA VAL A 64 5.07 8.36 2.06
C VAL A 64 6.42 8.73 2.69
N ASP A 65 6.38 9.07 3.96
CA ASP A 65 7.58 9.44 4.68
C ASP A 65 8.18 8.20 5.33
N LEU A 66 7.80 7.04 4.80
CA LEU A 66 8.30 5.79 5.31
C LEU A 66 9.83 5.84 5.39
N THR A 67 10.35 5.45 6.54
CA THR A 67 11.79 5.44 6.75
C THR A 67 12.41 4.18 6.14
N CYS A 68 11.67 3.08 6.23
CA CYS A 68 12.14 1.82 5.70
C CYS A 68 11.11 0.75 6.05
N LEU A 69 11.46 -0.49 5.73
CA LEU A 69 10.58 -1.62 6.01
C LEU A 69 11.38 -2.72 6.70
N THR A 70 10.83 -3.20 7.82
CA THR A 70 11.48 -4.25 8.58
C THR A 70 10.75 -5.59 8.38
N GLU A 71 11.39 -6.65 8.82
CA GLU A 71 10.83 -7.98 8.69
C GLU A 71 10.86 -8.70 10.04
N GLN A 72 9.67 -8.98 10.56
CA GLN A 72 9.56 -9.67 11.84
C GLN A 72 10.11 -11.10 11.72
N ASN A 73 11.19 -11.32 12.44
CA ASN A 73 11.83 -12.64 12.43
C ASN A 73 12.38 -12.94 13.84
N SER A 74 12.27 -14.20 14.22
CA SER A 74 12.75 -14.63 15.52
C SER A 74 12.25 -16.05 15.81
N THR A 75 10.94 -16.22 15.75
CA THR A 75 10.33 -17.51 16.00
C THR A 75 9.73 -18.09 14.71
N GLU A 76 9.75 -19.41 14.63
CA GLU A 76 9.22 -20.09 13.46
C GLU A 76 7.89 -19.46 13.05
N LYS A 77 7.97 -18.59 12.04
CA LYS A 77 6.78 -17.92 11.55
C LYS A 77 6.59 -18.27 10.07
N ASN A 78 5.61 -17.62 9.46
CA ASN A 78 5.31 -17.85 8.06
C ASN A 78 4.67 -16.60 7.46
N CYS A 79 4.48 -16.64 6.15
CA CYS A 79 3.89 -15.52 5.44
C CYS A 79 4.79 -14.29 5.62
N ALA A 80 4.66 -13.36 4.70
CA ALA A 80 5.45 -12.14 4.75
C ALA A 80 4.93 -11.23 5.86
N LYS A 81 5.84 -10.82 6.73
CA LYS A 81 5.48 -9.95 7.83
C LYS A 81 6.53 -8.84 7.96
N PHE A 82 6.08 -7.61 7.72
CA PHE A 82 6.96 -6.46 7.81
C PHE A 82 6.26 -5.28 8.47
N THR A 83 7.06 -4.39 9.02
CA THR A 83 6.53 -3.21 9.69
C THR A 83 6.93 -1.95 8.93
N LEU A 84 6.03 -0.97 8.94
CA LEU A 84 6.28 0.28 8.26
C LEU A 84 6.93 1.26 9.24
N VAL A 85 8.24 1.41 9.09
CA VAL A 85 8.99 2.31 9.95
C VAL A 85 8.76 3.76 9.50
N LEU A 86 7.93 4.46 10.27
CA LEU A 86 7.61 5.83 9.96
C LEU A 86 8.23 6.74 11.03
N PRO A 87 8.46 8.03 10.63
CA PRO A 87 9.04 9.00 11.54
C PRO A 87 8.01 9.46 12.58
N LYS A 88 6.82 8.90 12.48
CA LYS A 88 5.76 9.25 13.40
C LYS A 88 5.42 8.03 14.28
N GLU A 89 5.04 6.96 13.60
CA GLU A 89 4.68 5.72 14.30
C GLU A 89 4.85 4.52 13.37
N GLU A 90 5.20 3.39 13.98
CA GLU A 90 5.39 2.17 13.23
C GLU A 90 4.07 1.41 13.09
N VAL A 91 3.90 0.78 11.93
CA VAL A 91 2.69 0.02 11.67
C VAL A 91 3.07 -1.34 11.09
N GLN A 92 2.37 -2.37 11.57
CA GLN A 92 2.62 -3.72 11.12
C GLN A 92 1.69 -4.07 9.95
N LEU A 93 2.21 -4.92 9.06
CA LEU A 93 1.44 -5.34 7.90
C LEU A 93 1.60 -6.85 7.71
N LYS A 94 0.47 -7.51 7.47
CA LYS A 94 0.48 -8.94 7.27
C LYS A 94 -0.58 -9.31 6.23
N THR A 95 -0.23 -10.27 5.39
CA THR A 95 -1.14 -10.72 4.34
C THR A 95 -1.57 -12.16 4.61
N GLU A 96 -2.15 -12.77 3.57
CA GLU A 96 -2.61 -14.14 3.68
C GLU A 96 -1.56 -15.10 3.13
N ASN A 97 -1.35 -15.04 1.82
CA ASN A 97 -0.38 -15.89 1.18
C ASN A 97 0.98 -15.19 1.17
N THR A 98 2.02 -15.97 0.86
CA THR A 98 3.36 -15.44 0.83
C THR A 98 3.53 -14.51 -0.38
N GLU A 99 3.05 -14.97 -1.52
CA GLU A 99 3.14 -14.19 -2.75
C GLU A 99 2.59 -12.79 -2.52
N SER A 100 1.31 -12.73 -2.24
CA SER A 100 0.64 -11.46 -2.00
C SER A 100 1.53 -10.56 -1.13
N GLY A 101 2.29 -11.20 -0.25
CA GLY A 101 3.18 -10.48 0.63
C GLY A 101 4.15 -9.60 -0.16
N GLU A 102 4.98 -10.27 -0.96
CA GLU A 102 5.96 -9.56 -1.77
C GLU A 102 5.27 -8.49 -2.61
N GLU A 103 4.05 -8.79 -3.01
CA GLU A 103 3.27 -7.86 -3.82
C GLU A 103 3.21 -6.49 -3.16
N TRP A 104 2.55 -6.45 -2.00
CA TRP A 104 2.41 -5.21 -1.27
C TRP A 104 3.82 -4.64 -1.05
N ARG A 105 4.61 -5.37 -0.28
CA ARG A 105 5.96 -4.93 0.01
C ARG A 105 6.59 -4.28 -1.23
N GLY A 106 6.33 -4.89 -2.38
CA GLY A 106 6.86 -4.39 -3.63
C GLY A 106 6.25 -3.03 -3.98
N PHE A 107 4.94 -3.03 -4.16
CA PHE A 107 4.22 -1.82 -4.49
C PHE A 107 4.54 -0.71 -3.49
N ILE A 108 4.65 -1.09 -2.23
CA ILE A 108 4.95 -0.15 -1.18
C ILE A 108 6.37 0.43 -1.40
N LEU A 109 7.34 -0.47 -1.37
CA LEU A 109 8.72 -0.07 -1.56
C LEU A 109 8.81 0.90 -2.74
N THR A 110 7.85 0.77 -3.65
CA THR A 110 7.81 1.63 -4.81
C THR A 110 7.23 3.00 -4.45
N VAL A 111 6.14 2.96 -3.68
CA VAL A 111 5.48 4.18 -3.26
C VAL A 111 6.11 4.67 -1.95
N THR A 112 7.40 4.38 -1.81
CA THR A 112 8.13 4.78 -0.61
C THR A 112 9.57 5.10 -0.96
N GLU A 113 10.17 4.23 -1.75
CA GLU A 113 11.55 4.41 -2.17
C GLU A 113 11.62 5.29 -3.43
N LEU A 114 10.47 5.42 -4.08
CA LEU A 114 10.39 6.22 -5.29
C LEU A 114 11.11 5.49 -6.43
N SER A 115 11.31 4.20 -6.23
CA SER A 115 11.99 3.39 -7.22
C SER A 115 11.40 1.98 -7.24
N VAL A 116 11.91 1.17 -8.16
CA VAL A 116 11.44 -0.20 -8.29
C VAL A 116 12.52 -1.15 -7.78
N PRO A 117 12.11 -2.04 -6.83
CA PRO A 117 13.04 -3.01 -6.26
C PRO A 117 13.33 -4.14 -7.24
N GLN A 118 14.59 -4.23 -7.64
CA GLN A 118 15.00 -5.26 -8.57
C GLN A 118 15.43 -6.52 -7.82
N ASN A 119 15.69 -6.34 -6.53
CA ASN A 119 16.10 -7.45 -5.69
C ASN A 119 14.87 -8.08 -5.03
N VAL A 120 13.72 -7.85 -5.66
CA VAL A 120 12.47 -8.38 -5.16
C VAL A 120 12.35 -9.86 -5.51
N SER A 121 11.19 -10.42 -5.25
CA SER A 121 10.94 -11.82 -5.55
C SER A 121 9.83 -11.95 -6.60
N LEU A 122 8.90 -10.99 -6.55
CA LEU A 122 7.80 -10.98 -7.49
C LEU A 122 8.29 -11.40 -8.88
N LEU A 123 7.36 -11.83 -9.70
CA LEU A 123 7.70 -12.26 -11.05
C LEU A 123 8.17 -11.05 -11.86
N PRO A 124 8.72 -11.35 -13.07
CA PRO A 124 9.22 -10.29 -13.95
C PRO A 124 8.06 -9.55 -14.61
N GLY A 125 6.87 -10.07 -14.40
CA GLY A 125 5.68 -9.45 -14.97
C GLY A 125 4.98 -8.54 -13.96
N GLN A 126 5.04 -8.95 -12.70
CA GLN A 126 4.42 -8.20 -11.63
C GLN A 126 5.24 -6.94 -11.34
N VAL A 127 6.57 -7.12 -11.30
CA VAL A 127 7.47 -6.01 -11.03
C VAL A 127 7.08 -4.82 -11.92
N ILE A 128 6.70 -5.14 -13.15
CA ILE A 128 6.31 -4.11 -14.10
C ILE A 128 5.33 -3.15 -13.44
N LYS A 129 4.42 -3.72 -12.67
CA LYS A 129 3.42 -2.94 -11.96
C LYS A 129 4.11 -1.78 -11.23
N LEU A 130 5.14 -2.16 -10.47
CA LEU A 130 5.89 -1.17 -9.71
C LEU A 130 6.40 -0.08 -10.65
N HIS A 131 6.98 -0.53 -11.76
CA HIS A 131 7.51 0.39 -12.74
C HIS A 131 6.46 1.45 -13.08
N GLU A 132 5.30 0.97 -13.52
CA GLU A 132 4.21 1.86 -13.87
C GLU A 132 3.68 2.58 -12.64
N VAL A 133 3.29 1.79 -11.65
CA VAL A 133 2.77 2.34 -10.41
C VAL A 133 3.70 3.44 -9.91
N LEU A 134 4.99 3.24 -10.15
CA LEU A 134 5.99 4.20 -9.73
C LEU A 134 5.74 5.53 -10.44
N GLU A 135 6.09 5.56 -11.72
CA GLU A 135 5.90 6.75 -12.52
C GLU A 135 4.52 7.37 -12.25
N ARG A 136 3.61 6.51 -11.83
CA ARG A 136 2.25 6.95 -11.53
C ARG A 136 2.25 7.91 -10.35
N GLU A 137 3.10 7.61 -9.38
CA GLU A 137 3.22 8.44 -8.20
C GLU A 137 4.25 9.55 -8.41
N LYS A 138 5.25 9.23 -9.22
CA LYS A 138 6.30 10.19 -9.52
C LYS A 138 5.66 11.49 -10.03
N LYS A 139 4.54 11.33 -10.72
CA LYS A 139 3.84 12.48 -11.27
C LYS A 139 3.35 13.36 -10.12
N ARG A 140 2.71 12.73 -9.15
CA ARG A 140 2.18 13.43 -7.99
C ARG A 140 3.23 14.38 -7.43
N ARG A 141 4.48 13.93 -7.47
CA ARG A 141 5.59 14.72 -6.96
C ARG A 141 5.57 16.11 -7.60
N ILE A 142 5.23 16.13 -8.88
CA ILE A 142 5.17 17.40 -9.61
C ILE A 142 4.52 18.46 -8.73
N GLU A 143 3.19 18.40 -8.66
CA GLU A 143 2.45 19.35 -7.86
C GLU A 143 3.04 19.45 -6.45
N SER A 144 3.06 18.30 -5.77
CA SER A 144 3.60 18.25 -4.43
C SER A 144 5.04 17.75 -4.46
N GLY A 145 5.96 18.69 -4.54
CA GLY A 145 7.38 18.36 -4.59
C GLY A 145 8.23 19.62 -4.73
N PRO A 146 9.57 19.42 -4.60
CA PRO A 146 10.50 20.53 -4.72
C PRO A 146 10.68 20.96 -6.18
N SER A 147 10.97 22.23 -6.36
CA SER A 147 11.17 22.76 -7.69
C SER A 147 12.66 22.77 -8.05
N SER A 148 12.93 22.46 -9.30
CA SER A 148 14.31 22.42 -9.78
C SER A 148 14.38 22.96 -11.21
N GLY A 149 13.64 22.31 -12.09
CA GLY A 149 13.60 22.70 -13.49
C GLY A 149 13.04 24.12 -13.64
N GLY A 1 0.01 -10.88 -32.12
CA GLY A 1 0.26 -10.53 -30.73
C GLY A 1 -1.04 -10.40 -29.94
N SER A 2 -1.30 -11.38 -29.10
CA SER A 2 -2.51 -11.38 -28.29
C SER A 2 -2.15 -11.65 -26.83
N SER A 3 -1.39 -12.71 -26.62
CA SER A 3 -0.97 -13.09 -25.28
C SER A 3 -2.20 -13.48 -24.45
N GLY A 4 -2.79 -12.48 -23.83
CA GLY A 4 -3.97 -12.71 -23.00
C GLY A 4 -4.10 -11.63 -21.91
N SER A 5 -5.00 -10.70 -22.17
CA SER A 5 -5.23 -9.60 -21.23
C SER A 5 -6.54 -8.90 -21.56
N SER A 6 -7.50 -9.06 -20.66
CA SER A 6 -8.81 -8.45 -20.84
C SER A 6 -9.22 -7.70 -19.56
N GLY A 7 -9.93 -6.60 -19.76
CA GLY A 7 -10.39 -5.80 -18.64
C GLY A 7 -11.73 -6.30 -18.12
N GLN A 8 -12.31 -5.53 -17.21
CA GLN A 8 -13.59 -5.88 -16.62
C GLN A 8 -14.23 -4.66 -15.96
N GLU A 9 -15.08 -3.99 -16.71
CA GLU A 9 -15.76 -2.81 -16.21
C GLU A 9 -14.76 -1.88 -15.52
N ARG A 10 -13.88 -1.31 -16.32
CA ARG A 10 -12.87 -0.40 -15.79
C ARG A 10 -13.54 0.82 -15.15
N LEU A 11 -13.66 0.77 -13.84
CA LEU A 11 -14.27 1.87 -13.11
C LEU A 11 -13.66 3.20 -13.57
N LYS A 12 -14.36 4.28 -13.25
CA LYS A 12 -13.90 5.60 -13.64
C LYS A 12 -13.07 6.19 -12.49
N ILE A 13 -11.76 6.13 -12.66
CA ILE A 13 -10.85 6.65 -11.67
C ILE A 13 -10.10 7.86 -12.24
N THR A 14 -9.86 8.83 -11.37
CA THR A 14 -9.17 10.04 -11.77
C THR A 14 -8.54 10.74 -10.56
N ALA A 15 -7.49 11.48 -10.83
CA ALA A 15 -6.79 12.19 -9.77
C ALA A 15 -5.81 11.25 -9.07
N LEU A 16 -6.39 10.28 -8.36
CA LEU A 16 -5.59 9.31 -7.64
C LEU A 16 -5.72 7.94 -8.32
N PRO A 17 -4.66 7.59 -9.10
CA PRO A 17 -4.66 6.32 -9.81
C PRO A 17 -4.38 5.16 -8.86
N LEU A 18 -5.12 4.08 -9.05
CA LEU A 18 -4.97 2.90 -8.21
C LEU A 18 -3.68 2.16 -8.61
N TYR A 19 -3.03 1.60 -7.60
CA TYR A 19 -1.79 0.86 -7.84
C TYR A 19 -1.96 -0.61 -7.46
N PHE A 20 -2.65 -0.83 -6.36
CA PHE A 20 -2.89 -2.19 -5.88
C PHE A 20 -4.10 -2.25 -4.96
N GLU A 21 -4.69 -3.43 -4.87
CA GLU A 21 -5.86 -3.63 -4.03
C GLU A 21 -5.92 -5.08 -3.55
N GLY A 22 -6.16 -5.23 -2.26
CA GLY A 22 -6.24 -6.55 -1.66
C GLY A 22 -6.49 -6.47 -0.16
N PHE A 23 -7.05 -7.54 0.39
CA PHE A 23 -7.34 -7.60 1.81
C PHE A 23 -6.06 -7.70 2.63
N LEU A 24 -5.64 -6.56 3.18
CA LEU A 24 -4.44 -6.52 3.99
C LEU A 24 -4.82 -6.54 5.46
N LEU A 25 -3.86 -6.99 6.27
CA LEU A 25 -4.08 -7.07 7.71
C LEU A 25 -3.28 -5.97 8.41
N ILE A 26 -4.00 -5.17 9.19
CA ILE A 26 -3.36 -4.08 9.92
C ILE A 26 -3.44 -4.37 11.42
N LYS A 27 -2.38 -3.98 12.12
CA LYS A 27 -2.32 -4.19 13.56
C LYS A 27 -1.53 -3.03 14.20
N ARG A 28 -2.11 -1.85 14.10
CA ARG A 28 -1.48 -0.66 14.67
C ARG A 28 -1.46 -0.75 16.19
N SER A 29 -1.38 0.41 16.82
CA SER A 29 -1.35 0.48 18.27
C SER A 29 -2.78 0.60 18.82
N GLY A 30 -3.34 -0.55 19.16
CA GLY A 30 -4.69 -0.59 19.69
C GLY A 30 -5.58 -1.52 18.87
N TYR A 31 -4.99 -2.62 18.44
CA TYR A 31 -5.71 -3.60 17.65
C TYR A 31 -5.67 -4.98 18.31
N ARG A 32 -4.55 -5.26 18.96
CA ARG A 32 -4.38 -6.53 19.65
C ARG A 32 -4.27 -7.67 18.62
N GLU A 33 -5.25 -7.75 17.75
CA GLU A 33 -5.28 -8.77 16.73
C GLU A 33 -5.58 -8.15 15.36
N TYR A 34 -4.69 -8.43 14.42
CA TYR A 34 -4.86 -7.91 13.07
C TYR A 34 -6.32 -7.96 12.64
N GLU A 35 -6.77 -6.84 12.06
CA GLU A 35 -8.14 -6.74 11.60
C GLU A 35 -8.20 -6.82 10.08
N HIS A 36 -9.04 -7.73 9.59
CA HIS A 36 -9.20 -7.91 8.15
C HIS A 36 -9.94 -6.72 7.57
N TYR A 37 -9.27 -6.03 6.66
CA TYR A 37 -9.85 -4.87 6.00
C TYR A 37 -9.39 -4.77 4.55
N TRP A 38 -10.33 -4.39 3.69
CA TRP A 38 -10.03 -4.25 2.27
C TRP A 38 -9.06 -3.08 2.11
N THR A 39 -7.78 -3.39 2.20
CA THR A 39 -6.74 -2.39 2.07
C THR A 39 -6.48 -2.09 0.59
N GLU A 40 -6.68 -0.83 0.22
CA GLU A 40 -6.47 -0.41 -1.15
C GLU A 40 -5.30 0.58 -1.22
N LEU A 41 -4.37 0.28 -2.13
CA LEU A 41 -3.20 1.14 -2.31
C LEU A 41 -3.51 2.19 -3.38
N ARG A 42 -3.34 3.45 -2.98
CA ARG A 42 -3.59 4.56 -3.90
C ARG A 42 -2.74 5.76 -3.50
N GLY A 43 -2.01 6.28 -4.48
CA GLY A 43 -1.15 7.43 -4.24
C GLY A 43 -0.57 7.41 -2.82
N THR A 44 0.29 6.42 -2.59
CA THR A 44 0.92 6.27 -1.30
C THR A 44 -0.08 6.56 -0.18
N THR A 45 -1.15 5.78 -0.18
CA THR A 45 -2.19 5.94 0.82
C THR A 45 -3.00 4.64 0.97
N LEU A 46 -2.69 3.91 2.04
CA LEU A 46 -3.37 2.66 2.30
C LEU A 46 -4.79 2.95 2.77
N PHE A 47 -5.74 2.65 1.90
CA PHE A 47 -7.14 2.87 2.21
C PHE A 47 -7.82 1.56 2.65
N PHE A 48 -8.31 1.58 3.88
CA PHE A 48 -8.98 0.41 4.43
C PHE A 48 -10.49 0.55 4.33
N TYR A 49 -11.12 -0.51 3.83
CA TYR A 49 -12.57 -0.53 3.68
C TYR A 49 -13.17 -1.78 4.30
N THR A 50 -14.46 -1.70 4.59
CA THR A 50 -15.18 -2.82 5.19
C THR A 50 -15.35 -3.95 4.17
N ASP A 51 -15.55 -3.56 2.92
CA ASP A 51 -15.72 -4.52 1.85
C ASP A 51 -15.31 -3.88 0.52
N LYS A 52 -16.15 -2.96 0.06
CA LYS A 52 -15.89 -2.27 -1.20
C LYS A 52 -16.88 -1.13 -1.37
N LYS A 53 -18.15 -1.51 -1.44
CA LYS A 53 -19.22 -0.53 -1.61
C LYS A 53 -18.93 0.69 -0.73
N SER A 54 -18.44 0.42 0.47
CA SER A 54 -18.11 1.48 1.40
C SER A 54 -17.44 2.65 0.66
N ILE A 55 -18.06 3.81 0.75
CA ILE A 55 -17.55 5.00 0.09
C ILE A 55 -16.45 5.62 0.96
N ILE A 56 -16.82 5.90 2.20
CA ILE A 56 -15.88 6.49 3.15
C ILE A 56 -15.11 5.38 3.86
N TYR A 57 -13.94 5.07 3.31
CA TYR A 57 -13.10 4.03 3.88
C TYR A 57 -13.15 4.07 5.41
N VAL A 58 -13.25 2.88 5.99
CA VAL A 58 -13.31 2.76 7.44
C VAL A 58 -12.11 3.50 8.05
N ASP A 59 -11.01 3.48 7.32
CA ASP A 59 -9.80 4.15 7.78
C ASP A 59 -8.73 4.05 6.69
N LYS A 60 -7.77 4.97 6.77
CA LYS A 60 -6.69 5.00 5.80
C LYS A 60 -5.37 5.23 6.53
N LEU A 61 -4.28 4.86 5.86
CA LEU A 61 -2.96 5.03 6.44
C LEU A 61 -2.06 5.77 5.44
N ASP A 62 -0.90 6.19 5.94
CA ASP A 62 0.04 6.90 5.10
C ASP A 62 1.40 6.20 5.16
N ILE A 63 1.95 5.96 3.98
CA ILE A 63 3.24 5.30 3.88
C ILE A 63 4.04 5.91 2.72
N VAL A 64 4.16 7.22 2.77
CA VAL A 64 4.89 7.93 1.73
C VAL A 64 6.26 8.35 2.28
N ASP A 65 6.29 8.62 3.57
CA ASP A 65 7.52 9.02 4.22
C ASP A 65 8.17 7.81 4.89
N LEU A 66 7.69 6.64 4.50
CA LEU A 66 8.21 5.39 5.04
C LEU A 66 9.73 5.50 5.19
N THR A 67 10.22 5.06 6.34
CA THR A 67 11.64 5.10 6.61
C THR A 67 12.32 3.84 6.07
N CYS A 68 11.58 2.75 6.11
CA CYS A 68 12.10 1.48 5.63
C CYS A 68 11.07 0.38 5.95
N LEU A 69 11.48 -0.85 5.73
CA LEU A 69 10.62 -1.99 5.99
C LEU A 69 11.42 -3.10 6.69
N THR A 70 10.89 -3.54 7.81
CA THR A 70 11.55 -4.59 8.58
C THR A 70 10.84 -5.93 8.36
N GLU A 71 11.50 -6.98 8.83
CA GLU A 71 10.94 -8.32 8.69
C GLU A 71 10.93 -9.03 10.05
N GLN A 72 9.95 -9.91 10.20
CA GLN A 72 9.81 -10.66 11.44
C GLN A 72 10.51 -12.02 11.33
N ASN A 73 11.20 -12.39 12.39
CA ASN A 73 11.91 -13.66 12.41
C ASN A 73 11.04 -14.74 11.79
N SER A 74 11.67 -15.57 10.97
CA SER A 74 10.96 -16.65 10.32
C SER A 74 11.93 -17.47 9.46
N THR A 75 12.58 -16.78 8.54
CA THR A 75 13.54 -17.43 7.65
C THR A 75 12.84 -18.49 6.80
N GLU A 76 13.37 -18.70 5.61
CA GLU A 76 12.82 -19.68 4.70
C GLU A 76 11.41 -19.28 4.28
N LYS A 77 10.97 -19.82 3.15
CA LYS A 77 9.65 -19.53 2.64
C LYS A 77 8.65 -19.53 3.78
N ASN A 78 7.84 -18.48 3.82
CA ASN A 78 6.84 -18.34 4.87
C ASN A 78 6.09 -17.02 4.67
N CYS A 79 5.00 -16.89 5.42
CA CYS A 79 4.18 -15.68 5.34
C CYS A 79 5.12 -14.47 5.40
N ALA A 80 4.61 -13.35 4.92
CA ALA A 80 5.38 -12.12 4.92
C ALA A 80 4.90 -11.22 6.06
N LYS A 81 5.81 -10.99 7.01
CA LYS A 81 5.50 -10.15 8.15
C LYS A 81 6.54 -9.05 8.27
N PHE A 82 6.08 -7.81 8.11
CA PHE A 82 6.98 -6.67 8.19
C PHE A 82 6.26 -5.47 8.80
N THR A 83 7.05 -4.56 9.36
CA THR A 83 6.50 -3.37 9.97
C THR A 83 6.87 -2.13 9.15
N LEU A 84 5.90 -1.24 9.01
CA LEU A 84 6.10 -0.02 8.25
C LEU A 84 6.70 1.05 9.17
N VAL A 85 8.00 1.27 8.99
CA VAL A 85 8.71 2.26 9.79
C VAL A 85 8.47 3.65 9.20
N LEU A 86 7.87 4.51 10.02
CA LEU A 86 7.57 5.86 9.59
C LEU A 86 8.26 6.84 10.55
N PRO A 87 8.47 8.09 10.04
CA PRO A 87 9.12 9.12 10.83
C PRO A 87 8.15 9.68 11.88
N LYS A 88 6.96 9.11 11.90
CA LYS A 88 5.94 9.54 12.85
C LYS A 88 5.65 8.40 13.83
N GLU A 89 5.24 7.27 13.28
CA GLU A 89 4.93 6.11 14.09
C GLU A 89 5.13 4.83 13.28
N GLU A 90 5.36 3.73 13.99
CA GLU A 90 5.55 2.45 13.35
C GLU A 90 4.24 1.68 13.29
N VAL A 91 3.96 1.15 12.11
CA VAL A 91 2.74 0.38 11.89
C VAL A 91 3.10 -1.07 11.57
N GLN A 92 2.21 -1.96 11.96
CA GLN A 92 2.41 -3.39 11.72
C GLN A 92 1.59 -3.85 10.52
N LEU A 93 2.22 -4.69 9.71
CA LEU A 93 1.56 -5.22 8.52
C LEU A 93 1.82 -6.71 8.42
N LYS A 94 0.76 -7.45 8.14
CA LYS A 94 0.87 -8.89 8.00
C LYS A 94 0.08 -9.35 6.77
N THR A 95 0.60 -10.39 6.13
CA THR A 95 -0.04 -10.93 4.94
C THR A 95 -0.36 -12.41 5.14
N GLU A 96 -1.47 -12.82 4.54
CA GLU A 96 -1.90 -14.20 4.63
C GLU A 96 -1.57 -14.96 3.35
N ASN A 97 -0.36 -14.74 2.87
CA ASN A 97 0.10 -15.39 1.64
C ASN A 97 1.49 -14.87 1.29
N THR A 98 2.14 -15.60 0.39
CA THR A 98 3.47 -15.23 -0.05
C THR A 98 3.40 -14.22 -1.19
N GLU A 99 2.54 -14.51 -2.15
CA GLU A 99 2.37 -13.64 -3.30
C GLU A 99 1.96 -12.24 -2.83
N SER A 100 0.86 -12.18 -2.10
CA SER A 100 0.35 -10.93 -1.59
C SER A 100 1.46 -10.16 -0.87
N GLY A 101 2.34 -10.92 -0.22
CA GLY A 101 3.45 -10.34 0.50
C GLY A 101 4.35 -9.54 -0.42
N GLU A 102 4.94 -10.26 -1.38
CA GLU A 102 5.83 -9.62 -2.34
C GLU A 102 5.13 -8.45 -3.03
N GLU A 103 3.84 -8.61 -3.23
CA GLU A 103 3.04 -7.58 -3.88
C GLU A 103 3.13 -6.27 -3.08
N TRP A 104 2.56 -6.29 -1.89
CA TRP A 104 2.57 -5.12 -1.04
C TRP A 104 4.03 -4.71 -0.82
N ARG A 105 4.77 -5.60 -0.18
CA ARG A 105 6.17 -5.35 0.09
C ARG A 105 6.82 -4.61 -1.09
N GLY A 106 6.35 -4.94 -2.28
CA GLY A 106 6.87 -4.31 -3.49
C GLY A 106 6.19 -2.97 -3.75
N PHE A 107 4.92 -3.04 -4.10
CA PHE A 107 4.15 -1.85 -4.38
C PHE A 107 4.52 -0.72 -3.41
N ILE A 108 4.70 -1.10 -2.16
CA ILE A 108 5.06 -0.14 -1.13
C ILE A 108 6.45 0.42 -1.42
N LEU A 109 7.42 -0.47 -1.39
CA LEU A 109 8.80 -0.08 -1.65
C LEU A 109 8.84 0.87 -2.84
N THR A 110 7.84 0.74 -3.70
CA THR A 110 7.75 1.58 -4.88
C THR A 110 7.18 2.96 -4.52
N VAL A 111 6.14 2.93 -3.69
CA VAL A 111 5.50 4.15 -3.26
C VAL A 111 6.19 4.67 -2.00
N THR A 112 7.48 4.37 -1.90
CA THR A 112 8.25 4.80 -0.75
C THR A 112 9.69 5.14 -1.18
N GLU A 113 10.24 4.27 -2.01
CA GLU A 113 11.60 4.47 -2.50
C GLU A 113 11.57 4.99 -3.94
N LEU A 114 10.39 5.41 -4.36
CA LEU A 114 10.22 5.94 -5.71
C LEU A 114 11.09 5.14 -6.67
N SER A 115 11.23 3.86 -6.39
CA SER A 115 12.04 2.98 -7.22
C SER A 115 11.36 1.61 -7.34
N VAL A 116 11.95 0.77 -8.18
CA VAL A 116 11.42 -0.56 -8.40
C VAL A 116 12.44 -1.59 -7.92
N PRO A 117 12.01 -2.42 -6.92
CA PRO A 117 12.88 -3.45 -6.37
C PRO A 117 13.01 -4.63 -7.33
N GLN A 118 14.23 -5.14 -7.42
CA GLN A 118 14.49 -6.27 -8.30
C GLN A 118 14.70 -7.55 -7.47
N ASN A 119 14.71 -7.37 -6.16
CA ASN A 119 14.90 -8.49 -5.26
C ASN A 119 13.53 -9.04 -4.86
N VAL A 120 12.57 -8.89 -5.77
CA VAL A 120 11.22 -9.37 -5.51
C VAL A 120 10.97 -10.61 -6.37
N SER A 121 10.30 -11.59 -5.76
CA SER A 121 9.99 -12.83 -6.45
C SER A 121 8.72 -12.64 -7.30
N LEU A 122 8.27 -11.41 -7.36
CA LEU A 122 7.08 -11.09 -8.13
C LEU A 122 7.21 -11.68 -9.54
N LEU A 123 6.21 -11.42 -10.36
CA LEU A 123 6.21 -11.91 -11.72
C LEU A 123 6.38 -10.73 -12.69
N PRO A 124 6.27 -11.05 -14.01
CA PRO A 124 6.42 -10.03 -15.03
C PRO A 124 5.18 -9.14 -15.10
N GLY A 125 4.09 -9.66 -14.56
CA GLY A 125 2.84 -8.93 -14.56
C GLY A 125 2.75 -7.99 -13.35
N GLN A 126 3.33 -8.44 -12.25
CA GLN A 126 3.33 -7.66 -11.03
C GLN A 126 4.44 -6.60 -11.07
N VAL A 127 5.67 -7.09 -11.16
CA VAL A 127 6.82 -6.21 -11.20
C VAL A 127 6.45 -4.93 -11.95
N ILE A 128 5.96 -5.13 -13.18
CA ILE A 128 5.56 -4.00 -14.01
C ILE A 128 4.86 -2.96 -13.15
N LYS A 129 3.83 -3.42 -12.45
CA LYS A 129 3.05 -2.54 -11.58
C LYS A 129 4.00 -1.56 -10.89
N LEU A 130 4.99 -2.11 -10.20
CA LEU A 130 5.96 -1.30 -9.49
C LEU A 130 6.46 -0.20 -10.42
N HIS A 131 6.81 -0.59 -11.63
CA HIS A 131 7.31 0.35 -12.61
C HIS A 131 6.26 1.44 -12.87
N GLU A 132 5.08 0.99 -13.27
CA GLU A 132 3.99 1.90 -13.54
C GLU A 132 3.68 2.74 -12.30
N VAL A 133 3.32 2.05 -11.23
CA VAL A 133 2.99 2.73 -9.98
C VAL A 133 4.03 3.84 -9.72
N LEU A 134 5.29 3.47 -9.87
CA LEU A 134 6.37 4.41 -9.66
C LEU A 134 6.11 5.68 -10.48
N GLU A 135 6.27 5.54 -11.78
CA GLU A 135 6.06 6.66 -12.69
C GLU A 135 4.74 7.37 -12.35
N ARG A 136 3.78 6.58 -11.92
CA ARG A 136 2.48 7.12 -11.55
C ARG A 136 2.62 8.12 -10.41
N GLU A 137 3.01 7.60 -9.25
CA GLU A 137 3.19 8.43 -8.07
C GLU A 137 4.24 9.51 -8.34
N LYS A 138 5.14 9.19 -9.26
CA LYS A 138 6.20 10.13 -9.61
C LYS A 138 5.58 11.48 -9.96
N LYS A 139 4.79 11.49 -11.02
CA LYS A 139 4.14 12.72 -11.45
C LYS A 139 3.55 13.44 -10.24
N ARG A 140 2.81 12.70 -9.44
CA ARG A 140 2.20 13.26 -8.25
C ARG A 140 3.20 14.16 -7.51
N ARG A 141 4.47 13.81 -7.65
CA ARG A 141 5.52 14.58 -7.01
C ARG A 141 5.57 16.00 -7.58
N ILE A 142 5.44 16.07 -8.89
CA ILE A 142 5.47 17.36 -9.57
C ILE A 142 4.71 18.40 -8.73
N GLU A 143 3.39 18.31 -8.80
CA GLU A 143 2.54 19.22 -8.04
C GLU A 143 2.15 18.60 -6.70
N SER A 144 3.13 18.46 -5.83
CA SER A 144 2.90 17.89 -4.51
C SER A 144 4.21 17.86 -3.72
N GLY A 145 4.09 18.20 -2.44
CA GLY A 145 5.25 18.22 -1.57
C GLY A 145 5.54 19.64 -1.08
N PRO A 146 6.27 19.72 0.07
CA PRO A 146 6.63 21.00 0.65
C PRO A 146 7.75 21.67 -0.15
N SER A 147 8.23 22.79 0.38
CA SER A 147 9.29 23.53 -0.28
C SER A 147 10.62 22.79 -0.11
N SER A 148 11.43 22.84 -1.15
CA SER A 148 12.73 22.18 -1.13
C SER A 148 13.58 22.74 0.00
N GLY A 149 14.71 22.09 0.23
CA GLY A 149 15.61 22.51 1.28
C GLY A 149 16.01 21.33 2.17
N GLY A 1 -8.24 -15.01 -9.32
CA GLY A 1 -7.90 -13.90 -10.19
C GLY A 1 -9.15 -13.24 -10.77
N SER A 2 -9.26 -11.93 -10.54
CA SER A 2 -10.40 -11.19 -11.04
C SER A 2 -10.24 -9.71 -10.67
N SER A 3 -10.74 -8.86 -11.56
CA SER A 3 -10.66 -7.42 -11.35
C SER A 3 -11.34 -6.68 -12.50
N GLY A 4 -12.61 -6.34 -12.27
CA GLY A 4 -13.38 -5.63 -13.28
C GLY A 4 -14.88 -5.78 -13.03
N SER A 5 -15.59 -4.69 -13.23
CA SER A 5 -17.04 -4.69 -13.03
C SER A 5 -17.67 -3.52 -13.78
N SER A 6 -18.79 -3.80 -14.43
CA SER A 6 -19.50 -2.79 -15.18
C SER A 6 -20.72 -2.31 -14.39
N GLY A 7 -20.66 -1.05 -13.97
CA GLY A 7 -21.75 -0.45 -13.21
C GLY A 7 -21.65 1.07 -13.21
N GLN A 8 -21.90 1.65 -12.05
CA GLN A 8 -21.85 3.09 -11.90
C GLN A 8 -20.97 3.47 -10.71
N GLU A 9 -19.68 3.57 -10.97
CA GLU A 9 -18.72 3.93 -9.94
C GLU A 9 -18.49 5.44 -9.93
N ARG A 10 -19.01 6.08 -8.90
CA ARG A 10 -18.86 7.53 -8.76
C ARG A 10 -17.75 7.85 -7.76
N LEU A 11 -16.61 8.26 -8.29
CA LEU A 11 -15.47 8.61 -7.46
C LEU A 11 -15.68 10.01 -6.89
N LYS A 12 -14.78 10.38 -5.99
CA LYS A 12 -14.85 11.69 -5.35
C LYS A 12 -13.70 12.57 -5.88
N ILE A 13 -13.86 13.87 -5.70
CA ILE A 13 -12.86 14.82 -6.14
C ILE A 13 -11.47 14.27 -5.82
N THR A 14 -10.52 14.57 -6.71
CA THR A 14 -9.16 14.12 -6.53
C THR A 14 -9.13 12.66 -6.07
N ALA A 15 -9.24 11.77 -7.04
CA ALA A 15 -9.23 10.34 -6.76
C ALA A 15 -7.82 9.79 -6.96
N LEU A 16 -7.23 9.31 -5.87
CA LEU A 16 -5.90 8.76 -5.92
C LEU A 16 -5.88 7.57 -6.88
N PRO A 17 -4.73 7.44 -7.61
CA PRO A 17 -4.57 6.36 -8.57
C PRO A 17 -4.30 5.04 -7.85
N LEU A 18 -5.26 4.14 -7.95
CA LEU A 18 -5.15 2.83 -7.32
C LEU A 18 -3.97 2.08 -7.93
N TYR A 19 -3.20 1.44 -7.06
CA TYR A 19 -2.04 0.68 -7.49
C TYR A 19 -2.21 -0.81 -7.19
N PHE A 20 -2.80 -1.07 -6.03
CA PHE A 20 -3.02 -2.44 -5.61
C PHE A 20 -4.15 -2.53 -4.57
N GLU A 21 -4.80 -3.67 -4.55
CA GLU A 21 -5.90 -3.89 -3.62
C GLU A 21 -6.01 -5.37 -3.26
N GLY A 22 -6.25 -5.62 -1.98
CA GLY A 22 -6.37 -6.98 -1.50
C GLY A 22 -6.54 -7.01 0.03
N PHE A 23 -7.52 -7.78 0.47
CA PHE A 23 -7.81 -7.90 1.88
C PHE A 23 -6.51 -8.02 2.69
N LEU A 24 -6.10 -6.89 3.24
CA LEU A 24 -4.88 -6.85 4.04
C LEU A 24 -5.25 -6.85 5.52
N LEU A 25 -4.28 -7.27 6.33
CA LEU A 25 -4.50 -7.33 7.77
C LEU A 25 -3.59 -6.29 8.45
N ILE A 26 -4.20 -5.50 9.31
CA ILE A 26 -3.47 -4.47 10.04
C ILE A 26 -3.55 -4.76 11.54
N LYS A 27 -2.42 -4.58 12.20
CA LYS A 27 -2.34 -4.82 13.63
C LYS A 27 -2.11 -3.49 14.35
N ARG A 28 -1.77 -2.48 13.56
CA ARG A 28 -1.51 -1.16 14.11
C ARG A 28 -0.75 -1.26 15.43
N SER A 29 -1.52 -1.33 16.52
CA SER A 29 -0.94 -1.43 17.84
C SER A 29 -2.04 -1.59 18.89
N GLY A 30 -2.54 -2.82 18.98
CA GLY A 30 -3.60 -3.11 19.93
C GLY A 30 -4.48 -4.27 19.43
N TYR A 31 -4.61 -4.35 18.12
CA TYR A 31 -5.40 -5.39 17.51
C TYR A 31 -4.94 -6.78 17.96
N ARG A 32 -3.66 -7.03 17.76
CA ARG A 32 -3.08 -8.31 18.14
C ARG A 32 -3.46 -9.38 17.13
N GLU A 33 -4.76 -9.49 16.88
CA GLU A 33 -5.27 -10.48 15.95
C GLU A 33 -5.52 -9.82 14.58
N TYR A 34 -5.06 -8.59 14.46
CA TYR A 34 -5.23 -7.85 13.22
C TYR A 34 -6.71 -7.73 12.85
N GLU A 35 -7.03 -6.65 12.16
CA GLU A 35 -8.40 -6.39 11.73
C GLU A 35 -8.50 -6.47 10.20
N HIS A 36 -9.44 -7.29 9.75
CA HIS A 36 -9.64 -7.46 8.32
C HIS A 36 -10.27 -6.18 7.75
N TYR A 37 -9.67 -5.71 6.67
CA TYR A 37 -10.15 -4.51 6.01
C TYR A 37 -9.68 -4.44 4.56
N TRP A 38 -10.61 -4.13 3.68
CA TRP A 38 -10.31 -4.04 2.26
C TRP A 38 -9.27 -2.92 2.07
N THR A 39 -8.01 -3.31 2.21
CA THR A 39 -6.92 -2.36 2.06
C THR A 39 -6.58 -2.16 0.58
N GLU A 40 -6.36 -0.91 0.21
CA GLU A 40 -6.04 -0.58 -1.17
C GLU A 40 -4.95 0.49 -1.20
N LEU A 41 -4.03 0.33 -2.14
CA LEU A 41 -2.93 1.27 -2.30
C LEU A 41 -3.34 2.37 -3.28
N ARG A 42 -3.35 3.60 -2.77
CA ARG A 42 -3.72 4.74 -3.57
C ARG A 42 -2.74 5.89 -3.35
N GLY A 43 -2.19 6.38 -4.45
CA GLY A 43 -1.24 7.48 -4.38
C GLY A 43 -0.55 7.53 -3.02
N THR A 44 0.46 6.69 -2.87
CA THR A 44 1.21 6.62 -1.63
C THR A 44 0.30 6.92 -0.45
N THR A 45 -0.72 6.06 -0.30
CA THR A 45 -1.66 6.21 0.79
C THR A 45 -2.53 4.95 0.92
N LEU A 46 -2.24 4.18 1.95
CA LEU A 46 -2.98 2.95 2.20
C LEU A 46 -4.36 3.30 2.75
N PHE A 47 -5.38 2.76 2.10
CA PHE A 47 -6.75 3.00 2.51
C PHE A 47 -7.43 1.71 2.99
N PHE A 48 -7.81 1.71 4.25
CA PHE A 48 -8.46 0.54 4.83
C PHE A 48 -9.98 0.69 4.78
N TYR A 49 -10.61 -0.20 4.03
CA TYR A 49 -12.05 -0.18 3.90
C TYR A 49 -12.69 -1.40 4.59
N THR A 50 -14.00 -1.33 4.76
CA THR A 50 -14.73 -2.41 5.40
C THR A 50 -15.00 -3.54 4.40
N ASP A 51 -14.99 -3.17 3.12
CA ASP A 51 -15.24 -4.14 2.07
C ASP A 51 -15.09 -3.45 0.71
N LYS A 52 -16.15 -2.77 0.31
CA LYS A 52 -16.15 -2.06 -0.96
C LYS A 52 -17.27 -1.02 -0.96
N LYS A 53 -18.49 -1.51 -0.78
CA LYS A 53 -19.65 -0.62 -0.76
C LYS A 53 -19.31 0.64 0.04
N SER A 54 -18.48 0.45 1.06
CA SER A 54 -18.06 1.57 1.90
C SER A 54 -17.66 2.76 1.03
N ILE A 55 -18.27 3.89 1.32
CA ILE A 55 -17.98 5.11 0.57
C ILE A 55 -16.69 5.72 1.09
N ILE A 56 -16.56 5.77 2.41
CA ILE A 56 -15.38 6.33 3.04
C ILE A 56 -14.64 5.21 3.77
N TYR A 57 -13.35 5.12 3.48
CA TYR A 57 -12.51 4.11 4.11
C TYR A 57 -12.58 4.21 5.63
N VAL A 58 -12.68 3.05 6.27
CA VAL A 58 -12.75 3.00 7.72
C VAL A 58 -11.55 3.73 8.32
N ASP A 59 -10.45 3.70 7.58
CA ASP A 59 -9.23 4.36 8.02
C ASP A 59 -8.16 4.21 6.93
N LYS A 60 -7.19 5.12 6.99
CA LYS A 60 -6.10 5.09 6.02
C LYS A 60 -4.78 5.34 6.75
N LEU A 61 -3.69 5.05 6.05
CA LEU A 61 -2.37 5.24 6.62
C LEU A 61 -1.44 5.81 5.55
N ASP A 62 -0.46 6.57 6.01
CA ASP A 62 0.51 7.19 5.10
C ASP A 62 1.85 6.48 5.23
N ILE A 63 2.45 6.19 4.09
CA ILE A 63 3.74 5.52 4.07
C ILE A 63 4.70 6.29 3.16
N VAL A 64 4.30 7.51 2.85
CA VAL A 64 5.12 8.36 2.00
C VAL A 64 6.38 8.78 2.75
N ASP A 65 6.22 8.97 4.05
CA ASP A 65 7.34 9.36 4.89
C ASP A 65 7.99 8.12 5.50
N LEU A 66 7.62 6.97 4.94
CA LEU A 66 8.16 5.71 5.42
C LEU A 66 9.65 5.86 5.70
N THR A 67 10.06 5.40 6.88
CA THR A 67 11.46 5.47 7.27
C THR A 67 12.23 4.27 6.73
N CYS A 68 11.53 3.16 6.62
CA CYS A 68 12.13 1.94 6.12
C CYS A 68 11.16 0.78 6.37
N LEU A 69 11.60 -0.41 5.98
CA LEU A 69 10.79 -1.60 6.15
C LEU A 69 11.59 -2.66 6.91
N THR A 70 10.95 -3.24 7.92
CA THR A 70 11.59 -4.26 8.71
C THR A 70 10.99 -5.63 8.41
N GLU A 71 11.62 -6.66 8.95
CA GLU A 71 11.16 -8.02 8.74
C GLU A 71 11.04 -8.75 10.09
N GLN A 72 10.15 -9.74 10.10
CA GLN A 72 9.93 -10.51 11.31
C GLN A 72 10.31 -11.98 11.07
N ASN A 73 11.35 -12.40 11.77
CA ASN A 73 11.83 -13.77 11.65
C ASN A 73 10.69 -14.73 12.02
N SER A 74 10.83 -15.96 11.52
CA SER A 74 9.83 -16.98 11.78
C SER A 74 10.40 -18.36 11.47
N THR A 75 9.70 -19.37 11.96
CA THR A 75 10.13 -20.75 11.74
C THR A 75 9.02 -21.54 11.03
N GLU A 76 7.87 -21.60 11.69
CA GLU A 76 6.74 -22.32 11.14
C GLU A 76 6.08 -21.52 10.03
N LYS A 77 6.20 -22.02 8.82
CA LYS A 77 5.63 -21.35 7.66
C LYS A 77 6.24 -19.96 7.52
N ASN A 78 7.05 -19.81 6.49
CA ASN A 78 7.71 -18.53 6.24
C ASN A 78 6.82 -17.67 5.34
N CYS A 79 6.21 -16.66 5.95
CA CYS A 79 5.34 -15.76 5.22
C CYS A 79 5.95 -14.36 5.25
N ALA A 80 5.44 -13.51 4.38
CA ALA A 80 5.92 -12.14 4.29
C ALA A 80 5.38 -11.34 5.47
N LYS A 81 6.30 -10.93 6.34
CA LYS A 81 5.92 -10.15 7.51
C LYS A 81 6.92 -9.01 7.70
N PHE A 82 6.38 -7.80 7.70
CA PHE A 82 7.21 -6.62 7.87
C PHE A 82 6.43 -5.49 8.57
N THR A 83 7.18 -4.60 9.19
CA THR A 83 6.58 -3.48 9.90
C THR A 83 6.89 -2.16 9.19
N LEU A 84 5.90 -1.29 9.13
CA LEU A 84 6.05 0.00 8.49
C LEU A 84 6.63 1.00 9.49
N VAL A 85 7.84 1.44 9.21
CA VAL A 85 8.51 2.41 10.09
C VAL A 85 8.21 3.82 9.58
N LEU A 86 7.57 4.59 10.46
CA LEU A 86 7.23 5.96 10.12
C LEU A 86 7.81 6.90 11.19
N PRO A 87 7.99 8.19 10.78
CA PRO A 87 8.53 9.19 11.68
C PRO A 87 7.50 9.62 12.71
N LYS A 88 6.33 9.00 12.63
CA LYS A 88 5.25 9.31 13.55
C LYS A 88 4.96 8.07 14.41
N GLU A 89 4.60 6.99 13.73
CA GLU A 89 4.29 5.75 14.43
C GLU A 89 4.52 4.56 13.49
N GLU A 90 4.87 3.44 14.11
CA GLU A 90 5.12 2.22 13.35
C GLU A 90 3.87 1.35 13.30
N VAL A 91 3.53 0.91 12.09
CA VAL A 91 2.36 0.07 11.90
C VAL A 91 2.80 -1.30 11.38
N GLN A 92 2.09 -2.31 11.84
CA GLN A 92 2.39 -3.68 11.42
C GLN A 92 1.52 -4.09 10.24
N LEU A 93 2.07 -4.96 9.42
CA LEU A 93 1.35 -5.43 8.24
C LEU A 93 1.55 -6.94 8.10
N LYS A 94 0.47 -7.62 7.76
CA LYS A 94 0.52 -9.07 7.60
C LYS A 94 -0.46 -9.49 6.50
N THR A 95 0.02 -10.34 5.61
CA THR A 95 -0.81 -10.82 4.51
C THR A 95 -1.14 -12.30 4.71
N GLU A 96 -1.84 -12.84 3.73
CA GLU A 96 -2.25 -14.24 3.78
C GLU A 96 -1.33 -15.09 2.89
N ASN A 97 -1.37 -14.78 1.60
CA ASN A 97 -0.56 -15.50 0.64
C ASN A 97 0.84 -14.87 0.57
N THR A 98 1.84 -15.70 0.85
CA THR A 98 3.22 -15.24 0.83
C THR A 98 3.44 -14.26 -0.33
N GLU A 99 2.98 -14.69 -1.50
CA GLU A 99 3.12 -13.87 -2.70
C GLU A 99 2.56 -12.47 -2.46
N SER A 100 1.31 -12.44 -2.02
CA SER A 100 0.64 -11.18 -1.75
C SER A 100 1.61 -10.21 -1.06
N GLY A 101 2.45 -10.78 -0.22
CA GLY A 101 3.43 -10.00 0.51
C GLY A 101 4.36 -9.25 -0.45
N GLU A 102 5.02 -10.02 -1.31
CA GLU A 102 5.93 -9.44 -2.27
C GLU A 102 5.26 -8.31 -3.04
N GLU A 103 3.96 -8.46 -3.23
CA GLU A 103 3.19 -7.46 -3.94
C GLU A 103 3.20 -6.13 -3.17
N TRP A 104 2.56 -6.14 -2.01
CA TRP A 104 2.50 -4.96 -1.18
C TRP A 104 3.93 -4.45 -0.96
N ARG A 105 4.73 -5.30 -0.33
CA ARG A 105 6.12 -4.96 -0.05
C ARG A 105 6.71 -4.16 -1.21
N GLY A 106 6.56 -4.72 -2.41
CA GLY A 106 7.07 -4.07 -3.61
C GLY A 106 6.38 -2.72 -3.84
N PHE A 107 5.10 -2.80 -4.19
CA PHE A 107 4.33 -1.60 -4.45
C PHE A 107 4.66 -0.51 -3.44
N ILE A 108 4.75 -0.91 -2.18
CA ILE A 108 5.07 0.04 -1.12
C ILE A 108 6.51 0.52 -1.28
N LEU A 109 7.43 -0.44 -1.24
CA LEU A 109 8.84 -0.13 -1.38
C LEU A 109 9.04 0.82 -2.55
N THR A 110 8.06 0.82 -3.44
CA THR A 110 8.11 1.68 -4.61
C THR A 110 7.60 3.08 -4.27
N VAL A 111 6.36 3.13 -3.81
CA VAL A 111 5.75 4.40 -3.45
C VAL A 111 6.54 5.02 -2.29
N THR A 112 7.42 4.22 -1.71
CA THR A 112 8.24 4.68 -0.60
C THR A 112 9.63 5.08 -1.09
N GLU A 113 10.32 4.11 -1.68
CA GLU A 113 11.65 4.35 -2.20
C GLU A 113 11.59 5.26 -3.43
N LEU A 114 10.44 5.27 -4.06
CA LEU A 114 10.23 6.09 -5.24
C LEU A 114 10.88 5.40 -6.45
N SER A 115 11.17 4.13 -6.27
CA SER A 115 11.79 3.35 -7.34
C SER A 115 11.16 1.96 -7.40
N VAL A 116 11.90 1.03 -7.98
CA VAL A 116 11.43 -0.34 -8.12
C VAL A 116 12.48 -1.29 -7.55
N PRO A 117 12.05 -2.10 -6.55
CA PRO A 117 12.94 -3.07 -5.92
C PRO A 117 13.18 -4.27 -6.84
N GLN A 118 14.45 -4.66 -6.92
CA GLN A 118 14.83 -5.79 -7.76
C GLN A 118 14.83 -7.08 -6.93
N ASN A 119 14.66 -6.92 -5.63
CA ASN A 119 14.63 -8.05 -4.73
C ASN A 119 13.20 -8.55 -4.58
N VAL A 120 12.58 -8.81 -5.73
CA VAL A 120 11.21 -9.29 -5.73
C VAL A 120 11.13 -10.56 -6.58
N SER A 121 10.42 -11.54 -6.06
CA SER A 121 10.25 -12.81 -6.75
C SER A 121 8.99 -12.77 -7.62
N LEU A 122 8.28 -11.67 -7.51
CA LEU A 122 7.05 -11.49 -8.28
C LEU A 122 7.31 -11.87 -9.74
N LEU A 123 6.23 -12.16 -10.44
CA LEU A 123 6.33 -12.54 -11.85
C LEU A 123 6.88 -11.35 -12.65
N PRO A 124 7.22 -11.65 -13.93
CA PRO A 124 7.77 -10.63 -14.81
C PRO A 124 6.66 -9.68 -15.30
N GLY A 125 5.43 -10.05 -14.98
CA GLY A 125 4.29 -9.25 -15.36
C GLY A 125 3.85 -8.32 -14.23
N GLN A 126 4.00 -8.83 -13.02
CA GLN A 126 3.62 -8.06 -11.84
C GLN A 126 4.63 -6.95 -11.58
N VAL A 127 5.90 -7.30 -11.72
CA VAL A 127 6.98 -6.34 -11.51
C VAL A 127 6.68 -5.07 -12.30
N ILE A 128 6.03 -5.26 -13.44
CA ILE A 128 5.68 -4.14 -14.29
C ILE A 128 4.88 -3.11 -13.48
N LYS A 129 3.90 -3.62 -12.76
CA LYS A 129 3.06 -2.78 -11.93
C LYS A 129 3.93 -1.77 -11.18
N LEU A 130 4.90 -2.30 -10.46
CA LEU A 130 5.82 -1.46 -9.69
C LEU A 130 6.34 -0.34 -10.59
N HIS A 131 6.65 -0.70 -11.83
CA HIS A 131 7.16 0.27 -12.79
C HIS A 131 6.07 1.29 -13.10
N GLU A 132 4.85 0.78 -13.27
CA GLU A 132 3.72 1.63 -13.59
C GLU A 132 3.37 2.52 -12.39
N VAL A 133 3.16 1.86 -11.25
CA VAL A 133 2.82 2.57 -10.02
C VAL A 133 3.84 3.68 -9.79
N LEU A 134 5.11 3.36 -10.02
CA LEU A 134 6.17 4.31 -9.84
C LEU A 134 5.89 5.56 -10.68
N GLU A 135 5.91 5.36 -12.00
CA GLU A 135 5.66 6.46 -12.92
C GLU A 135 4.38 7.19 -12.53
N ARG A 136 3.44 6.44 -11.97
CA ARG A 136 2.17 7.01 -11.55
C ARG A 136 2.39 8.03 -10.43
N GLU A 137 2.93 7.55 -9.33
CA GLU A 137 3.19 8.41 -8.19
C GLU A 137 4.25 9.46 -8.55
N LYS A 138 5.07 9.12 -9.54
CA LYS A 138 6.12 10.02 -9.98
C LYS A 138 5.51 11.39 -10.27
N LYS A 139 4.53 11.40 -11.15
CA LYS A 139 3.86 12.63 -11.52
C LYS A 139 3.56 13.44 -10.26
N ARG A 140 2.91 12.79 -9.32
CA ARG A 140 2.57 13.44 -8.06
C ARG A 140 3.71 14.34 -7.59
N ARG A 141 4.92 13.83 -7.72
CA ARG A 141 6.10 14.56 -7.32
C ARG A 141 6.06 15.98 -7.91
N ILE A 142 5.74 16.05 -9.19
CA ILE A 142 5.67 17.32 -9.88
C ILE A 142 4.88 18.31 -9.03
N GLU A 143 3.56 18.22 -9.12
CA GLU A 143 2.69 19.10 -8.36
C GLU A 143 3.20 19.23 -6.93
N SER A 144 3.18 18.12 -6.21
CA SER A 144 3.63 18.10 -4.83
C SER A 144 2.65 18.89 -3.95
N GLY A 145 2.65 18.55 -2.67
CA GLY A 145 1.78 19.20 -1.72
C GLY A 145 2.47 19.39 -0.37
N PRO A 146 1.63 19.43 0.70
CA PRO A 146 2.16 19.60 2.06
C PRO A 146 2.79 18.30 2.55
N SER A 147 2.07 17.21 2.37
CA SER A 147 2.54 15.91 2.80
C SER A 147 1.50 14.84 2.48
N SER A 148 0.30 15.06 3.00
CA SER A 148 -0.79 14.11 2.77
C SER A 148 -1.20 14.12 1.29
N GLY A 149 -0.91 13.01 0.63
CA GLY A 149 -1.24 12.88 -0.78
C GLY A 149 -2.40 11.90 -0.98
N GLY A 1 -15.95 -10.17 -33.07
CA GLY A 1 -14.93 -9.13 -33.18
C GLY A 1 -15.19 -8.00 -32.18
N SER A 2 -14.12 -7.32 -31.81
CA SER A 2 -14.21 -6.23 -30.87
C SER A 2 -13.90 -4.90 -31.57
N SER A 3 -14.28 -3.81 -30.92
CA SER A 3 -14.05 -2.49 -31.47
C SER A 3 -13.42 -1.59 -30.40
N GLY A 4 -12.80 -0.51 -30.88
CA GLY A 4 -12.14 0.44 -29.99
C GLY A 4 -11.83 1.74 -30.72
N SER A 5 -12.26 2.84 -30.13
CA SER A 5 -12.03 4.15 -30.70
C SER A 5 -11.63 5.14 -29.62
N SER A 6 -10.94 6.19 -30.04
CA SER A 6 -10.49 7.21 -29.12
C SER A 6 -10.67 8.60 -29.73
N GLY A 7 -11.17 9.51 -28.92
CA GLY A 7 -11.40 10.88 -29.37
C GLY A 7 -10.55 11.86 -28.58
N GLN A 8 -11.20 12.56 -27.65
CA GLN A 8 -10.51 13.54 -26.83
C GLN A 8 -10.02 12.89 -25.54
N GLU A 9 -8.77 13.18 -25.20
CA GLU A 9 -8.16 12.63 -24.00
C GLU A 9 -8.99 13.02 -22.77
N ARG A 10 -9.12 14.32 -22.57
CA ARG A 10 -9.87 14.83 -21.44
C ARG A 10 -9.41 14.16 -20.14
N LEU A 11 -8.44 14.78 -19.51
CA LEU A 11 -7.90 14.25 -18.25
C LEU A 11 -8.76 14.74 -17.09
N LYS A 12 -9.28 13.79 -16.34
CA LYS A 12 -10.12 14.10 -15.20
C LYS A 12 -9.49 13.51 -13.93
N ILE A 13 -9.55 14.29 -12.86
CA ILE A 13 -9.00 13.85 -11.58
C ILE A 13 -10.07 13.97 -10.50
N THR A 14 -10.16 12.92 -9.70
CA THR A 14 -11.13 12.89 -8.62
C THR A 14 -10.57 12.13 -7.41
N ALA A 15 -10.13 10.91 -7.68
CA ALA A 15 -9.57 10.07 -6.62
C ALA A 15 -8.14 9.68 -7.00
N LEU A 16 -7.53 8.90 -6.12
CA LEU A 16 -6.17 8.45 -6.35
C LEU A 16 -6.15 7.52 -7.57
N PRO A 17 -4.92 7.35 -8.13
CA PRO A 17 -4.75 6.49 -9.29
C PRO A 17 -4.83 5.02 -8.92
N LEU A 18 -4.70 4.76 -7.62
CA LEU A 18 -4.77 3.40 -7.12
C LEU A 18 -3.71 2.56 -7.81
N TYR A 19 -3.37 1.45 -7.18
CA TYR A 19 -2.37 0.55 -7.74
C TYR A 19 -2.72 -0.91 -7.43
N PHE A 20 -3.16 -1.13 -6.20
CA PHE A 20 -3.52 -2.47 -5.76
C PHE A 20 -4.74 -2.42 -4.84
N GLU A 21 -5.34 -3.59 -4.65
CA GLU A 21 -6.52 -3.71 -3.80
C GLU A 21 -6.72 -5.16 -3.37
N GLY A 22 -6.49 -5.40 -2.09
CA GLY A 22 -6.64 -6.73 -1.53
C GLY A 22 -6.72 -6.70 -0.01
N PHE A 23 -7.53 -7.59 0.53
CA PHE A 23 -7.71 -7.66 1.97
C PHE A 23 -6.36 -7.75 2.69
N LEU A 24 -6.04 -6.69 3.40
CA LEU A 24 -4.78 -6.63 4.14
C LEU A 24 -5.07 -6.63 5.64
N LEU A 25 -4.11 -7.15 6.39
CA LEU A 25 -4.25 -7.21 7.83
C LEU A 25 -3.48 -6.04 8.47
N ILE A 26 -4.21 -5.24 9.22
CA ILE A 26 -3.62 -4.09 9.89
C ILE A 26 -3.56 -4.36 11.40
N LYS A 27 -2.36 -4.26 11.93
CA LYS A 27 -2.16 -4.48 13.36
C LYS A 27 -1.51 -3.24 13.98
N ARG A 28 -2.24 -2.62 14.88
CA ARG A 28 -1.76 -1.43 15.54
C ARG A 28 -1.98 -1.54 17.05
N SER A 29 -1.53 -0.51 17.77
CA SER A 29 -1.67 -0.47 19.21
C SER A 29 -3.14 -0.30 19.59
N GLY A 30 -3.86 -1.42 19.60
CA GLY A 30 -5.27 -1.40 19.93
C GLY A 30 -6.07 -2.30 19.00
N TYR A 31 -5.54 -3.50 18.78
CA TYR A 31 -6.19 -4.46 17.90
C TYR A 31 -6.22 -5.85 18.53
N ARG A 32 -5.07 -6.22 19.09
CA ARG A 32 -4.96 -7.53 19.73
C ARG A 32 -4.68 -8.61 18.68
N GLU A 33 -5.51 -8.60 17.65
CA GLU A 33 -5.37 -9.57 16.57
C GLU A 33 -5.52 -8.89 15.21
N TYR A 34 -4.86 -9.45 14.21
CA TYR A 34 -4.92 -8.92 12.86
C TYR A 34 -6.35 -8.97 12.31
N GLU A 35 -6.84 -7.81 11.93
CA GLU A 35 -8.19 -7.71 11.38
C GLU A 35 -8.13 -7.63 9.85
N HIS A 36 -8.94 -8.48 9.22
CA HIS A 36 -8.99 -8.51 7.77
C HIS A 36 -9.82 -7.33 7.25
N TYR A 37 -9.16 -6.46 6.50
CA TYR A 37 -9.83 -5.29 5.96
C TYR A 37 -9.42 -5.07 4.50
N TRP A 38 -10.40 -4.73 3.68
CA TRP A 38 -10.17 -4.48 2.27
C TRP A 38 -9.24 -3.27 2.15
N THR A 39 -7.94 -3.56 2.04
CA THR A 39 -6.96 -2.51 1.92
C THR A 39 -6.66 -2.22 0.44
N GLU A 40 -6.37 -0.95 0.18
CA GLU A 40 -6.07 -0.53 -1.18
C GLU A 40 -4.89 0.45 -1.19
N LEU A 41 -3.95 0.19 -2.10
CA LEU A 41 -2.78 1.03 -2.22
C LEU A 41 -3.06 2.16 -3.21
N ARG A 42 -3.04 3.38 -2.72
CA ARG A 42 -3.29 4.54 -3.55
C ARG A 42 -2.12 5.52 -3.47
N GLY A 43 -1.65 5.93 -4.64
CA GLY A 43 -0.54 6.86 -4.70
C GLY A 43 0.47 6.59 -3.59
N THR A 44 0.31 7.33 -2.50
CA THR A 44 1.19 7.19 -1.36
C THR A 44 0.39 7.12 -0.06
N THR A 45 -0.92 6.96 -0.22
CA THR A 45 -1.81 6.88 0.91
C THR A 45 -2.50 5.51 0.97
N LEU A 46 -2.36 4.85 2.11
CA LEU A 46 -2.96 3.54 2.29
C LEU A 46 -4.40 3.71 2.77
N PHE A 47 -5.31 3.09 2.04
CA PHE A 47 -6.72 3.17 2.38
C PHE A 47 -7.27 1.77 2.74
N PHE A 48 -7.93 1.72 3.88
CA PHE A 48 -8.50 0.47 4.35
C PHE A 48 -10.03 0.51 4.29
N TYR A 49 -10.61 -0.64 3.96
CA TYR A 49 -12.06 -0.74 3.88
C TYR A 49 -12.56 -2.04 4.52
N THR A 50 -13.86 -2.09 4.76
CA THR A 50 -14.47 -3.26 5.37
C THR A 50 -14.54 -4.41 4.36
N ASP A 51 -15.02 -4.08 3.17
CA ASP A 51 -15.15 -5.06 2.11
C ASP A 51 -14.87 -4.41 0.76
N LYS A 52 -15.75 -3.48 0.39
CA LYS A 52 -15.61 -2.77 -0.86
C LYS A 52 -16.71 -1.72 -0.98
N LYS A 53 -17.94 -2.18 -0.84
CA LYS A 53 -19.09 -1.30 -0.92
C LYS A 53 -18.80 -0.02 -0.14
N SER A 54 -18.09 -0.18 0.96
CA SER A 54 -17.74 0.94 1.81
C SER A 54 -17.12 2.06 0.96
N ILE A 55 -17.75 3.22 1.02
CA ILE A 55 -17.28 4.37 0.27
C ILE A 55 -16.20 5.09 1.07
N ILE A 56 -16.55 5.45 2.30
CA ILE A 56 -15.63 6.14 3.18
C ILE A 56 -14.76 5.11 3.92
N TYR A 57 -13.56 4.90 3.40
CA TYR A 57 -12.63 3.96 4.00
C TYR A 57 -12.72 3.99 5.52
N VAL A 58 -12.79 2.80 6.11
CA VAL A 58 -12.88 2.69 7.55
C VAL A 58 -11.70 3.43 8.20
N ASP A 59 -10.55 3.31 7.54
CA ASP A 59 -9.35 3.96 8.04
C ASP A 59 -8.29 3.97 6.94
N LYS A 60 -7.39 4.93 7.04
CA LYS A 60 -6.32 5.06 6.06
C LYS A 60 -4.99 5.28 6.79
N LEU A 61 -3.91 5.15 6.04
CA LEU A 61 -2.58 5.33 6.59
C LEU A 61 -1.71 6.09 5.60
N ASP A 62 -0.54 6.50 6.06
CA ASP A 62 0.39 7.23 5.23
C ASP A 62 1.79 6.64 5.37
N ILE A 63 2.39 6.33 4.25
CA ILE A 63 3.73 5.76 4.24
C ILE A 63 4.59 6.49 3.20
N VAL A 64 4.24 7.75 2.97
CA VAL A 64 4.97 8.57 2.01
C VAL A 64 6.33 8.93 2.60
N ASP A 65 6.35 9.09 3.92
CA ASP A 65 7.58 9.44 4.61
C ASP A 65 8.20 8.18 5.21
N LEU A 66 7.79 7.04 4.67
CA LEU A 66 8.29 5.76 5.15
C LEU A 66 9.81 5.86 5.32
N THR A 67 10.28 5.41 6.47
CA THR A 67 11.69 5.44 6.78
C THR A 67 12.37 4.19 6.24
N CYS A 68 11.63 3.09 6.26
CA CYS A 68 12.15 1.83 5.77
C CYS A 68 11.13 0.73 6.10
N LEU A 69 11.48 -0.49 5.72
CA LEU A 69 10.61 -1.63 5.97
C LEU A 69 11.42 -2.76 6.61
N THR A 70 10.90 -3.26 7.72
CA THR A 70 11.55 -4.33 8.44
C THR A 70 10.82 -5.65 8.22
N GLU A 71 11.41 -6.72 8.73
CA GLU A 71 10.82 -8.04 8.60
C GLU A 71 10.76 -8.73 9.96
N GLN A 72 9.53 -8.98 10.42
CA GLN A 72 9.32 -9.63 11.69
C GLN A 72 9.74 -11.10 11.61
N ASN A 73 10.56 -11.51 12.57
CA ASN A 73 11.04 -12.88 12.62
C ASN A 73 9.87 -13.82 12.36
N SER A 74 10.19 -14.95 11.73
CA SER A 74 9.18 -15.95 11.41
C SER A 74 9.86 -17.28 11.07
N THR A 75 9.59 -18.28 11.90
CA THR A 75 10.16 -19.60 11.70
C THR A 75 9.49 -20.28 10.50
N GLU A 76 10.32 -20.97 9.72
CA GLU A 76 9.82 -21.67 8.54
C GLU A 76 9.14 -20.69 7.58
N LYS A 77 8.99 -21.14 6.35
CA LYS A 77 8.35 -20.32 5.33
C LYS A 77 7.03 -19.76 5.87
N ASN A 78 7.06 -18.48 6.22
CA ASN A 78 5.88 -17.83 6.75
C ASN A 78 5.52 -16.63 5.87
N CYS A 79 4.27 -16.21 5.97
CA CYS A 79 3.80 -15.08 5.19
C CYS A 79 4.77 -13.92 5.39
N ALA A 80 4.66 -12.93 4.51
CA ALA A 80 5.52 -11.76 4.58
C ALA A 80 5.03 -10.85 5.70
N LYS A 81 5.88 -10.70 6.71
CA LYS A 81 5.55 -9.85 7.84
C LYS A 81 6.59 -8.75 7.97
N PHE A 82 6.13 -7.51 7.86
CA PHE A 82 7.01 -6.37 7.96
C PHE A 82 6.32 -5.20 8.68
N THR A 83 7.13 -4.33 9.25
CA THR A 83 6.62 -3.18 9.96
C THR A 83 6.97 -1.88 9.22
N LEU A 84 5.97 -1.02 9.10
CA LEU A 84 6.16 0.24 8.41
C LEU A 84 6.83 1.24 9.37
N VAL A 85 8.09 1.53 9.08
CA VAL A 85 8.84 2.46 9.91
C VAL A 85 8.61 3.89 9.41
N LEU A 86 7.91 4.66 10.23
CA LEU A 86 7.60 6.04 9.88
C LEU A 86 8.28 6.97 10.88
N PRO A 87 8.52 8.23 10.43
CA PRO A 87 9.16 9.23 11.27
C PRO A 87 8.19 9.75 12.33
N LYS A 88 6.98 9.21 12.30
CA LYS A 88 5.96 9.61 13.26
C LYS A 88 5.62 8.43 14.16
N GLU A 89 5.19 7.34 13.54
CA GLU A 89 4.84 6.14 14.27
C GLU A 89 4.92 4.92 13.36
N GLU A 90 5.27 3.79 13.97
CA GLU A 90 5.39 2.54 13.23
C GLU A 90 4.05 1.82 13.21
N VAL A 91 3.91 0.94 12.22
CA VAL A 91 2.68 0.17 12.07
C VAL A 91 3.03 -1.25 11.62
N GLN A 92 2.24 -2.20 12.09
CA GLN A 92 2.45 -3.59 11.73
C GLN A 92 1.44 -4.03 10.67
N LEU A 93 1.97 -4.69 9.64
CA LEU A 93 1.13 -5.16 8.55
C LEU A 93 1.24 -6.69 8.46
N LYS A 94 0.26 -7.28 7.79
CA LYS A 94 0.23 -8.72 7.63
C LYS A 94 -0.55 -9.07 6.36
N THR A 95 -0.25 -10.23 5.81
CA THR A 95 -0.92 -10.70 4.61
C THR A 95 -1.36 -12.15 4.77
N GLU A 96 -2.11 -12.62 3.78
CA GLU A 96 -2.61 -13.99 3.80
C GLU A 96 -1.53 -14.94 3.26
N ASN A 97 -1.37 -14.93 1.95
CA ASN A 97 -0.39 -15.78 1.31
C ASN A 97 0.95 -15.04 1.23
N THR A 98 1.94 -15.74 0.68
CA THR A 98 3.27 -15.17 0.54
C THR A 98 3.31 -14.19 -0.63
N GLU A 99 2.77 -14.63 -1.75
CA GLU A 99 2.74 -13.81 -2.95
C GLU A 99 2.29 -12.39 -2.60
N SER A 100 1.08 -12.29 -2.08
CA SER A 100 0.53 -11.00 -1.70
C SER A 100 1.61 -10.15 -1.03
N GLY A 101 2.31 -10.78 -0.10
CA GLY A 101 3.37 -10.09 0.63
C GLY A 101 4.27 -9.30 -0.33
N GLU A 102 4.91 -10.05 -1.22
CA GLU A 102 5.80 -9.43 -2.19
C GLU A 102 5.06 -8.37 -3.01
N GLU A 103 3.78 -8.64 -3.22
CA GLU A 103 2.94 -7.73 -3.99
C GLU A 103 2.90 -6.35 -3.30
N TRP A 104 2.36 -6.35 -2.09
CA TRP A 104 2.25 -5.12 -1.33
C TRP A 104 3.66 -4.53 -1.18
N ARG A 105 4.48 -5.24 -0.43
CA ARG A 105 5.85 -4.80 -0.19
C ARG A 105 6.42 -4.16 -1.45
N GLY A 106 6.62 -4.99 -2.46
CA GLY A 106 7.17 -4.51 -3.72
C GLY A 106 6.49 -3.22 -4.15
N PHE A 107 5.18 -3.20 -4.06
CA PHE A 107 4.41 -2.03 -4.44
C PHE A 107 4.70 -0.86 -3.49
N ILE A 108 4.79 -1.19 -2.21
CA ILE A 108 5.07 -0.18 -1.20
C ILE A 108 6.48 0.38 -1.42
N LEU A 109 7.45 -0.51 -1.36
CA LEU A 109 8.84 -0.12 -1.55
C LEU A 109 8.94 0.80 -2.77
N THR A 110 7.99 0.64 -3.67
CA THR A 110 7.96 1.46 -4.87
C THR A 110 7.36 2.83 -4.58
N VAL A 111 6.30 2.82 -3.78
CA VAL A 111 5.63 4.05 -3.41
C VAL A 111 6.24 4.60 -2.13
N THR A 112 7.52 4.29 -1.93
CA THR A 112 8.23 4.74 -0.75
C THR A 112 9.68 5.08 -1.10
N GLU A 113 10.30 4.18 -1.85
CA GLU A 113 11.69 4.37 -2.25
C GLU A 113 11.74 5.19 -3.54
N LEU A 114 10.60 5.30 -4.20
CA LEU A 114 10.52 6.06 -5.43
C LEU A 114 11.26 5.31 -6.54
N SER A 115 11.35 3.99 -6.37
CA SER A 115 12.03 3.15 -7.33
C SER A 115 11.32 1.79 -7.43
N VAL A 116 12.05 0.82 -7.95
CA VAL A 116 11.50 -0.52 -8.11
C VAL A 116 12.52 -1.54 -7.61
N PRO A 117 12.07 -2.37 -6.63
CA PRO A 117 12.93 -3.39 -6.07
C PRO A 117 13.10 -4.57 -7.02
N GLN A 118 14.29 -5.15 -7.00
CA GLN A 118 14.58 -6.28 -7.86
C GLN A 118 14.61 -7.58 -7.04
N ASN A 119 14.49 -7.42 -5.73
CA ASN A 119 14.50 -8.56 -4.83
C ASN A 119 13.06 -9.06 -4.63
N VAL A 120 12.32 -9.07 -5.72
CA VAL A 120 10.94 -9.53 -5.68
C VAL A 120 10.80 -10.81 -6.51
N SER A 121 10.16 -11.80 -5.90
CA SER A 121 9.96 -13.07 -6.58
C SER A 121 8.76 -12.97 -7.53
N LEU A 122 8.03 -11.88 -7.39
CA LEU A 122 6.86 -11.65 -8.22
C LEU A 122 7.19 -12.03 -9.67
N LEU A 123 6.13 -12.23 -10.45
CA LEU A 123 6.29 -12.61 -11.85
C LEU A 123 6.93 -11.44 -12.61
N PRO A 124 7.33 -11.74 -13.87
CA PRO A 124 7.95 -10.72 -14.71
C PRO A 124 6.91 -9.74 -15.24
N GLY A 125 5.65 -10.07 -14.98
CA GLY A 125 4.55 -9.21 -15.42
C GLY A 125 4.09 -8.28 -14.30
N GLN A 126 4.16 -8.80 -13.09
CA GLN A 126 3.76 -8.02 -11.92
C GLN A 126 4.80 -6.95 -11.61
N VAL A 127 6.06 -7.36 -11.64
CA VAL A 127 7.15 -6.45 -11.37
C VAL A 127 6.93 -5.14 -12.14
N ILE A 128 6.34 -5.28 -13.33
CA ILE A 128 6.07 -4.13 -14.17
C ILE A 128 5.22 -3.14 -13.39
N LYS A 129 4.22 -3.66 -12.70
CA LYS A 129 3.33 -2.83 -11.91
C LYS A 129 4.15 -1.83 -11.10
N LEU A 130 5.12 -2.36 -10.37
CA LEU A 130 5.98 -1.53 -9.55
C LEU A 130 6.55 -0.40 -10.40
N HIS A 131 6.94 -0.74 -11.62
CA HIS A 131 7.49 0.25 -12.53
C HIS A 131 6.42 1.28 -12.87
N GLU A 132 5.25 0.79 -13.22
CA GLU A 132 4.14 1.67 -13.57
C GLU A 132 3.72 2.49 -12.35
N VAL A 133 3.30 1.78 -11.32
CA VAL A 133 2.86 2.44 -10.09
C VAL A 133 3.82 3.56 -9.75
N LEU A 134 5.11 3.28 -9.94
CA LEU A 134 6.14 4.27 -9.66
C LEU A 134 5.85 5.54 -10.45
N GLU A 135 5.98 5.43 -11.76
CA GLU A 135 5.73 6.57 -12.63
C GLU A 135 4.46 7.30 -12.21
N ARG A 136 3.45 6.53 -11.86
CA ARG A 136 2.18 7.09 -11.43
C ARG A 136 2.40 8.08 -10.28
N GLU A 137 3.10 7.60 -9.25
CA GLU A 137 3.38 8.43 -8.10
C GLU A 137 4.38 9.52 -8.46
N LYS A 138 5.26 9.19 -9.40
CA LYS A 138 6.27 10.14 -9.84
C LYS A 138 5.60 11.46 -10.21
N LYS A 139 4.47 11.34 -10.87
CA LYS A 139 3.72 12.53 -11.29
C LYS A 139 3.35 13.35 -10.06
N ARG A 140 2.55 12.72 -9.19
CA ARG A 140 2.11 13.38 -7.98
C ARG A 140 3.28 14.14 -7.33
N ARG A 141 4.43 13.48 -7.31
CA ARG A 141 5.63 14.07 -6.74
C ARG A 141 5.89 15.45 -7.34
N ILE A 142 5.68 15.53 -8.64
CA ILE A 142 5.89 16.78 -9.36
C ILE A 142 5.32 17.94 -8.53
N GLU A 143 4.00 18.08 -8.59
CA GLU A 143 3.33 19.13 -7.86
C GLU A 143 3.97 19.31 -6.48
N SER A 144 3.91 18.24 -5.70
CA SER A 144 4.48 18.28 -4.36
C SER A 144 3.67 19.22 -3.46
N GLY A 145 3.98 19.17 -2.18
CA GLY A 145 3.29 20.02 -1.22
C GLY A 145 3.98 19.96 0.16
N PRO A 146 3.28 20.55 1.17
CA PRO A 146 3.82 20.56 2.51
C PRO A 146 3.68 19.19 3.18
N SER A 147 4.82 18.66 3.60
CA SER A 147 4.84 17.35 4.24
C SER A 147 5.87 17.35 5.39
N SER A 148 7.10 17.67 5.02
CA SER A 148 8.18 17.71 6.00
C SER A 148 8.40 16.31 6.59
N GLY A 149 9.62 16.09 7.06
CA GLY A 149 9.98 14.81 7.64
C GLY A 149 8.93 14.37 8.68
#